data_8ZEH
#
_entry.id   8ZEH
#
_cell.length_a   1.00
_cell.length_b   1.00
_cell.length_c   1.00
_cell.angle_alpha   90.00
_cell.angle_beta   90.00
_cell.angle_gamma   90.00
#
_symmetry.space_group_name_H-M   'P 1'
#
loop_
_entity.id
_entity.type
_entity.pdbx_description
1 polymer Tp-Lhcr18
2 polymer 'Fucoxanthin chlorophyll a/c-binding protein Lhcq8'
3 polymer 'Fucoxanthin chl a/c light-harvesting protein, major type'
4 polymer Tp-RedCAP
5 polymer Tp-Lhcr20
6 polymer 'Fucoxanthin chl a/c light-harvesting protein, lhcr type'
7 polymer 'Fucoxanthin chl a/c light-harvesting protein'
8 polymer 'Fucoxanthin chl a/c light-harvesting protein'
9 polymer 'Fucoxanthin chl a/c light-harvesting protein'
10 polymer 'Fucoxanthin chlorophyll a/c light-harvesting protein'
11 polymer 'Fucoxanthin chlorophyll a/c light-harvesting protein'
12 polymer 'Fucoxanthin chlorophyll a/c light-harvesting protein, lhcr type'
13 polymer 'Photosystem I P700 chlorophyll a apoprotein A1'
14 polymer 'Photosystem I reaction center subunit II'
15 polymer 'Photosystem I reaction center subunit IV'
16 polymer 'Photosystem I reaction center subunit III'
17 polymer 'Photosystem I reaction center subunit Psa29'
18 polymer 'Photosystem I reaction center subunit VIII'
19 polymer 'Photosystem I reaction center subunit IX'
20 polymer 'Photosystem I reaction center subunit XI'
21 polymer 'Photosystem I reaction center subunit XII'
22 polymer Tp-PsaR
23 polymer 'Pt17531-like protein'
24 polymer 'Photosystem I P700 chlorophyll a apoprotein A2'
25 polymer 'Photosystem I iron-sulfur center'
26 non-polymer "(3S,3'R,5R,6S,7cis)-7',8'-didehydro-5,6-dihydro-5,6-epoxy-beta,beta-carotene-3,3'-diol"
27 non-polymer 'CHLOROPHYLL A'
28 non-polymer 'Chlorophyll c1'
29 non-polymer 1,2-DISTEAROYL-MONOGALACTOSYL-DIGLYCERIDE
30 non-polymer "(3S,3'S,5R,5'R,6S,6'R,8'R)-3,5'-dihydroxy-8-oxo-6',7'-didehydro-5,5',6,6',7,8-hexahydro-5,6-epoxy-beta,beta-caroten-3'- yl acetate"
31 non-polymer 1,2-DIPALMITOYL-PHOSPHATIDYL-GLYCEROLE
32 non-polymer BETA-CAROTENE
33 non-polymer 1,2-DI-O-ACYL-3-O-[6-DEOXY-6-SULFO-ALPHA-D-GLUCOPYRANOSYL]-SN-GLYCEROL
34 non-polymer PHYLLOQUINONE
35 non-polymer (1~{R})-3,5,5-trimethyl-4-[(1~{E},3~{E},5~{E},7~{E},9~{E},11~{E},13~{E},15~{E})-3,7,12,16-tetramethyl-18-[(4~{R})-2,6,6-trimethyl-4-oxidanyl-cyclohexen-1-yl]octadeca-1,3,5,7,9,11,13,15-octaen-17-ynyl]cyclohex-3-en-1-ol
36 non-polymer 'IRON/SULFUR CLUSTER'
37 non-polymer 'DIGALACTOSYL DIACYL GLYCEROL (DGDG)'
#
loop_
_entity_poly.entity_id
_entity_poly.type
_entity_poly.pdbx_seq_one_letter_code
_entity_poly.pdbx_strand_id
1 'polypeptide(L)'
;YNHNSGGVNFKGDTFQFDPLGLSETYAPLVPFFRESEIRHGRTAMLAVTGFIVQDFVRIPGDAYSFEAVPKTVGAHDALL
EGPMHQLLLWISLWDIVITYPSIQATMKGEREPGDFGWKWLAPKDEATLKKYEMNELLNGRLAMMAVG
;
A
2 'polypeptide(L)'
;YASELDSMTGTGIESPKVFDPLNLSDYVPVDWARRAELSNGRSAMLATVGWFFPKVFGTFDSTDVTTTDPIDAIMQADPQ
WWAQWILICGVFETWKYKKEMEGKSFLGGADPAVDYLKLWPADAAAQEEMKTKELKNARLAMIGIAGFAANHFIPGSCPV
PDFIA
;
B
3 'polypeptide(L)'
;ADFSGEIGAANAELGCWDPLNFCTDQASFDKMRYAELKHGRVAQLAAWGYATTWSGARFPGCEDFPAGHEAVLKIGTENL
IPVLVVAGALETLWKQKEGSFPGDFSATSFPVGFGPFAKTEADMIDLRTKELNNGRAAMMGILGMIVHEQIDGKPFIFFD
KFEIYAPFGN
;
C
4 'polypeptide(L)'
;SVFDDAVKDWAEEYPQFAAWGWGPSVQAEIWNGRHAMFGWVVMCACAYAKGHGLIPDADQTLDLKEWGTLATISGKNTIT
NERAIILIANVHALMVGLAATISPNSFADTLLLDPNHPMYEWQMERNSKLGGVMPNLGKMGVTPEAELANGRMAMMGIIT
CIAYSGIQGQSMIDTINEWVGGAYF
;
E
5 'polypeptide(L)'
;FANGLVGGEGPEPMPFNLVGEKNAKNFDPAGFSERAPEWINWFREAELKHGRQAMLAVVGMVVPEFVRIPGEAFSFEAIP
NVLDAHDALLDTSMKQILLWISLMEAMSLGALSNMNEFDREPGNFGFDPLGMMPKDAAKAKEMQLKELKNGRLAMVAIGG
MVHGAITTGH
;
F
6 'polypeptide(L)'
;AEMSKAMPFLINPANTDGLIGSNGFDPLGFSDTFDIKWLQESEIKHGRVAMLASAGFIASQFVNFPMYSSMHVDDSNMAP
TVVGISAMLQIVCAAGVEEWRTYKGQVTMEDMFTGDMADRTPGDFGFDPMGQLKGKSEAAVNEMKLKEIKNGRLAMLAIG
GMIHHNFVTGEALF
;
G
7 'polypeptide(L)'
;EMSKSIPFLTVPEKLDGSMAGDVGFDPMGLSDIQTDLNYARWAELKHGRICMLAVVGMVWQEYGPHLPGDAYATKDPWEA
ISSVGFASNFQTLLAIGVVELANWNKYYGDGTPGDIGWTGGQLSKMNDAQIKTRMESEIVHCRLAMIAFIGATHQTFLLH
KGLLDFSY
;
H
8 'polypeptide(L)'
;AEKSASLPFLEAPPNLDGGVGDLGFDPFRFSDFVPIDFLREAELKHGRICMMAWLGFVAVDMGFRVYPAAEGFESLTSIT
AHDAAVEQGGMSQMLLWFSLLEVFDTIAVQQMLEGSGRAPGDFGLDGGFLKGKSQAEIDTMKLKEIVHCRLAMFAFSGVV
TQAVLTQGPFPY
;
I
9 'polypeptide(L)'
;AERSPSLPFMNKPALLDPSMPGYKGFDPLGLSNIDDVGIDLYWLREAEIKHARVAMLAVAGAVWVEAFGPAPGCEAATAK
NQMDAFWQIWNSHPQYIAASLVFIMIAEAVSGISTTTGRESGEREPGFFGFGSNFPKTDADMKKMQDKELENGRLAMWAA
MGLIFQGSANHMGGLEALGATFN
;
J
10 'polypeptide(L)'
;AFNPEMAGEVFDPMGFGKMHEIKGAFPNMFPNPQFLEESEIKHGRMAMLAWTGVWATESGLHFPGAPVADDWTTALGVWA
REDPGGFGIVLLLLSIAEGEGVSHAGDNFRGVSKKTPGDMGFDWMGMTKKLSADKLERYQTVEKKNGRAAMIAMASLFAM
KAIPGSVPIMDMLGAN
;
K
11 'polypeptide(L)'
;AMPDRMWNKMVDKTQRSKAMPFLPRPINLDGSYVGDVGFDPFYLSSIDKNFAGFIQPPSWEETNGLPTLYWMREAELKHG
RIAMMAFAGWLATDFGVRFPGAGEPYTSVPNAFSAHNIMVDSGAMWVMLSLIGFIEISTAAVLVEVSKGENDREAGDFCF
DPLGFCKGKSADAINTMKLKELQNGRAAMMAFGGLATQTALGGVDFPYLVPYPNVAD
;
L
12 'polypeptide(L)'
;AKSKALPWLPNPSNLDGRIGANGFDPLGISEYFPVDYLVESEIKHGRVCMMAWAGYVAVDLGARIYPLPESMQGVTSATA
HDPAVAFGSMGNMFIWIALFEMVGWIGLSQTLQGSGREPGDFGWGKQFMGKTQAEIDTMKLKELTNGRAAMLAFAGVVTQ
SVLYDKGFPYF
;
M
13 'polypeptide(L)'
;SKNVQVFVEKDAVETSFAKWAQPGHFSRTLAKGPKTTTWIWNLHADAHDFDSQTSSLEEVSRKIFSAHFGQLAIIFLWIS
GMHFHGAYFSNYSAWLTDPISIKQSSQVVWPIVGQEILNADVGGNFQGIQTTSGWFQMWRAEGITSEVELYWTAIGGLAM
SAIMLFAGWFHYHKAAPKLEWFQNAESMMNHHLAGLLGLGCLSWSGHQIHIALPINKLLDAGVSPQEIPLPHEFLINRDL
MAQLYPSFSKGLAPFFGGNWGEYSDFLTFKGGLNPVTGGLWLSDIAHHHLALSVLFIIAGHMYRTNWGIGHNMKEILEAH
KGPFTGEGHKGLYEILTTSWHAQLAINLAMMGSLSIIVAHHMYAMPPYPYLATDYATQLSLFTHHMWIGGFCVVGGAAHG
AIFMVRDYTPANNYNNLLDRVLRHRDAIISHLNWVCIFLGCHAFGFYIHNDTMRALGRPQDMFSDKAIQLQPIFAQWIQN
IHLLAPGTTAPNALATTSYAFGGDVIEVGGKIAMMPIKLGTADFMVHHIHAFTIHVTVLILLKGVLYARSSKLIPDKANL
GFRFPCDGPGRGGTCQSSSWDHVFLGLFWMYNSISVVIFHFSWKMQSDVWGTITPDGAISHITGGNFAQSSITINGWLRD
FLWSQASQVIQSYGSASSAYGLIFLGAHFIWAFSLMFLFSGRGYWQELIESIVWAHNKLNFAPTIQPRALSITQGRAVGL
AHYLLGGIGTTWAFFLARAISIT
;
a
14 'polypeptide(L)'
;PFPTFGGSTGGWLRAAEVEEKYAITWTSTKEQIFEMPTGGAAIMRNGENLLYLARKEQCLALSTQLRTFKINDYKIYRIF
PSGEVQYLHPKDGVFPEKVNPGRTSVNSRGFSIGKNPNPASIKFSGITTYES
;
d
15 'polypeptide(L)' MIDRNSKVRILRKESYWFNQIGTVATVDQSGIRYPAVVRFESVNYAGTNTNNFALDELVEVK e
16 'polypeptide(L)'
;EIGGLTKCSESAAFTKRLNASVKKLEQRASQYEADSPPALALKQQVERTQARFDKYSRSELLCGADGLPHLVADGRWSHA
AEFILPGFGFIYISGWIGWVGRKYLRAVSTSANPSESEIIINVPLALKIMTTGYIWPISAWQELISNDLVAVSEEITVSP
;
f
17 'polypeptide(L)'
;VDLDYGMKNSYVPATGGDGGQGQFGAQSPNDWRVAGTSPVGETSYAGAADGGEEPWFAEAISTVSLDLQKADETLKAFTK
DAAAFKIEEFAAEKPYGFTSSDAAMEELVGKLGYSKFLEMSTKQLMKTWGT
;
g
18 'polypeptide(L)' AASFLPSILVPLVGLIFPAFSMALFFLYVQTDD i
19 'polypeptide(L)' MNDFQKYLSTAPVLLTLWMTFTAGFIIEVNRFFPDMLGLY j
20 'polypeptide(L)'
;ANFIKPYNDDPFVGHLATPITSSSLTRALLKNLPAYRFGLTPLLRGLEIGLAHGYFLIGPFAQLGPLRNSDIGLLAGFLS
TIGLILILTLGLTIYGAAAFGQEKSNGSELQTKKSWDQFKGGFFVGACGSAGFAFICLSSIPTFAL
;
l
21 'polypeptide(L)' MITDFQVYIALMAALLASVLAIRLGATLY m
22 'polypeptide(L)'
;DMTWEGEYPPSKVLGPIMSKMPSGLLAIISMASLGVCVYSCVQTGFLLREPGAIENGSWVRWYYVVEGLGGPLAWGTHVA
SWIQRKNGM
;
r
23 'polypeptide(L)'
;AWRDEVVVGITAPVGFFDPLGLSKGKDDATMAYYREAELKNGRVAMAACLGWYLNAGGVHPAFNSELSNDPLKAMVELPA
VGWLQFVLGCGAIEWLGQQIKERPGYVPGDLLGASYWVDNSDEGWVMYQNKELNNGRLAMLAIVGMVYQDVFVGDYGDMM
YKQL
;
D
24 'polypeptide(L)'
;ATKFPKFSQALAQDPATRRIWYGIATAHDLEAHDGMTEENLYQKIFASHFGHLAIIFLWTSGNLFHVAWQGNFEKWVSNP
LKTRPIAHSIWDPHFGESALKAFSKGNTYPVNITFSGLYQWWYTIGFRTNQELYKGSIGLLLLASVLLIAGWLHLQPKFR
PSLSWFKNNESRLNHHLSGLLGFSSLAWTGHLVHVAIPASRGVHVGWDNFLTTPPHPAGLTPFFTGNWTVYAENPDSATH
VFNTSEGSGTAILTFLGGFHPQTQSLWLSDMAHHHLAIAVVFIVAGHMYRTNFGIGHNMKEILDAHRPPGGRLGAGHVGL
FETITNSLHMQLGLALACLGVATSLTAQHMYALTPYAYLSKDFTTEAALYTHHQYIAGFLMVGAFAHGAIFFVRDYDPEL
NKNNVLARMLEHKEAIISHLSWASLFLGFHTLGLYIHNDTVVAFGQPEKQILFEPLFAEYIQAASGKAVYQFNVLLASST
SPATAAGNQVWLPGWLEAINNPKTDLFLKIGPGDFLVHHAIALGLHVTALILVKGALDARGSKLMPDKKDFGYSFPCDGP
GRGGTCDISAWDAFYLAMFWMLNTIGWVTFYWHWKHMTIWGGNPGQFDESSNYIMGWLRDYLWLNSSPLINGYNPFGMNN
LSVWSWMFLFGHLIWATGFMFLISWRGYWQELIETLVWAHERTPLANLIRWRDKPVALSIVQARLVGLVHFSVGYILTYA
AFVIASTSGKFA
;
b
25 'polypeptide(L)' SHTVKIYDTCIGCTQCVRACPTDVLEMVPWDGCKSGQIASSPRVEDCVGCKRCETACPTDFLSVRVYLGAETTRSLGLAY c
#
# COMPACT_ATOMS: atom_id res chain seq x y z
N TYR A 1 27.97 31.01 -88.50
CA TYR A 1 27.97 31.37 -89.92
C TYR A 1 28.56 30.26 -90.75
N ASN A 2 29.51 29.52 -90.19
CA ASN A 2 30.11 28.41 -90.92
C ASN A 2 29.16 27.25 -91.02
N HIS A 3 28.45 26.96 -89.94
CA HIS A 3 27.52 25.83 -89.92
C HIS A 3 26.30 26.04 -90.80
N ASN A 4 25.71 27.22 -90.74
CA ASN A 4 24.49 27.48 -91.49
C ASN A 4 24.68 28.52 -92.58
N SER A 5 23.76 28.54 -93.53
CA SER A 5 23.86 29.48 -94.64
C SER A 5 23.31 30.84 -94.26
N GLY A 6 23.16 31.72 -95.23
CA GLY A 6 22.70 33.07 -94.93
C GLY A 6 23.93 33.92 -94.77
N GLY A 7 23.83 35.01 -94.02
CA GLY A 7 24.97 35.85 -93.79
C GLY A 7 25.36 36.56 -95.05
N VAL A 8 24.40 36.77 -95.93
CA VAL A 8 24.65 37.44 -97.19
C VAL A 8 23.64 38.54 -97.37
N ASN A 9 24.11 39.76 -97.62
CA ASN A 9 23.19 40.87 -97.75
C ASN A 9 22.32 40.67 -98.95
N PHE A 10 21.22 41.39 -99.02
CA PHE A 10 20.29 41.22 -100.13
C PHE A 10 20.98 41.40 -101.47
N LYS A 11 22.02 42.22 -101.51
CA LYS A 11 22.76 42.42 -102.75
C LYS A 11 23.38 41.11 -103.20
N GLY A 12 23.96 40.36 -102.27
CA GLY A 12 24.58 39.10 -102.61
C GLY A 12 25.95 38.93 -102.01
N ASP A 13 26.53 40.03 -101.53
CA ASP A 13 27.85 39.97 -100.90
C ASP A 13 27.75 39.47 -99.47
N THR A 14 28.85 38.95 -98.95
CA THR A 14 28.84 38.42 -97.58
C THR A 14 28.51 39.50 -96.59
N PHE A 15 27.63 39.20 -95.65
CA PHE A 15 27.25 40.18 -94.63
C PHE A 15 26.84 39.45 -93.36
N GLN A 16 27.82 39.04 -92.58
CA GLN A 16 27.52 38.35 -91.33
C GLN A 16 26.80 39.31 -90.41
N PHE A 17 25.58 38.96 -90.00
CA PHE A 17 24.80 39.88 -89.19
C PHE A 17 24.28 39.28 -87.90
N ASP A 18 24.93 39.59 -86.78
CA ASP A 18 24.45 39.13 -85.49
C ASP A 18 24.99 40.12 -84.48
N PRO A 19 24.49 41.36 -84.52
CA PRO A 19 25.04 42.38 -83.64
C PRO A 19 24.92 42.00 -82.18
N LEU A 20 23.78 41.44 -81.77
CA LEU A 20 23.57 41.11 -80.37
C LEU A 20 24.40 39.91 -79.94
N GLY A 21 24.86 39.11 -80.90
CA GLY A 21 25.65 37.94 -80.58
C GLY A 21 24.78 36.85 -79.98
N LEU A 22 23.51 36.84 -80.34
CA LEU A 22 22.58 35.88 -79.77
C LEU A 22 23.02 34.45 -80.04
N SER A 23 23.58 34.20 -81.22
CA SER A 23 23.96 32.85 -81.59
C SER A 23 24.95 32.27 -80.57
N GLU A 24 25.94 33.05 -80.19
CA GLU A 24 26.93 32.58 -79.23
C GLU A 24 26.34 32.40 -77.84
N THR A 25 25.58 33.40 -77.38
CA THR A 25 24.99 33.33 -76.05
C THR A 25 24.00 32.18 -75.96
N TYR A 26 23.30 31.91 -77.05
CA TYR A 26 22.31 30.83 -77.05
C TYR A 26 22.57 29.90 -78.22
N ALA A 27 23.74 29.31 -78.28
CA ALA A 27 24.09 28.44 -79.40
C ALA A 27 23.24 27.19 -79.52
N PRO A 28 23.06 26.45 -78.41
CA PRO A 28 22.33 25.18 -78.57
C PRO A 28 20.94 25.38 -79.16
N LEU A 29 20.45 26.61 -79.24
CA LEU A 29 19.10 26.84 -79.71
C LEU A 29 19.05 27.35 -81.14
N VAL A 30 20.20 27.47 -81.78
CA VAL A 30 20.24 28.01 -83.14
C VAL A 30 19.39 27.21 -84.14
N PRO A 31 19.36 25.86 -83.99
CA PRO A 31 18.48 25.14 -84.90
C PRO A 31 17.05 25.64 -84.82
N PHE A 32 16.54 25.90 -83.63
CA PHE A 32 15.19 26.40 -83.47
C PHE A 32 15.09 27.76 -84.15
N PHE A 33 16.10 28.58 -83.98
CA PHE A 33 16.09 29.90 -84.57
C PHE A 33 15.96 29.79 -86.08
N ARG A 34 16.70 28.89 -86.69
CA ARG A 34 16.66 28.74 -88.13
C ARG A 34 15.28 28.31 -88.60
N GLU A 35 14.70 27.35 -87.91
CA GLU A 35 13.37 26.86 -88.30
C GLU A 35 12.36 27.98 -88.21
N SER A 36 12.43 28.75 -87.14
CA SER A 36 11.49 29.85 -86.98
C SER A 36 11.71 30.91 -88.04
N GLU A 37 12.96 31.15 -88.40
CA GLU A 37 13.26 32.13 -89.43
C GLU A 37 12.57 31.74 -90.72
N ILE A 38 12.73 30.48 -91.12
CA ILE A 38 12.11 30.01 -92.33
C ILE A 38 10.59 30.05 -92.22
N ARG A 39 10.07 29.66 -91.07
CA ARG A 39 8.63 29.67 -90.85
C ARG A 39 8.09 31.07 -91.00
N HIS A 40 8.70 32.02 -90.30
CA HIS A 40 8.24 33.40 -90.37
C HIS A 40 8.35 33.90 -91.79
N GLY A 41 9.42 33.56 -92.48
CA GLY A 41 9.61 33.99 -93.85
C GLY A 41 8.56 33.45 -94.80
N ARG A 42 8.31 32.16 -94.73
CA ARG A 42 7.33 31.54 -95.61
C ARG A 42 5.96 32.13 -95.32
N THR A 43 5.64 32.29 -94.05
CA THR A 43 4.35 32.86 -93.69
C THR A 43 4.25 34.27 -94.23
N ALA A 44 5.32 35.04 -94.08
CA ALA A 44 5.31 36.41 -94.53
C ALA A 44 5.09 36.50 -96.02
N MET A 45 5.75 35.63 -96.78
CA MET A 45 5.62 35.66 -98.22
C MET A 45 4.17 35.45 -98.61
N LEU A 46 3.54 34.44 -98.03
CA LEU A 46 2.13 34.17 -98.34
C LEU A 46 1.28 35.35 -97.96
N ALA A 47 1.59 35.98 -96.84
CA ALA A 47 0.80 37.12 -96.38
C ALA A 47 0.97 38.35 -97.26
N VAL A 48 2.20 38.62 -97.70
CA VAL A 48 2.42 39.74 -98.59
C VAL A 48 1.53 39.52 -99.78
N THR A 49 1.65 38.36 -100.41
CA THR A 49 0.76 38.03 -101.50
C THR A 49 -0.59 37.81 -100.86
N GLY A 50 -1.61 37.55 -101.66
CA GLY A 50 -2.93 37.39 -101.10
C GLY A 50 -3.50 38.75 -100.77
N PHE A 51 -2.81 39.51 -99.92
CA PHE A 51 -3.27 40.86 -99.62
C PHE A 51 -3.57 41.55 -100.93
N ILE A 52 -2.62 41.50 -101.85
CA ILE A 52 -2.84 42.10 -103.16
C ILE A 52 -4.02 41.43 -103.84
N VAL A 53 -4.06 40.10 -103.81
CA VAL A 53 -5.12 39.36 -104.48
C VAL A 53 -6.48 39.60 -103.83
N GLN A 54 -6.50 39.79 -102.51
CA GLN A 54 -7.75 40.09 -101.84
C GLN A 54 -8.35 41.27 -102.56
N ASP A 55 -7.51 42.26 -102.85
CA ASP A 55 -7.99 43.47 -103.52
C ASP A 55 -8.51 43.18 -104.91
N PHE A 56 -7.77 42.38 -105.67
CA PHE A 56 -8.15 42.12 -107.06
C PHE A 56 -9.39 41.24 -107.18
N VAL A 57 -9.40 40.10 -106.50
CA VAL A 57 -10.50 39.16 -106.64
C VAL A 57 -11.01 38.60 -105.32
N ARG A 58 -12.14 37.91 -105.35
CA ARG A 58 -12.69 37.32 -104.14
C ARG A 58 -13.31 35.96 -104.42
N ILE A 59 -13.28 35.07 -103.43
CA ILE A 59 -13.90 33.76 -103.59
C ILE A 59 -15.40 33.93 -103.77
N PRO A 60 -15.99 33.12 -104.65
CA PRO A 60 -17.45 33.19 -104.84
C PRO A 60 -18.17 33.02 -103.51
N GLY A 61 -19.07 33.94 -103.17
CA GLY A 61 -19.77 33.88 -101.91
C GLY A 61 -20.06 35.25 -101.36
N ASP A 62 -21.13 35.38 -100.59
CA ASP A 62 -21.53 36.70 -100.08
C ASP A 62 -20.53 37.27 -99.08
N ALA A 63 -20.11 36.47 -98.12
CA ALA A 63 -19.19 36.95 -97.10
C ALA A 63 -17.91 37.46 -97.74
N TYR A 64 -17.43 36.75 -98.75
CA TYR A 64 -16.18 37.14 -99.38
C TYR A 64 -16.34 38.33 -100.30
N SER A 65 -17.57 38.72 -100.60
CA SER A 65 -17.81 39.82 -101.55
C SER A 65 -17.09 41.09 -101.11
N PHE A 66 -16.58 41.84 -102.09
CA PHE A 66 -15.89 43.08 -101.78
C PHE A 66 -16.82 43.98 -100.98
N GLU A 67 -18.08 43.99 -101.36
CA GLU A 67 -19.05 44.81 -100.66
C GLU A 67 -19.10 44.41 -99.19
N ALA A 68 -19.13 43.12 -98.94
CA ALA A 68 -19.14 42.63 -97.57
C ALA A 68 -17.85 43.01 -96.87
N VAL A 69 -16.73 42.84 -97.57
CA VAL A 69 -15.44 43.14 -96.98
C VAL A 69 -14.66 44.13 -97.84
N PRO A 70 -14.95 45.43 -97.67
CA PRO A 70 -14.28 46.44 -98.48
C PRO A 70 -12.77 46.49 -98.21
N LYS A 71 -12.38 46.37 -96.96
CA LYS A 71 -10.96 46.42 -96.60
C LYS A 71 -10.40 45.05 -96.31
N THR A 72 -9.30 44.70 -96.97
CA THR A 72 -8.70 43.39 -96.77
C THR A 72 -8.37 43.17 -95.31
N VAL A 73 -7.92 44.21 -94.63
CA VAL A 73 -7.59 44.08 -93.21
C VAL A 73 -8.81 43.74 -92.39
N GLY A 74 -9.96 44.33 -92.74
CA GLY A 74 -11.17 44.10 -91.98
C GLY A 74 -11.66 42.67 -92.00
N ALA A 75 -11.16 41.87 -92.92
CA ALA A 75 -11.61 40.49 -93.05
C ALA A 75 -11.43 39.71 -91.76
N HIS A 76 -10.36 39.97 -91.03
CA HIS A 76 -10.09 39.23 -89.81
C HIS A 76 -11.27 39.31 -88.87
N ASP A 77 -11.74 40.52 -88.63
CA ASP A 77 -12.85 40.71 -87.71
C ASP A 77 -14.16 40.26 -88.32
N ALA A 78 -14.41 40.63 -89.56
CA ALA A 78 -15.68 40.30 -90.20
C ALA A 78 -15.88 38.80 -90.33
N LEU A 79 -14.84 38.08 -90.73
CA LEU A 79 -14.97 36.65 -90.95
C LEU A 79 -14.37 35.85 -89.81
N LEU A 80 -14.34 36.43 -88.61
CA LEU A 80 -13.74 35.75 -87.48
C LEU A 80 -14.42 34.41 -87.27
N GLU A 81 -15.74 34.40 -87.29
CA GLU A 81 -16.48 33.16 -87.16
C GLU A 81 -16.48 32.47 -88.52
N GLY A 82 -16.90 31.22 -88.56
CA GLY A 82 -16.89 30.49 -89.82
C GLY A 82 -15.47 30.42 -90.29
N PRO A 83 -15.12 31.22 -91.32
CA PRO A 83 -13.72 31.24 -91.73
C PRO A 83 -12.89 31.69 -90.55
N MET A 84 -11.58 31.69 -90.68
CA MET A 84 -10.70 32.05 -89.57
C MET A 84 -10.68 30.95 -88.53
N HIS A 85 -11.84 30.56 -88.04
CA HIS A 85 -11.90 29.44 -87.11
C HIS A 85 -11.49 28.17 -87.81
N GLN A 86 -11.97 27.99 -89.03
CA GLN A 86 -11.58 26.81 -89.80
C GLN A 86 -10.09 26.80 -90.01
N LEU A 87 -9.54 27.93 -90.42
CA LEU A 87 -8.10 28.01 -90.64
C LEU A 87 -7.36 27.75 -89.34
N LEU A 88 -7.87 28.30 -88.26
CA LEU A 88 -7.22 28.11 -86.97
C LEU A 88 -7.11 26.63 -86.66
N LEU A 89 -8.21 25.90 -86.84
CA LEU A 89 -8.20 24.49 -86.51
C LEU A 89 -7.14 23.74 -87.29
N TRP A 90 -7.14 23.89 -88.60
CA TRP A 90 -6.20 23.11 -89.41
C TRP A 90 -4.75 23.51 -89.17
N ILE A 91 -4.48 24.81 -89.05
CA ILE A 91 -3.12 25.25 -88.79
C ILE A 91 -2.65 24.72 -87.45
N SER A 92 -3.50 24.76 -86.44
CA SER A 92 -3.12 24.28 -85.12
C SER A 92 -2.85 22.80 -85.15
N LEU A 93 -3.70 22.04 -85.84
CA LEU A 93 -3.50 20.60 -85.93
C LEU A 93 -2.16 20.32 -86.57
N TRP A 94 -1.82 21.07 -87.60
CA TRP A 94 -0.56 20.84 -88.28
C TRP A 94 0.60 21.02 -87.33
N ASP A 95 0.58 22.09 -86.56
CA ASP A 95 1.70 22.36 -85.67
C ASP A 95 1.84 21.28 -84.60
N ILE A 96 0.73 20.80 -84.07
CA ILE A 96 0.77 19.76 -83.05
C ILE A 96 1.17 18.40 -83.60
N VAL A 97 0.67 18.04 -84.78
CA VAL A 97 0.94 16.71 -85.32
C VAL A 97 2.17 16.64 -86.23
N ILE A 98 2.50 17.73 -86.90
CA ILE A 98 3.62 17.71 -87.84
C ILE A 98 4.79 18.57 -87.40
N THR A 99 4.55 19.86 -87.18
CA THR A 99 5.64 20.76 -86.84
C THR A 99 6.37 20.33 -85.58
N TYR A 100 5.62 20.03 -84.53
CA TYR A 100 6.25 19.66 -83.26
C TYR A 100 7.11 18.41 -83.38
N PRO A 101 6.57 17.34 -83.98
CA PRO A 101 7.42 16.18 -84.17
C PRO A 101 8.65 16.51 -84.98
N SER A 102 8.49 17.30 -86.03
CA SER A 102 9.61 17.65 -86.89
C SER A 102 10.69 18.38 -86.12
N ILE A 103 10.30 19.32 -85.28
CA ILE A 103 11.27 20.09 -84.51
C ILE A 103 12.09 19.15 -83.64
N GLN A 104 11.42 18.19 -83.02
CA GLN A 104 12.10 17.26 -82.15
C GLN A 104 13.18 16.51 -82.93
N ALA A 105 12.88 16.15 -84.16
CA ALA A 105 13.86 15.48 -84.98
C ALA A 105 15.05 16.39 -85.28
N THR A 106 14.78 17.64 -85.65
CA THR A 106 15.86 18.55 -86.00
C THR A 106 16.71 18.84 -84.79
N MET A 107 16.13 18.74 -83.61
CA MET A 107 16.88 18.99 -82.38
C MET A 107 17.76 17.80 -82.02
N LYS A 108 17.66 16.73 -82.79
CA LYS A 108 18.49 15.56 -82.54
C LYS A 108 19.37 15.27 -83.73
N GLY A 109 19.28 16.09 -84.77
CA GLY A 109 20.12 15.91 -85.93
C GLY A 109 19.64 14.91 -86.96
N GLU A 110 18.34 14.81 -87.15
CA GLU A 110 17.81 13.91 -88.18
C GLU A 110 17.05 14.66 -89.27
N ARG A 111 16.81 15.95 -89.07
CA ARG A 111 16.11 16.74 -90.07
C ARG A 111 16.76 18.08 -90.27
N GLU A 112 16.92 18.49 -91.52
CA GLU A 112 17.48 19.81 -91.79
C GLU A 112 16.38 20.83 -91.59
N PRO A 113 16.70 21.93 -90.89
CA PRO A 113 15.65 22.90 -90.60
C PRO A 113 14.92 23.34 -91.87
N GLY A 114 13.60 23.28 -91.86
CA GLY A 114 12.81 23.70 -93.00
C GLY A 114 12.29 22.57 -93.87
N ASP A 115 12.81 21.37 -93.68
CA ASP A 115 12.41 20.26 -94.53
C ASP A 115 11.08 19.66 -94.08
N PHE A 116 10.16 19.52 -95.01
CA PHE A 116 8.88 18.89 -94.69
C PHE A 116 8.47 17.98 -95.81
N GLY A 117 9.44 17.42 -96.51
CA GLY A 117 9.15 16.46 -97.57
C GLY A 117 8.63 17.02 -98.88
N TRP A 118 9.01 18.25 -99.21
CA TRP A 118 8.60 18.81 -100.49
C TRP A 118 9.77 18.87 -101.45
N LYS A 119 10.80 18.08 -101.18
CA LYS A 119 11.96 18.04 -102.05
C LYS A 119 11.67 17.21 -103.29
N TRP A 120 10.53 16.53 -103.30
CA TRP A 120 10.17 15.70 -104.44
C TRP A 120 10.04 16.57 -105.69
N LEU A 121 9.79 17.86 -105.50
CA LEU A 121 9.69 18.77 -106.62
C LEU A 121 10.94 19.63 -106.69
N ALA A 122 12.04 19.14 -106.15
CA ALA A 122 13.28 19.92 -106.12
C ALA A 122 14.32 19.43 -107.10
N PRO A 123 15.24 20.32 -107.50
CA PRO A 123 16.29 19.94 -108.44
C PRO A 123 17.27 18.96 -107.83
N LYS A 124 17.78 18.03 -108.63
CA LYS A 124 18.70 17.03 -108.12
C LYS A 124 20.06 17.62 -107.82
N ASP A 125 20.53 18.51 -108.68
CA ASP A 125 21.84 19.14 -108.46
C ASP A 125 21.87 19.81 -107.11
N GLU A 126 22.93 19.54 -106.35
CA GLU A 126 23.06 20.14 -105.03
C GLU A 126 23.25 21.64 -105.14
N ALA A 127 24.08 22.08 -106.08
CA ALA A 127 24.36 23.51 -106.20
C ALA A 127 23.10 24.30 -106.50
N THR A 128 22.33 23.85 -107.48
CA THR A 128 21.12 24.57 -107.84
C THR A 128 20.15 24.52 -106.68
N LEU A 129 20.10 23.38 -105.99
CA LEU A 129 19.21 23.26 -104.85
C LEU A 129 19.61 24.28 -103.81
N LYS A 130 20.92 24.40 -103.59
CA LYS A 130 21.41 25.36 -102.61
C LYS A 130 20.99 26.76 -103.00
N LYS A 131 21.09 27.07 -104.28
CA LYS A 131 20.70 28.39 -104.74
C LYS A 131 19.26 28.65 -104.39
N TYR A 132 18.40 27.67 -104.66
CA TYR A 132 16.98 27.85 -104.40
C TYR A 132 16.73 28.07 -102.91
N GLU A 133 17.46 27.34 -102.07
CA GLU A 133 17.31 27.52 -100.64
C GLU A 133 17.62 28.95 -100.28
N MET A 134 18.71 29.48 -100.83
CA MET A 134 19.09 30.86 -100.54
C MET A 134 18.02 31.81 -101.03
N ASN A 135 17.48 31.55 -102.21
CA ASN A 135 16.44 32.41 -102.74
C ASN A 135 15.31 32.47 -101.75
N GLU A 136 14.93 31.32 -101.21
CA GLU A 136 13.82 31.28 -100.28
C GLU A 136 14.11 32.11 -99.05
N LEU A 137 15.27 31.92 -98.44
CA LEU A 137 15.61 32.64 -97.22
C LEU A 137 15.63 34.15 -97.46
N LEU A 138 16.30 34.58 -98.51
CA LEU A 138 16.41 36.00 -98.78
C LEU A 138 15.02 36.58 -99.03
N ASN A 139 14.25 35.93 -99.88
CA ASN A 139 12.93 36.45 -100.20
C ASN A 139 12.09 36.53 -98.94
N GLY A 140 12.25 35.55 -98.06
CA GLY A 140 11.49 35.55 -96.83
C GLY A 140 11.81 36.73 -95.96
N ARG A 141 13.09 37.04 -95.82
CA ARG A 141 13.49 38.19 -95.03
C ARG A 141 12.91 39.46 -95.62
N LEU A 142 12.97 39.59 -96.94
CA LEU A 142 12.39 40.75 -97.60
C LEU A 142 10.91 40.83 -97.30
N ALA A 143 10.22 39.70 -97.45
CA ALA A 143 8.78 39.67 -97.23
C ALA A 143 8.41 40.05 -95.81
N MET A 144 9.16 39.55 -94.84
CA MET A 144 8.86 39.85 -93.45
C MET A 144 8.93 41.34 -93.26
N MET A 145 10.00 41.95 -93.75
CA MET A 145 10.15 43.40 -93.63
C MET A 145 9.04 44.10 -94.39
N ALA A 146 8.67 43.56 -95.54
CA ALA A 146 7.61 44.16 -96.34
C ALA A 146 6.30 44.20 -95.59
N VAL A 147 5.92 43.08 -94.99
CA VAL A 147 4.68 43.03 -94.25
C VAL A 147 4.70 44.10 -93.19
N GLY A 148 5.84 44.26 -92.53
CA GLY A 148 5.97 45.27 -91.49
C GLY A 148 7.00 44.89 -90.46
N TYR B 1 -32.10 -67.90 -8.66
CA TYR B 1 -31.75 -67.17 -7.45
C TYR B 1 -30.35 -67.51 -6.98
N ALA B 2 -29.81 -66.74 -6.05
CA ALA B 2 -28.46 -66.97 -5.57
C ALA B 2 -28.33 -68.32 -4.90
N SER B 3 -27.21 -69.01 -5.13
CA SER B 3 -27.02 -70.33 -4.56
C SER B 3 -26.99 -70.34 -3.05
N GLU B 4 -26.39 -69.32 -2.45
CA GLU B 4 -26.26 -69.29 -1.00
C GLU B 4 -27.60 -69.44 -0.31
N LEU B 5 -28.65 -68.95 -0.96
CA LEU B 5 -29.98 -69.04 -0.37
C LEU B 5 -30.28 -70.48 -0.02
N ASP B 6 -29.77 -71.40 -0.81
CA ASP B 6 -30.02 -72.82 -0.57
C ASP B 6 -29.47 -73.27 0.78
N SER B 7 -28.48 -72.55 1.29
CA SER B 7 -27.87 -72.94 2.55
C SER B 7 -28.18 -71.99 3.70
N MET B 8 -29.36 -71.38 3.67
CA MET B 8 -29.70 -70.41 4.70
C MET B 8 -31.05 -70.68 5.36
N THR B 9 -31.25 -70.14 6.55
CA THR B 9 -32.52 -70.30 7.24
C THR B 9 -33.58 -69.49 6.53
N GLY B 10 -34.80 -70.01 6.48
CA GLY B 10 -35.90 -69.27 5.85
C GLY B 10 -36.90 -70.14 5.14
N THR B 11 -36.42 -71.18 4.47
CA THR B 11 -37.32 -72.10 3.79
C THR B 11 -37.97 -73.02 4.80
N GLY B 12 -39.28 -73.23 4.68
CA GLY B 12 -39.98 -74.05 5.66
C GLY B 12 -41.14 -74.85 5.10
N ILE B 13 -42.09 -75.20 5.96
CA ILE B 13 -43.24 -75.98 5.53
C ILE B 13 -44.03 -75.26 4.45
N GLU B 14 -44.41 -74.02 4.70
CA GLU B 14 -45.15 -73.22 3.71
C GLU B 14 -44.27 -72.78 2.57
N SER B 15 -42.96 -72.80 2.74
CA SER B 15 -42.06 -72.52 1.65
C SER B 15 -40.94 -73.56 1.63
N PRO B 16 -41.21 -74.74 1.08
CA PRO B 16 -40.22 -75.82 1.08
C PRO B 16 -38.91 -75.41 0.43
N LYS B 17 -38.97 -74.64 -0.64
CA LYS B 17 -37.76 -74.23 -1.35
C LYS B 17 -37.58 -72.72 -1.32
N VAL B 18 -36.45 -72.24 -1.81
CA VAL B 18 -36.19 -70.81 -1.82
C VAL B 18 -37.27 -70.07 -2.58
N PHE B 19 -37.81 -69.02 -1.98
CA PHE B 19 -38.84 -68.24 -2.64
C PHE B 19 -38.25 -66.95 -3.17
N ASP B 20 -37.92 -66.91 -4.45
CA ASP B 20 -37.39 -65.70 -5.06
C ASP B 20 -37.82 -65.70 -6.50
N PRO B 21 -39.12 -65.55 -6.74
CA PRO B 21 -39.62 -65.63 -8.11
C PRO B 21 -38.93 -64.66 -9.05
N LEU B 22 -38.71 -63.43 -8.61
CA LEU B 22 -38.12 -62.41 -9.48
C LEU B 22 -36.60 -62.39 -9.38
N ASN B 23 -36.04 -63.34 -8.65
CA ASN B 23 -34.58 -63.42 -8.51
C ASN B 23 -33.97 -62.10 -8.07
N LEU B 24 -34.54 -61.48 -7.05
CA LEU B 24 -33.97 -60.25 -6.52
C LEU B 24 -32.64 -60.55 -5.88
N SER B 25 -32.42 -61.81 -5.53
CA SER B 25 -31.16 -62.19 -4.90
C SER B 25 -30.01 -61.86 -5.81
N ASP B 26 -30.27 -61.82 -7.11
CA ASP B 26 -29.24 -61.51 -8.07
C ASP B 26 -28.70 -60.12 -7.84
N TYR B 27 -29.57 -59.19 -7.46
CA TYR B 27 -29.14 -57.81 -7.27
C TYR B 27 -28.69 -57.54 -5.83
N VAL B 28 -29.60 -57.64 -4.89
CA VAL B 28 -29.26 -57.39 -3.50
C VAL B 28 -28.40 -58.51 -2.96
N PRO B 29 -27.30 -58.17 -2.28
CA PRO B 29 -26.43 -59.18 -1.70
C PRO B 29 -27.21 -60.02 -0.71
N VAL B 30 -26.90 -61.31 -0.63
CA VAL B 30 -27.66 -62.20 0.25
C VAL B 30 -27.56 -61.79 1.71
N ASP B 31 -26.37 -61.45 2.16
CA ASP B 31 -26.19 -61.07 3.55
C ASP B 31 -27.02 -59.86 3.89
N TRP B 32 -26.84 -58.78 3.14
CA TRP B 32 -27.55 -57.54 3.42
C TRP B 32 -29.03 -57.82 3.49
N ALA B 33 -29.53 -58.67 2.59
CA ALA B 33 -30.95 -58.96 2.54
C ALA B 33 -31.44 -59.52 3.87
N ARG B 34 -30.73 -60.51 4.40
CA ARG B 34 -31.16 -61.13 5.65
C ARG B 34 -31.09 -60.13 6.79
N ARG B 35 -30.03 -59.34 6.82
CA ARG B 35 -29.90 -58.35 7.87
C ARG B 35 -31.07 -57.40 7.81
N ALA B 36 -31.44 -56.97 6.62
CA ALA B 36 -32.56 -56.07 6.45
C ALA B 36 -33.88 -56.77 6.74
N GLU B 37 -33.99 -58.02 6.33
CA GLU B 37 -35.24 -58.75 6.54
C GLU B 37 -35.56 -58.80 8.00
N LEU B 38 -34.57 -59.13 8.81
CA LEU B 38 -34.79 -59.20 10.24
C LEU B 38 -35.02 -57.82 10.84
N SER B 39 -34.26 -56.83 10.40
CA SER B 39 -34.39 -55.50 10.96
C SER B 39 -35.77 -54.91 10.74
N ASN B 40 -36.23 -54.94 9.49
CA ASN B 40 -37.55 -54.40 9.18
C ASN B 40 -38.59 -55.25 9.88
N GLY B 41 -38.37 -56.55 9.96
CA GLY B 41 -39.31 -57.44 10.60
C GLY B 41 -39.44 -57.21 12.07
N ARG B 42 -38.32 -57.10 12.77
CA ARG B 42 -38.34 -56.90 14.20
C ARG B 42 -39.02 -55.60 14.55
N SER B 43 -38.69 -54.55 13.79
CA SER B 43 -39.32 -53.26 14.03
C SER B 43 -40.81 -53.36 13.78
N ALA B 44 -41.20 -54.08 12.75
CA ALA B 44 -42.62 -54.24 12.43
C ALA B 44 -43.33 -54.99 13.53
N MET B 45 -42.69 -56.00 14.09
CA MET B 45 -43.30 -56.79 15.15
C MET B 45 -43.72 -55.85 16.27
N LEU B 46 -42.86 -54.90 16.61
CA LEU B 46 -43.18 -53.95 17.65
C LEU B 46 -44.32 -53.03 17.24
N ALA B 47 -44.30 -52.58 15.99
CA ALA B 47 -45.31 -51.64 15.52
C ALA B 47 -46.71 -52.22 15.64
N THR B 48 -46.88 -53.46 15.21
CA THR B 48 -48.20 -54.05 15.23
C THR B 48 -48.83 -53.84 16.59
N VAL B 49 -48.09 -54.14 17.65
CA VAL B 49 -48.61 -53.99 18.99
C VAL B 49 -48.93 -52.53 19.26
N GLY B 50 -48.05 -51.64 18.84
CA GLY B 50 -48.25 -50.22 19.10
C GLY B 50 -49.43 -49.63 18.37
N TRP B 51 -49.83 -50.26 17.26
CA TRP B 51 -50.93 -49.73 16.47
C TRP B 51 -52.23 -49.73 17.25
N PHE B 52 -52.43 -50.73 18.10
CA PHE B 52 -53.69 -50.84 18.82
C PHE B 52 -53.56 -50.73 20.33
N PHE B 53 -52.37 -50.95 20.87
CA PHE B 53 -52.22 -50.96 22.33
C PHE B 53 -52.80 -49.72 22.99
N PRO B 54 -52.43 -48.53 22.51
CA PRO B 54 -52.96 -47.37 23.22
C PRO B 54 -54.48 -47.37 23.23
N LYS B 55 -55.10 -47.76 22.12
CA LYS B 55 -56.55 -47.76 22.02
C LYS B 55 -57.21 -48.82 22.88
N VAL B 56 -56.74 -50.04 22.76
CA VAL B 56 -57.36 -51.14 23.49
C VAL B 56 -57.12 -51.11 24.99
N PHE B 57 -55.92 -50.75 25.42
CA PHE B 57 -55.61 -50.81 26.85
C PHE B 57 -55.44 -49.47 27.55
N GLY B 58 -55.70 -48.38 26.84
CA GLY B 58 -55.61 -47.07 27.45
C GLY B 58 -54.33 -46.33 27.15
N THR B 59 -54.25 -45.07 27.58
CA THR B 59 -53.07 -44.26 27.30
C THR B 59 -52.47 -43.70 28.58
N PHE B 60 -51.25 -43.18 28.50
CA PHE B 60 -50.60 -42.62 29.67
C PHE B 60 -51.36 -41.38 30.12
N ASP B 61 -51.13 -40.95 31.36
CA ASP B 61 -51.86 -39.81 31.89
C ASP B 61 -51.28 -38.49 31.43
N SER B 62 -51.56 -38.09 30.20
CA SER B 62 -51.08 -36.83 29.69
C SER B 62 -52.00 -36.35 28.59
N THR B 63 -51.87 -35.10 28.18
CA THR B 63 -52.78 -34.54 27.18
C THR B 63 -52.08 -34.13 25.89
N ASP B 64 -50.80 -34.47 25.75
CA ASP B 64 -50.08 -34.09 24.55
C ASP B 64 -50.77 -34.67 23.33
N VAL B 65 -51.16 -35.94 23.40
CA VAL B 65 -51.85 -36.56 22.29
C VAL B 65 -53.28 -36.88 22.70
N THR B 66 -54.24 -36.35 21.97
CA THR B 66 -55.64 -36.56 22.30
C THR B 66 -56.28 -37.66 21.46
N THR B 67 -55.83 -37.79 20.22
CA THR B 67 -56.38 -38.80 19.33
C THR B 67 -55.85 -40.17 19.65
N THR B 68 -56.48 -41.20 19.13
CA THR B 68 -55.99 -42.55 19.32
C THR B 68 -55.65 -43.15 17.97
N ASP B 69 -56.07 -42.49 16.90
CA ASP B 69 -55.76 -42.96 15.57
C ASP B 69 -54.26 -43.05 15.44
N PRO B 70 -53.75 -44.22 15.02
CA PRO B 70 -52.31 -44.39 14.98
C PRO B 70 -51.60 -43.32 14.16
N ILE B 71 -52.10 -43.01 12.97
CA ILE B 71 -51.43 -42.04 12.12
C ILE B 71 -51.50 -40.63 12.65
N ASP B 72 -52.65 -40.23 13.17
CA ASP B 72 -52.82 -38.86 13.64
C ASP B 72 -51.89 -38.52 14.79
N ALA B 73 -51.69 -39.46 15.70
CA ALA B 73 -50.86 -39.20 16.87
C ALA B 73 -49.45 -38.80 16.51
N ILE B 74 -49.03 -39.13 15.30
CA ILE B 74 -47.67 -38.83 14.89
C ILE B 74 -47.38 -37.34 15.00
N MET B 75 -48.31 -36.52 14.55
CA MET B 75 -48.10 -35.08 14.57
C MET B 75 -48.47 -34.44 15.90
N GLN B 76 -49.43 -35.02 16.60
CA GLN B 76 -49.85 -34.49 17.89
C GLN B 76 -48.74 -34.62 18.93
N ALA B 77 -47.99 -35.72 18.89
CA ALA B 77 -46.95 -35.95 19.87
C ALA B 77 -45.89 -34.86 19.83
N ASP B 78 -45.40 -34.46 20.99
CA ASP B 78 -44.42 -33.38 21.05
C ASP B 78 -43.16 -33.75 20.31
N PRO B 79 -42.58 -32.80 19.59
CA PRO B 79 -41.35 -33.07 18.84
C PRO B 79 -40.26 -33.64 19.73
N GLN B 80 -40.22 -33.24 20.99
CA GLN B 80 -39.16 -33.71 21.88
C GLN B 80 -39.18 -35.22 21.99
N TRP B 81 -40.37 -35.81 21.98
CA TRP B 81 -40.46 -37.25 22.02
C TRP B 81 -39.77 -37.84 20.81
N TRP B 82 -40.05 -37.29 19.64
CA TRP B 82 -39.49 -37.84 18.43
C TRP B 82 -37.98 -37.77 18.42
N ALA B 83 -37.43 -36.66 18.89
CA ALA B 83 -35.99 -36.53 18.94
C ALA B 83 -35.38 -37.61 19.83
N GLN B 84 -35.94 -37.79 21.01
CA GLN B 84 -35.42 -38.80 21.93
C GLN B 84 -35.59 -40.19 21.35
N TRP B 85 -36.66 -40.39 20.59
CA TRP B 85 -36.90 -41.68 19.96
C TRP B 85 -35.80 -42.00 18.97
N ILE B 86 -35.44 -41.03 18.14
CA ILE B 86 -34.36 -41.24 17.19
C ILE B 86 -33.08 -41.56 17.94
N LEU B 87 -32.86 -40.87 19.05
CA LEU B 87 -31.66 -41.10 19.83
C LEU B 87 -31.59 -42.53 20.35
N ILE B 88 -32.69 -43.04 20.89
CA ILE B 88 -32.66 -44.38 21.46
C ILE B 88 -32.40 -45.40 20.38
N CYS B 89 -32.97 -45.18 19.20
CA CYS B 89 -32.74 -46.10 18.09
C CYS B 89 -31.29 -46.06 17.69
N GLY B 90 -30.69 -44.88 17.70
CA GLY B 90 -29.28 -44.75 17.39
C GLY B 90 -28.44 -45.52 18.37
N VAL B 91 -28.81 -45.45 19.64
CA VAL B 91 -28.08 -46.18 20.67
C VAL B 91 -28.16 -47.67 20.40
N PHE B 92 -29.35 -48.15 20.05
CA PHE B 92 -29.51 -49.55 19.74
C PHE B 92 -28.63 -49.93 18.57
N GLU B 93 -28.63 -49.09 17.53
CA GLU B 93 -27.84 -49.39 16.35
C GLU B 93 -26.37 -49.48 16.72
N THR B 94 -25.93 -48.61 17.62
CA THR B 94 -24.54 -48.62 18.04
C THR B 94 -24.23 -49.89 18.81
N TRP B 95 -25.15 -50.32 19.65
CA TRP B 95 -24.93 -51.53 20.44
C TRP B 95 -24.70 -52.69 19.53
N LYS B 96 -25.52 -52.80 18.50
CA LYS B 96 -25.39 -53.90 17.55
C LYS B 96 -24.02 -53.88 16.90
N TYR B 97 -23.53 -52.69 16.59
CA TYR B 97 -22.23 -52.56 15.97
C TYR B 97 -21.12 -53.00 16.91
N LYS B 98 -21.08 -52.40 18.09
CA LYS B 98 -20.02 -52.73 19.04
C LYS B 98 -20.01 -54.20 19.40
N LYS B 99 -21.18 -54.74 19.73
CA LYS B 99 -21.25 -56.13 20.15
C LYS B 99 -20.87 -57.08 19.02
N GLU B 100 -21.25 -56.73 17.80
CA GLU B 100 -20.88 -57.57 16.67
C GLU B 100 -19.38 -57.61 16.55
N MET B 101 -18.74 -56.46 16.76
CA MET B 101 -17.28 -56.39 16.68
C MET B 101 -16.63 -57.20 17.77
N GLU B 102 -17.36 -57.50 18.83
CA GLU B 102 -16.80 -58.31 19.91
C GLU B 102 -16.99 -59.78 19.60
N GLY B 103 -17.50 -60.09 18.42
CA GLY B 103 -17.71 -61.47 18.03
C GLY B 103 -19.11 -61.97 18.30
N LYS B 104 -19.91 -61.19 19.01
CA LYS B 104 -21.27 -61.58 19.29
C LYS B 104 -22.12 -61.40 18.03
N SER B 105 -23.31 -62.00 18.02
CA SER B 105 -24.16 -61.91 16.83
C SER B 105 -25.60 -61.59 17.15
N PHE B 106 -26.23 -60.77 16.31
CA PHE B 106 -27.63 -60.46 16.48
C PHE B 106 -28.41 -61.11 15.36
N LEU B 107 -27.77 -62.02 14.65
CA LEU B 107 -28.41 -62.69 13.54
C LEU B 107 -28.31 -64.20 13.67
N GLY B 108 -28.82 -64.74 14.77
CA GLY B 108 -28.80 -66.18 14.96
C GLY B 108 -27.42 -66.80 15.08
N GLY B 109 -26.45 -66.03 15.56
CA GLY B 109 -25.10 -66.55 15.71
C GLY B 109 -24.93 -67.32 17.00
N ALA B 110 -23.74 -67.85 17.22
CA ALA B 110 -23.49 -68.65 18.42
C ALA B 110 -23.67 -67.85 19.70
N ASP B 111 -23.02 -66.68 19.76
CA ASP B 111 -23.10 -65.87 20.97
C ASP B 111 -24.13 -64.76 20.79
N PRO B 112 -25.23 -64.83 21.55
CA PRO B 112 -26.28 -63.83 21.42
C PRO B 112 -25.78 -62.45 21.75
N ALA B 113 -26.28 -61.43 21.05
CA ALA B 113 -25.91 -60.06 21.37
C ALA B 113 -26.89 -59.51 22.38
N VAL B 114 -28.15 -59.93 22.30
CA VAL B 114 -29.15 -59.50 23.27
C VAL B 114 -29.98 -60.67 23.74
N ASP B 115 -29.64 -61.25 24.88
CA ASP B 115 -30.44 -62.34 25.43
C ASP B 115 -30.63 -62.11 26.91
N TYR B 116 -31.33 -61.04 27.27
CA TYR B 116 -31.52 -60.70 28.68
C TYR B 116 -32.33 -61.76 29.42
N LEU B 117 -33.14 -62.51 28.70
CA LEU B 117 -33.92 -63.56 29.33
C LEU B 117 -33.15 -64.87 29.37
N LYS B 118 -31.94 -64.87 28.79
CA LYS B 118 -31.10 -66.06 28.81
C LYS B 118 -31.83 -67.31 28.35
N LEU B 119 -32.48 -67.23 27.19
CA LEU B 119 -33.22 -68.37 26.67
C LEU B 119 -32.69 -68.88 25.33
N TRP B 120 -31.45 -68.56 25.00
CA TRP B 120 -30.86 -69.04 23.76
C TRP B 120 -30.35 -70.45 23.95
N PRO B 121 -30.87 -71.40 23.16
CA PRO B 121 -30.46 -72.79 23.31
C PRO B 121 -28.99 -72.98 23.01
N ALA B 122 -28.37 -74.00 23.61
CA ALA B 122 -26.97 -74.27 23.36
C ALA B 122 -26.81 -75.21 22.18
N ASP B 123 -27.69 -76.20 22.08
CA ASP B 123 -27.63 -77.14 20.96
C ASP B 123 -27.98 -76.46 19.65
N ALA B 124 -27.19 -76.72 18.62
CA ALA B 124 -27.42 -76.08 17.33
C ALA B 124 -28.80 -76.40 16.78
N ALA B 125 -29.27 -77.63 17.01
CA ALA B 125 -30.56 -78.02 16.49
C ALA B 125 -31.65 -77.11 16.99
N ALA B 126 -31.69 -76.88 18.30
CA ALA B 126 -32.71 -76.01 18.87
C ALA B 126 -32.49 -74.59 18.41
N GLN B 127 -31.24 -74.20 18.31
CA GLN B 127 -30.93 -72.85 17.89
C GLN B 127 -31.55 -72.62 16.52
N GLU B 128 -31.35 -73.57 15.62
CA GLU B 128 -31.88 -73.41 14.28
C GLU B 128 -33.39 -73.28 14.33
N GLU B 129 -34.02 -74.16 15.09
CA GLU B 129 -35.48 -74.12 15.18
C GLU B 129 -35.93 -72.78 15.75
N MET B 130 -35.21 -72.28 16.73
CA MET B 130 -35.60 -71.01 17.35
C MET B 130 -35.54 -69.89 16.34
N LYS B 131 -34.48 -69.87 15.55
CA LYS B 131 -34.32 -68.81 14.56
C LYS B 131 -35.46 -68.83 13.56
N THR B 132 -35.87 -70.02 13.15
CA THR B 132 -36.93 -70.13 12.15
C THR B 132 -38.20 -69.50 12.66
N LYS B 133 -38.50 -69.71 13.93
CA LYS B 133 -39.72 -69.18 14.49
C LYS B 133 -39.72 -67.66 14.46
N GLU B 134 -38.58 -67.06 14.80
CA GLU B 134 -38.48 -65.62 14.79
C GLU B 134 -38.70 -65.07 13.40
N LEU B 135 -38.06 -65.69 12.42
CA LEU B 135 -38.17 -65.20 11.05
C LEU B 135 -39.61 -65.25 10.61
N LYS B 136 -40.32 -66.29 11.02
CA LYS B 136 -41.67 -66.42 10.55
C LYS B 136 -42.47 -65.35 11.16
N ASN B 137 -42.40 -65.24 12.44
CA ASN B 137 -43.20 -64.22 13.11
C ASN B 137 -42.88 -62.86 12.53
N ALA B 138 -41.62 -62.63 12.19
CA ALA B 138 -41.23 -61.35 11.60
C ALA B 138 -41.91 -61.12 10.28
N ARG B 139 -41.86 -62.12 9.41
CA ARG B 139 -42.46 -61.98 8.09
C ARG B 139 -43.94 -61.73 8.24
N LEU B 140 -44.58 -62.45 9.15
CA LEU B 140 -46.01 -62.28 9.35
C LEU B 140 -46.30 -60.87 9.82
N ALA B 141 -45.48 -60.34 10.71
CA ALA B 141 -45.72 -59.00 11.25
C ALA B 141 -45.63 -57.94 10.20
N MET B 142 -44.64 -58.05 9.32
CA MET B 142 -44.47 -57.05 8.28
C MET B 142 -45.73 -57.01 7.45
N ILE B 143 -46.24 -58.18 7.10
CA ILE B 143 -47.47 -58.22 6.32
C ILE B 143 -48.61 -57.58 7.09
N GLY B 144 -48.69 -57.89 8.38
CA GLY B 144 -49.77 -57.35 9.19
C GLY B 144 -49.80 -55.84 9.29
N ILE B 145 -48.65 -55.24 9.57
CA ILE B 145 -48.61 -53.79 9.74
C ILE B 145 -48.99 -53.15 8.43
N ALA B 146 -48.53 -53.72 7.32
CA ALA B 146 -48.89 -53.20 6.02
C ALA B 146 -50.39 -53.28 5.85
N GLY B 147 -50.98 -54.41 6.22
CA GLY B 147 -52.40 -54.57 6.09
C GLY B 147 -53.17 -53.56 6.90
N PHE B 148 -52.73 -53.34 8.13
CA PHE B 148 -53.41 -52.39 8.99
C PHE B 148 -53.44 -51.04 8.32
N ALA B 149 -52.30 -50.62 7.82
CA ALA B 149 -52.21 -49.32 7.17
C ALA B 149 -53.14 -49.26 5.98
N ALA B 150 -53.16 -50.32 5.20
CA ALA B 150 -53.98 -50.33 4.00
C ALA B 150 -55.44 -50.08 4.35
N ASN B 151 -55.96 -50.84 5.31
CA ASN B 151 -57.36 -50.68 5.67
C ASN B 151 -57.58 -49.29 6.23
N HIS B 152 -56.56 -48.73 6.85
CA HIS B 152 -56.69 -47.40 7.44
C HIS B 152 -56.92 -46.34 6.38
N PHE B 153 -56.16 -46.41 5.29
CA PHE B 153 -56.29 -45.38 4.26
C PHE B 153 -57.31 -45.79 3.21
N ILE B 154 -57.16 -46.98 2.64
CA ILE B 154 -58.14 -47.47 1.68
C ILE B 154 -58.99 -48.50 2.37
N PRO B 155 -60.14 -48.09 2.91
CA PRO B 155 -60.97 -49.02 3.68
C PRO B 155 -61.36 -50.26 2.88
N GLY B 156 -61.38 -51.42 3.54
CA GLY B 156 -61.77 -52.65 2.88
C GLY B 156 -60.63 -53.38 2.21
N SER B 157 -59.48 -52.75 2.14
CA SER B 157 -58.34 -53.36 1.48
C SER B 157 -57.90 -54.63 2.18
N CYS B 158 -58.06 -54.67 3.49
CA CYS B 158 -57.65 -55.85 4.26
C CYS B 158 -58.69 -56.20 5.31
N PRO B 159 -58.81 -57.49 5.62
CA PRO B 159 -59.76 -57.93 6.64
C PRO B 159 -59.22 -57.76 8.05
N VAL B 160 -59.38 -56.58 8.63
CA VAL B 160 -58.85 -56.32 9.97
C VAL B 160 -59.95 -56.32 11.01
N PRO B 161 -59.67 -56.87 12.20
CA PRO B 161 -60.67 -56.83 13.27
C PRO B 161 -61.04 -55.41 13.60
N ASP B 162 -62.28 -55.18 14.04
CA ASP B 162 -62.74 -53.83 14.31
C ASP B 162 -61.91 -53.11 15.36
N PHE B 163 -61.63 -53.77 16.47
CA PHE B 163 -60.89 -53.11 17.54
C PHE B 163 -59.53 -52.65 17.06
N ILE B 164 -58.82 -53.51 16.33
CA ILE B 164 -57.54 -53.11 15.79
C ILE B 164 -57.73 -51.91 14.90
N ALA B 165 -58.80 -51.93 14.11
CA ALA B 165 -59.09 -50.81 13.22
C ALA B 165 -57.88 -50.45 12.38
N ALA C 1 -8.20 -63.22 53.01
CA ALA C 1 -7.12 -62.38 52.53
C ALA C 1 -7.55 -61.56 51.32
N ASP C 2 -7.29 -62.08 50.12
CA ASP C 2 -7.69 -61.39 48.92
C ASP C 2 -9.10 -61.78 48.55
N PHE C 3 -10.05 -60.88 48.76
CA PHE C 3 -11.43 -61.18 48.45
C PHE C 3 -11.83 -60.52 47.14
N SER C 4 -10.84 -60.13 46.35
CA SER C 4 -11.12 -59.49 45.07
C SER C 4 -11.95 -60.41 44.20
N GLY C 5 -11.67 -61.70 44.25
CA GLY C 5 -12.40 -62.66 43.45
C GLY C 5 -13.87 -62.71 43.79
N GLU C 6 -14.21 -62.41 45.02
CA GLU C 6 -15.60 -62.47 45.45
C GLU C 6 -16.47 -61.58 44.59
N ILE C 7 -17.73 -61.96 44.41
CA ILE C 7 -18.64 -61.13 43.64
C ILE C 7 -18.85 -59.80 44.35
N GLY C 8 -19.14 -58.74 43.61
CA GLY C 8 -19.44 -57.48 44.23
C GLY C 8 -18.25 -56.57 44.52
N ALA C 9 -17.08 -56.92 44.00
CA ALA C 9 -15.91 -56.07 44.18
C ALA C 9 -16.18 -54.73 43.51
N ALA C 10 -15.68 -53.66 44.10
CA ALA C 10 -15.95 -52.34 43.57
C ALA C 10 -15.52 -52.24 42.12
N ASN C 11 -14.28 -52.59 41.84
CA ASN C 11 -13.77 -52.56 40.47
C ASN C 11 -12.49 -53.36 40.42
N ALA C 12 -11.93 -53.50 39.22
CA ALA C 12 -10.73 -54.33 39.08
C ALA C 12 -9.57 -53.82 39.91
N GLU C 13 -9.42 -52.50 40.01
CA GLU C 13 -8.27 -51.95 40.73
C GLU C 13 -8.48 -51.95 42.23
N LEU C 14 -9.55 -51.30 42.69
CA LEU C 14 -9.79 -51.20 44.12
C LEU C 14 -10.03 -52.56 44.73
N GLY C 15 -10.50 -53.50 43.93
CA GLY C 15 -10.80 -54.83 44.44
C GLY C 15 -11.90 -54.73 45.47
N CYS C 16 -11.66 -55.26 46.67
CA CYS C 16 -12.64 -55.18 47.73
C CYS C 16 -12.52 -53.85 48.43
N TRP C 17 -13.58 -53.06 48.40
CA TRP C 17 -13.55 -51.76 49.04
C TRP C 17 -13.92 -51.91 50.50
N ASP C 18 -12.93 -52.20 51.33
CA ASP C 18 -13.18 -52.32 52.76
C ASP C 18 -12.37 -51.24 53.45
N PRO C 19 -12.95 -50.04 53.55
CA PRO C 19 -12.20 -48.92 54.14
C PRO C 19 -11.83 -49.17 55.60
N LEU C 20 -12.72 -49.77 56.37
CA LEU C 20 -12.45 -49.96 57.80
C LEU C 20 -11.91 -51.35 58.11
N ASN C 21 -11.57 -52.11 57.09
CA ASN C 21 -11.02 -53.44 57.29
C ASN C 21 -11.91 -54.29 58.18
N PHE C 22 -13.20 -54.31 57.92
CA PHE C 22 -14.07 -55.17 58.69
C PHE C 22 -13.73 -56.61 58.40
N CYS C 23 -13.59 -56.93 57.12
CA CYS C 23 -13.29 -58.31 56.73
C CYS C 23 -11.83 -58.62 56.91
N THR C 24 -11.53 -59.71 57.61
CA THR C 24 -10.16 -60.10 57.85
C THR C 24 -9.87 -61.46 57.24
N ASP C 25 -10.75 -62.42 57.47
CA ASP C 25 -10.56 -63.77 56.95
C ASP C 25 -11.81 -64.24 56.22
N GLN C 26 -11.70 -65.36 55.49
CA GLN C 26 -12.84 -65.84 54.74
C GLN C 26 -14.02 -66.04 55.65
N ALA C 27 -13.76 -66.47 56.87
CA ALA C 27 -14.85 -66.70 57.81
C ALA C 27 -15.64 -65.43 58.03
N SER C 28 -14.93 -64.33 58.25
CA SER C 28 -15.61 -63.06 58.46
C SER C 28 -16.33 -62.64 57.20
N PHE C 29 -15.68 -62.80 56.06
CA PHE C 29 -16.29 -62.35 54.82
C PHE C 29 -17.61 -63.03 54.62
N ASP C 30 -17.66 -64.33 54.85
CA ASP C 30 -18.89 -65.07 54.68
C ASP C 30 -19.95 -64.48 55.59
N LYS C 31 -19.58 -64.16 56.82
CA LYS C 31 -20.52 -63.56 57.73
C LYS C 31 -21.05 -62.26 57.17
N MET C 32 -20.14 -61.39 56.74
CA MET C 32 -20.55 -60.11 56.22
C MET C 32 -21.37 -60.24 54.95
N ARG C 33 -20.97 -61.16 54.08
CA ARG C 33 -21.68 -61.35 52.82
C ARG C 33 -23.11 -61.78 53.09
N TYR C 34 -23.28 -62.73 54.00
CA TYR C 34 -24.61 -63.21 54.31
C TYR C 34 -25.46 -62.06 54.78
N ALA C 35 -24.90 -61.24 55.66
CA ALA C 35 -25.65 -60.11 56.19
C ALA C 35 -26.02 -59.14 55.09
N GLU C 36 -25.07 -58.84 54.21
CA GLU C 36 -25.33 -57.88 53.15
C GLU C 36 -26.47 -58.38 52.31
N LEU C 37 -26.44 -59.65 51.94
CA LEU C 37 -27.48 -60.21 51.10
C LEU C 37 -28.82 -60.13 51.80
N LYS C 38 -28.87 -60.50 53.06
CA LYS C 38 -30.13 -60.50 53.78
C LYS C 38 -30.69 -59.11 53.82
N HIS C 39 -29.86 -58.15 54.20
CA HIS C 39 -30.33 -56.78 54.29
C HIS C 39 -30.77 -56.34 52.92
N GLY C 40 -30.02 -56.73 51.90
CA GLY C 40 -30.35 -56.34 50.54
C GLY C 40 -31.70 -56.85 50.09
N ARG C 41 -31.92 -58.14 50.24
CA ARG C 41 -33.19 -58.73 49.85
C ARG C 41 -34.32 -58.05 50.60
N VAL C 42 -34.16 -57.90 51.89
CA VAL C 42 -35.19 -57.27 52.69
C VAL C 42 -35.46 -55.86 52.20
N ALA C 43 -34.40 -55.11 51.92
CA ALA C 43 -34.55 -53.74 51.47
C ALA C 43 -35.26 -53.65 50.13
N GLN C 44 -34.92 -54.56 49.22
CA GLN C 44 -35.52 -54.52 47.89
C GLN C 44 -37.02 -54.61 48.01
N LEU C 45 -37.50 -55.51 48.87
CA LEU C 45 -38.93 -55.63 49.09
C LEU C 45 -39.46 -54.39 49.77
N ALA C 46 -38.70 -53.86 50.71
CA ALA C 46 -39.17 -52.70 51.48
C ALA C 46 -39.45 -51.51 50.60
N ALA C 47 -38.54 -51.20 49.69
CA ALA C 47 -38.71 -50.05 48.82
C ALA C 47 -39.96 -50.23 48.01
N TRP C 48 -40.15 -51.43 47.47
CA TRP C 48 -41.34 -51.71 46.68
C TRP C 48 -42.58 -51.44 47.51
N GLY C 49 -42.59 -51.92 48.75
CA GLY C 49 -43.74 -51.75 49.60
C GLY C 49 -44.00 -50.31 49.95
N TYR C 50 -42.95 -49.59 50.33
CA TYR C 50 -43.12 -48.21 50.72
C TYR C 50 -43.74 -47.43 49.58
N ALA C 51 -43.21 -47.60 48.37
CA ALA C 51 -43.70 -46.86 47.23
C ALA C 51 -45.15 -47.19 46.95
N THR C 52 -45.49 -48.47 46.95
CA THR C 52 -46.85 -48.87 46.68
C THR C 52 -47.79 -48.17 47.64
N THR C 53 -47.51 -48.29 48.93
CA THR C 53 -48.38 -47.70 49.92
C THR C 53 -48.40 -46.19 49.83
N TRP C 54 -47.23 -45.56 49.76
CA TRP C 54 -47.19 -44.11 49.77
C TRP C 54 -47.97 -43.57 48.60
N SER C 55 -47.91 -44.26 47.47
CA SER C 55 -48.60 -43.80 46.28
C SER C 55 -50.10 -43.89 46.47
N GLY C 56 -50.54 -44.75 47.39
CA GLY C 56 -51.96 -44.82 47.68
C GLY C 56 -52.62 -46.18 47.71
N ALA C 57 -51.97 -47.19 47.17
CA ALA C 57 -52.59 -48.52 47.11
C ALA C 57 -52.74 -49.12 48.49
N ARG C 58 -53.88 -49.77 48.74
CA ARG C 58 -54.11 -50.40 50.03
C ARG C 58 -54.82 -51.73 49.85
N PHE C 59 -54.45 -52.72 50.66
CA PHE C 59 -55.10 -54.03 50.59
C PHE C 59 -56.53 -53.94 51.08
N PRO C 60 -57.35 -54.93 50.73
CA PRO C 60 -58.72 -54.95 51.26
C PRO C 60 -58.70 -54.94 52.78
N GLY C 61 -59.39 -53.98 53.39
CA GLY C 61 -59.41 -53.90 54.83
C GLY C 61 -58.30 -53.02 55.39
N CYS C 62 -57.55 -52.39 54.50
CA CYS C 62 -56.47 -51.52 54.92
C CYS C 62 -56.58 -50.18 54.23
N GLU C 63 -57.79 -49.74 53.96
CA GLU C 63 -57.98 -48.51 53.20
C GLU C 63 -57.88 -47.23 54.03
N ASP C 64 -57.85 -47.35 55.35
CA ASP C 64 -57.82 -46.16 56.18
C ASP C 64 -56.50 -46.01 56.91
N PHE C 65 -55.61 -46.97 56.74
CA PHE C 65 -54.32 -46.91 57.41
C PHE C 65 -53.48 -45.81 56.79
N PRO C 66 -52.56 -45.23 57.57
CA PRO C 66 -51.67 -44.21 57.02
C PRO C 66 -50.51 -44.85 56.27
N ALA C 67 -49.63 -44.05 55.68
CA ALA C 67 -48.50 -44.58 54.92
C ALA C 67 -47.17 -44.12 55.48
N GLY C 68 -46.09 -44.84 55.15
CA GLY C 68 -44.77 -44.48 55.65
C GLY C 68 -44.55 -44.98 57.05
N HIS C 69 -43.56 -44.42 57.74
CA HIS C 69 -43.28 -44.82 59.12
C HIS C 69 -44.46 -44.44 59.98
N GLU C 70 -45.25 -43.49 59.51
CA GLU C 70 -46.41 -43.06 60.26
C GLU C 70 -47.31 -44.25 60.50
N ALA C 71 -47.38 -45.14 59.52
CA ALA C 71 -48.22 -46.32 59.65
C ALA C 71 -47.78 -47.13 60.84
N VAL C 72 -46.48 -47.39 60.95
CA VAL C 72 -45.99 -48.21 62.04
C VAL C 72 -46.39 -47.59 63.37
N LEU C 73 -46.36 -46.27 63.45
CA LEU C 73 -46.70 -45.59 64.68
C LEU C 73 -48.20 -45.60 64.96
N LYS C 74 -49.01 -45.41 63.93
CA LYS C 74 -50.46 -45.30 64.14
C LYS C 74 -51.22 -46.62 63.99
N ILE C 75 -50.97 -47.37 62.94
CA ILE C 75 -51.74 -48.59 62.72
C ILE C 75 -51.63 -49.49 63.94
N GLY C 76 -52.70 -50.21 64.25
CA GLY C 76 -52.71 -51.06 65.43
C GLY C 76 -51.62 -52.11 65.40
N THR C 77 -50.99 -52.34 66.55
CA THR C 77 -49.92 -53.32 66.62
C THR C 77 -50.46 -54.71 66.34
N GLU C 78 -51.73 -54.92 66.67
CA GLU C 78 -52.32 -56.23 66.49
C GLU C 78 -52.30 -56.61 65.03
N ASN C 79 -52.49 -55.63 64.16
CA ASN C 79 -52.53 -55.93 62.73
C ASN C 79 -51.13 -55.94 62.16
N LEU C 80 -50.14 -55.63 62.99
CA LEU C 80 -48.76 -55.66 62.54
C LEU C 80 -48.10 -56.96 62.94
N ILE C 81 -48.58 -57.55 64.03
CA ILE C 81 -48.00 -58.80 64.51
C ILE C 81 -47.99 -59.88 63.44
N PRO C 82 -49.05 -59.96 62.63
CA PRO C 82 -49.00 -60.94 61.56
C PRO C 82 -47.68 -60.90 60.81
N VAL C 83 -47.15 -59.70 60.55
CA VAL C 83 -45.93 -59.60 59.77
C VAL C 83 -44.82 -60.39 60.44
N LEU C 84 -44.66 -60.21 61.75
CA LEU C 84 -43.61 -60.90 62.45
C LEU C 84 -43.80 -62.40 62.35
N VAL C 85 -45.03 -62.85 62.53
CA VAL C 85 -45.28 -64.29 62.50
C VAL C 85 -44.98 -64.88 61.13
N VAL C 86 -45.30 -64.15 60.06
CA VAL C 86 -45.08 -64.67 58.73
C VAL C 86 -43.61 -64.59 58.38
N ALA C 87 -42.87 -63.79 59.11
CA ALA C 87 -41.45 -63.61 58.82
C ALA C 87 -40.64 -64.60 59.63
N GLY C 88 -41.01 -64.77 60.89
CA GLY C 88 -40.30 -65.70 61.75
C GLY C 88 -40.38 -67.09 61.18
N ALA C 89 -41.54 -67.43 60.64
CA ALA C 89 -41.71 -68.75 60.05
C ALA C 89 -40.70 -68.93 58.92
N LEU C 90 -40.59 -67.93 58.07
CA LEU C 90 -39.64 -68.01 56.97
C LEU C 90 -38.23 -68.13 57.51
N GLU C 91 -37.94 -67.40 58.58
CA GLU C 91 -36.61 -67.46 59.16
C GLU C 91 -36.24 -68.89 59.44
N THR C 92 -37.19 -69.65 60.00
CA THR C 92 -36.93 -71.04 60.31
C THR C 92 -36.83 -71.91 59.07
N LEU C 93 -37.70 -71.68 58.09
CA LEU C 93 -37.72 -72.52 56.90
C LEU C 93 -36.47 -72.48 56.05
N TRP C 94 -36.01 -71.28 55.70
CA TRP C 94 -34.85 -71.18 54.80
C TRP C 94 -33.69 -72.01 55.30
N LYS C 95 -33.14 -72.85 54.43
CA LYS C 95 -32.04 -73.72 54.83
C LYS C 95 -30.82 -73.50 53.97
N GLN C 96 -29.72 -73.09 54.59
CA GLN C 96 -28.51 -72.79 53.83
C GLN C 96 -27.90 -74.05 53.24
N LYS C 97 -27.52 -73.98 51.98
CA LYS C 97 -26.88 -75.12 51.34
C LYS C 97 -25.43 -75.17 51.74
N GLU C 98 -25.00 -76.29 52.30
CA GLU C 98 -23.63 -76.41 52.76
C GLU C 98 -22.65 -76.32 51.60
N GLY C 99 -21.46 -75.81 51.87
CA GLY C 99 -20.45 -75.70 50.83
C GLY C 99 -20.88 -74.84 49.66
N SER C 100 -21.65 -73.79 49.93
CA SER C 100 -22.11 -72.91 48.87
C SER C 100 -22.01 -71.46 49.31
N PHE C 101 -22.11 -70.55 48.36
CA PHE C 101 -22.01 -69.14 48.68
C PHE C 101 -23.01 -68.75 49.76
N PRO C 102 -22.62 -67.82 50.63
CA PRO C 102 -23.53 -67.38 51.69
C PRO C 102 -24.85 -66.90 51.10
N GLY C 103 -25.96 -67.33 51.67
CA GLY C 103 -27.27 -66.92 51.20
C GLY C 103 -27.93 -67.86 50.22
N ASP C 104 -27.31 -69.01 49.96
CA ASP C 104 -27.92 -70.00 49.08
C ASP C 104 -28.79 -70.90 49.93
N PHE C 105 -30.09 -70.90 49.67
CA PHE C 105 -31.00 -71.69 50.48
C PHE C 105 -31.55 -72.87 49.71
N SER C 106 -30.79 -73.37 48.75
CA SER C 106 -31.26 -74.47 47.92
C SER C 106 -31.69 -75.67 48.74
N ALA C 107 -31.17 -75.80 49.96
CA ALA C 107 -31.48 -76.95 50.78
C ALA C 107 -32.84 -76.81 51.47
N THR C 108 -33.54 -75.72 51.21
CA THR C 108 -34.83 -75.49 51.86
C THR C 108 -35.85 -76.56 51.45
N SER C 109 -36.82 -76.82 52.31
CA SER C 109 -37.81 -77.86 52.02
C SER C 109 -38.52 -77.63 50.70
N PHE C 110 -39.12 -76.47 50.52
CA PHE C 110 -39.78 -76.16 49.25
C PHE C 110 -38.74 -75.93 48.17
N PRO C 111 -39.07 -76.28 46.93
CA PRO C 111 -38.07 -76.18 45.87
C PRO C 111 -37.51 -74.76 45.71
N VAL C 112 -36.20 -74.61 45.82
CA VAL C 112 -35.56 -73.32 45.66
C VAL C 112 -34.21 -73.49 44.98
N GLY C 113 -33.92 -72.65 44.00
CA GLY C 113 -32.65 -72.73 43.31
C GLY C 113 -32.65 -71.99 41.99
N PHE C 114 -31.54 -72.06 41.25
CA PHE C 114 -31.45 -71.36 39.98
C PHE C 114 -32.47 -71.90 39.01
N GLY C 115 -32.86 -73.16 39.19
CA GLY C 115 -33.88 -73.73 38.33
C GLY C 115 -33.65 -73.51 36.86
N PRO C 116 -34.68 -73.04 36.16
CA PRO C 116 -34.56 -72.82 34.71
C PRO C 116 -33.92 -71.48 34.40
N PHE C 117 -33.80 -70.61 35.38
CA PHE C 117 -33.27 -69.27 35.13
C PHE C 117 -31.82 -69.25 34.67
N ALA C 118 -31.00 -70.14 35.21
CA ALA C 118 -29.58 -70.12 34.87
C ALA C 118 -29.09 -71.43 34.30
N LYS C 119 -28.13 -71.36 33.38
CA LYS C 119 -27.59 -72.57 32.77
C LYS C 119 -26.09 -72.65 33.00
N THR C 120 -25.35 -71.74 32.35
CA THR C 120 -23.90 -71.74 32.48
C THR C 120 -23.48 -71.13 33.81
N GLU C 121 -22.25 -71.39 34.23
CA GLU C 121 -21.74 -70.82 35.47
C GLU C 121 -21.76 -69.30 35.39
N ALA C 122 -21.37 -68.77 34.24
CA ALA C 122 -21.33 -67.33 34.09
C ALA C 122 -22.71 -66.72 34.33
N ASP C 123 -23.75 -67.37 33.81
CA ASP C 123 -25.09 -66.86 33.99
C ASP C 123 -25.38 -66.76 35.47
N MET C 124 -24.99 -67.78 36.21
CA MET C 124 -25.25 -67.79 37.64
C MET C 124 -24.58 -66.62 38.31
N ILE C 125 -23.30 -66.40 37.99
CA ILE C 125 -22.57 -65.31 38.60
C ILE C 125 -23.24 -63.98 38.30
N ASP C 126 -23.69 -63.81 37.06
CA ASP C 126 -24.34 -62.56 36.68
C ASP C 126 -25.58 -62.31 37.51
N LEU C 127 -26.45 -63.31 37.60
CA LEU C 127 -27.68 -63.15 38.36
C LEU C 127 -27.35 -62.82 39.80
N ARG C 128 -26.36 -63.50 40.34
CA ARG C 128 -25.97 -63.25 41.72
C ARG C 128 -25.49 -61.83 41.90
N THR C 129 -24.65 -61.37 40.99
CA THR C 129 -24.13 -60.02 41.09
C THR C 129 -25.26 -59.03 41.03
N LYS C 130 -26.20 -59.24 40.11
CA LYS C 130 -27.31 -58.32 39.96
C LYS C 130 -28.18 -58.27 41.21
N GLU C 131 -28.42 -59.42 41.82
CA GLU C 131 -29.19 -59.44 43.06
C GLU C 131 -28.48 -58.59 44.10
N LEU C 132 -27.19 -58.81 44.26
CA LEU C 132 -26.42 -58.07 45.26
C LEU C 132 -26.45 -56.59 44.96
N ASN C 133 -26.20 -56.22 43.71
CA ASN C 133 -26.12 -54.80 43.37
C ASN C 133 -27.45 -54.10 43.57
N ASN C 134 -28.55 -54.72 43.14
CA ASN C 134 -29.85 -54.10 43.27
C ASN C 134 -30.17 -53.95 44.75
N GLY C 135 -29.74 -54.91 45.55
CA GLY C 135 -29.97 -54.83 46.98
C GLY C 135 -29.20 -53.69 47.57
N ARG C 136 -27.95 -53.54 47.15
CA ARG C 136 -27.14 -52.44 47.64
C ARG C 136 -27.82 -51.12 47.34
N ALA C 137 -28.36 -50.98 46.14
CA ALA C 137 -29.03 -49.75 45.77
C ALA C 137 -30.27 -49.51 46.61
N ALA C 138 -31.08 -50.54 46.79
CA ALA C 138 -32.31 -50.40 47.56
C ALA C 138 -31.97 -50.02 48.98
N MET C 139 -30.94 -50.64 49.53
CA MET C 139 -30.57 -50.36 50.91
C MET C 139 -30.38 -48.87 51.06
N MET C 140 -29.66 -48.26 50.13
CA MET C 140 -29.49 -46.82 50.17
C MET C 140 -30.81 -46.14 49.89
N GLY C 141 -31.58 -46.68 48.95
CA GLY C 141 -32.82 -46.05 48.57
C GLY C 141 -33.84 -45.94 49.67
N ILE C 142 -34.11 -47.04 50.35
CA ILE C 142 -35.12 -47.03 51.41
C ILE C 142 -34.73 -46.01 52.47
N LEU C 143 -33.45 -45.93 52.79
CA LEU C 143 -33.00 -44.94 53.76
C LEU C 143 -33.27 -43.57 53.23
N GLY C 144 -32.77 -43.29 52.03
CA GLY C 144 -32.95 -41.99 51.44
C GLY C 144 -34.40 -41.57 51.53
N MET C 145 -35.29 -42.47 51.20
CA MET C 145 -36.72 -42.13 51.22
C MET C 145 -37.20 -41.78 52.61
N ILE C 146 -36.96 -42.67 53.56
CA ILE C 146 -37.44 -42.42 54.91
C ILE C 146 -36.90 -41.11 55.44
N VAL C 147 -35.62 -40.87 55.25
CA VAL C 147 -35.01 -39.64 55.75
C VAL C 147 -35.74 -38.44 55.19
N HIS C 148 -35.91 -38.41 53.88
CA HIS C 148 -36.55 -37.25 53.25
C HIS C 148 -38.01 -37.13 53.67
N GLU C 149 -38.67 -38.24 53.92
CA GLU C 149 -40.04 -38.19 54.40
C GLU C 149 -40.07 -37.39 55.67
N GLN C 150 -39.18 -37.70 56.60
CA GLN C 150 -39.13 -36.99 57.86
C GLN C 150 -38.75 -35.54 57.65
N ILE C 151 -37.79 -35.30 56.77
CA ILE C 151 -37.31 -33.95 56.54
C ILE C 151 -38.37 -33.01 55.97
N ASP C 152 -39.08 -33.45 54.94
CA ASP C 152 -40.03 -32.56 54.29
C ASP C 152 -41.40 -33.16 54.05
N GLY C 153 -41.51 -34.48 54.07
CA GLY C 153 -42.78 -35.12 53.77
C GLY C 153 -42.77 -35.62 52.35
N LYS C 154 -41.77 -35.24 51.58
CA LYS C 154 -41.65 -35.74 50.22
C LYS C 154 -40.67 -36.89 50.21
N PRO C 155 -41.19 -38.12 50.18
CA PRO C 155 -40.30 -39.28 50.24
C PRO C 155 -39.55 -39.46 48.93
N PHE C 156 -40.10 -38.91 47.84
CA PHE C 156 -39.47 -39.08 46.53
C PHE C 156 -38.73 -37.83 46.09
N ILE C 157 -38.66 -36.83 46.97
CA ILE C 157 -37.89 -35.61 46.68
C ILE C 157 -38.42 -34.74 45.53
N PHE C 158 -38.59 -35.31 44.34
CA PHE C 158 -39.00 -34.49 43.19
C PHE C 158 -40.47 -34.59 42.85
N PHE C 159 -41.17 -35.57 43.41
CA PHE C 159 -42.59 -35.72 43.15
C PHE C 159 -43.29 -36.31 44.36
N ASP C 160 -44.61 -36.12 44.45
CA ASP C 160 -45.35 -36.60 45.60
C ASP C 160 -45.55 -38.11 45.58
N LYS C 161 -46.01 -38.63 44.44
CA LYS C 161 -46.27 -40.06 44.34
C LYS C 161 -46.23 -40.57 42.91
N PHE C 162 -46.04 -41.87 42.74
CA PHE C 162 -45.97 -42.46 41.41
C PHE C 162 -47.33 -42.71 40.83
N GLU C 163 -47.43 -42.73 39.51
CA GLU C 163 -48.70 -43.08 38.88
C GLU C 163 -48.39 -44.28 38.01
N ILE C 164 -49.12 -45.36 38.19
CA ILE C 164 -48.81 -46.58 37.45
C ILE C 164 -49.57 -46.74 36.16
N TYR C 165 -48.98 -47.44 35.20
CA TYR C 165 -49.70 -47.74 33.97
C TYR C 165 -49.80 -49.23 33.87
N ALA C 166 -50.92 -49.78 34.32
CA ALA C 166 -51.12 -51.22 34.24
C ALA C 166 -52.29 -51.49 33.34
N PRO C 167 -52.02 -51.73 32.05
CA PRO C 167 -53.12 -51.92 31.11
C PRO C 167 -53.99 -53.12 31.45
N PHE C 168 -53.39 -54.30 31.50
CA PHE C 168 -54.16 -55.51 31.78
C PHE C 168 -54.76 -55.48 33.17
N GLY C 169 -53.98 -55.01 34.13
CA GLY C 169 -54.48 -54.95 35.50
C GLY C 169 -55.71 -54.09 35.58
N ASN C 170 -55.72 -52.98 34.85
CA ASN C 170 -56.87 -52.07 34.87
C ASN C 170 -57.80 -52.32 36.05
N SER D 1 -24.52 -42.14 -38.59
CA SER D 1 -25.70 -42.96 -38.89
C SER D 1 -25.52 -44.33 -38.32
N VAL D 2 -24.29 -44.83 -38.35
CA VAL D 2 -24.01 -46.15 -37.78
C VAL D 2 -24.11 -46.05 -36.27
N PHE D 3 -24.30 -44.84 -35.74
CA PHE D 3 -24.40 -44.64 -34.31
C PHE D 3 -23.06 -44.84 -33.63
N ASP D 4 -22.48 -46.01 -33.80
CA ASP D 4 -21.22 -46.32 -33.13
C ASP D 4 -20.15 -45.28 -33.45
N ASP D 5 -20.04 -44.91 -34.72
CA ASP D 5 -19.01 -43.96 -35.12
C ASP D 5 -19.20 -42.63 -34.41
N ALA D 6 -20.42 -42.13 -34.39
CA ALA D 6 -20.69 -40.85 -33.76
C ALA D 6 -20.29 -40.89 -32.30
N VAL D 7 -20.65 -41.97 -31.62
CA VAL D 7 -20.29 -42.09 -30.22
C VAL D 7 -18.78 -42.07 -30.06
N LYS D 8 -18.09 -42.80 -30.91
CA LYS D 8 -16.63 -42.84 -30.86
C LYS D 8 -16.06 -41.45 -31.01
N ASP D 9 -16.57 -40.72 -31.99
CA ASP D 9 -16.07 -39.38 -32.24
C ASP D 9 -16.26 -38.49 -31.02
N TRP D 10 -17.41 -38.61 -30.37
CA TRP D 10 -17.67 -37.80 -29.18
C TRP D 10 -16.64 -38.12 -28.13
N ALA D 11 -16.37 -39.41 -27.92
CA ALA D 11 -15.41 -39.81 -26.91
C ALA D 11 -14.07 -39.18 -27.21
N GLU D 12 -13.68 -39.19 -28.47
CA GLU D 12 -12.39 -38.62 -28.85
C GLU D 12 -12.35 -37.13 -28.59
N GLU D 13 -13.39 -36.42 -29.00
CA GLU D 13 -13.44 -34.98 -28.81
C GLU D 13 -13.52 -34.60 -27.34
N TYR D 14 -14.27 -35.37 -26.56
CA TYR D 14 -14.41 -35.09 -25.14
C TYR D 14 -14.06 -36.34 -24.35
N PRO D 15 -12.78 -36.68 -24.28
CA PRO D 15 -12.38 -37.93 -23.61
C PRO D 15 -12.57 -37.92 -22.11
N GLN D 16 -12.25 -36.82 -21.44
CA GLN D 16 -12.32 -36.78 -19.98
C GLN D 16 -13.70 -37.15 -19.48
N PHE D 17 -14.72 -36.52 -20.02
CA PHE D 17 -16.08 -36.79 -19.58
C PHE D 17 -16.48 -38.20 -19.95
N ALA D 18 -16.12 -38.65 -21.14
CA ALA D 18 -16.52 -39.96 -21.60
C ALA D 18 -16.07 -41.04 -20.66
N ALA D 19 -14.94 -40.82 -20.00
CA ALA D 19 -14.40 -41.83 -19.10
C ALA D 19 -15.37 -42.20 -17.99
N TRP D 20 -16.10 -41.22 -17.47
CA TRP D 20 -17.01 -41.47 -16.37
C TRP D 20 -18.37 -42.00 -16.81
N GLY D 21 -18.65 -41.93 -18.10
CA GLY D 21 -19.93 -42.39 -18.60
C GLY D 21 -20.82 -41.25 -19.04
N TRP D 22 -20.28 -40.03 -19.04
CA TRP D 22 -21.05 -38.88 -19.48
C TRP D 22 -21.27 -38.94 -20.98
N GLY D 23 -22.22 -38.16 -21.47
CA GLY D 23 -22.43 -38.09 -22.90
C GLY D 23 -23.32 -39.16 -23.49
N PRO D 24 -23.14 -39.44 -24.79
CA PRO D 24 -23.95 -40.45 -25.46
C PRO D 24 -23.52 -41.85 -25.07
N SER D 25 -23.97 -42.32 -23.91
CA SER D 25 -23.58 -43.64 -23.43
C SER D 25 -24.78 -44.42 -22.93
N VAL D 26 -24.60 -45.72 -22.73
CA VAL D 26 -25.69 -46.54 -22.21
C VAL D 26 -26.06 -46.09 -20.81
N GLN D 27 -25.07 -45.76 -20.01
CA GLN D 27 -25.33 -45.31 -18.64
C GLN D 27 -26.30 -44.16 -18.65
N ALA D 28 -26.03 -43.16 -19.48
CA ALA D 28 -26.90 -42.00 -19.55
C ALA D 28 -28.28 -42.40 -20.04
N GLU D 29 -28.33 -43.27 -21.03
CA GLU D 29 -29.61 -43.67 -21.57
C GLU D 29 -30.45 -44.30 -20.48
N ILE D 30 -29.82 -45.13 -19.65
CA ILE D 30 -30.55 -45.79 -18.59
C ILE D 30 -31.03 -44.80 -17.55
N TRP D 31 -30.14 -43.97 -17.05
CA TRP D 31 -30.52 -43.04 -15.99
C TRP D 31 -31.54 -42.00 -16.44
N ASN D 32 -31.30 -41.37 -17.58
CA ASN D 32 -32.23 -40.38 -18.08
C ASN D 32 -33.57 -41.02 -18.34
N GLY D 33 -33.58 -42.25 -18.82
CA GLY D 33 -34.82 -42.96 -19.06
C GLY D 33 -35.57 -43.22 -17.77
N ARG D 34 -34.87 -43.66 -16.74
CA ARG D 34 -35.51 -43.92 -15.46
C ARG D 34 -36.20 -42.67 -14.96
N HIS D 35 -35.53 -41.54 -15.06
CA HIS D 35 -36.09 -40.29 -14.59
C HIS D 35 -37.34 -39.92 -15.37
N ALA D 36 -37.31 -40.11 -16.69
CA ALA D 36 -38.47 -39.79 -17.51
C ALA D 36 -39.66 -40.66 -17.14
N MET D 37 -39.43 -41.95 -16.95
CA MET D 37 -40.50 -42.85 -16.58
C MET D 37 -41.12 -42.35 -15.29
N PHE D 38 -40.28 -42.03 -14.32
CA PHE D 38 -40.78 -41.56 -13.03
C PHE D 38 -41.55 -40.27 -13.18
N GLY D 39 -41.05 -39.37 -14.01
CA GLY D 39 -41.71 -38.09 -14.19
C GLY D 39 -43.12 -38.24 -14.70
N TRP D 40 -43.32 -39.11 -15.67
CA TRP D 40 -44.64 -39.30 -16.22
C TRP D 40 -45.63 -39.41 -15.08
N VAL D 41 -45.25 -40.13 -14.04
CA VAL D 41 -46.12 -40.28 -12.89
C VAL D 41 -46.37 -38.92 -12.26
N VAL D 42 -45.31 -38.14 -12.08
CA VAL D 42 -45.45 -36.83 -11.47
C VAL D 42 -46.36 -35.94 -12.28
N MET D 43 -46.15 -35.92 -13.59
CA MET D 43 -46.94 -35.06 -14.45
C MET D 43 -48.41 -35.47 -14.44
N CYS D 44 -48.67 -36.77 -14.48
CA CYS D 44 -50.04 -37.24 -14.43
C CYS D 44 -50.67 -36.89 -13.11
N ALA D 45 -49.91 -37.01 -12.03
CA ALA D 45 -50.43 -36.66 -10.72
C ALA D 45 -50.79 -35.20 -10.65
N CYS D 46 -49.94 -34.36 -11.21
CA CYS D 46 -50.20 -32.93 -11.21
C CYS D 46 -51.48 -32.64 -11.97
N ALA D 47 -51.66 -33.32 -13.10
CA ALA D 47 -52.87 -33.12 -13.88
C ALA D 47 -54.09 -33.54 -13.09
N TYR D 48 -54.01 -34.68 -12.41
CA TYR D 48 -55.15 -35.16 -11.65
C TYR D 48 -55.50 -34.15 -10.58
N ALA D 49 -54.50 -33.69 -9.86
CA ALA D 49 -54.75 -32.75 -8.77
C ALA D 49 -55.35 -31.47 -9.30
N LYS D 50 -54.82 -30.96 -10.40
CA LYS D 50 -55.33 -29.74 -10.99
C LYS D 50 -56.78 -29.90 -11.36
N GLY D 51 -57.11 -31.01 -12.01
CA GLY D 51 -58.48 -31.24 -12.42
C GLY D 51 -59.41 -31.47 -11.25
N HIS D 52 -58.94 -32.18 -10.24
CA HIS D 52 -59.79 -32.50 -9.10
C HIS D 52 -59.63 -31.50 -7.98
N GLY D 53 -58.99 -30.38 -8.26
CA GLY D 53 -58.84 -29.33 -7.26
C GLY D 53 -58.32 -29.81 -5.93
N LEU D 54 -57.24 -30.58 -5.95
CA LEU D 54 -56.68 -31.10 -4.72
C LEU D 54 -55.70 -30.13 -4.09
N ILE D 55 -54.88 -29.49 -4.90
CA ILE D 55 -53.88 -28.56 -4.39
C ILE D 55 -54.54 -27.51 -3.52
N PRO D 56 -54.06 -27.34 -2.28
CA PRO D 56 -54.71 -26.40 -1.36
C PRO D 56 -54.46 -24.95 -1.72
N ASP D 57 -55.52 -24.15 -1.77
CA ASP D 57 -55.38 -22.72 -2.03
C ASP D 57 -54.43 -22.39 -3.16
N ALA D 58 -54.73 -22.88 -4.36
CA ALA D 58 -53.90 -22.56 -5.50
C ALA D 58 -54.20 -21.15 -5.95
N ASP D 59 -53.68 -20.76 -7.10
CA ASP D 59 -53.97 -19.43 -7.65
C ASP D 59 -53.86 -18.32 -6.62
N GLN D 60 -52.97 -18.49 -5.65
CA GLN D 60 -52.74 -17.44 -4.66
C GLN D 60 -51.25 -17.30 -4.50
N THR D 61 -50.78 -16.09 -4.24
CA THR D 61 -49.34 -15.89 -4.18
C THR D 61 -48.80 -15.88 -2.75
N LEU D 62 -47.62 -16.46 -2.56
CA LEU D 62 -47.02 -16.51 -1.24
C LEU D 62 -46.72 -15.11 -0.74
N ASP D 63 -46.76 -14.91 0.57
CA ASP D 63 -46.52 -13.59 1.14
C ASP D 63 -45.07 -13.15 1.03
N LEU D 64 -44.85 -11.94 0.52
CA LEU D 64 -43.49 -11.44 0.35
C LEU D 64 -42.86 -11.15 1.70
N LYS D 65 -43.65 -11.15 2.75
CA LYS D 65 -43.12 -10.89 4.07
C LYS D 65 -42.73 -12.18 4.77
N GLU D 66 -43.63 -13.16 4.76
CA GLU D 66 -43.30 -14.44 5.37
C GLU D 66 -42.13 -15.01 4.63
N TRP D 67 -42.25 -15.10 3.31
CA TRP D 67 -41.15 -15.59 2.50
C TRP D 67 -40.39 -14.36 2.08
N GLY D 68 -39.40 -14.51 1.23
CA GLY D 68 -38.59 -13.35 0.89
C GLY D 68 -38.62 -12.91 -0.55
N THR D 69 -37.65 -12.11 -0.94
CA THR D 69 -37.56 -11.68 -2.32
C THR D 69 -37.29 -12.88 -3.21
N LEU D 70 -36.82 -13.97 -2.61
CA LEU D 70 -36.55 -15.17 -3.39
C LEU D 70 -37.83 -15.70 -3.96
N ALA D 71 -38.96 -15.28 -3.42
CA ALA D 71 -40.25 -15.76 -3.90
C ALA D 71 -40.86 -14.79 -4.90
N THR D 72 -40.08 -13.85 -5.39
CA THR D 72 -40.61 -12.85 -6.31
C THR D 72 -40.35 -13.22 -7.75
N ILE D 73 -41.36 -13.03 -8.60
CA ILE D 73 -41.20 -13.31 -10.02
C ILE D 73 -40.83 -12.01 -10.71
N SER D 74 -41.52 -10.94 -10.37
CA SER D 74 -41.19 -9.64 -10.95
C SER D 74 -41.59 -8.56 -9.96
N GLY D 75 -40.62 -7.76 -9.52
CA GLY D 75 -40.91 -6.73 -8.56
C GLY D 75 -41.38 -7.35 -7.27
N LYS D 76 -42.57 -6.98 -6.82
CA LYS D 76 -43.12 -7.55 -5.59
C LYS D 76 -44.04 -8.71 -5.87
N ASN D 77 -44.26 -9.02 -7.15
CA ASN D 77 -45.13 -10.14 -7.51
C ASN D 77 -44.48 -11.42 -7.05
N THR D 78 -45.28 -12.35 -6.53
CA THR D 78 -44.71 -13.58 -5.99
C THR D 78 -45.25 -14.84 -6.65
N ILE D 79 -44.59 -15.97 -6.39
CA ILE D 79 -45.00 -17.23 -6.99
C ILE D 79 -46.33 -17.74 -6.42
N THR D 80 -47.14 -18.37 -7.26
CA THR D 80 -48.40 -18.91 -6.79
C THR D 80 -48.16 -20.16 -5.96
N ASN D 81 -49.09 -20.49 -5.07
CA ASN D 81 -48.92 -21.64 -4.20
C ASN D 81 -48.78 -22.92 -4.99
N GLU D 82 -49.52 -23.05 -6.08
CA GLU D 82 -49.48 -24.27 -6.86
C GLU D 82 -48.07 -24.58 -7.34
N ARG D 83 -47.43 -23.62 -7.99
CA ARG D 83 -46.11 -23.87 -8.52
C ARG D 83 -45.15 -24.17 -7.38
N ALA D 84 -45.30 -23.46 -6.27
CA ALA D 84 -44.44 -23.70 -5.13
C ALA D 84 -44.56 -25.13 -4.66
N ILE D 85 -45.79 -25.63 -4.53
CA ILE D 85 -46.00 -26.98 -4.05
C ILE D 85 -45.42 -28.01 -5.01
N ILE D 86 -45.63 -27.80 -6.31
CA ILE D 86 -45.10 -28.73 -7.30
C ILE D 86 -43.60 -28.80 -7.16
N LEU D 87 -42.97 -27.64 -6.95
CA LEU D 87 -41.53 -27.61 -6.83
C LEU D 87 -41.06 -28.36 -5.59
N ILE D 88 -41.75 -28.20 -4.47
CA ILE D 88 -41.36 -28.87 -3.24
C ILE D 88 -41.43 -30.37 -3.40
N ALA D 89 -42.43 -30.84 -4.13
CA ALA D 89 -42.54 -32.26 -4.38
C ALA D 89 -41.31 -32.73 -5.12
N ASN D 90 -40.92 -32.00 -6.15
CA ASN D 90 -39.75 -32.37 -6.91
C ASN D 90 -38.51 -32.30 -6.05
N VAL D 91 -38.43 -31.33 -5.15
CA VAL D 91 -37.28 -31.21 -4.26
C VAL D 91 -37.20 -32.42 -3.35
N HIS D 92 -38.33 -32.91 -2.86
CA HIS D 92 -38.26 -34.12 -2.07
C HIS D 92 -37.50 -35.17 -2.86
N ALA D 93 -37.90 -35.37 -4.12
CA ALA D 93 -37.25 -36.37 -4.96
C ALA D 93 -35.78 -36.09 -5.24
N LEU D 94 -35.45 -34.86 -5.58
CA LEU D 94 -34.08 -34.51 -5.88
C LEU D 94 -33.17 -34.82 -4.72
N MET D 95 -33.65 -34.59 -3.51
CA MET D 95 -32.83 -34.84 -2.33
C MET D 95 -32.44 -36.30 -2.26
N VAL D 96 -33.39 -37.18 -2.54
CA VAL D 96 -33.09 -38.61 -2.54
C VAL D 96 -32.02 -38.89 -3.57
N GLY D 97 -32.13 -38.27 -4.74
CA GLY D 97 -31.15 -38.48 -5.79
C GLY D 97 -29.77 -38.03 -5.40
N LEU D 98 -29.66 -36.89 -4.75
CA LEU D 98 -28.38 -36.37 -4.34
C LEU D 98 -27.70 -37.32 -3.37
N ALA D 99 -28.47 -37.85 -2.43
CA ALA D 99 -27.91 -38.78 -1.46
C ALA D 99 -27.38 -40.00 -2.17
N ALA D 100 -28.13 -40.50 -3.15
CA ALA D 100 -27.70 -41.68 -3.89
C ALA D 100 -26.44 -41.40 -4.70
N THR D 101 -26.32 -40.19 -5.22
CA THR D 101 -25.14 -39.83 -5.99
C THR D 101 -23.90 -39.68 -5.10
N ILE D 102 -24.06 -38.99 -3.98
CA ILE D 102 -22.91 -38.72 -3.12
C ILE D 102 -22.55 -39.88 -2.20
N SER D 103 -23.55 -40.63 -1.76
CA SER D 103 -23.29 -41.72 -0.82
C SER D 103 -23.83 -43.03 -1.32
N PRO D 104 -23.25 -43.58 -2.38
CA PRO D 104 -23.74 -44.82 -2.96
C PRO D 104 -23.52 -46.02 -2.06
N ASN D 105 -24.32 -47.08 -2.23
CA ASN D 105 -24.13 -48.31 -1.46
C ASN D 105 -23.07 -49.16 -2.11
N SER D 106 -22.90 -50.39 -1.63
CA SER D 106 -21.92 -51.29 -2.20
C SER D 106 -22.52 -52.18 -3.26
N PHE D 107 -23.85 -52.17 -3.37
CA PHE D 107 -24.52 -53.00 -4.34
C PHE D 107 -25.48 -52.18 -5.15
N ALA D 108 -25.12 -50.94 -5.43
CA ALA D 108 -26.03 -50.06 -6.13
C ALA D 108 -25.50 -49.61 -7.47
N ASP D 109 -26.41 -49.19 -8.35
CA ASP D 109 -26.00 -48.69 -9.65
C ASP D 109 -25.59 -47.24 -9.50
N THR D 110 -24.30 -46.98 -9.54
CA THR D 110 -23.82 -45.61 -9.39
C THR D 110 -24.12 -44.81 -10.64
N LEU D 111 -24.30 -43.50 -10.49
CA LEU D 111 -24.60 -42.65 -11.63
C LEU D 111 -23.46 -42.69 -12.62
N LEU D 112 -22.24 -42.59 -12.14
CA LEU D 112 -21.08 -42.60 -13.02
C LEU D 112 -20.27 -43.86 -12.80
N LEU D 113 -19.58 -44.31 -13.84
CA LEU D 113 -18.80 -45.53 -13.73
C LEU D 113 -17.48 -45.26 -13.03
N ASP D 114 -17.34 -45.77 -11.81
CA ASP D 114 -16.13 -45.55 -11.03
C ASP D 114 -15.36 -46.84 -10.85
N PRO D 115 -14.10 -46.85 -11.29
CA PRO D 115 -13.29 -48.07 -11.20
C PRO D 115 -13.16 -48.56 -9.77
N ASN D 116 -13.34 -47.67 -8.80
CA ASN D 116 -13.14 -48.05 -7.40
C ASN D 116 -14.44 -48.50 -6.73
N HIS D 117 -15.53 -48.54 -7.47
CA HIS D 117 -16.79 -49.03 -6.90
C HIS D 117 -16.92 -50.52 -7.18
N PRO D 118 -17.46 -51.28 -6.21
CA PRO D 118 -17.53 -52.73 -6.41
C PRO D 118 -18.43 -53.14 -7.58
N MET D 119 -19.37 -52.30 -7.98
CA MET D 119 -20.31 -52.66 -9.03
C MET D 119 -19.83 -52.27 -10.42
N TYR D 120 -18.60 -51.79 -10.53
CA TYR D 120 -18.10 -51.32 -11.81
C TYR D 120 -18.18 -52.41 -12.87
N GLU D 121 -17.70 -53.60 -12.54
CA GLU D 121 -17.68 -54.67 -13.53
C GLU D 121 -19.07 -55.07 -14.01
N TRP D 122 -19.99 -55.25 -13.08
CA TRP D 122 -21.35 -55.64 -13.46
C TRP D 122 -21.94 -54.59 -14.36
N GLN D 123 -21.77 -53.32 -14.00
CA GLN D 123 -22.33 -52.25 -14.79
C GLN D 123 -21.73 -52.24 -16.17
N MET D 124 -20.41 -52.40 -16.25
CA MET D 124 -19.75 -52.40 -17.54
C MET D 124 -20.28 -53.53 -18.40
N GLU D 125 -20.51 -54.68 -17.79
CA GLU D 125 -21.03 -55.82 -18.53
C GLU D 125 -22.45 -55.58 -18.99
N ARG D 126 -23.30 -55.09 -18.10
CA ARG D 126 -24.69 -54.88 -18.44
C ARG D 126 -24.80 -53.92 -19.61
N ASN D 127 -24.05 -52.84 -19.55
CA ASN D 127 -24.10 -51.84 -20.60
C ASN D 127 -23.61 -52.43 -21.91
N SER D 128 -22.64 -53.33 -21.85
CA SER D 128 -22.05 -53.88 -23.07
C SER D 128 -23.01 -54.73 -23.86
N LYS D 129 -24.06 -55.24 -23.23
CA LYS D 129 -24.99 -56.11 -23.91
C LYS D 129 -26.40 -55.55 -23.92
N LEU D 130 -26.53 -54.24 -23.76
CA LEU D 130 -27.86 -53.65 -23.67
C LEU D 130 -28.14 -52.70 -24.83
N GLY D 131 -27.33 -52.78 -25.89
CA GLY D 131 -27.50 -51.86 -27.00
C GLY D 131 -28.15 -52.46 -28.23
N GLY D 132 -29.19 -51.79 -28.72
CA GLY D 132 -29.86 -52.27 -29.92
C GLY D 132 -30.90 -51.29 -30.41
N VAL D 133 -31.38 -51.48 -31.63
CA VAL D 133 -32.42 -50.61 -32.17
C VAL D 133 -33.80 -51.10 -31.76
N MET D 134 -33.97 -52.41 -31.70
CA MET D 134 -35.27 -52.96 -31.39
C MET D 134 -35.30 -53.62 -30.02
N PRO D 135 -36.38 -53.39 -29.25
CA PRO D 135 -36.50 -54.01 -27.94
C PRO D 135 -36.36 -55.51 -28.06
N ASN D 136 -35.52 -56.11 -27.22
CA ASN D 136 -35.30 -57.55 -27.29
C ASN D 136 -36.30 -58.29 -26.43
N LEU D 137 -37.33 -58.83 -27.07
CA LEU D 137 -38.32 -59.60 -26.33
C LEU D 137 -37.65 -60.88 -25.88
N GLY D 138 -38.33 -61.66 -25.06
CA GLY D 138 -37.74 -62.87 -24.53
C GLY D 138 -37.00 -62.53 -23.27
N LYS D 139 -36.87 -61.25 -22.98
CA LYS D 139 -36.24 -60.83 -21.75
C LYS D 139 -37.21 -59.93 -21.06
N MET D 140 -38.49 -60.26 -21.18
CA MET D 140 -39.52 -59.47 -20.53
C MET D 140 -39.38 -59.65 -19.05
N GLY D 141 -40.19 -58.91 -18.30
CA GLY D 141 -40.12 -58.98 -16.85
C GLY D 141 -39.12 -57.98 -16.34
N VAL D 142 -38.61 -58.20 -15.15
CA VAL D 142 -37.68 -57.25 -14.58
C VAL D 142 -36.26 -57.54 -15.01
N THR D 143 -35.90 -57.05 -16.17
CA THR D 143 -34.55 -57.26 -16.67
C THR D 143 -33.99 -55.93 -17.07
N PRO D 144 -32.66 -55.84 -17.16
CA PRO D 144 -32.09 -54.58 -17.64
C PRO D 144 -32.68 -54.20 -18.98
N GLU D 145 -32.91 -55.19 -19.83
CA GLU D 145 -33.47 -54.92 -21.15
C GLU D 145 -34.80 -54.22 -21.06
N ALA D 146 -35.71 -54.76 -20.27
CA ALA D 146 -37.03 -54.16 -20.14
C ALA D 146 -36.91 -52.73 -19.68
N GLU D 147 -36.01 -52.48 -18.74
CA GLU D 147 -35.86 -51.14 -18.19
C GLU D 147 -35.51 -50.16 -19.30
N LEU D 148 -34.52 -50.50 -20.12
CA LEU D 148 -34.08 -49.59 -21.16
C LEU D 148 -35.19 -49.35 -22.16
N ALA D 149 -35.89 -50.41 -22.54
CA ALA D 149 -36.94 -50.27 -23.53
C ALA D 149 -37.99 -49.31 -23.02
N ASN D 150 -38.44 -49.52 -21.79
CA ASN D 150 -39.47 -48.66 -21.24
C ASN D 150 -38.97 -47.23 -21.09
N GLY D 151 -37.70 -47.07 -20.74
CA GLY D 151 -37.13 -45.74 -20.61
C GLY D 151 -37.14 -44.97 -21.91
N ARG D 152 -36.71 -45.62 -22.99
CA ARG D 152 -36.73 -44.97 -24.29
C ARG D 152 -38.15 -44.57 -24.63
N MET D 153 -39.10 -45.45 -24.35
CA MET D 153 -40.49 -45.16 -24.64
C MET D 153 -40.91 -43.90 -23.91
N ALA D 154 -40.59 -43.80 -22.63
CA ALA D 154 -40.99 -42.64 -21.84
C ALA D 154 -40.39 -41.36 -22.38
N MET D 155 -39.11 -41.39 -22.71
CA MET D 155 -38.44 -40.19 -23.22
C MET D 155 -39.07 -39.74 -24.51
N MET D 156 -39.41 -40.69 -25.38
CA MET D 156 -40.08 -40.34 -26.63
C MET D 156 -41.40 -39.67 -26.36
N GLY D 157 -42.13 -40.18 -25.37
CA GLY D 157 -43.42 -39.62 -25.05
C GLY D 157 -43.31 -38.18 -24.64
N ILE D 158 -42.28 -37.84 -23.88
CA ILE D 158 -42.08 -36.47 -23.44
C ILE D 158 -41.96 -35.58 -24.66
N ILE D 159 -41.13 -35.99 -25.61
CA ILE D 159 -40.94 -35.19 -26.81
C ILE D 159 -42.25 -35.03 -27.55
N THR D 160 -42.97 -36.13 -27.71
CA THR D 160 -44.23 -36.09 -28.44
C THR D 160 -45.22 -35.15 -27.76
N CYS D 161 -45.31 -35.22 -26.43
CA CYS D 161 -46.28 -34.40 -25.72
C CYS D 161 -46.02 -32.93 -25.98
N ILE D 162 -44.76 -32.52 -25.86
CA ILE D 162 -44.43 -31.11 -26.06
C ILE D 162 -44.81 -30.68 -27.47
N ALA D 163 -44.47 -31.51 -28.45
CA ALA D 163 -44.76 -31.17 -29.83
C ALA D 163 -46.26 -31.06 -30.07
N TYR D 164 -47.01 -32.07 -29.64
CA TYR D 164 -48.45 -32.06 -29.84
C TYR D 164 -49.05 -30.85 -29.17
N SER D 165 -48.58 -30.55 -27.97
CA SER D 165 -49.11 -29.42 -27.24
C SER D 165 -48.94 -28.17 -28.07
N GLY D 166 -47.76 -27.99 -28.65
CA GLY D 166 -47.50 -26.81 -29.46
C GLY D 166 -48.35 -26.78 -30.72
N ILE D 167 -48.41 -27.89 -31.43
CA ILE D 167 -49.18 -27.94 -32.66
C ILE D 167 -50.63 -27.61 -32.39
N GLN D 168 -51.18 -28.16 -31.31
CA GLN D 168 -52.56 -27.92 -30.96
C GLN D 168 -52.70 -26.66 -30.12
N GLY D 169 -51.58 -25.99 -29.87
CA GLY D 169 -51.62 -24.77 -29.07
C GLY D 169 -52.30 -24.97 -27.74
N GLN D 170 -51.87 -25.99 -26.99
CA GLN D 170 -52.46 -26.24 -25.68
C GLN D 170 -51.38 -26.55 -24.66
N SER D 171 -51.74 -26.51 -23.39
CA SER D 171 -50.79 -26.83 -22.34
C SER D 171 -50.51 -28.31 -22.34
N MET D 172 -49.35 -28.70 -21.83
CA MET D 172 -49.01 -30.12 -21.78
C MET D 172 -49.99 -30.87 -20.89
N ILE D 173 -50.44 -30.23 -19.81
CA ILE D 173 -51.40 -30.87 -18.92
C ILE D 173 -52.66 -31.21 -19.69
N ASP D 174 -53.10 -30.31 -20.56
CA ASP D 174 -54.30 -30.55 -21.34
C ASP D 174 -54.13 -31.75 -22.25
N THR D 175 -52.98 -31.83 -22.91
CA THR D 175 -52.73 -32.94 -23.81
C THR D 175 -52.75 -34.25 -23.04
N ILE D 176 -52.20 -34.23 -21.84
CA ILE D 176 -52.21 -35.43 -21.02
C ILE D 176 -53.64 -35.86 -20.77
N ASN D 177 -54.47 -34.92 -20.34
CA ASN D 177 -55.85 -35.24 -20.04
C ASN D 177 -56.50 -35.79 -21.28
N GLU D 178 -56.23 -35.18 -22.42
CA GLU D 178 -56.84 -35.61 -23.67
C GLU D 178 -56.46 -37.04 -24.00
N TRP D 179 -55.19 -37.38 -23.86
CA TRP D 179 -54.73 -38.71 -24.21
C TRP D 179 -55.26 -39.75 -23.24
N VAL D 180 -55.65 -39.31 -22.05
CA VAL D 180 -56.22 -40.23 -21.08
C VAL D 180 -57.72 -40.37 -21.31
N GLY D 181 -58.29 -39.44 -22.06
CA GLY D 181 -59.72 -39.48 -22.33
C GLY D 181 -60.48 -38.44 -21.55
N GLY D 182 -59.77 -37.43 -21.05
CA GLY D 182 -60.42 -36.38 -20.29
C GLY D 182 -60.78 -36.79 -18.88
N ALA D 183 -60.18 -37.87 -18.41
CA ALA D 183 -60.50 -38.38 -17.08
C ALA D 183 -60.10 -37.42 -15.98
N TYR D 184 -58.88 -36.89 -16.05
CA TYR D 184 -58.39 -36.02 -14.99
C TYR D 184 -59.23 -34.76 -14.84
N PHE D 185 -59.60 -34.15 -15.95
CA PHE D 185 -60.41 -32.93 -15.90
C PHE D 185 -61.84 -33.22 -16.30
N PHE E 1 -2.02 -52.14 74.78
CA PHE E 1 -0.65 -52.40 75.22
C PHE E 1 0.22 -51.16 75.14
N ALA E 2 -0.02 -50.32 74.14
CA ALA E 2 0.77 -49.10 73.98
C ALA E 2 2.25 -49.44 73.98
N ASN E 3 3.04 -48.68 74.72
CA ASN E 3 4.46 -48.96 74.81
C ASN E 3 4.85 -49.15 76.27
N GLY E 4 3.92 -49.66 77.07
CA GLY E 4 4.19 -49.85 78.49
C GLY E 4 3.52 -48.80 79.34
N LEU E 5 2.68 -47.98 78.72
CA LEU E 5 1.98 -46.94 79.47
C LEU E 5 1.06 -47.55 80.50
N VAL E 6 1.08 -47.03 81.71
CA VAL E 6 0.17 -47.51 82.74
C VAL E 6 -1.24 -47.29 82.27
N GLY E 7 -2.07 -48.32 82.38
CA GLY E 7 -3.44 -48.22 81.91
C GLY E 7 -3.93 -49.59 81.55
N GLY E 8 -5.20 -49.72 81.20
CA GLY E 8 -5.75 -51.03 80.94
C GLY E 8 -5.52 -51.89 82.16
N GLU E 9 -5.04 -53.11 81.99
CA GLU E 9 -4.74 -53.97 83.13
C GLU E 9 -5.77 -53.77 84.21
N GLY E 10 -7.04 -53.75 83.85
CA GLY E 10 -8.07 -53.50 84.83
C GLY E 10 -9.11 -54.58 84.90
N PRO E 11 -9.41 -55.05 86.12
CA PRO E 11 -10.45 -56.06 86.29
C PRO E 11 -11.78 -55.47 85.87
N GLU E 12 -11.85 -54.15 85.77
CA GLU E 12 -13.08 -53.49 85.41
C GLU E 12 -13.72 -54.22 84.25
N PRO E 13 -15.03 -54.52 84.33
CA PRO E 13 -15.60 -55.28 83.22
C PRO E 13 -16.40 -54.43 82.23
N MET E 14 -16.82 -55.01 81.10
CA MET E 14 -17.64 -54.27 80.13
C MET E 14 -18.36 -55.19 79.13
N PRO E 15 -19.69 -55.34 79.27
CA PRO E 15 -20.35 -56.31 78.40
C PRO E 15 -20.77 -55.76 77.04
N PHE E 16 -20.48 -54.50 76.78
CA PHE E 16 -20.95 -53.90 75.54
C PHE E 16 -19.86 -53.81 74.48
N ASN E 17 -18.72 -54.43 74.74
CA ASN E 17 -17.65 -54.42 73.76
C ASN E 17 -18.06 -55.23 72.55
N LEU E 18 -18.38 -54.54 71.45
CA LEU E 18 -18.81 -55.22 70.25
C LEU E 18 -17.72 -56.12 69.70
N VAL E 19 -16.48 -55.64 69.71
CA VAL E 19 -15.38 -56.43 69.19
C VAL E 19 -14.31 -56.61 70.25
N GLY E 20 -13.96 -57.86 70.53
CA GLY E 20 -12.92 -58.13 71.51
C GLY E 20 -13.47 -58.60 72.83
N GLU E 21 -12.60 -58.78 73.82
CA GLU E 21 -13.03 -59.29 75.12
C GLU E 21 -13.86 -58.28 75.90
N LYS E 22 -14.71 -58.79 76.79
CA LYS E 22 -15.58 -57.91 77.57
C LYS E 22 -14.83 -57.26 78.73
N ASN E 23 -13.59 -57.68 78.97
CA ASN E 23 -12.81 -57.10 80.04
C ASN E 23 -12.25 -55.75 79.61
N ALA E 24 -11.65 -55.03 80.54
CA ALA E 24 -11.06 -53.74 80.21
C ALA E 24 -9.57 -53.91 79.99
N LYS E 25 -9.09 -55.14 80.00
CA LYS E 25 -7.68 -55.40 79.79
C LYS E 25 -7.29 -55.01 78.37
N ASN E 26 -6.29 -54.15 78.24
CA ASN E 26 -5.82 -53.75 76.91
C ASN E 26 -7.00 -53.35 76.04
N PHE E 27 -7.76 -52.36 76.50
CA PHE E 27 -8.93 -51.92 75.74
C PHE E 27 -8.55 -51.05 74.56
N ASP E 28 -8.48 -51.65 73.37
CA ASP E 28 -8.19 -50.87 72.17
C ASP E 28 -8.88 -51.51 70.98
N PRO E 29 -10.22 -51.53 71.00
CA PRO E 29 -10.95 -52.19 69.91
C PRO E 29 -10.59 -51.58 68.57
N ALA E 30 -10.60 -50.26 68.49
CA ALA E 30 -10.28 -49.59 67.24
C ALA E 30 -8.88 -49.96 66.79
N GLY E 31 -7.95 -50.00 67.73
CA GLY E 31 -6.59 -50.39 67.39
C GLY E 31 -5.72 -49.24 66.95
N PHE E 32 -6.05 -48.03 67.40
CA PHE E 32 -5.29 -46.87 66.98
C PHE E 32 -3.84 -47.03 67.35
N SER E 33 -3.56 -47.63 68.51
CA SER E 33 -2.20 -47.75 68.97
C SER E 33 -1.28 -48.45 67.98
N GLU E 34 -1.65 -49.65 67.53
CA GLU E 34 -0.78 -50.40 66.63
C GLU E 34 -0.66 -49.72 65.28
N ARG E 35 -1.76 -49.19 64.77
CA ARG E 35 -1.73 -48.52 63.48
C ARG E 35 -0.89 -47.25 63.52
N ALA E 36 -0.97 -46.54 64.64
CA ALA E 36 -0.21 -45.29 64.78
C ALA E 36 0.60 -45.30 66.05
N PRO E 37 1.68 -46.09 66.07
CA PRO E 37 2.48 -46.21 67.29
C PRO E 37 3.06 -44.87 67.73
N GLU E 38 3.38 -44.01 66.78
CA GLU E 38 4.01 -42.73 67.12
C GLU E 38 3.10 -41.78 67.88
N TRP E 39 1.80 -42.04 67.88
CA TRP E 39 0.86 -41.14 68.51
C TRP E 39 0.49 -41.54 69.93
N ILE E 40 1.05 -42.66 70.41
CA ILE E 40 0.67 -43.14 71.73
C ILE E 40 0.95 -42.11 72.81
N ASN E 41 2.12 -41.50 72.77
CA ASN E 41 2.48 -40.50 73.76
C ASN E 41 1.48 -39.36 73.72
N TRP E 42 1.18 -38.87 72.52
CA TRP E 42 0.24 -37.77 72.38
C TRP E 42 -1.11 -38.16 72.94
N PHE E 43 -1.54 -39.38 72.63
CA PHE E 43 -2.84 -39.83 73.10
C PHE E 43 -2.88 -39.86 74.61
N ARG E 44 -1.80 -40.33 75.24
CA ARG E 44 -1.76 -40.40 76.69
C ARG E 44 -1.89 -39.01 77.28
N GLU E 45 -1.12 -38.07 76.77
CA GLU E 45 -1.16 -36.72 77.27
C GLU E 45 -2.56 -36.16 77.15
N ALA E 46 -3.15 -36.34 75.98
CA ALA E 46 -4.50 -35.81 75.76
C ALA E 46 -5.50 -36.47 76.69
N GLU E 47 -5.34 -37.76 76.92
CA GLU E 47 -6.26 -38.47 77.80
C GLU E 47 -6.20 -37.85 79.18
N LEU E 48 -4.98 -37.74 79.72
CA LEU E 48 -4.82 -37.18 81.05
C LEU E 48 -5.42 -35.80 81.13
N LYS E 49 -5.11 -34.95 80.16
CA LYS E 49 -5.60 -33.58 80.22
C LYS E 49 -7.12 -33.56 80.24
N HIS E 50 -7.74 -34.27 79.30
CA HIS E 50 -9.19 -34.28 79.23
C HIS E 50 -9.75 -34.73 80.56
N GLY E 51 -9.21 -35.81 81.11
CA GLY E 51 -9.72 -36.33 82.37
C GLY E 51 -9.56 -35.38 83.53
N ARG E 52 -8.39 -34.81 83.69
CA ARG E 52 -8.15 -33.90 84.80
C ARG E 52 -9.13 -32.76 84.72
N GLN E 53 -9.30 -32.19 83.53
CA GLN E 53 -10.23 -31.10 83.36
C GLN E 53 -11.64 -31.55 83.74
N ALA E 54 -11.99 -32.77 83.35
CA ALA E 54 -13.32 -33.28 83.65
C ALA E 54 -13.52 -33.43 85.16
N MET E 55 -12.48 -33.89 85.85
CA MET E 55 -12.57 -34.06 87.30
C MET E 55 -12.88 -32.73 87.96
N LEU E 56 -12.32 -31.65 87.44
CA LEU E 56 -12.62 -30.32 87.99
C LEU E 56 -14.00 -29.88 87.56
N ALA E 57 -14.39 -30.21 86.35
CA ALA E 57 -15.69 -29.78 85.84
C ALA E 57 -16.82 -30.30 86.71
N VAL E 58 -16.74 -31.56 87.13
CA VAL E 58 -17.83 -32.13 87.91
C VAL E 58 -18.04 -31.37 89.22
N VAL E 59 -16.96 -31.12 89.95
CA VAL E 59 -17.08 -30.40 91.21
C VAL E 59 -17.55 -28.98 90.94
N GLY E 60 -17.13 -28.42 89.83
CA GLY E 60 -17.57 -27.08 89.46
C GLY E 60 -19.08 -27.12 89.28
N MET E 61 -19.58 -28.21 88.74
CA MET E 61 -21.02 -28.36 88.54
C MET E 61 -21.73 -28.59 89.86
N VAL E 62 -21.06 -29.22 90.81
CA VAL E 62 -21.71 -29.56 92.07
C VAL E 62 -21.70 -28.41 93.08
N VAL E 63 -21.19 -27.25 92.68
CA VAL E 63 -21.22 -26.09 93.58
C VAL E 63 -22.02 -24.95 92.97
N PRO E 64 -23.33 -25.15 92.81
CA PRO E 64 -24.17 -24.11 92.21
C PRO E 64 -24.86 -23.26 93.27
N GLU E 65 -24.28 -23.19 94.47
CA GLU E 65 -24.89 -22.42 95.55
C GLU E 65 -24.27 -21.03 95.67
N PHE E 66 -23.41 -20.66 94.72
CA PHE E 66 -22.77 -19.35 94.76
C PHE E 66 -21.92 -19.26 96.00
N VAL E 67 -21.64 -20.40 96.61
CA VAL E 67 -20.86 -20.42 97.84
C VAL E 67 -19.45 -19.87 97.65
N ARG E 68 -18.95 -19.14 98.65
CA ARG E 68 -17.59 -18.60 98.59
C ARG E 68 -17.43 -17.57 97.49
N ILE E 69 -18.51 -17.21 96.82
CA ILE E 69 -18.44 -16.20 95.78
C ILE E 69 -19.43 -15.09 96.04
N PRO E 70 -18.94 -13.85 96.10
CA PRO E 70 -19.84 -12.70 96.26
C PRO E 70 -20.12 -12.08 94.91
N GLY E 71 -20.81 -10.94 94.90
CA GLY E 71 -21.08 -10.25 93.65
C GLY E 71 -22.42 -10.61 93.06
N GLU E 72 -23.25 -9.61 92.82
CA GLU E 72 -24.58 -9.84 92.27
C GLU E 72 -24.50 -10.52 90.92
N ALA E 73 -23.53 -10.10 90.11
CA ALA E 73 -23.39 -10.68 88.78
C ALA E 73 -23.14 -12.17 88.87
N PHE E 74 -22.33 -12.58 89.83
CA PHE E 74 -21.99 -13.99 89.95
C PHE E 74 -23.03 -14.75 90.74
N SER E 75 -23.96 -14.03 91.36
CA SER E 75 -24.96 -14.68 92.20
C SER E 75 -25.55 -15.91 91.53
N PHE E 76 -25.31 -17.08 92.10
CA PHE E 76 -25.91 -18.29 91.55
C PHE E 76 -27.40 -18.17 91.73
N GLU E 77 -27.81 -17.37 92.71
CA GLU E 77 -29.22 -17.14 92.90
C GLU E 77 -29.71 -16.36 91.70
N ALA E 78 -28.92 -15.39 91.27
CA ALA E 78 -29.27 -14.63 90.07
C ALA E 78 -29.23 -15.55 88.86
N ILE E 79 -28.17 -16.34 88.76
CA ILE E 79 -28.07 -17.29 87.65
C ILE E 79 -28.29 -18.68 88.23
N PRO E 80 -29.56 -19.10 88.32
CA PRO E 80 -29.84 -20.38 88.97
C PRO E 80 -29.12 -21.54 88.31
N ASN E 81 -29.10 -21.56 86.98
CA ASN E 81 -28.47 -22.67 86.28
C ASN E 81 -26.97 -22.47 86.14
N VAL E 82 -26.20 -23.43 86.64
CA VAL E 82 -24.76 -23.35 86.50
C VAL E 82 -24.43 -23.32 85.02
N LEU E 83 -25.25 -23.98 84.22
CA LEU E 83 -25.01 -24.02 82.79
C LEU E 83 -25.11 -22.65 82.16
N ASP E 84 -26.09 -21.87 82.59
CA ASP E 84 -26.29 -20.54 82.02
C ASP E 84 -25.08 -19.65 82.21
N ALA E 85 -24.24 -19.95 83.19
CA ALA E 85 -23.10 -19.10 83.49
C ALA E 85 -22.21 -18.83 82.28
N HIS E 86 -22.01 -19.83 81.44
CA HIS E 86 -21.11 -19.66 80.30
C HIS E 86 -21.50 -18.44 79.50
N ASP E 87 -22.78 -18.31 79.20
CA ASP E 87 -23.26 -17.15 78.46
C ASP E 87 -23.57 -16.00 79.40
N ALA E 88 -23.81 -16.31 80.66
CA ALA E 88 -24.13 -15.28 81.64
C ALA E 88 -22.93 -14.38 81.90
N LEU E 89 -21.76 -14.98 82.11
CA LEU E 89 -20.56 -14.20 82.40
C LEU E 89 -19.57 -14.31 81.26
N LEU E 90 -20.07 -14.51 80.05
CA LEU E 90 -19.17 -14.72 78.92
C LEU E 90 -18.17 -13.59 78.73
N ASP E 91 -18.65 -12.35 78.76
CA ASP E 91 -17.75 -11.22 78.50
C ASP E 91 -17.27 -10.55 79.77
N THR E 92 -17.56 -11.18 80.91
CA THR E 92 -17.17 -10.59 82.18
C THR E 92 -16.23 -11.50 82.94
N SER E 93 -16.42 -12.81 82.82
CA SER E 93 -15.60 -13.75 83.57
C SER E 93 -14.99 -14.80 82.68
N MET E 94 -15.76 -15.28 81.71
CA MET E 94 -15.26 -16.34 80.84
C MET E 94 -13.99 -15.88 80.14
N LYS E 95 -13.98 -14.63 79.69
CA LYS E 95 -12.79 -14.11 79.03
C LYS E 95 -11.59 -14.15 79.95
N GLN E 96 -11.78 -13.69 81.18
CA GLN E 96 -10.69 -13.71 82.15
C GLN E 96 -10.14 -15.10 82.29
N ILE E 97 -11.03 -16.07 82.47
CA ILE E 97 -10.59 -17.44 82.64
C ILE E 97 -9.74 -17.83 81.45
N LEU E 98 -10.19 -17.48 80.26
CA LEU E 98 -9.45 -17.82 79.05
C LEU E 98 -8.04 -17.29 79.10
N LEU E 99 -7.87 -16.07 79.57
CA LEU E 99 -6.54 -15.47 79.57
C LEU E 99 -5.55 -16.38 80.25
N TRP E 100 -5.84 -16.77 81.48
CA TRP E 100 -4.87 -17.57 82.21
C TRP E 100 -4.72 -18.97 81.64
N ILE E 101 -5.83 -19.59 81.26
CA ILE E 101 -5.73 -20.91 80.67
C ILE E 101 -4.86 -20.82 79.43
N SER E 102 -5.08 -19.81 78.61
CA SER E 102 -4.33 -19.69 77.38
C SER E 102 -2.85 -19.52 77.64
N LEU E 103 -2.51 -18.63 78.56
CA LEU E 103 -1.10 -18.38 78.84
C LEU E 103 -0.44 -19.64 79.32
N MET E 104 -1.10 -20.36 80.23
CA MET E 104 -0.52 -21.57 80.78
C MET E 104 -0.34 -22.63 79.71
N GLU E 105 -1.34 -22.81 78.86
CA GLU E 105 -1.27 -23.85 77.85
C GLU E 105 -0.18 -23.59 76.83
N ALA E 106 0.00 -22.34 76.44
CA ALA E 106 1.00 -21.99 75.44
C ALA E 106 2.41 -22.31 75.91
N MET E 107 2.66 -22.15 77.20
CA MET E 107 4.01 -22.37 77.73
C MET E 107 4.43 -23.83 77.68
N SER E 108 3.48 -24.73 77.46
CA SER E 108 3.79 -26.15 77.41
C SER E 108 4.19 -26.60 76.02
N LEU E 109 4.01 -25.75 75.03
CA LEU E 109 4.30 -26.12 73.65
C LEU E 109 5.72 -26.62 73.48
N GLY E 110 6.66 -26.02 74.20
CA GLY E 110 8.06 -26.40 74.05
C GLY E 110 8.23 -27.89 74.26
N ALA E 111 7.58 -28.42 75.27
CA ALA E 111 7.67 -29.84 75.57
C ALA E 111 6.92 -30.68 74.54
N LEU E 112 5.72 -30.27 74.19
CA LEU E 112 4.90 -31.05 73.26
C LEU E 112 5.36 -30.97 71.81
N SER E 113 6.20 -29.99 71.49
CA SER E 113 6.65 -29.83 70.12
C SER E 113 7.38 -31.06 69.62
N ASN E 114 8.14 -31.70 70.49
CA ASN E 114 8.89 -32.88 70.10
C ASN E 114 8.84 -33.89 71.23
N MET E 115 7.66 -34.38 71.55
CA MET E 115 7.51 -35.30 72.68
C MET E 115 8.36 -36.55 72.53
N ASN E 116 8.34 -37.14 71.34
CA ASN E 116 9.07 -38.39 71.15
C ASN E 116 10.55 -38.25 71.43
N GLU E 117 11.17 -37.20 70.91
CA GLU E 117 12.60 -37.01 71.12
C GLU E 117 12.91 -36.61 72.55
N PHE E 118 12.08 -35.76 73.15
CA PHE E 118 12.30 -35.37 74.54
C PHE E 118 11.96 -36.54 75.43
N ASP E 119 12.41 -36.51 76.68
CA ASP E 119 12.22 -37.65 77.57
C ASP E 119 11.08 -37.49 78.59
N ARG E 120 10.43 -36.34 78.62
CA ARG E 120 9.39 -36.12 79.62
C ARG E 120 8.34 -37.21 79.56
N GLU E 121 7.94 -37.72 80.71
CA GLU E 121 6.87 -38.71 80.73
C GLU E 121 5.56 -38.04 80.37
N PRO E 122 4.83 -38.61 79.41
CA PRO E 122 3.58 -38.00 78.99
C PRO E 122 2.69 -37.66 80.17
N GLY E 123 2.28 -36.41 80.30
CA GLY E 123 1.38 -36.02 81.36
C GLY E 123 2.06 -35.64 82.66
N ASN E 124 3.36 -35.87 82.75
CA ASN E 124 4.08 -35.55 83.97
C ASN E 124 4.67 -34.15 83.88
N PHE E 125 4.04 -33.21 84.56
CA PHE E 125 4.54 -31.84 84.54
C PHE E 125 5.25 -31.50 85.83
N GLY E 126 5.73 -32.52 86.53
CA GLY E 126 6.44 -32.29 87.78
C GLY E 126 5.66 -31.47 88.78
N PHE E 127 4.44 -31.91 89.10
CA PHE E 127 3.60 -31.17 90.03
C PHE E 127 3.22 -32.01 91.22
N ASP E 128 4.01 -31.93 92.29
CA ASP E 128 3.67 -32.65 93.50
C ASP E 128 4.02 -31.73 94.65
N PRO E 129 3.25 -30.66 94.82
CA PRO E 129 3.59 -29.68 95.85
C PRO E 129 3.67 -30.32 97.22
N LEU E 130 2.72 -31.19 97.53
CA LEU E 130 2.69 -31.82 98.85
C LEU E 130 3.69 -32.96 98.91
N GLY E 131 4.42 -33.18 97.83
CA GLY E 131 5.42 -34.22 97.80
C GLY E 131 4.86 -35.51 98.37
N MET E 132 3.74 -35.96 97.84
CA MET E 132 3.11 -37.17 98.37
C MET E 132 2.72 -38.18 97.31
N MET E 133 3.68 -38.67 96.54
CA MET E 133 3.39 -39.72 95.58
C MET E 133 4.10 -40.98 96.02
N PRO E 134 3.38 -42.10 96.04
CA PRO E 134 4.02 -43.30 96.55
C PRO E 134 5.41 -43.44 95.96
N LYS E 135 6.43 -43.41 96.80
CA LYS E 135 7.79 -43.51 96.32
C LYS E 135 7.97 -44.84 95.61
N ASP E 136 7.41 -45.90 96.18
CA ASP E 136 7.56 -47.22 95.59
C ASP E 136 6.93 -47.28 94.21
N ALA E 137 7.68 -47.79 93.24
CA ALA E 137 7.16 -47.87 91.88
C ALA E 137 5.88 -48.66 91.85
N ALA E 138 5.87 -49.78 92.56
CA ALA E 138 4.70 -50.64 92.55
C ALA E 138 3.46 -49.83 92.84
N LYS E 139 3.50 -49.02 93.88
CA LYS E 139 2.34 -48.24 94.24
C LYS E 139 2.28 -46.98 93.39
N ALA E 140 3.43 -46.51 92.96
CA ALA E 140 3.46 -45.31 92.15
C ALA E 140 2.61 -45.56 90.93
N LYS E 141 2.87 -46.68 90.26
CA LYS E 141 2.10 -47.01 89.08
C LYS E 141 0.65 -47.13 89.46
N GLU E 142 0.40 -47.72 90.62
CA GLU E 142 -0.96 -47.89 91.09
C GLU E 142 -1.62 -46.54 91.21
N MET E 143 -0.91 -45.58 91.79
CA MET E 143 -1.46 -44.25 91.95
C MET E 143 -1.80 -43.67 90.60
N GLN E 144 -0.90 -43.82 89.65
CA GLN E 144 -1.15 -43.31 88.31
C GLN E 144 -2.39 -43.97 87.76
N LEU E 145 -2.52 -45.26 87.98
CA LEU E 145 -3.66 -46.00 87.48
C LEU E 145 -4.95 -45.45 88.07
N LYS E 146 -4.91 -45.10 89.35
CA LYS E 146 -6.08 -44.53 89.99
C LYS E 146 -6.46 -43.25 89.29
N GLU E 147 -5.48 -42.41 89.01
CA GLU E 147 -5.76 -41.14 88.37
C GLU E 147 -6.45 -41.39 87.06
N LEU E 148 -5.89 -42.27 86.25
CA LEU E 148 -6.48 -42.54 84.95
C LEU E 148 -7.88 -43.06 85.10
N LYS E 149 -8.07 -44.04 85.97
CA LYS E 149 -9.39 -44.65 86.13
C LYS E 149 -10.41 -43.61 86.60
N ASN E 150 -10.05 -42.84 87.61
CA ASN E 150 -10.97 -41.84 88.12
C ASN E 150 -11.24 -40.80 87.05
N GLY E 151 -10.19 -40.39 86.34
CA GLY E 151 -10.34 -39.39 85.29
C GLY E 151 -11.24 -39.87 84.18
N ARG E 152 -11.06 -41.13 83.78
CA ARG E 152 -11.90 -41.69 82.73
C ARG E 152 -13.34 -41.67 83.19
N LEU E 153 -13.56 -42.03 84.44
CA LEU E 153 -14.91 -42.01 84.99
C LEU E 153 -15.45 -40.60 84.90
N ALA E 154 -14.63 -39.63 85.29
CA ALA E 154 -15.07 -38.25 85.27
C ALA E 154 -15.48 -37.82 83.88
N MET E 155 -14.67 -38.14 82.88
CA MET E 155 -14.99 -37.72 81.54
C MET E 155 -16.40 -38.13 81.24
N VAL E 156 -16.69 -39.41 81.44
CA VAL E 156 -18.03 -39.91 81.15
C VAL E 156 -19.03 -39.25 82.05
N ALA E 157 -18.64 -39.05 83.30
CA ALA E 157 -19.57 -38.47 84.24
C ALA E 157 -20.08 -37.15 83.73
N ILE E 158 -19.18 -36.24 83.40
CA ILE E 158 -19.62 -34.92 83.00
C ILE E 158 -20.67 -34.99 81.93
N GLY E 159 -20.48 -35.86 80.96
CA GLY E 159 -21.42 -35.91 79.87
C GLY E 159 -22.82 -36.15 80.38
N GLY E 160 -22.96 -37.13 81.25
CA GLY E 160 -24.27 -37.45 81.78
C GLY E 160 -24.81 -36.30 82.58
N MET E 161 -23.97 -35.77 83.43
CA MET E 161 -24.40 -34.65 84.22
C MET E 161 -25.00 -33.65 83.30
N VAL E 162 -24.17 -32.92 82.63
CA VAL E 162 -24.68 -31.85 81.78
C VAL E 162 -25.89 -32.27 81.00
N HIS E 163 -25.76 -33.29 80.17
CA HIS E 163 -26.88 -33.68 79.32
C HIS E 163 -28.10 -33.87 80.17
N GLY E 164 -27.99 -34.69 81.20
CA GLY E 164 -29.11 -34.89 82.10
C GLY E 164 -29.86 -33.61 82.37
N ALA E 165 -29.14 -32.54 82.63
CA ALA E 165 -29.79 -31.30 82.96
C ALA E 165 -30.51 -30.82 81.74
N ILE E 166 -29.84 -30.92 80.60
CA ILE E 166 -30.49 -30.56 79.35
C ILE E 166 -31.81 -31.29 79.22
N THR E 167 -32.07 -32.21 80.14
CA THR E 167 -33.29 -32.99 80.10
C THR E 167 -33.95 -33.06 81.47
N THR E 168 -33.74 -32.05 82.29
CA THR E 168 -34.33 -32.04 83.63
C THR E 168 -34.44 -30.63 84.20
N GLY E 169 -35.00 -30.51 85.40
CA GLY E 169 -35.14 -29.22 86.02
C GLY E 169 -33.92 -28.88 86.86
N HIS E 170 -33.03 -28.05 86.32
CA HIS E 170 -31.82 -27.66 87.04
C HIS E 170 -31.20 -26.40 86.43
N ALA F 1 55.39 48.86 6.12
CA ALA F 1 56.14 47.66 6.48
C ALA F 1 55.22 46.58 7.02
N GLU F 2 55.32 46.32 8.31
CA GLU F 2 54.49 45.29 8.91
C GLU F 2 53.16 45.85 9.38
N MET F 3 53.05 47.17 9.45
CA MET F 3 51.79 47.80 9.86
C MET F 3 51.36 48.88 8.88
N SER F 4 50.06 48.95 8.60
CA SER F 4 49.57 49.93 7.64
C SER F 4 49.59 51.33 8.21
N LYS F 5 49.85 52.31 7.36
CA LYS F 5 49.88 53.70 7.81
C LYS F 5 48.52 54.19 8.25
N ALA F 6 47.51 53.97 7.43
CA ALA F 6 46.17 54.45 7.75
C ALA F 6 45.66 53.77 8.99
N MET F 7 45.94 52.47 9.11
CA MET F 7 45.49 51.72 10.26
C MET F 7 46.72 51.20 10.97
N PRO F 8 47.29 52.00 11.87
CA PRO F 8 48.54 51.60 12.52
C PRO F 8 48.37 50.33 13.34
N PHE F 9 47.14 49.93 13.63
CA PHE F 9 46.91 48.73 14.44
C PHE F 9 46.70 47.49 13.59
N LEU F 10 46.82 47.61 12.27
CA LEU F 10 46.59 46.47 11.39
C LEU F 10 47.77 46.23 10.47
N ILE F 11 48.03 44.97 10.16
CA ILE F 11 49.16 44.63 9.30
C ILE F 11 49.03 45.29 7.94
N ASN F 12 50.13 45.75 7.38
CA ASN F 12 50.11 46.43 6.09
C ASN F 12 49.56 45.53 5.00
N PRO F 13 48.62 46.04 4.21
CA PRO F 13 48.11 45.25 3.10
C PRO F 13 49.09 45.27 1.93
N ALA F 14 49.68 44.13 1.61
CA ALA F 14 50.57 44.07 0.46
C ALA F 14 49.73 44.20 -0.79
N ASN F 15 50.37 44.38 -1.94
CA ASN F 15 49.64 44.58 -3.19
C ASN F 15 49.08 45.97 -3.18
N THR F 16 49.15 46.63 -2.03
CA THR F 16 48.69 47.99 -1.91
C THR F 16 49.96 48.77 -1.68
N ASP F 17 51.04 48.31 -2.28
CA ASP F 17 52.33 48.94 -2.03
C ASP F 17 52.92 49.58 -3.27
N GLY F 18 53.24 50.86 -3.18
CA GLY F 18 53.87 51.54 -4.29
C GLY F 18 52.85 52.00 -5.31
N LEU F 19 51.57 51.85 -5.01
CA LEU F 19 50.57 52.36 -5.93
C LEU F 19 50.41 53.86 -5.75
N ILE F 20 49.72 54.53 -6.66
CA ILE F 20 49.63 56.00 -6.61
C ILE F 20 49.04 56.59 -5.33
N GLY F 21 47.86 56.13 -4.93
CA GLY F 21 47.21 56.72 -3.77
C GLY F 21 47.22 55.82 -2.56
N SER F 22 48.16 54.88 -2.52
CA SER F 22 48.19 53.91 -1.42
C SER F 22 48.50 54.52 -0.08
N ASN F 23 47.66 54.24 0.91
CA ASN F 23 47.93 54.71 2.27
C ASN F 23 47.87 53.48 3.17
N GLY F 24 47.78 52.31 2.56
CA GLY F 24 47.70 51.08 3.34
C GLY F 24 46.29 50.80 3.81
N PHE F 25 45.31 51.43 3.19
CA PHE F 25 43.92 51.26 3.62
C PHE F 25 43.20 50.15 2.87
N ASP F 26 43.35 48.92 3.34
CA ASP F 26 42.60 47.81 2.74
C ASP F 26 42.30 46.82 3.85
N PRO F 27 41.49 47.23 4.81
CA PRO F 27 41.22 46.36 5.96
C PRO F 27 40.56 45.04 5.57
N LEU F 28 39.70 45.04 4.56
CA LEU F 28 38.98 43.82 4.20
C LEU F 28 39.70 42.98 3.17
N GLY F 29 40.92 43.37 2.80
CA GLY F 29 41.71 42.58 1.88
C GLY F 29 41.12 42.27 0.52
N PHE F 30 40.46 43.25 -0.09
CA PHE F 30 39.94 43.06 -1.43
C PHE F 30 41.07 42.87 -2.41
N SER F 31 42.24 43.42 -2.08
CA SER F 31 43.37 43.35 -3.00
C SER F 31 43.95 41.94 -3.10
N ASP F 32 43.56 41.06 -2.21
CA ASP F 32 44.06 39.70 -2.24
C ASP F 32 43.08 38.81 -2.97
N THR F 33 41.80 38.98 -2.66
CA THR F 33 40.78 38.20 -3.31
C THR F 33 40.70 38.52 -4.80
N PHE F 34 40.79 39.79 -5.15
CA PHE F 34 40.64 40.19 -6.56
C PHE F 34 41.89 40.85 -7.11
N ASP F 35 41.92 41.05 -8.43
CA ASP F 35 43.10 41.64 -9.07
C ASP F 35 43.24 43.11 -8.77
N ILE F 36 44.47 43.57 -8.59
CA ILE F 36 44.71 44.97 -8.29
C ILE F 36 44.42 45.86 -9.49
N LYS F 37 44.75 45.40 -10.69
CA LYS F 37 44.56 46.22 -11.87
C LYS F 37 43.09 46.58 -12.06
N TRP F 38 42.21 45.59 -11.95
CA TRP F 38 40.80 45.85 -12.11
C TRP F 38 40.35 46.84 -11.06
N LEU F 39 40.79 46.65 -9.83
CA LEU F 39 40.39 47.53 -8.75
C LEU F 39 40.85 48.95 -9.02
N GLN F 40 42.08 49.11 -9.47
CA GLN F 40 42.60 50.44 -9.75
C GLN F 40 41.79 51.11 -10.84
N GLU F 41 41.54 50.38 -11.92
CA GLU F 41 40.78 50.94 -13.02
C GLU F 41 39.42 51.36 -12.54
N SER F 42 38.78 50.53 -11.74
CA SER F 42 37.44 50.83 -11.26
C SER F 42 37.44 52.09 -10.43
N GLU F 43 38.42 52.24 -9.56
CA GLU F 43 38.46 53.40 -8.68
C GLU F 43 38.55 54.65 -9.51
N ILE F 44 39.47 54.66 -10.47
CA ILE F 44 39.67 55.84 -11.29
C ILE F 44 38.39 56.17 -12.05
N LYS F 45 37.76 55.16 -12.63
CA LYS F 45 36.55 55.38 -13.41
C LYS F 45 35.44 55.93 -12.54
N HIS F 46 35.23 55.31 -11.39
CA HIS F 46 34.20 55.79 -10.49
C HIS F 46 34.49 57.24 -10.18
N GLY F 47 35.74 57.56 -9.89
CA GLY F 47 36.09 58.92 -9.52
C GLY F 47 35.77 59.90 -10.62
N ARG F 48 36.21 59.62 -11.83
CA ARG F 48 35.98 60.52 -12.95
C ARG F 48 34.50 60.76 -13.15
N VAL F 49 33.71 59.69 -13.14
CA VAL F 49 32.28 59.83 -13.30
C VAL F 49 31.69 60.67 -12.19
N ALA F 50 32.11 60.41 -10.96
CA ALA F 50 31.59 61.15 -9.82
C ALA F 50 31.93 62.63 -9.93
N MET F 51 33.15 62.93 -10.33
CA MET F 51 33.53 64.33 -10.51
C MET F 51 32.52 65.00 -11.39
N LEU F 52 32.34 64.46 -12.59
CA LEU F 52 31.42 65.08 -13.54
C LEU F 52 30.04 65.18 -12.96
N ALA F 53 29.59 64.12 -12.32
CA ALA F 53 28.23 64.12 -11.79
C ALA F 53 28.06 65.23 -10.79
N SER F 54 29.04 65.40 -9.91
CA SER F 54 28.94 66.42 -8.89
C SER F 54 28.80 67.78 -9.54
N ALA F 55 29.66 68.06 -10.50
CA ALA F 55 29.61 69.34 -11.18
C ALA F 55 28.26 69.55 -11.82
N GLY F 56 27.76 68.54 -12.53
CA GLY F 56 26.49 68.66 -13.21
C GLY F 56 25.35 68.86 -12.23
N PHE F 57 25.40 68.16 -11.11
CA PHE F 57 24.33 68.25 -10.14
C PHE F 57 24.19 69.69 -9.69
N ILE F 58 25.32 70.37 -9.54
CA ILE F 58 25.29 71.77 -9.13
C ILE F 58 24.85 72.67 -10.26
N ALA F 59 25.43 72.50 -11.44
CA ALA F 59 25.12 73.40 -12.56
C ALA F 59 23.67 73.41 -12.98
N SER F 60 23.09 72.24 -13.18
CA SER F 60 21.72 72.17 -13.68
C SER F 60 20.78 73.04 -12.86
N GLN F 61 20.99 73.07 -11.55
CA GLN F 61 20.09 73.82 -10.68
C GLN F 61 20.08 75.31 -11.03
N PHE F 62 21.20 75.83 -11.51
CA PHE F 62 21.27 77.26 -11.78
C PHE F 62 21.23 77.60 -13.27
N VAL F 63 21.76 76.74 -14.10
CA VAL F 63 21.77 76.99 -15.55
C VAL F 63 21.24 75.81 -16.33
N ASN F 64 20.47 76.07 -17.37
CA ASN F 64 19.97 75.00 -18.23
C ASN F 64 20.36 75.21 -19.67
N PHE F 65 20.64 74.12 -20.38
CA PHE F 65 20.97 74.22 -21.79
C PHE F 65 19.79 74.78 -22.55
N PRO F 66 20.05 75.44 -23.69
CA PRO F 66 18.96 76.07 -24.43
C PRO F 66 17.84 75.09 -24.73
N MET F 67 18.20 73.86 -25.08
CA MET F 67 17.20 72.86 -25.43
C MET F 67 16.28 72.57 -24.25
N TYR F 68 16.83 72.51 -23.05
CA TYR F 68 16.03 72.16 -21.89
C TYR F 68 15.66 73.37 -21.07
N SER F 69 15.81 74.56 -21.65
CA SER F 69 15.52 75.79 -20.92
C SER F 69 14.09 75.79 -20.41
N SER F 70 13.17 75.27 -21.22
CA SER F 70 11.76 75.24 -20.82
C SER F 70 11.58 74.42 -19.54
N MET F 71 12.22 73.27 -19.47
CA MET F 71 12.06 72.42 -18.31
C MET F 71 13.20 72.63 -17.34
N HIS F 72 12.93 73.29 -16.22
CA HIS F 72 13.96 73.51 -15.22
C HIS F 72 13.56 72.94 -13.88
N VAL F 73 14.36 72.04 -13.34
CA VAL F 73 14.09 71.48 -12.03
C VAL F 73 15.24 71.77 -11.10
N ASP F 74 14.97 72.46 -10.00
CA ASP F 74 16.02 72.78 -9.05
C ASP F 74 16.47 71.58 -8.25
N ASP F 75 15.54 70.66 -7.97
CA ASP F 75 15.88 69.48 -7.17
C ASP F 75 16.98 68.67 -7.83
N SER F 76 17.05 68.70 -9.15
CA SER F 76 18.07 67.94 -9.89
C SER F 76 17.78 66.45 -9.83
N ASN F 77 17.40 65.94 -8.67
CA ASN F 77 17.04 64.53 -8.57
C ASN F 77 15.85 64.26 -9.46
N MET F 78 15.05 65.29 -9.73
CA MET F 78 13.86 65.11 -10.54
C MET F 78 14.13 65.35 -12.02
N ALA F 79 15.32 65.81 -12.35
CA ALA F 79 15.67 66.05 -13.74
C ALA F 79 15.56 64.79 -14.58
N PRO F 80 16.09 63.66 -14.07
CA PRO F 80 16.05 62.48 -14.93
C PRO F 80 14.64 62.25 -15.46
N THR F 81 13.63 62.39 -14.61
CA THR F 81 12.26 62.15 -15.04
C THR F 81 11.80 63.14 -16.09
N VAL F 82 12.07 64.42 -15.87
CA VAL F 82 11.59 65.44 -16.80
C VAL F 82 12.20 65.26 -18.18
N VAL F 83 13.47 64.89 -18.24
CA VAL F 83 14.15 64.71 -19.53
C VAL F 83 13.52 63.57 -20.31
N GLY F 84 13.19 62.48 -19.63
CA GLY F 84 12.56 61.35 -20.31
C GLY F 84 13.40 60.09 -20.31
N ILE F 85 12.75 58.94 -20.35
CA ILE F 85 13.47 57.68 -20.35
C ILE F 85 14.32 57.53 -21.60
N SER F 86 13.78 57.91 -22.74
CA SER F 86 14.50 57.76 -23.99
C SER F 86 15.82 58.51 -23.93
N ALA F 87 15.77 59.77 -23.51
CA ALA F 87 16.99 60.56 -23.45
C ALA F 87 17.99 59.91 -22.52
N MET F 88 17.52 59.45 -21.38
CA MET F 88 18.40 58.79 -20.44
C MET F 88 19.01 57.56 -21.08
N LEU F 89 18.19 56.76 -21.75
CA LEU F 89 18.69 55.55 -22.38
C LEU F 89 19.64 55.84 -23.52
N GLN F 90 19.39 56.91 -24.27
CA GLN F 90 20.29 57.27 -25.33
C GLN F 90 21.67 57.48 -24.75
N ILE F 91 21.74 58.21 -23.65
CA ILE F 91 23.01 58.48 -23.02
C ILE F 91 23.70 57.19 -22.58
N VAL F 92 22.96 56.32 -21.91
CA VAL F 92 23.58 55.09 -21.40
C VAL F 92 24.02 54.18 -22.54
N CYS F 93 23.20 54.07 -23.58
CA CYS F 93 23.55 53.22 -24.71
C CYS F 93 24.77 53.75 -25.42
N ALA F 94 24.82 55.05 -25.61
CA ALA F 94 25.95 55.66 -26.28
C ALA F 94 27.20 55.47 -25.46
N ALA F 95 27.06 55.53 -24.14
CA ALA F 95 28.19 55.29 -23.28
C ALA F 95 28.70 53.90 -23.52
N GLY F 96 27.80 52.96 -23.68
CA GLY F 96 28.18 51.58 -23.91
C GLY F 96 29.04 51.42 -25.15
N VAL F 97 28.63 52.05 -26.25
CA VAL F 97 29.38 51.91 -27.48
C VAL F 97 30.77 52.46 -27.28
N GLU F 98 30.88 53.56 -26.55
CA GLU F 98 32.18 54.17 -26.34
C GLU F 98 33.03 53.30 -25.44
N GLU F 99 32.43 52.72 -24.41
CA GLU F 99 33.17 51.84 -23.53
C GLU F 99 33.74 50.68 -24.31
N TRP F 100 32.92 50.08 -25.17
CA TRP F 100 33.37 48.97 -25.97
C TRP F 100 34.51 49.40 -26.87
N ARG F 101 34.37 50.55 -27.50
CA ARG F 101 35.40 51.03 -28.41
C ARG F 101 36.72 51.21 -27.71
N THR F 102 36.69 51.89 -26.57
CA THR F 102 37.93 52.18 -25.87
C THR F 102 38.63 50.92 -25.40
N TYR F 103 37.88 49.98 -24.85
CA TYR F 103 38.47 48.75 -24.33
C TYR F 103 38.64 47.71 -25.42
N LYS F 104 38.21 48.04 -26.63
CA LYS F 104 38.37 47.12 -27.75
C LYS F 104 37.77 45.75 -27.50
N GLY F 105 36.60 45.71 -26.88
CA GLY F 105 35.93 44.44 -26.66
C GLY F 105 36.33 43.71 -25.41
N GLN F 106 37.40 44.14 -24.76
CA GLN F 106 37.82 43.53 -23.52
C GLN F 106 37.07 44.22 -22.40
N VAL F 107 35.78 43.98 -22.32
CA VAL F 107 34.96 44.70 -21.34
C VAL F 107 34.55 43.85 -20.14
N THR F 108 35.17 42.70 -19.95
CA THR F 108 34.83 41.84 -18.83
C THR F 108 35.96 41.75 -17.84
N MET F 109 35.66 41.36 -16.61
CA MET F 109 36.69 41.29 -15.57
C MET F 109 37.76 40.28 -15.95
N GLU F 110 37.44 39.38 -16.87
CA GLU F 110 38.39 38.35 -17.25
C GLU F 110 39.18 38.71 -18.50
N ASP F 111 38.87 39.83 -19.13
CA ASP F 111 39.53 40.17 -20.38
C ASP F 111 40.11 41.58 -20.43
N MET F 112 39.66 42.47 -19.58
CA MET F 112 40.10 43.86 -19.69
C MET F 112 41.61 43.98 -19.72
N PHE F 113 42.30 43.25 -18.85
CA PHE F 113 43.74 43.35 -18.79
C PHE F 113 44.40 42.07 -19.28
N THR F 114 43.91 41.54 -20.39
CA THR F 114 44.52 40.35 -20.96
C THR F 114 44.95 40.63 -22.39
N GLY F 115 45.77 39.75 -22.95
CA GLY F 115 46.21 39.91 -24.32
C GLY F 115 46.96 41.20 -24.56
N ASP F 116 46.59 41.92 -25.61
CA ASP F 116 47.29 43.15 -25.95
C ASP F 116 47.23 44.18 -24.84
N MET F 117 46.09 44.26 -24.16
CA MET F 117 45.92 45.26 -23.13
C MET F 117 46.43 44.75 -21.80
N ALA F 118 47.15 43.65 -21.82
CA ALA F 118 47.69 43.09 -20.58
C ALA F 118 48.68 44.04 -19.93
N ASP F 119 49.28 44.91 -20.73
CA ASP F 119 50.28 45.83 -20.21
C ASP F 119 49.73 47.22 -19.99
N ARG F 120 48.44 47.40 -20.25
CA ARG F 120 47.83 48.72 -20.12
C ARG F 120 47.91 49.22 -18.70
N THR F 121 48.25 50.49 -18.52
CA THR F 121 48.29 51.07 -17.18
C THR F 121 46.89 51.44 -16.76
N PRO F 122 46.45 50.93 -15.62
CA PRO F 122 45.08 51.18 -15.19
C PRO F 122 44.72 52.66 -15.26
N GLY F 123 43.62 52.99 -15.93
CA GLY F 123 43.18 54.37 -15.99
C GLY F 123 43.76 55.18 -17.14
N ASP F 124 44.64 54.58 -17.92
CA ASP F 124 45.27 55.30 -19.01
C ASP F 124 44.58 55.01 -20.32
N PHE F 125 44.09 56.06 -20.98
CA PHE F 125 43.44 55.89 -22.26
C PHE F 125 44.17 56.68 -23.33
N GLY F 126 45.15 57.48 -22.91
CA GLY F 126 45.91 58.28 -23.85
C GLY F 126 45.20 59.58 -24.20
N PHE F 127 44.19 59.95 -23.43
CA PHE F 127 43.44 61.16 -23.73
C PHE F 127 44.11 62.38 -23.14
N ASP F 128 44.86 63.11 -23.97
CA ASP F 128 45.48 64.35 -23.51
C ASP F 128 45.50 65.33 -24.66
N PRO F 129 44.33 65.84 -25.03
CA PRO F 129 44.26 66.78 -26.15
C PRO F 129 45.10 68.02 -25.90
N MET F 130 45.00 68.59 -24.70
CA MET F 130 45.78 69.77 -24.37
C MET F 130 47.27 69.44 -24.35
N GLY F 131 47.58 68.17 -24.09
CA GLY F 131 48.97 67.76 -24.04
C GLY F 131 49.69 68.39 -22.87
N GLN F 132 48.96 68.68 -21.81
CA GLN F 132 49.56 69.33 -20.64
C GLN F 132 50.53 68.41 -19.92
N LEU F 133 50.51 67.13 -20.25
CA LEU F 133 51.43 66.19 -19.64
C LEU F 133 52.63 66.04 -20.55
N LYS F 134 52.94 67.08 -21.32
CA LYS F 134 54.04 67.02 -22.28
C LYS F 134 55.43 67.20 -21.66
N GLY F 135 56.37 66.33 -22.03
CA GLY F 135 57.74 66.47 -21.57
C GLY F 135 57.90 66.68 -20.08
N LYS F 136 56.94 66.20 -19.29
CA LYS F 136 57.00 66.37 -17.84
C LYS F 136 57.78 65.23 -17.20
N SER F 137 58.32 65.48 -16.02
CA SER F 137 59.07 64.45 -15.32
C SER F 137 58.14 63.36 -14.83
N GLU F 138 58.68 62.17 -14.63
CA GLU F 138 57.87 61.07 -14.15
C GLU F 138 57.20 61.48 -12.85
N ALA F 139 57.96 62.15 -12.00
CA ALA F 139 57.41 62.60 -10.74
C ALA F 139 56.21 63.48 -10.97
N ALA F 140 56.33 64.41 -11.90
CA ALA F 140 55.24 65.34 -12.16
C ALA F 140 54.01 64.58 -12.62
N VAL F 141 54.21 63.62 -13.50
CA VAL F 141 53.10 62.81 -13.96
C VAL F 141 52.45 62.13 -12.78
N ASN F 142 53.27 61.53 -11.92
CA ASN F 142 52.74 60.81 -10.77
C ASN F 142 51.96 61.72 -9.82
N GLU F 143 52.49 62.91 -9.56
CA GLU F 143 51.80 63.83 -8.67
C GLU F 143 50.46 64.19 -9.27
N MET F 144 50.41 64.32 -10.59
CA MET F 144 49.18 64.69 -11.24
C MET F 144 48.15 63.58 -11.06
N LYS F 145 48.59 62.35 -11.21
CA LYS F 145 47.70 61.22 -11.03
C LYS F 145 47.16 61.21 -9.62
N LEU F 146 48.01 61.51 -8.66
CA LEU F 146 47.58 61.53 -7.27
C LEU F 146 46.48 62.55 -7.09
N LYS F 147 46.64 63.70 -7.71
CA LYS F 147 45.62 64.73 -7.61
C LYS F 147 44.30 64.21 -8.13
N GLU F 148 44.35 63.55 -9.27
CA GLU F 148 43.14 63.03 -9.87
C GLU F 148 42.47 62.07 -8.90
N ILE F 149 43.24 61.14 -8.36
CA ILE F 149 42.69 60.14 -7.45
C ILE F 149 42.08 60.80 -6.22
N LYS F 150 42.80 61.69 -5.59
CA LYS F 150 42.30 62.29 -4.36
C LYS F 150 41.03 63.08 -4.61
N ASN F 151 41.03 63.89 -5.66
CA ASN F 151 39.85 64.67 -5.99
C ASN F 151 38.72 63.73 -6.33
N GLY F 152 39.04 62.62 -6.99
CA GLY F 152 38.03 61.66 -7.37
C GLY F 152 37.37 61.01 -6.17
N ARG F 153 38.17 60.60 -5.21
CA ARG F 153 37.63 59.98 -4.01
C ARG F 153 36.70 60.97 -3.34
N LEU F 154 37.11 62.24 -3.29
CA LEU F 154 36.27 63.26 -2.68
C LEU F 154 34.95 63.38 -3.41
N ALA F 155 35.01 63.38 -4.75
CA ALA F 155 33.80 63.53 -5.53
C ALA F 155 32.85 62.37 -5.30
N MET F 156 33.40 61.17 -5.18
CA MET F 156 32.56 60.00 -4.98
C MET F 156 31.74 60.16 -3.71
N LEU F 157 32.37 60.59 -2.63
CA LEU F 157 31.64 60.82 -1.39
C LEU F 157 30.68 61.98 -1.53
N ALA F 158 31.11 63.03 -2.23
CA ALA F 158 30.29 64.22 -2.38
C ALA F 158 29.00 63.99 -3.13
N ILE F 159 29.07 63.31 -4.27
CA ILE F 159 27.87 63.14 -5.09
C ILE F 159 26.80 62.39 -4.31
N GLY F 160 27.20 61.36 -3.59
CA GLY F 160 26.23 60.59 -2.82
C GLY F 160 25.57 61.49 -1.81
N GLY F 161 26.37 62.31 -1.15
CA GLY F 161 25.83 63.20 -0.15
C GLY F 161 24.82 64.15 -0.76
N MET F 162 25.16 64.73 -1.90
CA MET F 162 24.27 65.69 -2.52
C MET F 162 22.93 65.05 -2.85
N ILE F 163 22.96 63.90 -3.48
CA ILE F 163 21.74 63.25 -3.89
C ILE F 163 20.89 62.91 -2.67
N HIS F 164 21.51 62.29 -1.68
CA HIS F 164 20.76 61.88 -0.50
C HIS F 164 20.31 63.08 0.32
N HIS F 165 21.07 64.17 0.24
CA HIS F 165 20.66 65.38 0.94
C HIS F 165 19.31 65.82 0.43
N ASN F 166 19.18 65.92 -0.88
CA ASN F 166 17.93 66.36 -1.46
C ASN F 166 16.81 65.42 -1.11
N PHE F 167 17.09 64.12 -1.11
CA PHE F 167 16.07 63.14 -0.75
C PHE F 167 15.58 63.40 0.66
N VAL F 168 16.51 63.57 1.60
CA VAL F 168 16.13 63.78 2.98
C VAL F 168 15.56 65.17 3.24
N THR F 169 16.26 66.20 2.82
CA THR F 169 15.81 67.56 3.06
C THR F 169 14.52 67.83 2.31
N GLY F 170 14.38 67.26 1.12
CA GLY F 170 13.15 67.44 0.37
C GLY F 170 13.22 68.50 -0.72
N GLU F 171 14.26 69.32 -0.69
CA GLU F 171 14.34 70.41 -1.66
C GLU F 171 15.70 70.49 -2.35
N ALA F 172 15.88 71.52 -3.17
CA ALA F 172 17.13 71.69 -3.90
C ALA F 172 18.31 71.88 -2.98
N LEU F 173 19.48 71.45 -3.42
CA LEU F 173 20.67 71.56 -2.60
C LEU F 173 20.93 72.98 -2.16
N PHE F 174 20.62 73.96 -3.00
CA PHE F 174 20.94 75.34 -2.67
C PHE F 174 19.70 76.22 -2.77
N GLU G 1 -3.34 -25.89 -72.62
CA GLU G 1 -2.95 -24.53 -72.29
C GLU G 1 -4.14 -23.57 -72.36
N MET G 2 -4.78 -23.50 -73.52
CA MET G 2 -5.91 -22.60 -73.68
C MET G 2 -7.23 -23.30 -73.36
N SER G 3 -8.12 -22.61 -72.67
CA SER G 3 -9.40 -23.21 -72.29
C SER G 3 -10.23 -23.59 -73.49
N LYS G 4 -10.95 -24.69 -73.40
CA LYS G 4 -11.82 -25.11 -74.48
C LYS G 4 -13.06 -24.22 -74.52
N SER G 5 -13.64 -23.96 -73.35
CA SER G 5 -14.83 -23.13 -73.29
C SER G 5 -14.54 -21.70 -73.72
N ILE G 6 -13.48 -21.11 -73.18
CA ILE G 6 -13.09 -19.77 -73.58
C ILE G 6 -11.81 -19.91 -74.35
N PRO G 7 -11.88 -19.79 -75.67
CA PRO G 7 -10.69 -20.03 -76.50
C PRO G 7 -9.56 -19.02 -76.35
N PHE G 8 -9.81 -17.86 -75.75
CA PHE G 8 -8.78 -16.84 -75.66
C PHE G 8 -8.18 -16.69 -74.26
N LEU G 9 -8.34 -17.71 -73.43
CA LEU G 9 -7.78 -17.66 -72.08
C LEU G 9 -7.03 -18.95 -71.75
N THR G 10 -6.08 -18.86 -70.83
CA THR G 10 -5.32 -20.04 -70.44
C THR G 10 -6.05 -20.81 -69.35
N VAL G 11 -6.11 -22.13 -69.48
CA VAL G 11 -6.85 -22.94 -68.52
C VAL G 11 -6.09 -23.12 -67.21
N PRO G 12 -6.79 -22.99 -66.08
CA PRO G 12 -6.13 -23.20 -64.80
C PRO G 12 -5.62 -24.63 -64.69
N GLU G 13 -4.54 -24.86 -63.96
CA GLU G 13 -3.95 -26.19 -63.91
C GLU G 13 -4.87 -27.27 -63.35
N LYS G 14 -5.53 -26.99 -62.24
CA LYS G 14 -6.35 -28.03 -61.61
C LYS G 14 -7.41 -28.57 -62.54
N LEU G 15 -7.92 -27.73 -63.44
CA LEU G 15 -8.89 -28.20 -64.40
C LEU G 15 -8.15 -28.99 -65.45
N ASP G 16 -8.11 -30.31 -65.29
CA ASP G 16 -7.35 -31.15 -66.22
C ASP G 16 -8.22 -32.11 -67.00
N GLY G 17 -9.53 -32.05 -66.81
CA GLY G 17 -10.43 -32.93 -67.54
C GLY G 17 -10.77 -34.20 -66.78
N SER G 18 -10.17 -34.38 -65.61
CA SER G 18 -10.44 -35.56 -64.81
C SER G 18 -11.89 -35.60 -64.33
N MET G 19 -12.35 -34.51 -63.74
CA MET G 19 -13.71 -34.50 -63.19
C MET G 19 -14.75 -34.28 -64.26
N ALA G 20 -15.97 -34.70 -63.99
CA ALA G 20 -17.06 -34.52 -64.95
C ALA G 20 -17.41 -33.05 -65.07
N GLY G 21 -17.74 -32.62 -66.27
CA GLY G 21 -18.15 -31.24 -66.48
C GLY G 21 -16.99 -30.27 -66.53
N ASP G 22 -15.79 -30.78 -66.78
CA ASP G 22 -14.63 -29.91 -66.87
C ASP G 22 -14.47 -29.39 -68.28
N VAL G 23 -15.12 -28.28 -68.59
CA VAL G 23 -14.97 -27.68 -69.91
C VAL G 23 -13.91 -26.60 -69.83
N GLY G 24 -13.04 -26.69 -68.84
CA GLY G 24 -12.00 -25.69 -68.67
C GLY G 24 -12.53 -24.31 -68.38
N PHE G 25 -13.51 -24.21 -67.50
CA PHE G 25 -14.11 -22.91 -67.20
C PHE G 25 -13.78 -22.41 -65.80
N ASP G 26 -12.82 -21.51 -65.69
CA ASP G 26 -12.50 -20.90 -64.41
C ASP G 26 -11.82 -19.59 -64.72
N PRO G 27 -12.56 -18.63 -65.28
CA PRO G 27 -11.95 -17.37 -65.68
C PRO G 27 -11.34 -16.61 -64.52
N MET G 28 -11.97 -16.64 -63.35
CA MET G 28 -11.48 -15.86 -62.21
C MET G 28 -10.44 -16.61 -61.40
N GLY G 29 -10.09 -17.83 -61.82
CA GLY G 29 -9.06 -18.58 -61.12
C GLY G 29 -9.31 -18.88 -59.67
N LEU G 30 -10.51 -19.36 -59.34
CA LEU G 30 -10.83 -19.67 -57.96
C LEU G 30 -10.39 -21.07 -57.59
N SER G 31 -9.72 -21.75 -58.49
CA SER G 31 -9.33 -23.14 -58.23
C SER G 31 -7.92 -23.25 -57.69
N ASP G 32 -7.12 -22.22 -57.85
CA ASP G 32 -5.72 -22.28 -57.44
C ASP G 32 -5.53 -22.31 -55.93
N ILE G 33 -6.23 -21.45 -55.21
CA ILE G 33 -6.03 -21.37 -53.76
C ILE G 33 -6.55 -22.60 -53.05
N GLN G 34 -7.41 -23.35 -53.71
CA GLN G 34 -8.00 -24.53 -53.07
C GLN G 34 -7.08 -25.72 -53.19
N THR G 35 -6.96 -26.50 -52.12
CA THR G 35 -6.13 -27.70 -52.14
C THR G 35 -6.67 -28.68 -53.16
N ASP G 36 -7.98 -28.87 -53.15
CA ASP G 36 -8.61 -29.75 -54.11
C ASP G 36 -10.00 -29.22 -54.41
N LEU G 37 -10.67 -29.78 -55.40
CA LEU G 37 -11.99 -29.30 -55.76
C LEU G 37 -13.08 -30.21 -55.24
N ASN G 38 -12.75 -31.06 -54.28
CA ASN G 38 -13.74 -31.98 -53.74
C ASN G 38 -14.87 -31.28 -53.02
N TYR G 39 -14.53 -30.42 -52.06
CA TYR G 39 -15.56 -29.74 -51.29
C TYR G 39 -16.39 -28.88 -52.21
N ALA G 40 -15.74 -28.24 -53.17
CA ALA G 40 -16.45 -27.41 -54.11
C ALA G 40 -17.41 -28.23 -54.96
N ARG G 41 -17.00 -29.42 -55.36
CA ARG G 41 -17.86 -30.28 -56.16
C ARG G 41 -19.06 -30.73 -55.34
N TRP G 42 -18.84 -31.04 -54.08
CA TRP G 42 -19.96 -31.41 -53.24
C TRP G 42 -20.97 -30.28 -53.26
N ALA G 43 -20.50 -29.06 -53.08
CA ALA G 43 -21.40 -27.92 -53.02
C ALA G 43 -22.11 -27.70 -54.35
N GLU G 44 -21.39 -27.84 -55.45
CA GLU G 44 -21.99 -27.63 -56.75
C GLU G 44 -23.15 -28.57 -56.89
N LEU G 45 -22.92 -29.84 -56.57
CA LEU G 45 -23.98 -30.83 -56.66
C LEU G 45 -25.12 -30.51 -55.72
N LYS G 46 -24.83 -30.20 -54.47
CA LYS G 46 -25.88 -29.94 -53.50
C LYS G 46 -26.71 -28.75 -53.94
N HIS G 47 -26.04 -27.67 -54.30
CA HIS G 47 -26.76 -26.47 -54.71
C HIS G 47 -27.63 -26.79 -55.90
N GLY G 48 -27.09 -27.50 -56.87
CA GLY G 48 -27.84 -27.82 -58.06
C GLY G 48 -29.02 -28.72 -57.81
N ARG G 49 -28.83 -29.73 -56.97
CA ARG G 49 -29.90 -30.67 -56.68
C ARG G 49 -31.06 -29.97 -56.00
N ILE G 50 -30.75 -29.08 -55.06
CA ILE G 50 -31.80 -28.33 -54.38
C ILE G 50 -32.52 -27.46 -55.40
N CYS G 51 -31.76 -26.83 -56.29
CA CYS G 51 -32.37 -25.96 -57.29
C CYS G 51 -33.26 -26.75 -58.24
N MET G 52 -32.86 -27.97 -58.58
CA MET G 52 -33.69 -28.79 -59.44
C MET G 52 -35.05 -28.93 -58.82
N LEU G 53 -35.07 -29.40 -57.59
CA LEU G 53 -36.34 -29.61 -56.91
C LEU G 53 -37.12 -28.32 -56.82
N ALA G 54 -36.43 -27.22 -56.52
CA ALA G 54 -37.11 -25.94 -56.37
C ALA G 54 -37.84 -25.51 -57.63
N VAL G 55 -37.16 -25.57 -58.77
CA VAL G 55 -37.79 -25.12 -60.01
C VAL G 55 -39.01 -25.96 -60.30
N VAL G 56 -38.88 -27.27 -60.16
CA VAL G 56 -40.00 -28.16 -60.41
C VAL G 56 -41.13 -27.82 -59.47
N GLY G 57 -40.82 -27.67 -58.19
CA GLY G 57 -41.86 -27.39 -57.21
C GLY G 57 -42.56 -26.11 -57.50
N MET G 58 -41.81 -25.07 -57.85
CA MET G 58 -42.41 -23.77 -58.08
C MET G 58 -43.43 -23.87 -59.20
N VAL G 59 -43.07 -24.52 -60.29
CA VAL G 59 -43.99 -24.68 -61.40
C VAL G 59 -45.21 -25.47 -60.97
N TRP G 60 -45.01 -26.58 -60.27
CA TRP G 60 -46.13 -27.40 -59.85
C TRP G 60 -47.07 -26.61 -58.98
N GLN G 61 -46.54 -25.95 -57.96
CA GLN G 61 -47.40 -25.22 -57.03
C GLN G 61 -48.20 -24.14 -57.74
N GLU G 62 -47.59 -23.48 -58.71
CA GLU G 62 -48.31 -22.47 -59.47
C GLU G 62 -49.35 -23.08 -60.39
N TYR G 63 -49.00 -24.18 -61.04
CA TYR G 63 -49.92 -24.81 -61.97
C TYR G 63 -50.00 -26.31 -61.76
N GLY G 64 -50.56 -26.74 -60.63
CA GLY G 64 -50.63 -28.16 -60.35
C GLY G 64 -51.53 -28.49 -59.18
N PRO G 65 -51.79 -29.79 -58.98
CA PRO G 65 -52.68 -30.21 -57.89
C PRO G 65 -52.04 -29.98 -56.53
N HIS G 66 -52.66 -29.15 -55.70
CA HIS G 66 -52.14 -28.90 -54.35
C HIS G 66 -52.60 -29.98 -53.39
N LEU G 67 -52.01 -30.01 -52.21
CA LEU G 67 -52.41 -31.00 -51.21
C LEU G 67 -53.74 -30.59 -50.61
N PRO G 68 -54.52 -31.58 -50.16
CA PRO G 68 -55.83 -31.31 -49.59
C PRO G 68 -55.71 -30.44 -48.36
N GLY G 69 -56.60 -29.48 -48.20
CA GLY G 69 -56.58 -28.64 -47.01
C GLY G 69 -56.22 -27.20 -47.30
N ASP G 70 -56.83 -26.28 -46.56
CA ASP G 70 -56.51 -24.88 -46.72
C ASP G 70 -55.14 -24.64 -46.12
N ALA G 71 -54.57 -23.48 -46.35
CA ALA G 71 -53.21 -23.18 -45.88
C ALA G 71 -52.21 -23.94 -46.72
N TYR G 72 -52.72 -24.80 -47.60
CA TYR G 72 -51.86 -25.53 -48.49
C TYR G 72 -52.36 -25.29 -49.89
N ALA G 73 -52.97 -24.13 -50.10
CA ALA G 73 -53.55 -23.83 -51.41
C ALA G 73 -52.93 -22.64 -52.11
N THR G 74 -52.28 -21.75 -51.36
CA THR G 74 -51.74 -20.54 -51.96
C THR G 74 -50.81 -20.88 -53.12
N LYS G 75 -51.12 -20.36 -54.30
CA LYS G 75 -50.29 -20.61 -55.47
C LYS G 75 -48.97 -19.86 -55.39
N ASP G 76 -49.01 -18.66 -54.83
CA ASP G 76 -47.78 -17.87 -54.69
C ASP G 76 -46.75 -18.67 -53.93
N PRO G 77 -45.58 -18.90 -54.55
CA PRO G 77 -44.60 -19.74 -53.87
C PRO G 77 -44.06 -19.07 -52.62
N TRP G 78 -43.86 -17.76 -52.65
CA TRP G 78 -43.30 -17.06 -51.50
C TRP G 78 -44.26 -17.00 -50.33
N GLU G 79 -45.53 -16.76 -50.62
CA GLU G 79 -46.53 -16.68 -49.56
C GLU G 79 -46.75 -18.02 -48.90
N ALA G 80 -46.44 -19.09 -49.61
CA ALA G 80 -46.68 -20.43 -49.08
C ALA G 80 -46.01 -20.62 -47.73
N ILE G 81 -44.77 -20.17 -47.61
CA ILE G 81 -44.04 -20.38 -46.37
C ILE G 81 -44.87 -19.96 -45.18
N SER G 82 -45.28 -18.71 -45.14
CA SER G 82 -46.05 -18.20 -44.01
C SER G 82 -47.37 -18.92 -43.87
N SER G 83 -48.05 -19.15 -44.98
CA SER G 83 -49.35 -19.79 -44.94
C SER G 83 -49.29 -21.15 -44.30
N VAL G 84 -48.34 -21.98 -44.71
CA VAL G 84 -48.27 -23.34 -44.21
C VAL G 84 -47.99 -23.35 -42.71
N GLY G 85 -47.15 -22.44 -42.23
CA GLY G 85 -46.91 -22.36 -40.80
C GLY G 85 -45.55 -22.80 -40.31
N PHE G 86 -45.20 -22.41 -39.10
CA PHE G 86 -43.90 -22.76 -38.53
C PHE G 86 -43.76 -24.25 -38.31
N ALA G 87 -44.81 -24.89 -37.80
CA ALA G 87 -44.72 -26.31 -37.49
C ALA G 87 -44.27 -27.12 -38.69
N SER G 88 -44.94 -26.94 -39.82
CA SER G 88 -44.61 -27.70 -41.00
C SER G 88 -43.18 -27.45 -41.40
N ASN G 89 -42.81 -26.18 -41.48
CA ASN G 89 -41.46 -25.83 -41.92
C ASN G 89 -40.41 -26.40 -40.98
N PHE G 90 -40.65 -26.30 -39.68
CA PHE G 90 -39.66 -26.76 -38.73
C PHE G 90 -39.42 -28.24 -38.88
N GLN G 91 -40.44 -28.99 -39.18
CA GLN G 91 -40.25 -30.41 -39.23
C GLN G 91 -39.39 -30.74 -40.39
N THR G 92 -39.58 -30.09 -41.50
CA THR G 92 -38.72 -30.32 -42.66
C THR G 92 -37.29 -29.95 -42.34
N LEU G 93 -37.10 -28.81 -41.70
CA LEU G 93 -35.74 -28.35 -41.40
C LEU G 93 -35.02 -29.36 -40.54
N LEU G 94 -35.69 -29.88 -39.52
CA LEU G 94 -35.06 -30.85 -38.63
C LEU G 94 -34.66 -32.10 -39.39
N ALA G 95 -35.53 -32.55 -40.29
CA ALA G 95 -35.21 -33.73 -41.08
C ALA G 95 -33.98 -33.50 -41.93
N ILE G 96 -33.92 -32.37 -42.60
CA ILE G 96 -32.78 -32.05 -43.44
C ILE G 96 -31.54 -32.01 -42.59
N GLY G 97 -31.66 -31.46 -41.39
CA GLY G 97 -30.52 -31.36 -40.50
C GLY G 97 -29.98 -32.72 -40.16
N VAL G 98 -30.86 -33.67 -39.89
CA VAL G 98 -30.42 -35.00 -39.52
C VAL G 98 -29.57 -35.58 -40.64
N VAL G 99 -30.09 -35.52 -41.85
CA VAL G 99 -29.35 -36.08 -42.98
C VAL G 99 -28.01 -35.38 -43.13
N GLU G 100 -28.01 -34.06 -43.03
CA GLU G 100 -26.79 -33.30 -43.20
C GLU G 100 -25.74 -33.68 -42.16
N LEU G 101 -26.15 -33.82 -40.92
CA LEU G 101 -25.19 -34.12 -39.86
C LEU G 101 -24.75 -35.58 -39.93
N ALA G 102 -25.61 -36.44 -40.43
CA ALA G 102 -25.28 -37.86 -40.55
C ALA G 102 -24.20 -38.07 -41.60
N ASN G 103 -24.26 -37.31 -42.69
CA ASN G 103 -23.29 -37.48 -43.76
C ASN G 103 -22.16 -36.47 -43.63
N TRP G 104 -22.02 -35.87 -42.46
CA TRP G 104 -21.00 -34.85 -42.26
C TRP G 104 -19.63 -35.30 -42.70
N ASN G 105 -19.23 -36.48 -42.29
CA ASN G 105 -17.90 -36.97 -42.61
C ASN G 105 -17.72 -37.10 -44.12
N LYS G 106 -18.76 -37.53 -44.81
CA LYS G 106 -18.67 -37.65 -46.26
C LYS G 106 -18.36 -36.30 -46.88
N TYR G 107 -19.07 -35.27 -46.46
CA TYR G 107 -18.87 -33.95 -47.02
C TYR G 107 -17.46 -33.46 -46.81
N TYR G 108 -16.90 -33.72 -45.64
CA TYR G 108 -15.57 -33.22 -45.34
C TYR G 108 -14.51 -34.28 -45.52
N GLY G 109 -14.87 -35.39 -46.15
CA GLY G 109 -13.91 -36.48 -46.34
C GLY G 109 -13.27 -36.52 -47.71
N ASP G 110 -12.75 -37.68 -48.09
CA ASP G 110 -12.05 -37.80 -49.38
C ASP G 110 -12.73 -38.78 -50.33
N GLY G 111 -14.02 -39.03 -50.14
CA GLY G 111 -14.72 -39.95 -51.01
C GLY G 111 -15.21 -39.31 -52.29
N THR G 112 -15.89 -40.07 -53.13
CA THR G 112 -16.42 -39.53 -54.36
C THR G 112 -17.36 -38.38 -54.05
N PRO G 113 -17.03 -37.19 -54.53
CA PRO G 113 -17.85 -36.04 -54.19
C PRO G 113 -19.27 -36.23 -54.69
N GLY G 114 -20.25 -36.03 -53.82
CA GLY G 114 -21.64 -36.14 -54.24
C GLY G 114 -22.32 -37.45 -53.98
N ASP G 115 -21.59 -38.44 -53.49
CA ASP G 115 -22.16 -39.76 -53.28
C ASP G 115 -22.45 -40.03 -51.82
N ILE G 116 -23.73 -40.13 -51.48
CA ILE G 116 -24.10 -40.42 -50.09
C ILE G 116 -24.77 -41.78 -50.00
N GLY G 117 -24.70 -42.56 -51.06
CA GLY G 117 -25.27 -43.89 -51.04
C GLY G 117 -26.65 -44.04 -51.63
N TRP G 118 -27.30 -42.93 -51.96
CA TRP G 118 -28.64 -42.98 -52.51
C TRP G 118 -28.55 -43.18 -54.01
N THR G 119 -27.95 -44.29 -54.44
CA THR G 119 -27.77 -44.51 -55.86
C THR G 119 -28.82 -45.43 -56.46
N GLY G 120 -29.80 -45.81 -55.65
CA GLY G 120 -30.79 -46.75 -56.13
C GLY G 120 -30.07 -47.95 -56.69
N GLY G 121 -30.64 -48.58 -57.70
CA GLY G 121 -29.96 -49.69 -58.34
C GLY G 121 -29.18 -49.16 -59.52
N GLN G 122 -29.36 -47.88 -59.81
CA GLN G 122 -28.66 -47.27 -60.93
C GLN G 122 -27.18 -47.22 -60.66
N LEU G 123 -26.41 -46.77 -61.63
CA LEU G 123 -24.97 -46.66 -61.47
C LEU G 123 -24.42 -47.99 -60.99
N SER G 124 -25.03 -49.07 -61.43
CA SER G 124 -24.55 -50.39 -61.07
C SER G 124 -24.53 -51.23 -62.33
N LYS G 125 -23.76 -52.31 -62.33
CA LYS G 125 -23.66 -53.14 -63.51
C LYS G 125 -23.31 -52.30 -64.72
N MET G 126 -22.45 -51.31 -64.53
CA MET G 126 -22.03 -50.46 -65.65
C MET G 126 -20.56 -50.11 -65.58
N ASN G 127 -19.92 -50.00 -66.74
CA ASN G 127 -18.49 -49.73 -66.76
C ASN G 127 -18.20 -48.31 -66.29
N ASP G 128 -16.95 -48.05 -65.97
CA ASP G 128 -16.58 -46.73 -65.46
C ASP G 128 -17.00 -45.63 -66.43
N ALA G 129 -16.82 -45.86 -67.72
CA ALA G 129 -17.16 -44.84 -68.70
C ALA G 129 -18.64 -44.50 -68.64
N GLN G 130 -19.47 -45.52 -68.55
CA GLN G 130 -20.90 -45.29 -68.47
C GLN G 130 -21.21 -44.52 -67.20
N ILE G 131 -20.52 -44.85 -66.12
CA ILE G 131 -20.74 -44.15 -64.86
C ILE G 131 -20.44 -42.67 -65.04
N LYS G 132 -19.34 -42.35 -65.69
CA LYS G 132 -18.97 -40.96 -65.88
C LYS G 132 -20.04 -40.25 -66.68
N THR G 133 -20.59 -40.91 -67.68
CA THR G 133 -21.61 -40.30 -68.50
C THR G 133 -22.78 -39.89 -67.64
N ARG G 134 -23.21 -40.79 -66.76
CA ARG G 134 -24.33 -40.47 -65.87
C ARG G 134 -23.97 -39.28 -65.01
N MET G 135 -22.78 -39.30 -64.45
CA MET G 135 -22.36 -38.21 -63.58
C MET G 135 -22.32 -36.88 -64.32
N GLU G 136 -21.88 -36.91 -65.56
CA GLU G 136 -21.85 -35.69 -66.36
C GLU G 136 -23.26 -35.18 -66.58
N SER G 137 -24.19 -36.09 -66.81
CA SER G 137 -25.57 -35.68 -67.02
C SER G 137 -26.06 -34.94 -65.81
N GLU G 138 -25.73 -35.44 -64.62
CA GLU G 138 -26.20 -34.81 -63.40
C GLU G 138 -25.64 -33.40 -63.27
N ILE G 139 -24.35 -33.24 -63.50
CA ILE G 139 -23.73 -31.94 -63.32
C ILE G 139 -24.29 -30.93 -64.32
N VAL G 140 -24.53 -31.36 -65.54
CA VAL G 140 -25.11 -30.48 -66.54
C VAL G 140 -26.48 -30.03 -66.09
N HIS G 141 -27.29 -30.98 -65.63
CA HIS G 141 -28.63 -30.65 -65.18
C HIS G 141 -28.58 -29.75 -63.96
N CYS G 142 -27.62 -29.98 -63.07
CA CYS G 142 -27.49 -29.15 -61.88
C CYS G 142 -27.24 -27.71 -62.26
N ARG G 143 -26.30 -27.49 -63.18
CA ARG G 143 -25.97 -26.14 -63.58
C ARG G 143 -27.14 -25.46 -64.26
N LEU G 144 -27.88 -26.21 -65.08
CA LEU G 144 -29.03 -25.64 -65.77
C LEU G 144 -30.07 -25.22 -64.76
N ALA G 145 -30.30 -26.04 -63.75
CA ALA G 145 -31.30 -25.72 -62.75
C ALA G 145 -30.95 -24.46 -62.01
N MET G 146 -29.69 -24.31 -61.63
CA MET G 146 -29.26 -23.15 -60.87
C MET G 146 -29.48 -21.87 -61.67
N ILE G 147 -29.13 -21.87 -62.95
CA ILE G 147 -29.37 -20.70 -63.78
C ILE G 147 -30.86 -20.43 -63.85
N ALA G 148 -31.64 -21.49 -64.03
CA ALA G 148 -33.08 -21.35 -64.13
C ALA G 148 -33.68 -20.77 -62.85
N PHE G 149 -33.17 -21.21 -61.70
CA PHE G 149 -33.70 -20.73 -60.44
C PHE G 149 -33.56 -19.23 -60.35
N ILE G 150 -32.39 -18.71 -60.70
CA ILE G 150 -32.20 -17.27 -60.64
C ILE G 150 -33.21 -16.59 -61.54
N GLY G 151 -33.34 -17.06 -62.76
CA GLY G 151 -34.27 -16.45 -63.69
C GLY G 151 -35.69 -16.50 -63.19
N ALA G 152 -36.12 -17.66 -62.73
CA ALA G 152 -37.49 -17.81 -62.28
C ALA G 152 -37.79 -16.88 -61.12
N THR G 153 -36.91 -16.87 -60.12
CA THR G 153 -37.13 -16.02 -58.96
C THR G 153 -37.13 -14.55 -59.37
N HIS G 154 -36.16 -14.14 -60.16
CA HIS G 154 -36.07 -12.75 -60.56
C HIS G 154 -37.28 -12.33 -61.38
N GLN G 155 -37.69 -13.18 -62.31
CA GLN G 155 -38.86 -12.86 -63.13
C GLN G 155 -40.07 -12.67 -62.25
N THR G 156 -40.22 -13.53 -61.25
CA THR G 156 -41.37 -13.44 -60.37
C THR G 156 -41.45 -12.12 -59.63
N PHE G 157 -40.33 -11.65 -59.10
CA PHE G 157 -40.36 -10.41 -58.30
C PHE G 157 -40.20 -9.13 -59.13
N LEU G 158 -39.79 -9.27 -60.38
CA LEU G 158 -39.60 -8.10 -61.23
C LEU G 158 -40.80 -7.90 -62.13
N LEU G 159 -41.20 -8.96 -62.83
CA LEU G 159 -42.32 -8.86 -63.75
C LEU G 159 -43.62 -9.13 -63.02
N HIS G 160 -43.55 -9.77 -61.87
CA HIS G 160 -44.74 -10.10 -61.11
C HIS G 160 -45.74 -10.85 -61.97
N LYS G 161 -45.29 -11.94 -62.59
CA LYS G 161 -46.18 -12.74 -63.41
C LYS G 161 -45.86 -14.22 -63.27
N GLY G 162 -46.82 -15.08 -63.58
CA GLY G 162 -46.61 -16.50 -63.46
C GLY G 162 -45.49 -16.97 -64.34
N LEU G 163 -44.80 -18.03 -63.94
CA LEU G 163 -43.68 -18.53 -64.70
C LEU G 163 -44.08 -18.91 -66.11
N LEU G 164 -45.20 -19.62 -66.26
CA LEU G 164 -45.60 -20.08 -67.58
C LEU G 164 -46.44 -19.06 -68.32
N ASP G 165 -46.59 -17.87 -67.75
CA ASP G 165 -47.33 -16.81 -68.44
C ASP G 165 -46.39 -16.09 -69.39
N PHE G 166 -46.58 -16.31 -70.69
CA PHE G 166 -45.72 -15.68 -71.67
C PHE G 166 -46.50 -14.65 -72.46
N SER G 167 -46.46 -13.40 -72.01
CA SER G 167 -47.20 -12.35 -72.68
C SER G 167 -46.30 -11.17 -72.99
N TYR G 168 -46.44 -10.59 -74.18
CA TYR G 168 -45.60 -9.47 -74.57
C TYR G 168 -46.44 -8.34 -75.14
N ALA H 1 53.93 30.55 48.46
CA ALA H 1 53.78 29.44 47.52
C ALA H 1 52.94 29.87 46.33
N GLU H 2 53.53 30.62 45.41
CA GLU H 2 52.80 31.06 44.24
C GLU H 2 51.37 31.39 44.63
N LYS H 3 51.23 32.19 45.67
CA LYS H 3 49.90 32.58 46.13
C LYS H 3 49.54 33.91 45.50
N SER H 4 48.28 34.05 45.09
CA SER H 4 47.84 35.29 44.51
C SER H 4 47.98 36.40 45.53
N ALA H 5 48.52 37.53 45.10
CA ALA H 5 48.68 38.66 46.00
C ALA H 5 47.33 39.10 46.53
N SER H 6 46.35 39.18 45.65
CA SER H 6 45.02 39.61 46.05
C SER H 6 44.41 38.64 47.03
N LEU H 7 44.54 37.35 46.74
CA LEU H 7 43.99 36.33 47.62
C LEU H 7 45.14 35.56 48.22
N PRO H 8 45.55 35.93 49.45
CA PRO H 8 46.70 35.28 50.06
C PRO H 8 46.43 33.84 50.46
N PHE H 9 45.17 33.43 50.42
CA PHE H 9 44.82 32.08 50.82
C PHE H 9 44.60 31.16 49.64
N LEU H 10 44.89 31.64 48.43
CA LEU H 10 44.64 30.85 47.24
C LEU H 10 45.80 30.86 46.27
N GLU H 11 46.07 29.70 45.66
CA GLU H 11 47.16 29.60 44.70
C GLU H 11 46.96 30.53 43.51
N ALA H 12 48.03 31.20 43.11
CA ALA H 12 47.95 32.13 41.98
C ALA H 12 47.52 31.39 40.73
N PRO H 13 46.54 31.94 40.01
CA PRO H 13 46.04 31.26 38.81
C PRO H 13 47.09 31.20 37.73
N PRO H 14 47.25 30.03 37.10
CA PRO H 14 48.19 29.90 35.99
C PRO H 14 47.55 30.46 34.73
N ASN H 15 48.25 30.38 33.60
CA ASN H 15 47.69 30.85 32.33
C ASN H 15 47.65 32.36 32.28
N LEU H 16 47.87 33.01 33.43
CA LEU H 16 47.91 34.46 33.46
C LEU H 16 49.30 34.92 33.06
N ASP H 17 49.42 36.18 32.67
CA ASP H 17 50.72 36.72 32.31
C ASP H 17 51.31 37.49 33.47
N GLY H 18 52.33 38.30 33.21
CA GLY H 18 52.90 39.13 34.25
C GLY H 18 52.68 40.58 33.89
N GLY H 19 51.72 40.84 33.02
CA GLY H 19 51.49 42.19 32.55
C GLY H 19 50.91 43.13 33.57
N VAL H 20 50.75 44.39 33.20
CA VAL H 20 50.22 45.38 34.11
C VAL H 20 48.83 44.97 34.60
N GLY H 21 48.57 45.19 35.89
CA GLY H 21 47.27 44.86 36.43
C GLY H 21 47.09 43.40 36.76
N ASP H 22 48.16 42.64 36.70
CA ASP H 22 48.08 41.21 37.03
C ASP H 22 48.38 41.00 38.50
N LEU H 23 47.34 41.04 39.33
CA LEU H 23 47.53 40.84 40.77
C LEU H 23 47.13 39.44 41.16
N GLY H 24 47.04 38.55 40.19
CA GLY H 24 46.69 37.17 40.48
C GLY H 24 45.23 36.99 40.85
N PHE H 25 44.39 37.95 40.49
CA PHE H 25 42.99 37.87 40.86
C PHE H 25 42.13 37.21 39.80
N ASP H 26 42.06 35.88 39.82
CA ASP H 26 41.18 35.18 38.89
C ASP H 26 40.68 33.94 39.59
N PRO H 27 39.85 34.12 40.62
CA PRO H 27 39.39 32.98 41.40
C PRO H 27 38.70 31.92 40.55
N PHE H 28 37.84 32.35 39.63
CA PHE H 28 37.09 31.39 38.82
C PHE H 28 37.90 30.91 37.63
N ARG H 29 39.12 31.42 37.49
CA ARG H 29 40.00 30.98 36.41
C ARG H 29 39.35 31.00 35.03
N PHE H 30 38.81 32.14 34.64
CA PHE H 30 38.25 32.26 33.30
C PHE H 30 39.38 32.11 32.30
N SER H 31 40.57 32.52 32.70
CA SER H 31 41.72 32.49 31.79
C SER H 31 42.00 31.09 31.25
N ASP H 32 41.59 30.07 31.97
CA ASP H 32 41.84 28.70 31.52
C ASP H 32 41.07 28.38 30.25
N PHE H 33 39.87 28.91 30.12
CA PHE H 33 39.04 28.63 28.95
C PHE H 33 39.26 29.60 27.81
N VAL H 34 39.52 30.86 28.11
CA VAL H 34 39.65 31.87 27.06
C VAL H 34 41.04 32.49 27.02
N PRO H 35 41.61 32.67 25.82
CA PRO H 35 42.91 33.34 25.72
C PRO H 35 42.96 34.61 26.55
N ILE H 36 44.09 34.87 27.20
CA ILE H 36 44.19 36.04 28.07
C ILE H 36 44.05 37.34 27.29
N ASP H 37 44.64 37.41 26.11
CA ASP H 37 44.62 38.66 25.35
C ASP H 37 43.19 39.08 25.04
N PHE H 38 42.35 38.14 24.64
CA PHE H 38 40.97 38.46 24.38
C PHE H 38 40.35 39.06 25.62
N LEU H 39 40.61 38.43 26.77
CA LEU H 39 40.04 38.92 28.01
C LEU H 39 40.54 40.31 28.34
N ARG H 40 41.82 40.58 28.14
CA ARG H 40 42.37 41.88 28.44
C ARG H 40 41.70 42.94 27.59
N GLU H 41 41.50 42.64 26.31
CA GLU H 41 40.82 43.58 25.42
C GLU H 41 39.45 43.88 25.95
N ALA H 42 38.73 42.85 26.37
CA ALA H 42 37.38 43.04 26.88
C ALA H 42 37.37 43.94 28.09
N GLU H 43 38.30 43.72 29.01
CA GLU H 43 38.32 44.51 30.23
C GLU H 43 38.49 45.96 29.86
N LEU H 44 39.45 46.24 28.99
CA LEU H 44 39.69 47.61 28.59
C LEU H 44 38.47 48.21 27.92
N LYS H 45 37.87 47.47 27.00
CA LYS H 45 36.72 47.99 26.27
C LYS H 45 35.61 48.35 27.24
N HIS H 46 35.27 47.43 28.12
CA HIS H 46 34.19 47.68 29.06
C HIS H 46 34.51 48.92 29.86
N GLY H 47 35.71 48.98 30.41
CA GLY H 47 36.08 50.10 31.25
C GLY H 47 36.11 51.43 30.53
N ARG H 48 36.71 51.48 29.36
CA ARG H 48 36.80 52.69 28.60
C ARG H 48 35.42 53.20 28.26
N ILE H 49 34.48 52.34 27.95
CA ILE H 49 33.12 52.76 27.71
C ILE H 49 32.51 53.33 28.99
N CYS H 50 32.71 52.64 30.10
CA CYS H 50 32.14 53.08 31.37
C CYS H 50 32.70 54.43 31.81
N MET H 51 34.01 54.61 31.65
CA MET H 51 34.63 55.88 32.02
C MET H 51 33.94 57.00 31.27
N MET H 52 33.85 56.86 29.95
CA MET H 52 33.21 57.89 29.14
C MET H 52 31.76 58.05 29.51
N ALA H 53 31.07 56.94 29.75
CA ALA H 53 29.65 57.00 30.07
C ALA H 53 29.41 57.79 31.34
N TRP H 54 30.24 57.56 32.36
CA TRP H 54 30.04 58.24 33.61
C TRP H 54 30.09 59.73 33.37
N LEU H 55 31.12 60.18 32.68
CA LEU H 55 31.26 61.61 32.45
C LEU H 55 30.03 62.17 31.77
N GLY H 56 29.60 61.51 30.71
CA GLY H 56 28.46 62.01 29.96
C GLY H 56 27.19 62.05 30.79
N PHE H 57 26.90 60.96 31.49
CA PHE H 57 25.69 60.90 32.28
C PHE H 57 25.68 62.03 33.28
N VAL H 58 26.76 62.16 34.03
CA VAL H 58 26.84 63.22 35.02
C VAL H 58 26.68 64.59 34.40
N ALA H 59 27.46 64.89 33.37
CA ALA H 59 27.41 66.22 32.76
C ALA H 59 26.03 66.61 32.25
N VAL H 60 25.38 65.70 31.53
CA VAL H 60 24.06 65.98 31.01
C VAL H 60 23.15 66.34 32.16
N ASP H 61 23.20 65.55 33.23
CA ASP H 61 22.37 65.82 34.39
C ASP H 61 22.75 67.14 35.04
N MET H 62 24.05 67.42 35.13
CA MET H 62 24.50 68.67 35.73
C MET H 62 24.04 69.87 34.92
N GLY H 63 23.81 69.69 33.63
CA GLY H 63 23.29 70.78 32.81
C GLY H 63 24.02 71.05 31.52
N PHE H 64 25.21 70.49 31.36
CA PHE H 64 25.97 70.71 30.14
C PHE H 64 25.26 70.05 28.98
N ARG H 65 24.76 70.85 28.05
CA ARG H 65 24.02 70.31 26.91
C ARG H 65 24.42 71.01 25.63
N VAL H 66 24.27 70.34 24.50
CA VAL H 66 24.55 70.99 23.23
C VAL H 66 23.62 72.19 23.11
N TYR H 67 24.18 73.35 22.78
CA TYR H 67 23.35 74.57 22.75
C TYR H 67 22.22 74.52 21.73
N PRO H 68 22.54 74.22 20.46
CA PRO H 68 21.40 74.13 19.54
C PRO H 68 20.71 72.80 19.78
N ALA H 69 19.98 72.69 20.89
CA ALA H 69 19.33 71.42 21.22
C ALA H 69 18.33 70.99 20.16
N ALA H 70 18.16 69.70 20.01
CA ALA H 70 17.22 69.18 19.01
C ALA H 70 15.81 69.25 19.55
N GLU H 71 14.86 68.70 18.79
CA GLU H 71 13.48 68.70 19.25
C GLU H 71 13.47 68.07 20.63
N GLY H 72 12.65 68.58 21.53
CA GLY H 72 12.68 68.08 22.88
C GLY H 72 14.11 68.30 23.35
N PHE H 73 14.78 67.23 23.76
CA PHE H 73 16.17 67.35 24.20
C PHE H 73 16.28 68.47 25.21
N GLU H 74 15.19 68.77 25.88
CA GLU H 74 15.19 69.79 26.90
C GLU H 74 14.24 69.24 27.94
N SER H 75 14.40 69.64 29.20
CA SER H 75 13.58 69.06 30.25
C SER H 75 13.71 67.55 30.18
N LEU H 76 14.89 67.07 29.81
CA LEU H 76 15.12 65.63 29.74
C LEU H 76 16.34 65.28 30.55
N THR H 77 16.23 64.23 31.36
CA THR H 77 17.35 63.80 32.18
C THR H 77 18.14 62.73 31.47
N SER H 78 19.32 62.43 32.00
CA SER H 78 20.12 61.37 31.41
C SER H 78 19.30 60.10 31.40
N ILE H 79 18.55 59.88 32.46
CA ILE H 79 17.74 58.67 32.56
C ILE H 79 16.73 58.58 31.43
N THR H 80 16.30 59.73 30.92
CA THR H 80 15.27 59.74 29.87
C THR H 80 15.80 60.04 28.47
N ALA H 81 17.09 60.31 28.35
CA ALA H 81 17.64 60.69 27.05
C ALA H 81 17.64 59.59 26.01
N HIS H 82 17.83 58.34 26.42
CA HIS H 82 17.94 57.25 25.45
C HIS H 82 16.81 57.24 24.45
N ASP H 83 15.57 57.21 24.94
CA ASP H 83 14.42 57.13 24.05
C ASP H 83 14.34 58.36 23.15
N ALA H 84 14.61 59.53 23.72
CA ALA H 84 14.56 60.75 22.94
C ALA H 84 15.57 60.69 21.81
N ALA H 85 16.78 60.24 22.13
CA ALA H 85 17.81 60.14 21.12
C ALA H 85 17.39 59.15 20.05
N VAL H 86 16.77 58.06 20.47
CA VAL H 86 16.32 57.05 19.52
C VAL H 86 15.39 57.67 18.50
N GLU H 87 14.32 58.31 18.98
CA GLU H 87 13.35 58.92 18.07
C GLU H 87 13.98 60.03 17.26
N GLN H 88 14.82 60.85 17.89
CA GLN H 88 15.50 61.92 17.16
C GLN H 88 16.41 61.32 16.11
N GLY H 89 17.04 60.19 16.42
CA GLY H 89 17.92 59.53 15.47
C GLY H 89 19.38 59.56 15.89
N GLY H 90 19.67 60.25 16.98
CA GLY H 90 21.04 60.35 17.45
C GLY H 90 21.60 58.99 17.79
N MET H 91 20.80 58.16 18.44
CA MET H 91 21.25 56.83 18.80
C MET H 91 21.60 56.05 17.54
N SER H 92 20.77 56.18 16.51
CA SER H 92 21.03 55.46 15.27
C SER H 92 22.38 55.89 14.72
N GLN H 93 22.63 57.18 14.70
CA GLN H 93 23.90 57.67 14.20
C GLN H 93 25.03 57.05 14.98
N MET H 94 24.93 57.09 16.31
CA MET H 94 25.98 56.54 17.14
C MET H 94 26.16 55.05 16.88
N LEU H 95 25.06 54.32 16.84
CA LEU H 95 25.16 52.88 16.63
C LEU H 95 25.86 52.60 15.33
N LEU H 96 25.53 53.33 14.29
CA LEU H 96 26.14 53.09 12.99
C LEU H 96 27.63 53.26 13.07
N TRP H 97 28.08 54.40 13.57
CA TRP H 97 29.51 54.65 13.59
C TRP H 97 30.22 53.71 14.55
N PHE H 98 29.62 53.45 15.70
CA PHE H 98 30.25 52.56 16.67
C PHE H 98 30.38 51.17 16.10
N SER H 99 29.34 50.71 15.41
CA SER H 99 29.36 49.37 14.85
C SER H 99 30.45 49.26 13.80
N LEU H 100 30.60 50.29 12.99
CA LEU H 100 31.62 50.27 11.96
C LEU H 100 32.98 50.11 12.60
N LEU H 101 33.22 50.85 13.68
CA LEU H 101 34.49 50.75 14.37
C LEU H 101 34.68 49.35 14.92
N GLU H 102 33.63 48.76 15.46
CA GLU H 102 33.71 47.42 16.01
C GLU H 102 34.11 46.42 14.94
N VAL H 103 33.68 46.66 13.72
CA VAL H 103 34.04 45.76 12.62
C VAL H 103 35.54 45.76 12.42
N PHE H 104 36.13 46.93 12.35
CA PHE H 104 37.57 47.02 12.17
C PHE H 104 38.26 46.42 13.38
N ASP H 105 37.67 46.61 14.55
CA ASP H 105 38.24 46.05 15.77
C ASP H 105 38.25 44.54 15.69
N THR H 106 37.22 43.96 15.09
CA THR H 106 37.17 42.52 14.94
C THR H 106 38.37 42.05 14.16
N ILE H 107 38.66 42.73 13.06
CA ILE H 107 39.82 42.37 12.27
C ILE H 107 41.08 42.50 13.10
N ALA H 108 41.16 43.55 13.91
CA ALA H 108 42.32 43.75 14.77
C ALA H 108 42.50 42.61 15.75
N VAL H 109 41.44 42.25 16.47
CA VAL H 109 41.55 41.21 17.48
C VAL H 109 42.04 39.91 16.86
N GLN H 110 41.50 39.56 15.70
CA GLN H 110 41.89 38.33 15.04
C GLN H 110 43.38 38.33 14.78
N GLN H 111 43.90 39.42 14.23
CA GLN H 111 45.32 39.52 13.95
C GLN H 111 46.13 39.42 15.22
N MET H 112 45.65 40.05 16.29
CA MET H 112 46.35 39.99 17.55
C MET H 112 46.48 38.56 18.02
N LEU H 113 45.38 37.81 17.92
CA LEU H 113 45.39 36.41 18.33
C LEU H 113 46.29 35.58 17.43
N GLU H 114 46.31 35.91 16.14
CA GLU H 114 47.15 35.18 15.19
C GLU H 114 48.63 35.53 15.34
N GLY H 115 48.93 36.59 16.08
CA GLY H 115 50.32 36.93 16.33
C GLY H 115 50.83 38.18 15.65
N SER H 116 49.93 39.08 15.29
CA SER H 116 50.33 40.31 14.63
C SER H 116 51.27 41.10 15.51
N GLY H 117 51.09 41.03 16.81
CA GLY H 117 51.93 41.77 17.74
C GLY H 117 51.23 42.97 18.36
N ARG H 118 49.94 43.11 18.08
CA ARG H 118 49.18 44.23 18.65
C ARG H 118 48.92 43.99 20.12
N ALA H 119 49.21 44.98 20.95
CA ALA H 119 48.92 44.87 22.36
C ALA H 119 47.44 45.07 22.58
N PRO H 120 46.83 44.23 23.42
CA PRO H 120 45.39 44.34 23.59
C PRO H 120 44.97 45.76 23.94
N GLY H 121 44.06 46.34 23.16
CA GLY H 121 43.58 47.68 23.45
C GLY H 121 44.37 48.78 22.82
N ASP H 122 45.56 48.47 22.31
CA ASP H 122 46.36 49.48 21.64
C ASP H 122 45.92 49.68 20.20
N PHE H 123 45.51 50.90 19.87
CA PHE H 123 45.09 51.20 18.51
C PHE H 123 46.04 52.19 17.86
N GLY H 124 47.01 52.69 18.61
CA GLY H 124 48.02 53.57 18.04
C GLY H 124 47.90 55.02 18.43
N LEU H 125 46.70 55.48 18.77
CA LEU H 125 46.51 56.89 19.13
C LEU H 125 46.94 57.13 20.56
N ASP H 126 48.04 57.86 20.74
CA ASP H 126 48.54 58.13 22.08
C ASP H 126 48.65 59.62 22.33
N GLY H 127 48.44 60.41 21.30
CA GLY H 127 48.56 61.86 21.44
C GLY H 127 49.98 62.27 21.70
N GLY H 128 50.93 61.36 21.50
CA GLY H 128 52.33 61.66 21.71
C GLY H 128 52.75 61.49 23.16
N PHE H 129 51.80 61.15 24.02
CA PHE H 129 52.11 60.98 25.43
C PHE H 129 53.16 59.89 25.63
N LEU H 130 52.97 58.75 24.97
CA LEU H 130 53.89 57.64 25.11
C LEU H 130 55.11 57.84 24.24
N LYS H 131 55.07 58.84 23.37
CA LYS H 131 56.18 59.07 22.46
C LYS H 131 57.44 59.41 23.24
N GLY H 132 58.49 58.62 23.05
CA GLY H 132 59.76 58.91 23.70
C GLY H 132 59.96 58.31 25.07
N LYS H 133 58.88 57.95 25.75
CA LYS H 133 58.99 57.42 27.10
C LYS H 133 59.43 55.96 27.08
N SER H 134 60.13 55.52 28.13
CA SER H 134 60.62 54.14 28.17
C SER H 134 59.56 53.18 28.66
N GLN H 135 59.86 51.89 28.58
CA GLN H 135 58.89 50.88 28.98
C GLN H 135 58.39 51.14 30.38
N ALA H 136 59.29 51.51 31.28
CA ALA H 136 58.90 51.74 32.66
C ALA H 136 57.68 52.63 32.70
N GLU H 137 57.80 53.82 32.16
CA GLU H 137 56.69 54.75 32.18
C GLU H 137 55.54 54.27 31.32
N ILE H 138 55.87 53.66 30.18
CA ILE H 138 54.82 53.15 29.31
C ILE H 138 53.94 52.23 30.12
N ASP H 139 54.55 51.27 30.80
CA ASP H 139 53.79 50.32 31.59
C ASP H 139 53.05 51.05 32.70
N THR H 140 53.67 52.06 33.29
CA THR H 140 53.05 52.78 34.38
C THR H 140 51.76 53.40 33.90
N MET H 141 51.80 54.05 32.75
CA MET H 141 50.60 54.68 32.21
C MET H 141 49.54 53.63 31.96
N LYS H 142 49.94 52.49 31.42
CA LYS H 142 48.99 51.44 31.13
C LYS H 142 48.30 50.99 32.41
N LEU H 143 49.09 50.83 33.47
CA LEU H 143 48.53 50.40 34.74
C LEU H 143 47.52 51.41 35.23
N LYS H 144 47.84 52.69 35.08
CA LYS H 144 46.94 53.73 35.54
C LYS H 144 45.62 53.68 34.80
N GLU H 145 45.66 53.34 33.53
CA GLU H 145 44.44 53.22 32.78
C GLU H 145 43.68 52.13 33.40
N ILE H 146 44.32 51.01 33.54
CA ILE H 146 43.61 49.84 34.02
C ILE H 146 42.91 50.13 35.34
N VAL H 147 43.61 50.76 36.27
CA VAL H 147 43.01 51.03 37.57
C VAL H 147 41.79 51.90 37.37
N HIS H 148 41.94 52.96 36.60
CA HIS H 148 40.83 53.87 36.36
C HIS H 148 39.68 53.12 35.71
N CYS H 149 39.99 52.28 34.74
CA CYS H 149 38.96 51.53 34.03
C CYS H 149 38.15 50.66 34.98
N ARG H 150 38.82 49.90 35.83
CA ARG H 150 38.12 49.01 36.76
C ARG H 150 37.26 49.83 37.71
N LEU H 151 37.81 50.91 38.22
CA LEU H 151 37.05 51.76 39.13
C LEU H 151 35.86 52.35 38.42
N ALA H 152 36.04 52.75 37.18
CA ALA H 152 34.97 53.39 36.44
C ALA H 152 33.76 52.48 36.31
N MET H 153 33.99 51.19 36.12
CA MET H 153 32.88 50.27 35.95
C MET H 153 32.01 50.31 37.19
N PHE H 154 32.62 50.27 38.37
CA PHE H 154 31.84 50.38 39.60
C PHE H 154 31.09 51.69 39.61
N ALA H 155 31.77 52.78 39.26
CA ALA H 155 31.14 54.09 39.30
C ALA H 155 29.89 54.18 38.44
N PHE H 156 30.02 53.82 37.17
CA PHE H 156 28.89 53.97 36.27
C PHE H 156 27.74 53.11 36.76
N SER H 157 28.03 51.89 37.16
CA SER H 157 26.99 51.00 37.59
C SER H 157 26.18 51.65 38.71
N GLY H 158 26.89 52.20 39.68
CA GLY H 158 26.22 52.82 40.81
C GLY H 158 25.37 54.00 40.40
N VAL H 159 25.93 54.89 39.60
CA VAL H 159 25.19 56.09 39.22
C VAL H 159 23.88 55.74 38.56
N VAL H 160 23.92 54.84 37.59
CA VAL H 160 22.71 54.48 36.88
C VAL H 160 21.68 53.89 37.81
N THR H 161 22.10 52.90 38.60
CA THR H 161 21.16 52.24 39.49
C THR H 161 20.57 53.24 40.48
N GLN H 162 21.41 54.00 41.13
CA GLN H 162 20.92 54.91 42.10
C GLN H 162 19.95 55.85 41.45
N ALA H 163 20.33 56.44 40.34
CA ALA H 163 19.50 57.46 39.71
C ALA H 163 18.09 56.96 39.45
N VAL H 164 17.98 55.80 38.83
CA VAL H 164 16.67 55.25 38.52
C VAL H 164 15.94 54.90 39.80
N LEU H 165 16.68 54.34 40.76
CA LEU H 165 16.07 53.95 42.02
C LEU H 165 15.58 55.19 42.75
N THR H 166 16.33 56.27 42.68
CA THR H 166 15.96 57.51 43.37
C THR H 166 16.07 58.70 42.44
N GLN H 167 15.03 58.94 41.65
CA GLN H 167 15.08 60.03 40.71
C GLN H 167 15.49 61.31 41.43
N GLY H 168 16.55 61.96 40.94
CA GLY H 168 17.04 63.14 41.62
C GLY H 168 18.19 63.86 40.96
N PRO H 169 18.82 64.80 41.68
CA PRO H 169 19.93 65.57 41.13
C PRO H 169 21.20 64.75 40.97
N PHE H 170 22.23 65.33 40.37
CA PHE H 170 23.47 64.59 40.12
C PHE H 170 23.88 63.76 41.33
N PRO H 171 24.07 64.40 42.50
CA PRO H 171 24.41 63.53 43.61
C PRO H 171 23.14 62.80 44.03
N TYR H 172 23.11 61.49 43.85
CA TYR H 172 21.89 60.74 44.15
C TYR H 172 21.84 60.29 45.60
N ALA I 1 43.26 3.87 72.28
CA ALA I 1 42.80 4.15 73.63
C ALA I 1 41.70 3.20 74.04
N GLU I 2 40.97 2.68 73.06
CA GLU I 2 39.87 1.76 73.35
C GLU I 2 38.80 2.44 74.17
N ARG I 3 38.92 3.75 74.36
CA ARG I 3 37.91 4.50 75.09
C ARG I 3 37.99 5.97 74.72
N SER I 4 36.90 6.70 74.93
CA SER I 4 36.90 8.12 74.63
C SER I 4 36.61 8.91 75.89
N PRO I 5 37.23 10.09 76.03
CA PRO I 5 37.05 10.86 77.25
C PRO I 5 35.60 11.22 77.49
N SER I 6 34.92 11.70 76.46
CA SER I 6 33.51 12.05 76.60
C SER I 6 32.67 10.83 76.85
N LEU I 7 32.92 9.77 76.08
CA LEU I 7 32.17 8.54 76.24
C LEU I 7 33.10 7.46 76.73
N PRO I 8 33.08 7.17 78.03
CA PRO I 8 34.00 6.20 78.58
C PRO I 8 33.52 4.77 78.44
N PHE I 9 32.48 4.57 77.63
CA PHE I 9 31.92 3.23 77.45
C PHE I 9 32.14 2.69 76.04
N MET I 10 32.76 3.49 75.17
CA MET I 10 33.01 3.06 73.80
C MET I 10 34.40 3.42 73.32
N ASN I 11 34.88 2.72 72.29
CA ASN I 11 36.22 2.96 71.79
C ASN I 11 36.42 4.35 71.23
N LYS I 12 37.66 4.82 71.20
CA LYS I 12 37.94 6.17 70.71
C LYS I 12 37.79 6.29 69.20
N PRO I 13 37.40 7.47 68.72
CA PRO I 13 37.31 7.67 67.28
C PRO I 13 38.69 7.55 66.65
N ALA I 14 38.86 6.65 65.70
CA ALA I 14 40.19 6.42 65.12
C ALA I 14 40.75 7.65 64.40
N LEU I 15 39.98 8.22 63.49
CA LEU I 15 40.47 9.36 62.73
C LEU I 15 40.71 10.56 63.64
N LEU I 16 39.79 10.78 64.57
CA LEU I 16 39.93 11.91 65.47
C LEU I 16 41.22 11.79 66.26
N ASP I 17 41.94 12.89 66.40
CA ASP I 17 43.21 12.87 67.11
C ASP I 17 43.24 13.97 68.17
N PRO I 18 43.67 13.63 69.39
CA PRO I 18 43.78 14.64 70.43
C PRO I 18 44.53 15.88 69.96
N SER I 19 45.45 15.71 69.02
CA SER I 19 46.20 16.84 68.50
C SER I 19 45.28 17.86 67.88
N MET I 20 44.28 17.40 67.12
CA MET I 20 43.37 18.32 66.46
C MET I 20 42.69 19.22 67.47
N PRO I 21 42.56 20.51 67.14
CA PRO I 21 41.93 21.46 68.05
C PRO I 21 40.52 21.03 68.40
N GLY I 22 40.13 21.18 69.66
CA GLY I 22 38.78 20.86 70.07
C GLY I 22 38.50 19.38 70.21
N TYR I 23 39.55 18.57 70.27
CA TYR I 23 39.37 17.13 70.38
C TYR I 23 38.92 16.74 71.77
N LYS I 24 37.87 15.93 71.85
CA LYS I 24 37.42 15.44 73.14
C LYS I 24 36.94 14.02 72.94
N GLY I 25 37.27 13.44 71.78
CA GLY I 25 36.84 12.09 71.47
C GLY I 25 35.34 11.92 71.55
N PHE I 26 34.60 12.78 70.85
CA PHE I 26 33.14 12.65 70.84
C PHE I 26 32.58 12.49 69.44
N ASP I 27 32.50 11.25 68.97
CA ASP I 27 31.89 11.01 67.66
C ASP I 27 31.14 9.69 67.74
N PRO I 28 30.01 9.67 68.46
CA PRO I 28 29.28 8.42 68.64
C PRO I 28 28.90 7.77 67.32
N LEU I 29 28.45 8.56 66.34
CA LEU I 29 28.02 7.99 65.07
C LEU I 29 29.15 7.86 64.08
N GLY I 30 30.37 8.14 64.52
CA GLY I 30 31.52 7.98 63.64
C GLY I 30 31.39 8.72 62.33
N LEU I 31 30.88 9.95 62.39
CA LEU I 31 30.71 10.74 61.18
C LEU I 31 32.05 11.13 60.60
N SER I 32 33.09 11.10 61.42
CA SER I 32 34.42 11.46 60.96
C SER I 32 34.88 10.55 59.83
N ASN I 33 34.48 9.28 59.89
CA ASN I 33 34.91 8.34 58.87
C ASN I 33 34.04 8.45 57.63
N ILE I 34 33.96 9.64 57.05
CA ILE I 34 33.18 9.83 55.84
C ILE I 34 34.04 10.39 54.73
N ASP I 35 34.00 9.76 53.56
CA ASP I 35 34.75 10.24 52.41
C ASP I 35 33.97 10.01 51.15
N ASP I 36 32.80 10.64 51.03
CA ASP I 36 31.97 10.48 49.86
C ASP I 36 31.25 11.76 49.52
N VAL I 37 30.64 11.83 48.35
CA VAL I 37 29.87 13.01 47.96
C VAL I 37 30.63 14.29 48.31
N GLY I 38 31.94 14.27 48.15
CA GLY I 38 32.73 15.47 48.39
C GLY I 38 32.85 15.90 49.84
N ILE I 39 32.56 14.98 50.77
CA ILE I 39 32.62 15.33 52.18
C ILE I 39 33.68 14.51 52.91
N ASP I 40 34.58 15.19 53.61
CA ASP I 40 35.60 14.49 54.36
C ASP I 40 35.85 15.24 55.65
N LEU I 41 36.82 14.80 56.43
CA LEU I 41 37.09 15.44 57.70
C LEU I 41 37.49 16.89 57.48
N TYR I 42 38.28 17.16 56.45
CA TYR I 42 38.69 18.52 56.17
C TYR I 42 37.46 19.38 56.01
N TRP I 43 36.51 18.91 55.23
CA TRP I 43 35.28 19.65 55.02
C TRP I 43 34.57 19.84 56.34
N LEU I 44 34.46 18.77 57.12
CA LEU I 44 33.76 18.85 58.38
C LEU I 44 34.43 19.85 59.29
N ARG I 45 35.75 19.81 59.34
CA ARG I 45 36.49 20.72 60.19
C ARG I 45 36.20 22.15 59.80
N GLU I 46 36.31 22.44 58.51
CA GLU I 46 36.06 23.79 58.04
C GLU I 46 34.65 24.19 58.36
N ALA I 47 33.71 23.27 58.20
CA ALA I 47 32.31 23.57 58.43
C ALA I 47 32.07 23.97 59.88
N GLU I 48 32.63 23.21 60.81
CA GLU I 48 32.41 23.51 62.22
C GLU I 48 32.91 24.90 62.51
N ILE I 49 34.11 25.21 62.00
CA ILE I 49 34.70 26.51 62.26
C ILE I 49 33.80 27.63 61.74
N LYS I 50 33.34 27.50 60.51
CA LYS I 50 32.49 28.54 59.92
C LYS I 50 31.23 28.71 60.73
N HIS I 51 30.57 27.61 61.07
CA HIS I 51 29.35 27.69 61.83
C HIS I 51 29.61 28.43 63.11
N ALA I 52 30.70 28.08 63.78
CA ALA I 52 31.02 28.71 65.06
C ALA I 52 31.20 30.20 64.90
N ARG I 53 32.01 30.61 63.94
CA ARG I 53 32.30 32.02 63.76
C ARG I 53 31.03 32.80 63.46
N VAL I 54 30.23 32.30 62.52
CA VAL I 54 29.00 32.98 62.17
C VAL I 54 28.09 33.08 63.38
N ALA I 55 27.94 31.99 64.11
CA ALA I 55 27.04 31.98 65.26
C ALA I 55 27.49 32.97 66.31
N MET I 56 28.78 33.03 66.58
CA MET I 56 29.27 33.95 67.60
C MET I 56 28.90 35.37 67.23
N LEU I 57 29.17 35.77 66.00
CA LEU I 57 28.87 37.12 65.59
C LEU I 57 27.39 37.38 65.72
N ALA I 58 26.58 36.40 65.37
CA ALA I 58 25.13 36.59 65.40
C ALA I 58 24.62 36.93 66.79
N VAL I 59 25.05 36.18 67.79
CA VAL I 59 24.56 36.41 69.15
C VAL I 59 25.00 37.78 69.62
N ALA I 60 26.26 38.13 69.39
CA ALA I 60 26.76 39.44 69.77
C ALA I 60 25.92 40.52 69.13
N GLY I 61 25.76 40.46 67.82
CA GLY I 61 25.03 41.50 67.12
C GLY I 61 23.63 41.68 67.63
N ALA I 62 22.90 40.59 67.80
CA ALA I 62 21.53 40.67 68.28
C ALA I 62 21.50 41.29 69.66
N VAL I 63 22.38 40.84 70.54
CA VAL I 63 22.43 41.38 71.90
C VAL I 63 22.77 42.85 71.88
N TRP I 64 23.74 43.23 71.04
CA TRP I 64 24.16 44.62 70.98
C TRP I 64 22.99 45.50 70.61
N VAL I 65 22.24 45.10 69.60
CA VAL I 65 21.12 45.93 69.16
C VAL I 65 20.11 46.06 70.27
N GLU I 66 19.82 44.95 70.95
CA GLU I 66 18.86 44.99 72.04
C GLU I 66 19.35 45.83 73.22
N ALA I 67 20.63 45.70 73.55
CA ALA I 67 21.16 46.42 74.71
C ALA I 67 21.52 47.87 74.42
N PHE I 68 22.18 48.13 73.30
CA PHE I 68 22.64 49.48 73.01
C PHE I 68 21.83 50.17 71.92
N GLY I 69 20.72 49.56 71.52
CA GLY I 69 19.87 50.19 70.52
C GLY I 69 20.40 50.10 69.10
N PRO I 70 19.59 50.53 68.13
CA PRO I 70 19.99 50.47 66.71
C PRO I 70 21.07 51.49 66.38
N ALA I 71 21.82 51.25 65.31
CA ALA I 71 22.91 52.14 64.93
C ALA I 71 22.41 53.42 64.27
N PRO I 72 23.28 54.44 64.21
CA PRO I 72 22.89 55.69 63.56
C PRO I 72 22.40 55.44 62.15
N GLY I 73 21.29 56.04 61.77
CA GLY I 73 20.74 55.85 60.44
C GLY I 73 19.71 54.74 60.44
N CYS I 74 19.78 53.86 61.43
CA CYS I 74 18.79 52.80 61.54
C CYS I 74 17.94 53.04 62.76
N GLU I 75 16.73 53.56 62.57
CA GLU I 75 15.85 53.84 63.68
C GLU I 75 14.46 53.27 63.41
N ALA I 76 14.25 52.79 62.19
CA ALA I 76 12.97 52.22 61.83
C ALA I 76 12.69 50.97 62.66
N ALA I 77 13.71 50.15 62.88
CA ALA I 77 13.55 48.94 63.66
C ALA I 77 13.53 49.28 65.14
N THR I 78 12.37 49.12 65.76
CA THR I 78 12.25 49.43 67.19
C THR I 78 11.99 48.16 67.99
N ALA I 79 11.63 47.09 67.30
CA ALA I 79 11.36 45.83 67.98
C ALA I 79 12.57 45.38 68.78
N LYS I 80 12.34 44.76 69.93
CA LYS I 80 13.44 44.35 70.78
C LYS I 80 13.72 42.85 70.69
N ASN I 81 13.00 42.16 69.81
CA ASN I 81 13.20 40.72 69.68
C ASN I 81 14.28 40.41 68.66
N GLN I 82 14.73 41.42 67.93
CA GLN I 82 15.75 41.21 66.90
C GLN I 82 15.22 40.27 65.85
N MET I 83 13.92 40.09 65.79
CA MET I 83 13.34 39.26 64.72
C MET I 83 12.40 40.12 63.93
N ASP I 84 11.50 40.83 64.62
CA ASP I 84 10.69 41.77 63.88
C ASP I 84 11.60 42.92 63.47
N ALA I 85 12.60 43.19 64.30
CA ALA I 85 13.53 44.26 63.98
C ALA I 85 14.07 44.05 62.58
N PHE I 86 14.47 42.82 62.28
CA PHE I 86 14.98 42.52 60.96
C PHE I 86 13.94 42.92 59.95
N TRP I 87 12.70 42.55 60.24
CA TRP I 87 11.63 42.85 59.30
C TRP I 87 11.32 44.32 59.24
N GLN I 88 11.53 45.00 60.34
CA GLN I 88 11.31 46.44 60.37
C GLN I 88 12.23 47.11 59.37
N ILE I 89 13.51 46.82 59.47
CA ILE I 89 14.48 47.45 58.58
C ILE I 89 14.31 46.92 57.16
N TRP I 90 13.93 45.65 57.05
CA TRP I 90 13.76 45.07 55.73
C TRP I 90 12.65 45.81 55.01
N ASN I 91 11.72 46.38 55.77
CA ASN I 91 10.63 47.14 55.16
C ASN I 91 11.00 48.62 55.09
N SER I 92 12.16 48.98 55.60
CA SER I 92 12.61 50.37 55.55
C SER I 92 13.80 50.54 54.63
N HIS I 93 14.84 49.76 54.85
CA HIS I 93 16.03 49.85 54.03
C HIS I 93 16.49 48.46 53.61
N PRO I 94 15.74 47.83 52.70
CA PRO I 94 16.09 46.48 52.27
C PRO I 94 17.35 46.45 51.44
N GLN I 95 17.79 47.60 50.94
CA GLN I 95 18.97 47.65 50.08
C GLN I 95 20.22 47.15 50.79
N TYR I 96 20.48 47.66 51.98
CA TYR I 96 21.70 47.30 52.68
C TYR I 96 21.75 45.82 53.01
N ILE I 97 20.63 45.26 53.42
CA ILE I 97 20.58 43.84 53.71
C ILE I 97 20.88 43.04 52.45
N ALA I 98 20.20 43.36 51.36
CA ALA I 98 20.40 42.63 50.12
C ALA I 98 21.81 42.80 49.60
N ALA I 99 22.33 44.02 49.68
CA ALA I 99 23.66 44.28 49.17
C ALA I 99 24.67 43.41 49.89
N SER I 100 24.54 43.31 51.20
CA SER I 100 25.49 42.52 51.97
C SER I 100 25.48 41.10 51.46
N LEU I 101 24.29 40.57 51.21
CA LEU I 101 24.17 39.21 50.71
C LEU I 101 24.95 39.05 49.41
N VAL I 102 24.87 40.05 48.54
CA VAL I 102 25.60 39.97 47.28
C VAL I 102 27.09 39.79 47.51
N PHE I 103 27.68 40.62 48.36
CA PHE I 103 29.10 40.51 48.64
C PHE I 103 29.40 39.16 49.27
N ILE I 104 28.53 38.72 50.17
CA ILE I 104 28.76 37.45 50.85
C ILE I 104 28.85 36.32 49.83
N MET I 105 27.96 36.33 48.84
CA MET I 105 27.96 35.26 47.87
C MET I 105 29.31 35.14 47.21
N ILE I 106 29.84 36.26 46.74
CA ILE I 106 31.14 36.23 46.06
C ILE I 106 32.23 35.73 46.99
N ALA I 107 32.27 36.25 48.21
CA ALA I 107 33.29 35.84 49.16
C ALA I 107 33.17 34.36 49.43
N GLU I 108 31.96 33.89 49.66
CA GLU I 108 31.74 32.48 49.96
C GLU I 108 32.22 31.60 48.82
N ALA I 109 31.95 32.01 47.59
CA ALA I 109 32.34 31.22 46.43
C ALA I 109 33.85 31.07 46.37
N VAL I 110 34.58 32.16 46.56
CA VAL I 110 36.03 32.09 46.56
C VAL I 110 36.48 31.21 47.71
N SER I 111 35.80 31.30 48.84
CA SER I 111 36.15 30.49 49.98
C SER I 111 36.00 29.02 49.66
N GLY I 112 34.91 28.67 48.99
CA GLY I 112 34.70 27.28 48.63
C GLY I 112 35.81 26.82 47.72
N ILE I 113 36.18 27.66 46.76
CA ILE I 113 37.25 27.31 45.84
C ILE I 113 38.53 27.04 46.61
N SER I 114 38.86 27.92 47.55
CA SER I 114 40.07 27.75 48.32
C SER I 114 40.03 26.46 49.12
N THR I 115 38.90 26.19 49.75
CA THR I 115 38.77 24.97 50.54
C THR I 115 38.95 23.75 49.67
N THR I 116 38.24 23.70 48.55
CA THR I 116 38.37 22.57 47.64
C THR I 116 39.83 22.34 47.29
N THR I 117 40.43 23.31 46.60
CA THR I 117 41.81 23.17 46.16
C THR I 117 42.76 22.99 47.33
N GLY I 118 42.58 23.77 48.37
CA GLY I 118 43.47 23.69 49.52
C GLY I 118 43.47 22.31 50.10
N ARG I 119 42.29 21.72 50.22
CA ARG I 119 42.18 20.38 50.78
C ARG I 119 42.96 19.39 49.94
N GLU I 120 42.81 19.47 48.62
CA GLU I 120 43.52 18.56 47.74
C GLU I 120 45.02 18.77 47.80
N SER I 121 45.44 20.02 47.71
CA SER I 121 46.87 20.33 47.73
C SER I 121 47.49 20.12 49.10
N GLY I 122 46.77 20.47 50.15
CA GLY I 122 47.31 20.35 51.49
C GLY I 122 48.01 21.63 51.90
N GLU I 123 47.99 22.63 51.03
CA GLU I 123 48.63 23.91 51.34
C GLU I 123 47.90 24.67 52.42
N ARG I 124 46.58 24.61 52.42
CA ARG I 124 45.79 25.34 53.42
C ARG I 124 45.39 24.48 54.59
N GLU I 125 45.06 25.10 55.71
CA GLU I 125 44.61 24.36 56.88
C GLU I 125 43.19 24.77 57.18
N PRO I 126 42.36 23.82 57.63
CA PRO I 126 40.96 24.17 57.83
C PRO I 126 40.81 25.40 58.71
N GLY I 127 40.15 26.43 58.21
CA GLY I 127 39.91 27.62 59.01
C GLY I 127 40.82 28.79 58.69
N PHE I 128 41.94 28.53 58.02
CA PHE I 128 42.89 29.59 57.70
C PHE I 128 42.41 30.47 56.57
N PHE I 129 42.49 31.79 56.76
CA PHE I 129 42.11 32.71 55.70
C PHE I 129 43.11 33.86 55.64
N GLY I 130 44.00 33.92 56.62
CA GLY I 130 45.01 34.96 56.64
C GLY I 130 44.77 36.06 57.65
N PHE I 131 43.53 36.24 58.07
CA PHE I 131 43.19 37.28 59.03
C PHE I 131 43.85 37.00 60.37
N GLY I 132 44.57 37.98 60.89
CA GLY I 132 45.21 37.82 62.19
C GLY I 132 46.08 36.59 62.24
N SER I 133 46.52 36.12 61.08
CA SER I 133 47.37 34.95 61.03
C SER I 133 48.66 35.22 61.79
N ASN I 134 49.12 36.46 61.74
CA ASN I 134 50.35 36.82 62.43
C ASN I 134 50.10 37.13 63.90
N PHE I 135 48.84 37.28 64.28
CA PHE I 135 48.51 37.61 65.66
C PHE I 135 49.12 36.62 66.64
N PRO I 136 48.92 35.32 66.40
CA PRO I 136 49.44 34.36 67.38
C PRO I 136 50.94 34.18 67.23
N LYS I 137 51.56 33.49 68.18
CA LYS I 137 52.99 33.25 68.12
C LYS I 137 53.36 31.99 68.89
N THR I 138 54.52 31.42 68.59
CA THR I 138 54.99 30.23 69.31
C THR I 138 54.15 29.01 68.96
N ASP I 139 53.07 29.22 68.21
CA ASP I 139 52.21 28.10 67.79
C ASP I 139 51.44 27.51 68.96
N ALA I 140 52.09 27.38 70.11
CA ALA I 140 51.38 26.89 71.28
C ALA I 140 50.24 27.85 71.54
N ASP I 141 50.51 29.14 71.42
CA ASP I 141 49.46 30.13 71.59
C ASP I 141 48.40 29.90 70.54
N MET I 142 48.83 29.65 69.31
CA MET I 142 47.88 29.40 68.23
C MET I 142 46.98 28.25 68.60
N LYS I 143 47.58 27.15 69.06
CA LYS I 143 46.78 25.98 69.41
C LYS I 143 45.80 26.33 70.51
N LYS I 144 46.29 27.03 71.54
CA LYS I 144 45.43 27.40 72.64
C LYS I 144 44.29 28.25 72.15
N MET I 145 44.64 29.31 71.43
CA MET I 145 43.63 30.19 70.91
C MET I 145 42.68 29.35 70.14
N GLN I 146 43.23 28.56 69.23
CA GLN I 146 42.40 27.72 68.41
C GLN I 146 41.40 27.05 69.28
N ASP I 147 41.86 26.17 70.14
CA ASP I 147 40.93 25.42 70.95
C ASP I 147 39.88 26.32 71.49
N LYS I 148 40.26 27.53 71.84
CA LYS I 148 39.30 28.40 72.47
C LYS I 148 38.25 28.77 71.47
N GLU I 149 38.72 29.11 70.30
CA GLU I 149 37.78 29.53 69.28
C GLU I 149 36.64 28.54 69.20
N LEU I 150 36.97 27.26 69.09
CA LEU I 150 35.94 26.23 69.03
C LEU I 150 35.16 26.20 70.33
N GLU I 151 35.85 26.37 71.45
CA GLU I 151 35.19 26.30 72.73
C GLU I 151 34.01 27.26 72.80
N ASN I 152 34.27 28.54 72.53
CA ASN I 152 33.20 29.52 72.61
C ASN I 152 32.27 29.38 71.41
N GLY I 153 32.81 28.88 70.31
CA GLY I 153 32.00 28.72 69.11
C GLY I 153 30.89 27.72 69.32
N ARG I 154 31.22 26.56 69.89
CA ARG I 154 30.23 25.54 70.13
C ARG I 154 29.17 26.08 71.08
N LEU I 155 29.61 26.78 72.12
CA LEU I 155 28.67 27.36 73.06
C LEU I 155 27.81 28.37 72.33
N ALA I 156 28.43 29.19 71.50
CA ALA I 156 27.69 30.20 70.77
C ALA I 156 26.63 29.58 69.89
N MET I 157 26.97 28.46 69.26
CA MET I 157 26.02 27.81 68.37
C MET I 157 24.72 27.53 69.09
N TRP I 158 24.79 26.91 70.26
CA TRP I 158 23.59 26.63 71.03
C TRP I 158 22.85 27.92 71.32
N ALA I 159 23.58 28.91 71.81
CA ALA I 159 22.95 30.18 72.17
C ALA I 159 22.25 30.79 70.98
N ALA I 160 22.91 30.81 69.83
CA ALA I 160 22.34 31.44 68.67
C ALA I 160 21.03 30.79 68.29
N MET I 161 21.00 29.47 68.31
CA MET I 161 19.80 28.77 67.91
C MET I 161 18.68 29.13 68.85
N GLY I 162 18.99 29.25 70.13
CA GLY I 162 17.98 29.58 71.11
C GLY I 162 17.33 30.91 70.80
N LEU I 163 18.15 31.91 70.52
CA LEU I 163 17.62 33.24 70.23
C LEU I 163 16.69 33.22 69.04
N ILE I 164 17.11 32.56 67.98
CA ILE I 164 16.31 32.56 66.76
C ILE I 164 14.98 31.85 66.97
N PHE I 165 14.99 30.73 67.70
CA PHE I 165 13.76 30.01 67.96
C PHE I 165 12.88 30.70 68.99
N GLN I 166 13.48 31.11 70.09
CA GLN I 166 12.73 31.76 71.15
C GLN I 166 12.03 33.01 70.65
N GLY I 167 12.78 33.88 70.00
CA GLY I 167 12.21 35.12 69.50
C GLY I 167 11.08 34.88 68.53
N SER I 168 11.16 33.76 67.81
CA SER I 168 10.12 33.44 66.84
C SER I 168 8.80 33.07 67.50
N ALA I 169 8.83 32.88 68.82
CA ALA I 169 7.62 32.50 69.54
C ALA I 169 7.23 33.49 70.64
N ASN I 170 8.13 33.72 71.59
CA ASN I 170 7.81 34.59 72.73
C ASN I 170 7.49 36.00 72.28
N HIS I 171 7.92 36.37 71.08
CA HIS I 171 7.68 37.71 70.58
C HIS I 171 8.21 38.75 71.56
N MET I 172 9.32 38.44 72.21
CA MET I 172 9.93 39.37 73.16
C MET I 172 11.44 39.29 73.09
N GLY I 173 12.12 40.32 73.58
CA GLY I 173 13.57 40.35 73.56
C GLY I 173 14.21 39.25 74.38
N GLY I 174 15.38 38.80 73.95
CA GLY I 174 16.05 37.73 74.67
C GLY I 174 16.45 38.15 76.08
N LEU I 175 17.03 39.33 76.21
CA LEU I 175 17.46 39.79 77.52
C LEU I 175 16.27 39.95 78.45
N GLU I 176 15.20 40.56 77.96
CA GLU I 176 14.01 40.75 78.77
C GLU I 176 13.36 39.42 79.09
N ALA I 177 13.42 38.47 78.16
CA ALA I 177 12.88 37.16 78.43
C ALA I 177 13.65 36.54 79.58
N LEU I 178 14.96 36.70 79.57
CA LEU I 178 15.78 36.18 80.66
C LEU I 178 15.31 36.83 81.94
N GLY I 179 15.07 38.13 81.88
CA GLY I 179 14.62 38.84 83.05
C GLY I 179 13.32 38.27 83.58
N ALA I 180 12.38 38.02 82.68
CA ALA I 180 11.08 37.50 83.09
C ALA I 180 11.25 36.21 83.87
N THR I 181 12.05 35.29 83.33
CA THR I 181 12.28 34.03 84.01
C THR I 181 12.94 34.27 85.35
N PHE I 182 13.81 35.27 85.41
CA PHE I 182 14.51 35.58 86.66
C PHE I 182 13.71 36.53 87.52
N ASN I 183 12.56 36.97 87.03
CA ASN I 183 11.72 37.87 87.80
C ASN I 183 10.32 37.28 88.01
N ALA J 1 38.33 47.43 -55.93
CA ALA J 1 38.78 47.39 -54.54
C ALA J 1 37.74 46.74 -53.65
N PHE J 2 38.17 45.79 -52.82
CA PHE J 2 37.23 45.08 -51.96
C PHE J 2 36.89 45.86 -50.70
N ASN J 3 35.61 45.93 -50.37
CA ASN J 3 35.20 46.61 -49.15
C ASN J 3 36.05 47.83 -48.83
N PRO J 4 36.05 48.81 -49.73
CA PRO J 4 36.79 50.03 -49.43
C PRO J 4 36.25 50.64 -48.15
N GLU J 5 34.98 50.41 -47.87
CA GLU J 5 34.38 50.92 -46.65
C GLU J 5 34.94 50.24 -45.41
N MET J 6 35.21 48.94 -45.54
CA MET J 6 35.73 48.20 -44.40
C MET J 6 37.25 48.08 -44.47
N ALA J 7 37.88 48.96 -45.24
CA ALA J 7 39.34 48.97 -45.34
C ALA J 7 39.89 47.73 -46.04
N GLY J 8 39.05 47.03 -46.78
CA GLY J 8 39.51 45.87 -47.51
C GLY J 8 39.30 44.54 -46.83
N GLU J 9 38.54 44.52 -45.74
CA GLU J 9 38.27 43.29 -45.03
C GLU J 9 36.82 42.86 -45.19
N VAL J 10 36.59 41.56 -45.25
CA VAL J 10 35.23 41.07 -45.40
C VAL J 10 34.37 41.53 -44.23
N PHE J 11 33.13 41.89 -44.51
CA PHE J 11 32.25 42.36 -43.47
C PHE J 11 31.23 41.30 -43.09
N ASP J 12 31.57 40.46 -42.12
CA ASP J 12 30.62 39.47 -41.64
C ASP J 12 30.73 39.43 -40.13
N PRO J 13 30.35 40.52 -39.46
CA PRO J 13 30.50 40.57 -38.00
C PRO J 13 29.78 39.43 -37.32
N MET J 14 28.55 39.15 -37.71
CA MET J 14 27.77 38.08 -37.09
C MET J 14 28.34 36.71 -37.41
N GLY J 15 28.95 36.56 -38.58
CA GLY J 15 29.53 35.29 -38.96
C GLY J 15 28.54 34.37 -39.64
N PHE J 16 27.52 34.95 -40.25
CA PHE J 16 26.52 34.15 -40.94
C PHE J 16 27.17 33.28 -42.00
N GLY J 17 28.23 33.79 -42.60
CA GLY J 17 28.89 33.05 -43.67
C GLY J 17 29.77 31.90 -43.23
N LYS J 18 29.71 31.56 -41.94
CA LYS J 18 30.49 30.43 -41.45
C LYS J 18 29.62 29.43 -40.72
N MET J 19 28.33 29.72 -40.62
CA MET J 19 27.44 28.84 -39.90
C MET J 19 27.34 27.46 -40.53
N HIS J 20 27.59 27.38 -41.84
CA HIS J 20 27.56 26.09 -42.51
C HIS J 20 28.72 25.24 -42.05
N GLU J 21 29.66 25.85 -41.34
CA GLU J 21 30.84 25.12 -40.89
C GLU J 21 30.72 24.67 -39.45
N ILE J 22 29.57 24.94 -38.82
CA ILE J 22 29.36 24.47 -37.46
C ILE J 22 29.29 22.97 -37.53
N LYS J 23 30.20 22.28 -36.86
CA LYS J 23 30.25 20.82 -36.97
C LYS J 23 29.44 20.11 -35.91
N GLY J 24 29.09 20.81 -34.85
CA GLY J 24 28.37 20.17 -33.76
C GLY J 24 27.00 19.65 -34.09
N ALA J 25 26.20 20.42 -34.81
CA ALA J 25 24.82 20.00 -35.05
C ALA J 25 24.15 20.69 -36.23
N PHE J 26 22.88 20.42 -36.43
CA PHE J 26 22.14 21.04 -37.52
C PHE J 26 22.85 20.84 -38.83
N PRO J 27 22.98 19.59 -39.27
CA PRO J 27 23.70 19.28 -40.52
C PRO J 27 22.94 19.75 -41.75
N ASN J 28 23.62 20.47 -42.64
CA ASN J 28 23.01 20.94 -43.88
C ASN J 28 21.75 21.76 -43.63
N MET J 29 21.70 22.48 -42.51
CA MET J 29 20.56 23.33 -42.23
C MET J 29 20.92 24.79 -42.45
N PHE J 30 22.21 25.08 -42.56
CA PHE J 30 22.65 26.45 -42.80
C PHE J 30 23.08 26.61 -44.24
N PRO J 31 22.72 27.73 -44.87
CA PRO J 31 23.02 27.90 -46.30
C PRO J 31 24.50 27.98 -46.61
N ASN J 32 24.93 27.30 -47.67
CA ASN J 32 26.32 27.38 -48.09
C ASN J 32 26.51 28.74 -48.72
N PRO J 33 27.74 29.26 -48.68
CA PRO J 33 27.98 30.61 -49.22
C PRO J 33 27.36 30.81 -50.61
N GLN J 34 27.31 29.77 -51.43
CA GLN J 34 26.74 29.90 -52.77
C GLN J 34 25.29 30.35 -52.70
N PHE J 35 24.51 29.71 -51.85
CA PHE J 35 23.11 30.08 -51.71
C PHE J 35 23.03 31.52 -51.27
N LEU J 36 23.84 31.89 -50.29
CA LEU J 36 23.80 33.24 -49.76
C LEU J 36 24.14 34.27 -50.82
N GLU J 37 25.15 33.97 -51.63
CA GLU J 37 25.55 34.90 -52.68
C GLU J 37 24.42 35.12 -53.65
N GLU J 38 23.79 34.04 -54.09
CA GLU J 38 22.70 34.17 -55.06
C GLU J 38 21.54 34.94 -54.48
N SER J 39 21.24 34.70 -53.20
CA SER J 39 20.15 35.40 -52.55
C SER J 39 20.42 36.90 -52.50
N GLU J 40 21.65 37.27 -52.18
CA GLU J 40 22.01 38.67 -52.11
C GLU J 40 21.78 39.31 -53.45
N ILE J 41 22.21 38.64 -54.52
CA ILE J 41 22.05 39.19 -55.86
C ILE J 41 20.58 39.36 -56.22
N LYS J 42 19.78 38.33 -56.00
CA LYS J 42 18.36 38.40 -56.34
C LYS J 42 17.66 39.47 -55.54
N HIS J 43 17.96 39.53 -54.24
CA HIS J 43 17.34 40.54 -53.40
C HIS J 43 17.68 41.92 -53.92
N GLY J 44 18.94 42.13 -54.25
CA GLY J 44 19.37 43.42 -54.74
C GLY J 44 18.70 43.81 -56.04
N ARG J 45 18.66 42.90 -56.99
CA ARG J 45 18.07 43.16 -58.27
C ARG J 45 16.62 43.44 -58.17
N MET J 46 15.90 42.75 -57.33
CA MET J 46 14.48 43.00 -57.14
C MET J 46 14.24 44.30 -56.41
N ALA J 47 15.10 44.62 -55.45
CA ALA J 47 14.95 45.86 -54.70
C ALA J 47 15.14 47.05 -55.60
N MET J 48 16.11 46.97 -56.51
CA MET J 48 16.36 48.08 -57.41
C MET J 48 15.13 48.38 -58.26
N LEU J 49 14.53 47.34 -58.83
CA LEU J 49 13.33 47.52 -59.64
C LEU J 49 12.20 48.09 -58.79
N ALA J 50 12.04 47.57 -57.59
CA ALA J 50 10.96 48.03 -56.73
C ALA J 50 11.11 49.50 -56.39
N TRP J 51 12.32 49.91 -56.05
CA TRP J 51 12.54 51.29 -55.66
C TRP J 51 12.23 52.23 -56.82
N THR J 52 12.69 51.86 -58.00
CA THR J 52 12.42 52.68 -59.17
C THR J 52 10.93 52.78 -59.33
N GLY J 53 10.23 51.67 -59.13
CA GLY J 53 8.79 51.65 -59.31
C GLY J 53 8.08 52.60 -58.37
N VAL J 54 8.41 52.56 -57.09
CA VAL J 54 7.79 53.45 -56.14
C VAL J 54 8.07 54.88 -56.54
N TRP J 55 9.33 55.17 -56.86
CA TRP J 55 9.71 56.51 -57.25
C TRP J 55 8.93 56.97 -58.46
N ALA J 56 8.86 56.14 -59.48
CA ALA J 56 8.17 56.52 -60.70
C ALA J 56 6.72 56.83 -60.42
N THR J 57 6.06 55.93 -59.70
CA THR J 57 4.65 56.11 -59.43
C THR J 57 4.43 57.38 -58.61
N GLU J 58 5.25 57.58 -57.60
CA GLU J 58 5.11 58.76 -56.75
C GLU J 58 5.35 60.04 -57.53
N SER J 59 6.26 59.99 -58.49
CA SER J 59 6.56 61.16 -59.31
C SER J 59 5.39 61.49 -60.21
N GLY J 60 4.43 60.59 -60.34
CA GLY J 60 3.24 60.87 -61.13
C GLY J 60 3.14 60.19 -62.49
N LEU J 61 4.13 59.37 -62.82
CA LEU J 61 4.09 58.64 -64.08
C LEU J 61 3.04 57.55 -64.05
N HIS J 62 2.33 57.35 -65.16
CA HIS J 62 1.34 56.30 -65.24
C HIS J 62 1.29 55.76 -66.65
N PHE J 63 1.43 54.45 -66.80
CA PHE J 63 1.42 53.85 -68.13
C PHE J 63 0.07 54.00 -68.80
N PRO J 64 0.08 54.15 -70.12
CA PRO J 64 -1.18 54.32 -70.85
C PRO J 64 -2.13 53.16 -70.57
N GLY J 65 -3.34 53.47 -70.12
CA GLY J 65 -4.31 52.44 -69.84
C GLY J 65 -3.88 51.42 -68.82
N ALA J 66 -3.43 51.88 -67.65
CA ALA J 66 -3.00 50.98 -66.61
C ALA J 66 -3.94 51.09 -65.42
N PRO J 67 -3.96 50.05 -64.57
CA PRO J 67 -4.79 50.13 -63.37
C PRO J 67 -4.47 51.40 -62.61
N VAL J 68 -5.47 52.02 -62.00
CA VAL J 68 -5.25 53.27 -61.29
C VAL J 68 -5.30 53.08 -59.78
N ALA J 69 -4.21 53.42 -59.10
CA ALA J 69 -4.16 53.30 -57.64
C ALA J 69 -3.30 54.41 -57.07
N ASP J 70 -3.54 54.76 -55.82
CA ASP J 70 -2.80 55.85 -55.21
C ASP J 70 -1.74 55.34 -54.25
N ASP J 71 -2.06 54.32 -53.47
CA ASP J 71 -1.12 53.81 -52.49
C ASP J 71 -0.22 52.75 -53.10
N TRP J 72 1.08 52.99 -53.08
CA TRP J 72 2.02 52.04 -53.65
C TRP J 72 2.00 50.75 -52.85
N THR J 73 1.46 50.81 -51.64
CA THR J 73 1.43 49.63 -50.79
C THR J 73 0.18 48.78 -51.01
N THR J 74 -0.75 49.27 -51.82
CA THR J 74 -1.99 48.54 -52.07
C THR J 74 -2.30 48.39 -53.55
N ALA J 75 -1.40 48.83 -54.41
CA ALA J 75 -1.65 48.78 -55.85
C ALA J 75 -1.70 47.37 -56.40
N LEU J 76 -0.96 46.44 -55.79
CA LEU J 76 -0.90 45.09 -56.31
C LEU J 76 -2.30 44.50 -56.38
N GLY J 77 -3.06 44.65 -55.32
CA GLY J 77 -4.42 44.12 -55.29
C GLY J 77 -5.25 44.70 -56.39
N VAL J 78 -5.11 46.01 -56.62
CA VAL J 78 -5.87 46.66 -57.67
C VAL J 78 -5.55 46.03 -59.01
N TRP J 79 -4.26 45.86 -59.30
CA TRP J 79 -3.86 45.28 -60.57
C TRP J 79 -4.43 43.89 -60.71
N ALA J 80 -4.40 43.13 -59.62
CA ALA J 80 -4.88 41.77 -59.65
C ALA J 80 -6.36 41.71 -60.00
N ARG J 81 -7.12 42.66 -59.48
CA ARG J 81 -8.57 42.66 -59.71
C ARG J 81 -9.00 43.54 -60.88
N GLU J 82 -8.12 44.42 -61.33
CA GLU J 82 -8.45 45.27 -62.48
C GLU J 82 -8.03 44.61 -63.77
N ASP J 83 -6.82 44.05 -63.80
CA ASP J 83 -6.34 43.38 -65.00
C ASP J 83 -5.92 41.98 -64.63
N PRO J 84 -6.90 41.08 -64.43
CA PRO J 84 -6.48 39.75 -63.99
C PRO J 84 -5.61 39.07 -65.02
N GLY J 85 -5.92 39.24 -66.30
CA GLY J 85 -5.17 38.59 -67.34
C GLY J 85 -3.71 38.98 -67.35
N GLY J 86 -3.44 40.28 -67.32
CA GLY J 86 -2.07 40.75 -67.35
C GLY J 86 -1.32 40.24 -66.15
N PHE J 87 -1.93 40.30 -64.98
CA PHE J 87 -1.27 39.86 -63.78
C PHE J 87 -0.86 38.42 -63.93
N GLY J 88 -1.77 37.59 -64.43
CA GLY J 88 -1.46 36.18 -64.57
C GLY J 88 -0.30 35.93 -65.49
N ILE J 89 -0.29 36.59 -66.64
CA ILE J 89 0.78 36.35 -67.61
C ILE J 89 2.13 36.68 -67.00
N VAL J 90 2.24 37.84 -66.36
CA VAL J 90 3.50 38.23 -65.74
C VAL J 90 3.89 37.23 -64.66
N LEU J 91 2.94 36.84 -63.84
CA LEU J 91 3.21 35.89 -62.77
C LEU J 91 3.75 34.59 -63.33
N LEU J 92 3.16 34.11 -64.41
CA LEU J 92 3.61 32.86 -65.02
C LEU J 92 5.05 32.99 -65.44
N LEU J 93 5.37 34.07 -66.12
CA LEU J 93 6.72 34.26 -66.62
C LEU J 93 7.70 34.36 -65.47
N LEU J 94 7.33 35.09 -64.43
CA LEU J 94 8.20 35.25 -63.28
C LEU J 94 8.48 33.89 -62.68
N SER J 95 7.44 33.08 -62.55
CA SER J 95 7.60 31.76 -61.97
C SER J 95 8.53 30.88 -62.79
N ILE J 96 8.37 30.90 -64.10
CA ILE J 96 9.22 30.09 -64.96
C ILE J 96 10.66 30.54 -64.78
N ALA J 97 10.88 31.85 -64.76
CA ALA J 97 12.23 32.36 -64.60
C ALA J 97 12.81 31.93 -63.28
N GLU J 98 12.01 31.98 -62.23
CA GLU J 98 12.50 31.61 -60.90
C GLU J 98 12.90 30.16 -60.85
N GLY J 99 12.05 29.27 -61.36
CA GLY J 99 12.34 27.85 -61.33
C GLY J 99 13.52 27.47 -62.22
N GLU J 100 13.60 28.10 -63.38
CA GLU J 100 14.67 27.80 -64.32
C GLU J 100 16.00 28.18 -63.74
N GLY J 101 16.00 29.08 -62.76
CA GLY J 101 17.22 29.51 -62.14
C GLY J 101 17.94 28.38 -61.41
N VAL J 102 17.17 27.47 -60.81
CA VAL J 102 17.77 26.38 -60.06
C VAL J 102 17.57 25.02 -60.72
N SER J 103 16.50 24.88 -61.50
CA SER J 103 16.21 23.58 -62.08
C SER J 103 17.40 23.01 -62.82
N HIS J 104 18.07 23.85 -63.60
CA HIS J 104 19.21 23.38 -64.36
C HIS J 104 20.48 23.51 -63.56
N ALA J 105 20.53 24.50 -62.69
CA ALA J 105 21.75 24.75 -61.93
C ALA J 105 22.10 23.67 -60.94
N GLY J 106 21.20 23.36 -60.00
CA GLY J 106 21.50 22.37 -58.97
C GLY J 106 21.31 22.91 -57.57
N ASP J 107 21.78 22.18 -56.56
CA ASP J 107 21.59 22.61 -55.17
C ASP J 107 22.73 23.50 -54.69
N ASN J 108 22.42 24.75 -54.41
CA ASN J 108 23.43 25.68 -53.94
C ASN J 108 23.44 25.74 -52.43
N PHE J 109 22.34 25.35 -51.80
CA PHE J 109 22.25 25.37 -50.35
C PHE J 109 23.27 24.42 -49.76
N ARG J 110 23.50 23.31 -50.45
CA ARG J 110 24.47 22.33 -49.98
C ARG J 110 25.78 22.46 -50.71
N GLY J 111 25.96 23.55 -51.45
CA GLY J 111 27.20 23.79 -52.16
C GLY J 111 27.56 22.81 -53.25
N VAL J 112 26.56 22.28 -53.94
CA VAL J 112 26.82 21.35 -55.02
C VAL J 112 26.33 21.89 -56.36
N SER J 113 26.11 23.20 -56.44
CA SER J 113 25.64 23.81 -57.68
C SER J 113 26.77 23.99 -58.68
N LYS J 114 26.42 24.20 -59.93
CA LYS J 114 27.43 24.36 -60.97
C LYS J 114 27.48 25.78 -61.49
N LYS J 115 26.39 26.52 -61.35
CA LYS J 115 26.33 27.88 -61.87
C LYS J 115 27.11 28.85 -61.03
N THR J 116 27.51 29.96 -61.63
CA THR J 116 28.20 31.00 -60.88
C THR J 116 27.12 31.91 -60.33
N PRO J 117 27.09 32.08 -59.00
CA PRO J 117 26.01 32.87 -58.43
C PRO J 117 25.79 34.16 -59.20
N GLY J 118 24.55 34.44 -59.60
CA GLY J 118 24.24 35.66 -60.32
C GLY J 118 23.99 35.49 -61.81
N ASP J 119 24.31 34.34 -62.36
CA ASP J 119 24.14 34.11 -63.79
C ASP J 119 22.80 33.51 -64.10
N MET J 120 21.94 34.27 -64.78
CA MET J 120 20.63 33.76 -65.14
C MET J 120 20.58 33.60 -66.65
N GLY J 121 21.74 33.65 -67.29
CA GLY J 121 21.79 33.50 -68.73
C GLY J 121 21.00 34.56 -69.47
N PHE J 122 21.09 35.80 -69.01
CA PHE J 122 20.36 36.88 -69.66
C PHE J 122 21.28 37.93 -70.25
N ASP J 123 22.51 37.55 -70.59
CA ASP J 123 23.39 38.49 -71.26
C ASP J 123 23.05 38.50 -72.73
N TRP J 124 21.89 39.04 -73.07
CA TRP J 124 21.45 39.03 -74.46
C TRP J 124 22.30 39.93 -75.34
N MET J 125 22.87 40.98 -74.76
CA MET J 125 23.68 41.92 -75.54
C MET J 125 25.08 41.38 -75.79
N GLY J 126 25.39 40.23 -75.21
CA GLY J 126 26.68 39.61 -75.43
C GLY J 126 27.86 40.40 -74.89
N MET J 127 27.61 41.22 -73.88
CA MET J 127 28.67 42.06 -73.33
C MET J 127 29.81 41.20 -72.80
N THR J 128 29.50 40.00 -72.34
CA THR J 128 30.53 39.14 -71.78
C THR J 128 31.62 38.81 -72.80
N LYS J 129 31.30 38.94 -74.07
CA LYS J 129 32.29 38.71 -75.11
C LYS J 129 32.71 40.02 -75.75
N LYS J 130 31.93 41.06 -75.53
CA LYS J 130 32.22 42.35 -76.14
C LYS J 130 32.98 43.29 -75.19
N LEU J 131 33.30 42.82 -73.98
CA LEU J 131 33.97 43.67 -73.01
C LEU J 131 35.19 43.00 -72.40
N SER J 132 36.10 43.80 -71.86
CA SER J 132 37.30 43.25 -71.24
C SER J 132 37.03 42.75 -69.83
N ALA J 133 37.80 41.76 -69.38
CA ALA J 133 37.58 41.18 -68.06
C ALA J 133 37.39 42.24 -66.98
N ASP J 134 38.30 43.19 -66.91
CA ASP J 134 38.22 44.19 -65.86
C ASP J 134 36.88 44.92 -65.92
N LYS J 135 36.43 45.24 -67.12
CA LYS J 135 35.17 45.95 -67.25
C LYS J 135 34.06 45.10 -66.69
N LEU J 136 34.05 43.82 -67.04
CA LEU J 136 32.99 42.94 -66.56
C LEU J 136 32.97 42.91 -65.04
N GLU J 137 34.12 42.68 -64.42
CA GLU J 137 34.16 42.58 -62.97
C GLU J 137 33.74 43.87 -62.33
N ARG J 138 34.12 44.99 -62.94
CA ARG J 138 33.76 46.28 -62.41
C ARG J 138 32.25 46.41 -62.40
N TYR J 139 31.62 46.01 -63.49
CA TYR J 139 30.16 46.09 -63.57
C TYR J 139 29.51 45.18 -62.53
N GLN J 140 30.11 44.03 -62.29
CA GLN J 140 29.56 43.12 -61.31
C GLN J 140 29.56 43.77 -59.94
N THR J 141 30.67 44.42 -59.58
CA THR J 141 30.74 45.09 -58.31
C THR J 141 29.72 46.22 -58.25
N VAL J 142 29.62 46.98 -59.34
CA VAL J 142 28.66 48.08 -59.37
C VAL J 142 27.26 47.54 -59.14
N GLU J 143 26.92 46.44 -59.79
CA GLU J 143 25.60 45.83 -59.65
C GLU J 143 25.34 45.44 -58.26
N LYS J 144 26.30 44.81 -57.63
CA LYS J 144 26.13 44.37 -56.25
C LYS J 144 26.01 45.55 -55.32
N LYS J 145 26.90 46.53 -55.47
CA LYS J 145 26.88 47.66 -54.56
C LYS J 145 25.62 48.49 -54.73
N ASN J 146 25.23 48.73 -55.98
CA ASN J 146 24.02 49.50 -56.23
C ASN J 146 22.83 48.71 -55.73
N GLY J 147 22.88 47.40 -55.86
CA GLY J 147 21.79 46.56 -55.37
C GLY J 147 21.67 46.64 -53.88
N ARG J 148 22.81 46.59 -53.19
CA ARG J 148 22.80 46.68 -51.74
C ARG J 148 22.20 48.01 -51.31
N ALA J 149 22.53 49.07 -52.04
CA ALA J 149 21.99 50.38 -51.72
C ALA J 149 20.49 50.38 -51.83
N ALA J 150 19.96 49.79 -52.89
CA ALA J 150 18.52 49.75 -53.09
C ALA J 150 17.84 49.02 -51.96
N MET J 151 18.47 47.95 -51.49
CA MET J 151 17.88 47.18 -50.40
C MET J 151 17.73 48.07 -49.17
N ILE J 152 18.76 48.83 -48.85
CA ILE J 152 18.67 49.75 -47.72
C ILE J 152 17.55 50.74 -47.94
N ALA J 153 17.41 51.21 -49.17
CA ALA J 153 16.36 52.16 -49.50
C ALA J 153 14.97 51.58 -49.29
N MET J 154 14.77 50.34 -49.72
CA MET J 154 13.47 49.71 -49.52
C MET J 154 13.19 49.60 -48.04
N ALA J 155 14.22 49.29 -47.27
CA ALA J 155 14.05 49.22 -45.82
C ALA J 155 13.62 50.57 -45.27
N SER J 156 14.23 51.64 -45.77
CA SER J 156 13.88 52.97 -45.30
C SER J 156 12.43 53.23 -45.59
N LEU J 157 11.96 52.84 -46.76
CA LEU J 157 10.57 53.05 -47.12
C LEU J 157 9.66 52.31 -46.16
N PHE J 158 9.95 51.04 -45.91
CA PHE J 158 9.12 50.26 -45.01
C PHE J 158 9.13 50.88 -43.62
N ALA J 159 10.31 51.25 -43.14
CA ALA J 159 10.42 51.84 -41.82
C ALA J 159 9.65 53.14 -41.74
N MET J 160 9.76 53.96 -42.78
CA MET J 160 9.07 55.24 -42.78
C MET J 160 7.59 55.03 -42.55
N LYS J 161 7.00 54.09 -43.27
CA LYS J 161 5.56 53.87 -43.14
C LYS J 161 5.22 53.20 -41.82
N ALA J 162 6.03 52.24 -41.39
CA ALA J 162 5.75 51.52 -40.15
C ALA J 162 6.12 52.32 -38.92
N ILE J 163 7.34 52.85 -38.89
CA ILE J 163 7.79 53.61 -37.73
C ILE J 163 7.87 55.08 -38.07
N PRO J 164 6.95 55.87 -37.51
CA PRO J 164 6.92 57.30 -37.84
C PRO J 164 8.18 58.01 -37.37
N GLY J 165 8.88 58.67 -38.28
CA GLY J 165 10.07 59.42 -37.91
C GLY J 165 11.35 58.62 -37.95
N SER J 166 11.24 57.32 -38.24
CA SER J 166 12.42 56.47 -38.27
C SER J 166 13.44 57.02 -39.24
N VAL J 167 12.99 57.44 -40.41
CA VAL J 167 13.89 58.05 -41.38
C VAL J 167 13.59 59.53 -41.44
N PRO J 168 14.56 60.37 -41.07
CA PRO J 168 14.28 61.81 -41.02
C PRO J 168 14.54 62.54 -42.34
N ILE J 169 15.61 62.20 -43.04
CA ILE J 169 15.95 62.92 -44.26
C ILE J 169 14.83 62.87 -45.28
N MET J 170 14.22 61.71 -45.44
CA MET J 170 13.15 61.57 -46.42
C MET J 170 11.97 62.42 -46.01
N ASP J 171 11.72 62.51 -44.72
CA ASP J 171 10.64 63.35 -44.23
C ASP J 171 10.91 64.78 -44.63
N MET J 172 12.16 65.20 -44.58
CA MET J 172 12.51 66.54 -44.99
C MET J 172 12.17 66.71 -46.46
N LEU J 173 12.45 65.70 -47.26
CA LEU J 173 12.13 65.76 -48.69
C LEU J 173 10.64 65.91 -48.87
N GLY J 174 9.87 65.61 -47.83
CA GLY J 174 8.43 65.77 -47.91
C GLY J 174 7.76 64.57 -48.54
N ALA J 175 8.13 63.39 -48.08
CA ALA J 175 7.55 62.17 -48.64
C ALA J 175 6.18 61.91 -48.08
N ASN J 176 6.10 61.55 -46.81
CA ASN J 176 4.83 61.23 -46.18
C ASN J 176 4.43 62.28 -45.16
N ALA K 1 9.01 -32.41 58.91
CA ALA K 1 9.24 -33.45 57.93
C ALA K 1 10.68 -33.93 57.95
N MET K 2 11.27 -34.13 56.78
CA MET K 2 12.65 -34.60 56.71
C MET K 2 13.67 -33.66 57.34
N PRO K 3 13.57 -32.35 57.06
CA PRO K 3 14.60 -31.45 57.58
C PRO K 3 14.74 -31.54 59.10
N ASP K 4 15.96 -31.47 59.60
CA ASP K 4 16.18 -31.50 61.04
C ASP K 4 15.50 -30.32 61.70
N ARG K 5 14.79 -30.58 62.79
CA ARG K 5 14.08 -29.51 63.46
C ARG K 5 15.04 -28.55 64.13
N MET K 6 14.66 -27.28 64.18
CA MET K 6 15.48 -26.30 64.86
C MET K 6 15.26 -26.40 66.35
N TRP K 7 14.31 -27.22 66.76
CA TRP K 7 14.06 -27.42 68.18
C TRP K 7 15.34 -27.89 68.82
N ASN K 8 16.03 -28.81 68.14
CA ASN K 8 17.26 -29.34 68.68
C ASN K 8 18.27 -28.24 68.93
N LYS K 9 18.43 -27.35 67.96
CA LYS K 9 19.41 -26.29 68.08
C LYS K 9 19.03 -25.21 69.08
N MET K 10 17.73 -25.00 69.29
CA MET K 10 17.31 -23.92 70.17
C MET K 10 16.96 -24.38 71.59
N VAL K 11 17.22 -25.64 71.91
CA VAL K 11 16.98 -26.12 73.27
C VAL K 11 17.90 -27.26 73.64
N ASP K 12 18.21 -27.39 74.93
CA ASP K 12 19.04 -28.50 75.39
C ASP K 12 18.16 -29.54 76.04
N LYS K 13 17.91 -30.64 75.34
CA LYS K 13 17.02 -31.67 75.87
C LYS K 13 17.61 -32.38 77.08
N THR K 14 18.93 -32.50 77.11
CA THR K 14 19.58 -33.20 78.21
C THR K 14 19.24 -32.56 79.54
N GLN K 15 19.37 -31.25 79.62
CA GLN K 15 19.07 -30.53 80.85
C GLN K 15 17.63 -30.02 80.83
N ARG K 16 17.17 -29.46 81.94
CA ARG K 16 15.82 -28.91 81.99
C ARG K 16 15.77 -27.56 82.70
N SER K 17 14.74 -26.78 82.43
CA SER K 17 14.58 -25.47 83.05
C SER K 17 14.41 -25.61 84.55
N LYS K 18 14.71 -24.54 85.28
CA LYS K 18 14.58 -24.57 86.73
C LYS K 18 13.23 -24.10 87.18
N ALA K 19 12.83 -22.91 86.76
CA ALA K 19 11.52 -22.39 87.13
C ALA K 19 10.46 -23.30 86.55
N MET K 20 10.72 -23.84 85.37
CA MET K 20 9.79 -24.76 84.75
C MET K 20 10.45 -26.11 84.58
N PRO K 21 10.24 -27.01 85.54
CA PRO K 21 10.91 -28.31 85.49
C PRO K 21 10.52 -29.10 84.25
N PHE K 22 9.24 -29.05 83.88
CA PHE K 22 8.77 -29.82 82.74
C PHE K 22 9.46 -29.47 81.44
N LEU K 23 9.62 -28.19 81.15
CA LEU K 23 10.22 -27.77 79.90
C LEU K 23 11.72 -28.02 79.87
N PRO K 24 12.27 -28.22 78.67
CA PRO K 24 13.72 -28.39 78.55
C PRO K 24 14.42 -27.06 78.75
N ARG K 25 15.73 -27.07 78.92
CA ARG K 25 16.45 -25.83 79.17
C ARG K 25 16.88 -25.14 77.90
N PRO K 26 16.54 -23.85 77.77
CA PRO K 26 16.99 -23.11 76.59
C PRO K 26 18.50 -23.17 76.50
N ILE K 27 19.04 -23.43 75.32
CA ILE K 27 20.49 -23.61 75.17
C ILE K 27 21.30 -22.35 75.45
N ASN K 28 20.64 -21.21 75.55
CA ASN K 28 21.37 -19.96 75.75
C ASN K 28 21.38 -19.49 77.19
N LEU K 29 20.37 -19.89 77.96
CA LEU K 29 20.33 -19.52 79.37
C LEU K 29 21.23 -20.46 80.15
N ASP K 30 22.54 -20.29 80.01
CA ASP K 30 23.48 -21.18 80.67
C ASP K 30 23.89 -20.68 82.05
N GLY K 31 23.38 -19.53 82.46
CA GLY K 31 23.70 -19.00 83.77
C GLY K 31 24.76 -17.92 83.80
N SER K 32 25.32 -17.60 82.64
CA SER K 32 26.34 -16.56 82.57
C SER K 32 25.76 -15.23 83.02
N TYR K 33 24.60 -14.87 82.49
CA TYR K 33 23.95 -13.63 82.89
C TYR K 33 23.40 -13.72 84.29
N VAL K 34 23.31 -12.59 84.98
CA VAL K 34 22.78 -12.57 86.33
C VAL K 34 21.26 -12.68 86.31
N GLY K 35 20.69 -13.27 87.34
CA GLY K 35 19.24 -13.40 87.42
C GLY K 35 18.71 -14.50 86.54
N ASP K 36 19.57 -15.42 86.13
CA ASP K 36 19.14 -16.49 85.23
C ASP K 36 18.57 -17.68 85.98
N VAL K 37 17.27 -17.87 85.90
CA VAL K 37 16.64 -19.02 86.52
C VAL K 37 16.18 -19.96 85.43
N GLY K 38 16.76 -19.83 84.25
CA GLY K 38 16.38 -20.67 83.13
C GLY K 38 14.92 -20.52 82.79
N PHE K 39 14.44 -19.28 82.72
CA PHE K 39 13.03 -19.05 82.43
C PHE K 39 12.81 -18.39 81.09
N ASP K 40 12.47 -19.19 80.07
CA ASP K 40 12.17 -18.66 78.76
C ASP K 40 11.20 -19.62 78.11
N PRO K 41 9.95 -19.63 78.59
CA PRO K 41 8.98 -20.58 78.08
C PRO K 41 8.79 -20.49 76.57
N PHE K 42 8.99 -19.30 76.00
CA PHE K 42 8.80 -19.11 74.57
C PHE K 42 10.11 -19.23 73.83
N TYR K 43 11.18 -19.57 74.54
CA TYR K 43 12.48 -19.77 73.90
C TYR K 43 12.84 -18.61 72.99
N LEU K 44 12.68 -17.40 73.48
CA LEU K 44 12.99 -16.22 72.68
C LEU K 44 14.48 -15.97 72.67
N SER K 45 15.16 -16.32 73.74
CA SER K 45 16.60 -16.12 73.82
C SER K 45 17.33 -16.95 72.80
N SER K 46 16.68 -18.01 72.31
CA SER K 46 17.33 -18.90 71.36
C SER K 46 17.11 -18.50 69.91
N ILE K 47 16.27 -17.50 69.68
CA ILE K 47 16.00 -17.05 68.33
C ILE K 47 17.28 -16.58 67.67
N ASP K 48 17.52 -16.98 66.44
CA ASP K 48 18.73 -16.60 65.74
C ASP K 48 18.51 -15.36 64.89
N LYS K 49 18.88 -14.19 65.41
CA LYS K 49 18.74 -12.96 64.66
C LYS K 49 19.57 -11.86 65.28
N ASN K 50 20.30 -11.11 64.46
CA ASN K 50 21.07 -10.00 64.98
C ASN K 50 20.19 -8.79 65.12
N PHE K 51 19.60 -8.61 66.28
CA PHE K 51 18.68 -7.49 66.48
C PHE K 51 19.41 -6.17 66.36
N ALA K 52 20.74 -6.21 66.32
CA ALA K 52 21.51 -4.99 66.13
C ALA K 52 21.22 -4.42 64.76
N GLY K 53 20.62 -5.22 63.89
CA GLY K 53 20.28 -4.76 62.57
C GLY K 53 19.31 -3.62 62.60
N PHE K 54 18.55 -3.51 63.69
CA PHE K 54 17.62 -2.40 63.83
C PHE K 54 18.38 -1.08 63.83
N ILE K 55 19.45 -1.00 64.60
CA ILE K 55 20.24 0.23 64.67
C ILE K 55 20.97 0.46 63.36
N GLN K 56 21.64 -0.57 62.86
CA GLN K 56 22.35 -0.44 61.61
C GLN K 56 21.99 -1.59 60.69
N PRO K 57 21.45 -1.28 59.51
CA PRO K 57 21.02 -2.33 58.59
C PRO K 57 22.13 -3.34 58.38
N PRO K 58 21.81 -4.63 58.48
CA PRO K 58 22.83 -5.66 58.33
C PRO K 58 23.56 -5.55 57.01
N SER K 59 22.86 -5.12 55.97
CA SER K 59 23.46 -5.01 54.65
C SER K 59 24.60 -4.00 54.61
N TRP K 60 24.63 -3.08 55.57
CA TRP K 60 25.65 -2.05 55.55
C TRP K 60 27.04 -2.64 55.53
N GLU K 61 27.28 -3.61 56.39
CA GLU K 61 28.60 -4.22 56.46
C GLU K 61 28.52 -5.59 57.13
N GLU K 62 29.51 -6.43 56.88
CA GLU K 62 29.53 -7.75 57.50
C GLU K 62 29.94 -7.64 58.95
N THR K 63 29.13 -8.20 59.84
CA THR K 63 29.45 -8.17 61.26
C THR K 63 29.22 -9.53 61.89
N ASN K 64 29.97 -9.83 62.95
CA ASN K 64 29.81 -11.11 63.63
C ASN K 64 28.39 -11.24 64.14
N GLY K 65 27.82 -10.15 64.63
CA GLY K 65 26.47 -10.17 65.13
C GLY K 65 26.42 -10.16 66.65
N LEU K 66 25.50 -9.39 67.21
CA LEU K 66 25.35 -9.33 68.65
C LEU K 66 24.53 -10.51 69.12
N PRO K 67 25.04 -11.27 70.09
CA PRO K 67 24.28 -12.40 70.63
C PRO K 67 22.90 -11.94 71.09
N THR K 68 21.88 -12.77 70.90
CA THR K 68 20.52 -12.38 71.25
C THR K 68 20.41 -11.98 72.71
N LEU K 69 21.05 -12.73 73.60
CA LEU K 69 20.92 -12.44 75.01
C LEU K 69 21.41 -11.04 75.34
N TYR K 70 22.48 -10.62 74.69
CA TYR K 70 23.01 -9.30 74.96
C TYR K 70 21.93 -8.29 74.68
N TRP K 71 21.32 -8.38 73.51
CA TRP K 71 20.28 -7.44 73.14
C TRP K 71 19.14 -7.51 74.13
N MET K 72 18.71 -8.72 74.44
CA MET K 72 17.58 -8.89 75.34
C MET K 72 17.89 -8.32 76.71
N ARG K 73 19.11 -8.56 77.20
CA ARG K 73 19.49 -8.04 78.50
C ARG K 73 19.43 -6.53 78.47
N GLU K 74 19.97 -5.94 77.40
CA GLU K 74 19.98 -4.50 77.28
C GLU K 74 18.57 -3.97 77.45
N ALA K 75 17.63 -4.54 76.71
CA ALA K 75 16.26 -4.06 76.77
C ALA K 75 15.69 -4.24 78.15
N GLU K 76 15.96 -5.37 78.78
CA GLU K 76 15.44 -5.64 80.10
C GLU K 76 15.95 -4.59 81.07
N LEU K 77 17.24 -4.35 81.04
CA LEU K 77 17.82 -3.36 81.94
C LEU K 77 17.21 -2.00 81.68
N LYS K 78 17.18 -1.59 80.42
CA LYS K 78 16.67 -0.27 80.09
C LYS K 78 15.23 -0.14 80.53
N HIS K 79 14.41 -1.12 80.19
CA HIS K 79 13.00 -1.06 80.55
C HIS K 79 12.88 -0.91 82.05
N GLY K 80 13.66 -1.70 82.80
CA GLY K 80 13.58 -1.66 84.24
C GLY K 80 13.98 -0.32 84.82
N ARG K 81 15.10 0.20 84.37
CA ARG K 81 15.56 1.49 84.86
C ARG K 81 14.50 2.53 84.59
N ILE K 82 13.98 2.58 83.38
CA ILE K 82 12.96 3.54 83.02
C ILE K 82 11.73 3.37 83.91
N ALA K 83 11.33 2.13 84.14
CA ALA K 83 10.14 1.87 84.95
C ALA K 83 10.31 2.35 86.38
N MET K 84 11.47 2.04 86.98
CA MET K 84 11.72 2.48 88.34
C MET K 84 11.62 3.99 88.40
N MET K 85 12.26 4.66 87.47
CA MET K 85 12.23 6.11 87.46
C MET K 85 10.81 6.61 87.39
N ALA K 86 10.03 6.05 86.48
CA ALA K 86 8.66 6.49 86.30
C ALA K 86 7.83 6.32 87.56
N PHE K 87 8.01 5.19 88.23
CA PHE K 87 7.21 4.93 89.42
C PHE K 87 7.43 6.01 90.45
N ALA K 88 8.71 6.31 90.72
CA ALA K 88 9.01 7.32 91.71
C ALA K 88 8.36 8.63 91.33
N GLY K 89 8.53 9.03 90.08
CA GLY K 89 7.97 10.29 89.63
C GLY K 89 6.48 10.34 89.80
N TRP K 90 5.79 9.25 89.45
CA TRP K 90 4.34 9.23 89.53
C TRP K 90 3.91 9.54 90.96
N LEU K 91 4.49 8.82 91.91
CA LEU K 91 4.10 9.02 93.30
C LEU K 91 4.46 10.40 93.80
N ALA K 92 5.68 10.85 93.50
CA ALA K 92 6.10 12.16 93.96
C ALA K 92 5.16 13.22 93.43
N THR K 93 4.82 13.13 92.15
CA THR K 93 3.89 14.08 91.56
C THR K 93 2.56 13.97 92.28
N ASP K 94 2.14 12.75 92.58
CA ASP K 94 0.90 12.56 93.31
C ASP K 94 0.99 13.24 94.65
N PHE K 95 2.15 13.12 95.30
CA PHE K 95 2.34 13.77 96.59
C PHE K 95 2.31 15.28 96.41
N GLY K 96 2.51 15.75 95.19
CA GLY K 96 2.44 17.17 94.92
C GLY K 96 3.77 17.81 94.57
N VAL K 97 4.85 17.05 94.69
CA VAL K 97 6.17 17.60 94.43
C VAL K 97 6.21 18.21 93.04
N ARG K 98 6.63 19.46 92.95
CA ARG K 98 6.75 20.13 91.65
C ARG K 98 8.15 20.69 91.53
N PHE K 99 8.54 21.08 90.31
CA PHE K 99 9.90 21.56 90.11
C PHE K 99 10.20 22.77 90.98
N PRO K 100 11.42 22.83 91.53
CA PRO K 100 11.80 23.97 92.36
C PRO K 100 11.85 25.23 91.52
N GLY K 101 10.93 26.15 91.75
CA GLY K 101 10.87 27.35 90.94
C GLY K 101 9.94 27.19 89.76
N ALA K 102 9.20 26.10 89.73
CA ALA K 102 8.27 25.85 88.64
C ALA K 102 7.11 26.85 88.68
N GLY K 103 6.26 26.82 87.67
CA GLY K 103 5.17 27.77 87.61
C GLY K 103 3.78 27.18 87.56
N GLU K 104 2.81 27.97 87.13
CA GLU K 104 1.42 27.52 87.10
C GLU K 104 1.19 26.23 86.32
N PRO K 105 1.80 26.10 85.13
CA PRO K 105 1.48 24.88 84.38
C PRO K 105 1.70 23.64 85.23
N TYR K 106 2.83 23.55 85.91
CA TYR K 106 3.13 22.39 86.72
C TYR K 106 2.25 22.31 87.94
N THR K 107 2.08 23.43 88.63
CA THR K 107 1.28 23.44 89.85
C THR K 107 -0.17 23.07 89.58
N SER K 108 -0.74 23.59 88.50
CA SER K 108 -2.13 23.33 88.20
C SER K 108 -2.46 21.87 87.94
N VAL K 109 -1.49 21.09 87.46
CA VAL K 109 -1.76 19.70 87.12
C VAL K 109 -2.51 19.00 88.26
N PRO K 110 -3.65 18.39 87.94
CA PRO K 110 -4.46 17.73 88.96
C PRO K 110 -3.85 16.42 89.45
N ASN K 111 -3.55 15.51 88.53
CA ASN K 111 -2.99 14.22 88.91
C ASN K 111 -2.07 13.67 87.83
N ALA K 112 -1.18 12.76 88.20
CA ALA K 112 -0.24 12.21 87.24
C ALA K 112 -0.97 11.58 86.07
N PHE K 113 -2.10 10.95 86.34
CA PHE K 113 -2.87 10.35 85.27
C PHE K 113 -3.24 11.37 84.21
N SER K 114 -3.30 12.64 84.60
CA SER K 114 -3.71 13.69 83.67
C SER K 114 -2.55 14.55 83.18
N ALA K 115 -1.36 14.32 83.73
CA ALA K 115 -0.21 15.15 83.36
C ALA K 115 0.21 14.99 81.91
N HIS K 116 0.23 13.75 81.41
CA HIS K 116 0.72 13.52 80.05
C HIS K 116 0.04 14.42 79.04
N ASN K 117 -1.28 14.42 79.03
CA ASN K 117 -2.00 15.19 78.04
C ASN K 117 -1.72 16.69 78.17
N ILE K 118 -1.77 17.21 79.39
CA ILE K 118 -1.57 18.64 79.56
C ILE K 118 -0.15 19.02 79.17
N MET K 119 0.81 18.15 79.49
CA MET K 119 2.20 18.44 79.18
C MET K 119 2.47 18.40 77.68
N VAL K 120 1.92 17.40 76.99
CA VAL K 120 2.10 17.34 75.54
C VAL K 120 1.49 18.58 74.93
N ASP K 121 0.36 19.02 75.46
CA ASP K 121 -0.27 20.23 74.97
C ASP K 121 0.63 21.42 75.26
N SER K 122 1.26 21.42 76.42
CA SER K 122 2.17 22.50 76.77
C SER K 122 3.36 22.52 75.83
N GLY K 123 3.82 21.34 75.42
CA GLY K 123 4.96 21.25 74.52
C GLY K 123 6.21 20.77 75.20
N ALA K 124 6.21 20.76 76.53
CA ALA K 124 7.39 20.32 77.27
C ALA K 124 7.73 18.87 76.94
N MET K 125 6.71 18.06 76.69
CA MET K 125 6.96 16.67 76.34
C MET K 125 7.83 16.60 75.09
N TRP K 126 7.54 17.47 74.12
CA TRP K 126 8.34 17.50 72.91
C TRP K 126 9.79 17.77 73.25
N VAL K 127 10.02 18.73 74.14
CA VAL K 127 11.39 19.06 74.51
C VAL K 127 12.07 17.84 75.09
N MET K 128 11.37 17.13 75.99
CA MET K 128 11.96 15.94 76.58
C MET K 128 12.32 14.94 75.52
N LEU K 129 11.45 14.77 74.54
CA LEU K 129 11.70 13.78 73.50
C LEU K 129 13.02 14.04 72.81
N SER K 130 13.25 15.28 72.42
CA SER K 130 14.48 15.61 71.72
C SER K 130 15.69 15.29 72.58
N LEU K 131 15.63 15.66 73.85
CA LEU K 131 16.74 15.40 74.76
C LEU K 131 16.97 13.91 74.91
N ILE K 132 15.90 13.16 75.13
CA ILE K 132 16.01 11.73 75.30
C ILE K 132 16.59 11.10 74.04
N GLY K 133 16.17 11.59 72.89
CA GLY K 133 16.68 11.07 71.64
C GLY K 133 18.19 11.23 71.55
N PHE K 134 18.69 12.37 71.99
CA PHE K 134 20.11 12.61 71.95
C PHE K 134 20.82 11.56 72.75
N ILE K 135 20.31 11.29 73.95
CA ILE K 135 20.92 10.29 74.80
C ILE K 135 20.91 8.94 74.12
N GLU K 136 19.77 8.58 73.53
CA GLU K 136 19.65 7.28 72.89
C GLU K 136 20.72 7.11 71.83
N ILE K 137 20.85 8.08 70.93
CA ILE K 137 21.80 7.97 69.84
C ILE K 137 23.23 7.97 70.32
N SER K 138 23.54 8.79 71.32
CA SER K 138 24.90 8.87 71.83
C SER K 138 25.33 7.56 72.46
N THR K 139 24.41 6.87 73.12
CA THR K 139 24.79 5.65 73.82
C THR K 139 24.53 4.35 73.05
N ALA K 140 23.65 4.40 72.07
CA ALA K 140 23.29 3.17 71.34
C ALA K 140 24.38 2.65 70.42
N ALA K 141 25.19 3.53 69.85
CA ALA K 141 26.21 3.10 68.89
C ALA K 141 27.10 1.99 69.44
N VAL K 142 27.26 1.95 70.75
CA VAL K 142 28.15 0.96 71.34
C VAL K 142 27.74 -0.46 70.96
N LEU K 143 26.43 -0.70 70.84
CA LEU K 143 25.96 -2.03 70.51
C LEU K 143 26.52 -2.49 69.19
N VAL K 144 26.52 -1.60 68.20
CA VAL K 144 27.08 -1.93 66.89
C VAL K 144 28.55 -2.28 67.02
N GLU K 145 29.28 -1.50 67.81
CA GLU K 145 30.69 -1.77 68.00
C GLU K 145 30.90 -3.15 68.57
N VAL K 146 30.06 -3.51 69.54
CA VAL K 146 30.17 -4.83 70.16
C VAL K 146 29.90 -5.92 69.14
N SER K 147 28.86 -5.73 68.33
CA SER K 147 28.52 -6.72 67.31
C SER K 147 29.67 -6.84 66.32
N LYS K 148 30.30 -5.72 66.03
CA LYS K 148 31.44 -5.74 65.12
C LYS K 148 32.55 -6.57 65.73
N GLY K 149 32.52 -6.72 67.06
CA GLY K 149 33.53 -7.50 67.74
C GLY K 149 34.77 -6.68 68.04
N GLU K 150 34.65 -5.37 67.96
CA GLU K 150 35.80 -4.51 68.19
C GLU K 150 35.85 -3.96 69.61
N ASN K 151 34.83 -4.27 70.41
CA ASN K 151 34.80 -3.80 71.79
C ASN K 151 34.29 -4.90 72.69
N ASP K 152 34.65 -4.85 73.97
CA ASP K 152 34.26 -5.91 74.90
C ASP K 152 33.41 -5.40 76.04
N ARG K 153 32.62 -4.35 75.79
CA ARG K 153 31.73 -3.85 76.84
C ARG K 153 30.62 -4.84 77.12
N GLU K 154 30.13 -4.86 78.34
CA GLU K 154 29.07 -5.78 78.72
C GLU K 154 27.72 -5.07 78.73
N ALA K 155 26.65 -5.83 78.75
CA ALA K 155 25.31 -5.24 78.71
C ALA K 155 25.06 -4.35 79.91
N GLY K 156 24.57 -3.13 79.67
CA GLY K 156 24.26 -2.22 80.76
C GLY K 156 25.47 -1.51 81.31
N ASP K 157 26.65 -1.85 80.83
CA ASP K 157 27.87 -1.25 81.32
C ASP K 157 28.15 0.07 80.62
N PHE K 158 27.81 1.17 81.28
CA PHE K 158 28.12 2.48 80.72
C PHE K 158 29.19 3.15 81.54
N CYS K 159 29.89 2.36 82.36
CA CYS K 159 30.97 2.90 83.17
C CYS K 159 30.48 4.10 83.98
N PHE K 160 29.29 4.00 84.53
CA PHE K 160 28.71 5.11 85.28
C PHE K 160 28.65 4.85 86.77
N ASP K 161 29.62 5.38 87.52
CA ASP K 161 29.63 5.21 88.97
C ASP K 161 30.22 6.43 89.66
N PRO K 162 29.47 7.53 89.70
CA PRO K 162 30.00 8.76 90.30
C PRO K 162 30.31 8.61 91.78
N LEU K 163 29.39 8.02 92.55
CA LEU K 163 29.59 7.92 93.99
C LEU K 163 30.41 6.70 94.37
N GLY K 164 30.87 5.95 93.38
CA GLY K 164 31.72 4.80 93.66
C GLY K 164 31.16 3.78 94.62
N PHE K 165 29.85 3.54 94.57
CA PHE K 165 29.24 2.55 95.44
C PHE K 165 29.86 1.19 95.21
N CYS K 166 30.17 0.88 93.96
CA CYS K 166 30.71 -0.44 93.64
C CYS K 166 32.19 -0.40 93.27
N LYS K 167 32.80 0.77 93.37
CA LYS K 167 34.22 0.88 93.08
C LYS K 167 35.01 0.00 94.02
N GLY K 168 35.98 -0.74 93.49
CA GLY K 168 36.80 -1.61 94.31
C GLY K 168 35.96 -2.55 95.16
N LYS K 169 35.04 -3.27 94.54
CA LYS K 169 34.18 -4.19 95.26
C LYS K 169 34.38 -5.62 94.78
N SER K 170 34.19 -6.59 95.66
CA SER K 170 34.34 -7.99 95.27
C SER K 170 33.40 -8.32 94.13
N ALA K 171 33.88 -9.07 93.15
CA ALA K 171 33.05 -9.38 91.99
C ALA K 171 31.72 -9.98 92.42
N ASP K 172 31.77 -10.86 93.40
CA ASP K 172 30.55 -11.49 93.87
C ASP K 172 29.58 -10.43 94.35
N ALA K 173 30.08 -9.43 95.06
CA ALA K 173 29.23 -8.36 95.55
C ALA K 173 28.68 -7.52 94.40
N ILE K 174 29.51 -7.25 93.41
CA ILE K 174 29.02 -6.50 92.26
C ILE K 174 27.91 -7.30 91.63
N ASN K 175 28.04 -8.62 91.65
CA ASN K 175 27.02 -9.49 91.07
C ASN K 175 25.70 -9.37 91.81
N THR K 176 25.76 -9.42 93.13
CA THR K 176 24.54 -9.31 93.92
C THR K 176 23.94 -7.92 93.71
N MET K 177 24.80 -6.92 93.60
CA MET K 177 24.32 -5.56 93.41
C MET K 177 23.57 -5.45 92.09
N LYS K 178 24.17 -5.96 91.02
CA LYS K 178 23.54 -5.85 89.72
C LYS K 178 22.25 -6.63 89.71
N LEU K 179 22.25 -7.77 90.39
CA LEU K 179 21.03 -8.56 90.49
C LEU K 179 19.98 -7.75 91.21
N LYS K 180 20.39 -7.03 92.24
CA LYS K 180 19.45 -6.22 93.00
C LYS K 180 18.80 -5.22 92.09
N GLU K 181 19.60 -4.60 91.23
CA GLU K 181 19.05 -3.64 90.28
C GLU K 181 18.04 -4.32 89.40
N LEU K 182 18.40 -5.47 88.86
CA LEU K 182 17.51 -6.21 87.98
C LEU K 182 16.22 -6.56 88.69
N GLN K 183 16.34 -7.07 89.92
CA GLN K 183 15.16 -7.47 90.66
C GLN K 183 14.24 -6.29 90.87
N ASN K 184 14.81 -5.18 91.32
CA ASN K 184 14.01 -3.99 91.58
C ASN K 184 13.39 -3.52 90.28
N GLY K 185 14.16 -3.56 89.20
CA GLY K 185 13.67 -3.11 87.90
C GLY K 185 12.51 -3.92 87.41
N ARG K 186 12.63 -5.25 87.49
CA ARG K 186 11.55 -6.11 87.04
C ARG K 186 10.31 -5.80 87.84
N ALA K 187 10.49 -5.62 89.14
CA ALA K 187 9.36 -5.32 90.00
C ALA K 187 8.71 -4.03 89.55
N ALA K 188 9.51 -3.03 89.26
CA ALA K 188 8.97 -1.73 88.85
C ALA K 188 8.18 -1.83 87.56
N MET K 189 8.68 -2.61 86.62
CA MET K 189 7.99 -2.75 85.35
C MET K 189 6.59 -3.26 85.61
N MET K 190 6.49 -4.33 86.37
CA MET K 190 5.18 -4.89 86.69
C MET K 190 4.38 -3.86 87.47
N ALA K 191 5.06 -3.13 88.35
CA ALA K 191 4.38 -2.13 89.16
C ALA K 191 3.72 -1.08 88.31
N PHE K 192 4.43 -0.61 87.30
CA PHE K 192 3.89 0.47 86.47
C PHE K 192 2.57 0.06 85.84
N GLY K 193 2.44 -1.20 85.48
CA GLY K 193 1.23 -1.64 84.81
C GLY K 193 -0.01 -1.29 85.59
N GLY K 194 -0.04 -1.67 86.87
CA GLY K 194 -1.18 -1.35 87.70
C GLY K 194 -1.27 0.15 87.86
N LEU K 195 -0.12 0.78 88.04
CA LEU K 195 -0.10 2.23 88.21
C LEU K 195 -0.70 2.92 87.01
N ALA K 196 -0.94 2.15 85.95
CA ALA K 196 -1.52 2.73 84.74
C ALA K 196 -2.92 2.21 84.51
N THR K 197 -3.06 0.90 84.34
CA THR K 197 -4.36 0.32 84.06
C THR K 197 -5.35 0.62 85.18
N GLN K 198 -4.93 0.42 86.42
CA GLN K 198 -5.83 0.65 87.54
C GLN K 198 -6.29 2.10 87.55
N THR K 199 -5.34 3.02 87.41
CA THR K 199 -5.68 4.44 87.45
C THR K 199 -6.63 4.79 86.32
N ALA K 200 -6.37 4.25 85.13
CA ALA K 200 -7.23 4.56 83.99
C ALA K 200 -8.66 4.12 84.25
N LEU K 201 -8.83 2.88 84.68
CA LEU K 201 -10.17 2.36 84.95
C LEU K 201 -10.78 3.03 86.17
N GLY K 202 -10.03 3.10 87.25
CA GLY K 202 -10.56 3.67 88.47
C GLY K 202 -10.07 5.07 88.71
N GLY K 203 -9.45 5.30 89.86
CA GLY K 203 -8.97 6.63 90.20
C GLY K 203 -7.56 6.62 90.73
N VAL K 204 -6.94 7.79 90.79
CA VAL K 204 -5.57 7.88 91.29
C VAL K 204 -5.54 8.13 92.79
N ASP K 205 -4.77 7.33 93.51
CA ASP K 205 -4.66 7.49 94.95
C ASP K 205 -3.42 6.74 95.38
N PHE K 206 -3.04 6.81 96.64
CA PHE K 206 -1.90 6.02 97.08
C PHE K 206 -2.10 4.55 96.70
N PRO K 207 -3.32 4.03 96.91
CA PRO K 207 -3.57 2.65 96.47
C PRO K 207 -3.95 2.55 94.99
N TYR K 208 -4.40 3.64 94.39
CA TYR K 208 -4.81 3.64 92.98
C TYR K 208 -5.83 2.54 92.67
N LEU K 209 -6.78 2.31 93.56
CA LEU K 209 -7.75 1.23 93.36
C LEU K 209 -8.91 1.64 92.44
N VAL K 210 -9.74 0.68 92.07
CA VAL K 210 -10.88 0.96 91.20
C VAL K 210 -12.18 0.61 91.90
N PRO K 211 -13.20 1.48 91.78
CA PRO K 211 -14.44 1.19 92.51
C PRO K 211 -15.06 -0.08 91.99
N TYR K 212 -14.91 -1.16 92.73
CA TYR K 212 -15.42 -2.45 92.30
C TYR K 212 -16.89 -2.34 91.90
N PRO K 213 -17.74 -1.79 92.79
CA PRO K 213 -19.16 -1.76 92.44
C PRO K 213 -19.40 -0.79 91.28
N ASN K 214 -18.69 0.32 91.27
CA ASN K 214 -18.88 1.32 90.24
C ASN K 214 -18.24 0.91 88.92
N VAL K 215 -18.58 1.63 87.86
CA VAL K 215 -18.00 1.33 86.55
C VAL K 215 -16.54 1.72 86.50
N ALA K 216 -15.81 1.18 85.54
CA ALA K 216 -14.41 1.53 85.39
C ALA K 216 -14.17 2.07 83.99
N ASP K 217 -14.95 1.60 83.03
CA ASP K 217 -14.80 2.06 81.65
C ASP K 217 -15.88 1.45 80.77
N ALA L 1 16.47 5.76 -90.53
CA ALA L 1 15.41 5.16 -91.35
C ALA L 1 14.15 6.01 -91.29
N LYS L 2 13.78 6.58 -92.42
CA LYS L 2 12.59 7.44 -92.45
C LYS L 2 11.32 6.64 -92.68
N SER L 3 10.20 7.14 -92.18
CA SER L 3 8.93 6.44 -92.33
C SER L 3 8.38 6.57 -93.73
N LYS L 4 7.67 5.55 -94.19
CA LYS L 4 7.09 5.59 -95.53
C LYS L 4 6.04 6.68 -95.66
N ALA L 5 5.15 6.79 -94.69
CA ALA L 5 4.08 7.78 -94.75
C ALA L 5 4.61 9.19 -94.60
N LEU L 6 5.51 9.39 -93.65
CA LEU L 6 6.08 10.71 -93.43
C LEU L 6 7.56 10.63 -93.72
N PRO L 7 7.94 10.82 -94.98
CA PRO L 7 9.35 10.64 -95.36
C PRO L 7 10.34 11.52 -94.61
N TRP L 8 9.93 12.67 -94.08
CA TRP L 8 10.87 13.58 -93.44
C TRP L 8 11.07 13.28 -91.95
N LEU L 9 10.43 12.23 -91.46
CA LEU L 9 10.52 11.91 -90.04
C LEU L 9 11.01 10.50 -89.83
N PRO L 10 11.64 10.23 -88.68
CA PRO L 10 12.15 8.89 -88.39
C PRO L 10 11.03 7.87 -88.31
N ASN L 11 11.35 6.59 -88.51
CA ASN L 11 10.33 5.55 -88.50
C ASN L 11 10.00 5.05 -87.10
N PRO L 12 8.71 4.89 -86.81
CA PRO L 12 8.37 4.28 -85.52
C PRO L 12 8.79 2.83 -85.54
N SER L 13 9.69 2.43 -84.66
CA SER L 13 10.23 1.06 -84.69
C SER L 13 9.37 0.00 -84.01
N ASN L 14 8.82 0.31 -82.85
CA ASN L 14 8.06 -0.69 -82.10
C ASN L 14 6.86 -1.22 -82.89
N LEU L 15 6.39 -0.45 -83.86
CA LEU L 15 5.23 -0.85 -84.64
C LEU L 15 5.60 -1.72 -85.81
N ASP L 16 6.90 -1.93 -86.02
CA ASP L 16 7.35 -2.72 -87.15
C ASP L 16 6.86 -4.15 -87.08
N GLY L 17 6.62 -4.75 -88.24
CA GLY L 17 6.16 -6.13 -88.26
C GLY L 17 4.74 -6.32 -87.78
N ARG L 18 3.93 -5.28 -87.88
CA ARG L 18 2.54 -5.37 -87.46
C ARG L 18 1.62 -5.11 -88.64
N ILE L 19 0.41 -5.68 -88.60
CA ILE L 19 -0.53 -5.48 -89.70
C ILE L 19 -0.94 -4.02 -89.78
N GLY L 20 -0.91 -3.46 -90.98
CA GLY L 20 -1.31 -2.08 -91.16
C GLY L 20 -0.29 -1.06 -90.70
N ALA L 21 0.99 -1.45 -90.67
CA ALA L 21 2.03 -0.52 -90.31
C ALA L 21 2.50 0.26 -91.51
N ASN L 22 1.99 1.47 -91.68
CA ASN L 22 2.38 2.29 -92.82
C ASN L 22 3.41 3.33 -92.39
N GLY L 23 3.93 3.18 -91.18
CA GLY L 23 4.91 4.12 -90.68
C GLY L 23 4.32 5.42 -90.18
N PHE L 24 3.03 5.42 -89.85
CA PHE L 24 2.38 6.66 -89.42
C PHE L 24 2.16 6.74 -87.92
N ASP L 25 3.06 7.42 -87.22
CA ASP L 25 2.89 7.64 -85.79
C ASP L 25 3.63 8.91 -85.49
N PRO L 26 3.15 10.03 -86.05
CA PRO L 26 3.88 11.29 -85.88
C PRO L 26 4.14 11.65 -84.42
N LEU L 27 3.16 11.48 -83.55
CA LEU L 27 3.33 11.88 -82.15
C LEU L 27 4.07 10.83 -81.34
N GLY L 28 4.35 9.69 -81.95
CA GLY L 28 5.12 8.65 -81.26
C GLY L 28 4.48 8.04 -80.03
N ILE L 29 3.18 7.80 -80.07
CA ILE L 29 2.51 7.16 -78.95
C ILE L 29 3.09 5.77 -78.74
N SER L 30 3.44 5.09 -79.81
CA SER L 30 3.97 3.73 -79.71
C SER L 30 5.24 3.67 -78.89
N GLU L 31 6.07 4.70 -78.97
CA GLU L 31 7.33 4.69 -78.26
C GLU L 31 7.11 4.67 -76.76
N TYR L 32 5.95 5.12 -76.31
CA TYR L 32 5.70 5.19 -74.87
C TYR L 32 4.72 4.13 -74.40
N PHE L 33 3.55 4.07 -75.03
CA PHE L 33 2.52 3.12 -74.58
C PHE L 33 2.76 1.71 -75.09
N PRO L 34 2.32 0.71 -74.32
CA PRO L 34 2.49 -0.69 -74.72
C PRO L 34 1.82 -0.93 -76.06
N VAL L 35 2.51 -1.55 -77.01
CA VAL L 35 1.96 -1.73 -78.35
C VAL L 35 0.75 -2.65 -78.40
N ASP L 36 0.78 -3.72 -77.62
CA ASP L 36 -0.35 -4.65 -77.62
C ASP L 36 -1.64 -3.96 -77.19
N TYR L 37 -1.55 -3.07 -76.22
CA TYR L 37 -2.73 -2.33 -75.80
C TYR L 37 -3.21 -1.49 -76.96
N LEU L 38 -2.29 -0.76 -77.59
CA LEU L 38 -2.67 0.10 -78.70
C LEU L 38 -3.30 -0.71 -79.82
N VAL L 39 -2.71 -1.84 -80.16
CA VAL L 39 -3.23 -2.66 -81.24
C VAL L 39 -4.64 -3.15 -80.92
N GLU L 40 -4.84 -3.64 -79.71
CA GLU L 40 -6.15 -4.12 -79.32
C GLU L 40 -7.17 -3.02 -79.43
N SER L 41 -6.80 -1.82 -79.01
CA SER L 41 -7.72 -0.70 -79.04
C SER L 41 -8.12 -0.36 -80.46
N GLU L 42 -7.15 -0.34 -81.37
CA GLU L 42 -7.45 0.03 -82.74
C GLU L 42 -8.47 -0.95 -83.29
N ILE L 43 -8.24 -2.24 -83.06
CA ILE L 43 -9.13 -3.25 -83.58
C ILE L 43 -10.53 -3.11 -82.99
N LYS L 44 -10.63 -2.96 -81.68
CA LYS L 44 -11.94 -2.87 -81.04
C LYS L 44 -12.67 -1.64 -81.54
N HIS L 45 -12.00 -0.50 -81.58
CA HIS L 45 -12.65 0.72 -82.02
C HIS L 45 -13.18 0.50 -83.42
N GLY L 46 -12.39 -0.11 -84.27
CA GLY L 46 -12.79 -0.34 -85.64
C GLY L 46 -14.01 -1.22 -85.75
N ARG L 47 -13.98 -2.35 -85.05
CA ARG L 47 -15.10 -3.28 -85.12
C ARG L 47 -16.37 -2.61 -84.63
N VAL L 48 -16.29 -1.89 -83.51
CA VAL L 48 -17.46 -1.22 -82.99
C VAL L 48 -17.99 -0.21 -84.00
N CYS L 49 -17.10 0.60 -84.57
CA CYS L 49 -17.53 1.61 -85.52
C CYS L 49 -18.14 0.99 -86.77
N MET L 50 -17.55 -0.10 -87.24
CA MET L 50 -18.08 -0.75 -88.43
C MET L 50 -19.54 -1.05 -88.21
N MET L 51 -19.85 -1.70 -87.09
CA MET L 51 -21.25 -2.01 -86.79
C MET L 51 -22.06 -0.75 -86.55
N ALA L 52 -21.49 0.21 -85.83
CA ALA L 52 -22.22 1.44 -85.52
C ALA L 52 -22.63 2.15 -86.78
N TRP L 53 -21.71 2.26 -87.72
CA TRP L 53 -22.01 2.96 -88.96
C TRP L 53 -23.12 2.24 -89.70
N ALA L 54 -23.02 0.93 -89.77
CA ALA L 54 -24.02 0.16 -90.47
C ALA L 54 -25.39 0.40 -89.85
N GLY L 55 -25.46 0.32 -88.52
CA GLY L 55 -26.73 0.50 -87.86
C GLY L 55 -27.31 1.87 -88.10
N TYR L 56 -26.47 2.89 -88.00
CA TYR L 56 -26.95 4.24 -88.18
C TYR L 56 -27.58 4.37 -89.55
N VAL L 57 -26.85 3.98 -90.59
CA VAL L 57 -27.34 4.11 -91.95
C VAL L 57 -28.57 3.25 -92.19
N ALA L 58 -28.57 2.03 -91.67
CA ALA L 58 -29.68 1.13 -91.89
C ALA L 58 -30.98 1.73 -91.39
N VAL L 59 -30.98 2.16 -90.13
CA VAL L 59 -32.19 2.72 -89.55
C VAL L 59 -32.62 3.95 -90.32
N ASP L 60 -31.65 4.76 -90.74
CA ASP L 60 -31.96 5.97 -91.49
C ASP L 60 -32.62 5.63 -92.82
N LEU L 61 -32.26 4.49 -93.38
CA LEU L 61 -32.91 4.05 -94.61
C LEU L 61 -34.06 3.12 -94.25
N GLY L 62 -34.83 3.47 -93.23
CA GLY L 62 -35.92 2.62 -92.78
C GLY L 62 -35.42 1.47 -91.95
N ALA L 63 -35.73 0.24 -92.34
CA ALA L 63 -35.21 -0.94 -91.65
C ALA L 63 -35.85 -1.31 -90.29
N ARG L 64 -36.61 -0.42 -89.68
CA ARG L 64 -37.18 -0.77 -88.38
C ARG L 64 -37.73 -2.18 -88.39
N ILE L 65 -37.49 -2.93 -87.31
CA ILE L 65 -37.98 -4.30 -87.22
C ILE L 65 -39.45 -4.35 -86.84
N TYR L 66 -40.04 -5.54 -86.94
CA TYR L 66 -41.45 -5.69 -86.60
C TYR L 66 -41.61 -6.81 -85.59
N PRO L 67 -42.56 -6.66 -84.66
CA PRO L 67 -43.26 -5.40 -84.39
C PRO L 67 -42.37 -4.40 -83.69
N LEU L 68 -42.65 -3.10 -83.86
CA LEU L 68 -41.81 -2.07 -83.24
C LEU L 68 -42.55 -1.38 -82.11
N PRO L 69 -41.87 -1.23 -80.96
CA PRO L 69 -42.49 -0.51 -79.86
C PRO L 69 -43.01 0.84 -80.32
N GLU L 70 -44.20 1.22 -79.89
CA GLU L 70 -44.80 2.47 -80.35
C GLU L 70 -43.91 3.66 -80.06
N SER L 71 -43.23 3.64 -78.92
CA SER L 71 -42.36 4.75 -78.57
C SER L 71 -41.26 4.93 -79.59
N MET L 72 -40.90 3.86 -80.28
CA MET L 72 -39.83 3.91 -81.25
C MET L 72 -40.27 4.46 -82.59
N GLN L 73 -41.53 4.82 -82.71
CA GLN L 73 -42.04 5.31 -83.98
C GLN L 73 -41.58 6.73 -84.23
N GLY L 74 -41.30 7.06 -85.49
CA GLY L 74 -40.86 8.40 -85.83
C GLY L 74 -39.55 8.82 -85.20
N VAL L 75 -38.59 7.90 -85.14
CA VAL L 75 -37.28 8.24 -84.61
C VAL L 75 -36.19 8.06 -85.65
N THR L 76 -35.31 9.05 -85.78
CA THR L 76 -34.21 8.94 -86.71
C THR L 76 -33.15 8.10 -86.04
N SER L 77 -32.09 7.74 -86.77
CA SER L 77 -31.01 7.00 -86.13
C SER L 77 -30.60 7.87 -84.98
N ALA L 78 -30.44 9.16 -85.21
CA ALA L 78 -30.14 10.06 -84.12
C ALA L 78 -31.45 10.25 -83.40
N THR L 79 -31.40 10.69 -82.15
CA THR L 79 -32.62 10.86 -81.37
C THR L 79 -33.37 9.54 -81.22
N ALA L 80 -32.64 8.44 -81.07
CA ALA L 80 -33.29 7.15 -80.85
C ALA L 80 -32.75 6.53 -79.59
N HIS L 81 -31.56 6.94 -79.17
CA HIS L 81 -30.95 6.38 -77.98
C HIS L 81 -31.86 6.52 -76.78
N ASP L 82 -32.40 7.71 -76.58
CA ASP L 82 -33.23 7.96 -75.40
C ASP L 82 -34.55 7.19 -75.43
N PRO L 83 -35.25 7.22 -76.57
CA PRO L 83 -36.47 6.41 -76.60
C PRO L 83 -36.16 4.96 -76.29
N ALA L 84 -35.08 4.43 -76.87
CA ALA L 84 -34.74 3.03 -76.67
C ALA L 84 -34.35 2.73 -75.23
N VAL L 85 -33.57 3.59 -74.63
CA VAL L 85 -33.11 3.34 -73.27
C VAL L 85 -34.26 3.33 -72.34
N ALA L 86 -35.31 4.06 -72.64
CA ALA L 86 -36.52 4.04 -71.83
C ALA L 86 -37.29 2.74 -72.00
N PHE L 87 -37.39 2.26 -73.24
CA PHE L 87 -38.11 1.01 -73.51
C PHE L 87 -37.42 -0.17 -72.85
N GLY L 88 -36.09 -0.21 -72.91
CA GLY L 88 -35.35 -1.30 -72.31
C GLY L 88 -34.41 -1.98 -73.28
N SER L 89 -34.44 -1.57 -74.54
CA SER L 89 -33.60 -2.19 -75.55
C SER L 89 -32.14 -1.99 -75.22
N MET L 90 -31.75 -0.76 -74.95
CA MET L 90 -30.35 -0.47 -74.70
C MET L 90 -29.83 -1.23 -73.49
N GLY L 91 -30.58 -1.21 -72.41
CA GLY L 91 -30.15 -1.89 -71.20
C GLY L 91 -30.04 -3.38 -71.39
N ASN L 92 -30.96 -3.95 -72.17
CA ASN L 92 -30.97 -5.39 -72.38
C ASN L 92 -29.80 -5.84 -73.23
N MET L 93 -29.24 -4.96 -74.05
CA MET L 93 -28.06 -5.33 -74.81
C MET L 93 -26.79 -4.95 -74.05
N PHE L 94 -26.89 -3.95 -73.19
CA PHE L 94 -25.73 -3.55 -72.41
C PHE L 94 -25.26 -4.70 -71.55
N ILE L 95 -26.20 -5.45 -70.99
CA ILE L 95 -25.85 -6.55 -70.11
C ILE L 95 -24.91 -7.52 -70.79
N TRP L 96 -25.28 -7.98 -71.98
CA TRP L 96 -24.46 -8.95 -72.68
C TRP L 96 -23.15 -8.36 -73.13
N ILE L 97 -23.18 -7.12 -73.60
CA ILE L 97 -21.95 -6.46 -74.02
C ILE L 97 -21.01 -6.40 -72.84
N ALA L 98 -21.54 -6.09 -71.68
CA ALA L 98 -20.71 -5.99 -70.48
C ALA L 98 -20.06 -7.32 -70.16
N LEU L 99 -20.84 -8.40 -70.25
CA LEU L 99 -20.31 -9.70 -69.92
C LEU L 99 -19.10 -10.02 -70.77
N PHE L 100 -19.24 -9.86 -72.07
CA PHE L 100 -18.13 -10.17 -72.96
C PHE L 100 -16.97 -9.28 -72.66
N GLU L 101 -17.23 -8.00 -72.42
CA GLU L 101 -16.16 -7.06 -72.19
C GLU L 101 -15.35 -7.42 -70.95
N MET L 102 -16.03 -7.88 -69.90
CA MET L 102 -15.33 -8.24 -68.67
C MET L 102 -14.42 -9.44 -68.89
N VAL L 103 -14.91 -10.47 -69.55
CA VAL L 103 -14.07 -11.63 -69.84
C VAL L 103 -12.94 -11.18 -70.74
N GLY L 104 -13.23 -10.26 -71.64
CA GLY L 104 -12.20 -9.75 -72.54
C GLY L 104 -11.13 -9.03 -71.78
N TRP L 105 -11.50 -8.35 -70.71
CA TRP L 105 -10.52 -7.65 -69.89
C TRP L 105 -9.54 -8.65 -69.33
N ILE L 106 -10.04 -9.80 -68.90
CA ILE L 106 -9.17 -10.83 -68.39
C ILE L 106 -8.21 -11.28 -69.47
N GLY L 107 -8.73 -11.44 -70.69
CA GLY L 107 -7.87 -11.83 -71.80
C GLY L 107 -6.79 -10.81 -72.05
N LEU L 108 -7.15 -9.53 -72.04
CA LEU L 108 -6.18 -8.48 -72.28
C LEU L 108 -5.08 -8.52 -71.23
N SER L 109 -5.46 -8.73 -69.98
CA SER L 109 -4.49 -8.76 -68.90
C SER L 109 -3.49 -9.87 -69.16
N GLN L 110 -3.99 -11.05 -69.51
CA GLN L 110 -3.12 -12.18 -69.78
C GLN L 110 -2.25 -11.90 -71.00
N THR L 111 -2.80 -11.25 -72.00
CA THR L 111 -2.03 -10.93 -73.19
C THR L 111 -0.87 -10.02 -72.84
N LEU L 112 -1.13 -9.00 -72.03
CA LEU L 112 -0.08 -8.07 -71.65
C LEU L 112 0.93 -8.71 -70.73
N GLN L 113 0.51 -9.69 -69.95
CA GLN L 113 1.41 -10.38 -69.05
C GLN L 113 2.16 -11.49 -69.77
N GLY L 114 1.85 -11.71 -71.04
CA GLY L 114 2.54 -12.72 -71.82
C GLY L 114 1.88 -14.08 -71.74
N SER L 115 0.86 -14.31 -72.56
CA SER L 115 0.18 -15.59 -72.56
C SER L 115 0.16 -16.18 -73.95
N GLY L 116 0.25 -15.33 -74.96
CA GLY L 116 0.26 -15.79 -76.33
C GLY L 116 -0.99 -15.43 -77.11
N ARG L 117 -1.94 -14.77 -76.48
CA ARG L 117 -3.13 -14.33 -77.19
C ARG L 117 -2.80 -13.09 -77.99
N GLU L 118 -2.86 -13.19 -79.31
CA GLU L 118 -2.56 -12.05 -80.13
C GLU L 118 -3.59 -10.97 -79.89
N PRO L 119 -3.15 -9.71 -79.90
CA PRO L 119 -4.10 -8.64 -79.60
C PRO L 119 -5.27 -8.70 -80.55
N GLY L 120 -6.50 -8.72 -80.02
CA GLY L 120 -7.67 -8.74 -80.87
C GLY L 120 -8.18 -10.12 -81.23
N ASP L 121 -7.48 -11.15 -80.79
CA ASP L 121 -7.89 -12.52 -81.11
C ASP L 121 -8.80 -13.11 -80.05
N PHE L 122 -10.01 -13.50 -80.46
CA PHE L 122 -10.93 -14.13 -79.53
C PHE L 122 -11.30 -15.51 -80.04
N GLY L 123 -10.51 -16.03 -80.97
CA GLY L 123 -10.75 -17.35 -81.50
C GLY L 123 -12.13 -17.55 -82.08
N TRP L 124 -12.61 -16.60 -82.87
CA TRP L 124 -13.96 -16.69 -83.41
C TRP L 124 -13.96 -16.73 -84.92
N GLY L 125 -14.55 -17.77 -85.49
CA GLY L 125 -14.63 -17.86 -86.94
C GLY L 125 -13.29 -17.81 -87.66
N LYS L 126 -12.29 -18.45 -87.09
CA LYS L 126 -10.97 -18.47 -87.71
C LYS L 126 -10.95 -19.35 -88.94
N GLN L 127 -11.99 -20.16 -89.11
CA GLN L 127 -12.05 -21.07 -90.24
C GLN L 127 -12.01 -20.32 -91.56
N PHE L 128 -12.59 -19.13 -91.60
CA PHE L 128 -12.66 -18.38 -92.84
C PHE L 128 -11.45 -17.49 -93.05
N MET L 129 -10.45 -17.60 -92.20
CA MET L 129 -9.29 -16.71 -92.29
C MET L 129 -8.25 -17.21 -93.27
N GLY L 130 -8.49 -18.36 -93.89
CA GLY L 130 -7.53 -18.93 -94.81
C GLY L 130 -6.51 -19.80 -94.12
N LYS L 131 -5.61 -20.40 -94.89
CA LYS L 131 -4.62 -21.31 -94.31
C LYS L 131 -3.21 -20.75 -94.35
N THR L 132 -2.78 -20.26 -95.50
CA THR L 132 -1.43 -19.73 -95.63
C THR L 132 -1.32 -18.45 -94.83
N GLN L 133 -0.19 -18.26 -94.16
CA GLN L 133 -0.04 -17.08 -93.33
C GLN L 133 -0.29 -15.84 -94.17
N ALA L 134 0.14 -15.89 -95.43
CA ALA L 134 -0.04 -14.75 -96.31
C ALA L 134 -1.51 -14.37 -96.42
N GLU L 135 -2.36 -15.35 -96.72
CA GLU L 135 -3.78 -15.06 -96.89
C GLU L 135 -4.38 -14.64 -95.56
N ILE L 136 -3.91 -15.25 -94.47
CA ILE L 136 -4.40 -14.85 -93.15
C ILE L 136 -4.08 -13.39 -92.93
N ASP L 137 -2.87 -12.98 -93.28
CA ASP L 137 -2.47 -11.60 -93.08
C ASP L 137 -3.28 -10.64 -93.94
N THR L 138 -3.57 -11.04 -95.17
CA THR L 138 -4.37 -10.19 -96.04
C THR L 138 -5.73 -9.98 -95.43
N MET L 139 -6.31 -11.05 -94.89
CA MET L 139 -7.63 -10.94 -94.27
C MET L 139 -7.58 -9.95 -93.12
N LYS L 140 -6.53 -10.03 -92.32
CA LYS L 140 -6.40 -9.14 -91.18
C LYS L 140 -6.32 -7.70 -91.63
N LEU L 141 -5.52 -7.44 -92.66
CA LEU L 141 -5.42 -6.08 -93.18
C LEU L 141 -6.76 -5.63 -93.71
N LYS L 142 -7.50 -6.53 -94.32
CA LYS L 142 -8.80 -6.19 -94.84
C LYS L 142 -9.68 -5.69 -93.71
N GLU L 143 -9.70 -6.41 -92.60
CA GLU L 143 -10.48 -6.00 -91.46
C GLU L 143 -10.02 -4.64 -90.98
N LEU L 144 -8.72 -4.47 -90.80
CA LEU L 144 -8.19 -3.21 -90.28
C LEU L 144 -8.50 -2.06 -91.21
N THR L 145 -8.33 -2.27 -92.51
CA THR L 145 -8.55 -1.20 -93.46
C THR L 145 -9.99 -0.77 -93.46
N ASN L 146 -10.89 -1.74 -93.44
CA ASN L 146 -12.30 -1.42 -93.40
C ASN L 146 -12.62 -0.74 -92.09
N GLY L 147 -12.00 -1.19 -91.02
CA GLY L 147 -12.25 -0.62 -89.71
C GLY L 147 -11.87 0.83 -89.59
N ARG L 148 -10.68 1.18 -90.09
CA ARG L 148 -10.22 2.56 -90.02
C ARG L 148 -11.19 3.46 -90.78
N ALA L 149 -11.63 3.00 -91.94
CA ALA L 149 -12.58 3.78 -92.71
C ALA L 149 -13.86 3.94 -91.94
N ALA L 150 -14.29 2.87 -91.27
CA ALA L 150 -15.54 2.91 -90.53
C ALA L 150 -15.50 3.94 -89.42
N MET L 151 -14.38 4.04 -88.74
CA MET L 151 -14.28 4.98 -87.63
C MET L 151 -14.54 6.38 -88.18
N LEU L 152 -13.84 6.73 -89.24
CA LEU L 152 -14.01 8.05 -89.83
C LEU L 152 -15.43 8.19 -90.34
N ALA L 153 -15.95 7.14 -90.96
CA ALA L 153 -17.28 7.19 -91.53
C ALA L 153 -18.30 7.52 -90.48
N PHE L 154 -18.25 6.83 -89.34
CA PHE L 154 -19.26 7.05 -88.31
C PHE L 154 -19.22 8.48 -87.83
N ALA L 155 -18.01 9.00 -87.63
CA ALA L 155 -17.88 10.35 -87.14
C ALA L 155 -18.59 11.31 -88.06
N GLY L 156 -18.36 11.18 -89.36
CA GLY L 156 -19.00 12.07 -90.31
C GLY L 156 -20.50 11.95 -90.24
N VAL L 157 -21.00 10.74 -90.25
CA VAL L 157 -22.44 10.54 -90.25
C VAL L 157 -23.08 11.20 -89.05
N VAL L 158 -22.57 10.94 -87.86
CA VAL L 158 -23.20 11.49 -86.66
C VAL L 158 -23.06 13.01 -86.59
N THR L 159 -21.88 13.54 -86.87
CA THR L 159 -21.66 14.98 -86.76
C THR L 159 -22.47 15.75 -87.79
N GLN L 160 -22.42 15.30 -89.04
CA GLN L 160 -23.14 15.99 -90.10
C GLN L 160 -24.64 15.89 -89.89
N SER L 161 -25.10 14.74 -89.41
CA SER L 161 -26.53 14.54 -89.20
C SER L 161 -27.10 15.48 -88.16
N VAL L 162 -26.45 15.55 -87.00
CA VAL L 162 -26.94 16.41 -85.92
C VAL L 162 -26.81 17.88 -86.27
N LEU L 163 -25.68 18.26 -86.84
CA LEU L 163 -25.44 19.68 -87.15
C LEU L 163 -26.43 20.24 -88.12
N TYR L 164 -26.78 19.48 -89.15
CA TYR L 164 -27.64 20.02 -90.20
C TYR L 164 -28.96 19.27 -90.34
N ASP L 165 -29.26 18.38 -89.41
CA ASP L 165 -30.52 17.64 -89.46
C ASP L 165 -30.80 17.09 -90.84
N LYS L 166 -29.96 16.19 -91.31
CA LYS L 166 -30.12 15.65 -92.66
C LYS L 166 -30.27 14.14 -92.70
N GLY L 167 -30.84 13.61 -93.78
CA GLY L 167 -31.06 12.19 -93.90
C GLY L 167 -29.91 11.41 -94.51
N PHE L 168 -30.18 10.21 -95.00
CA PHE L 168 -29.09 9.37 -95.50
C PHE L 168 -28.05 10.13 -96.31
N PRO L 169 -28.46 10.71 -97.44
CA PRO L 169 -27.40 11.44 -98.13
C PRO L 169 -26.89 12.49 -97.19
N TYR L 170 -25.58 12.52 -96.96
CA TYR L 170 -25.01 13.50 -96.05
C TYR L 170 -25.61 13.36 -94.66
N PHE L 171 -25.93 12.14 -94.27
CA PHE L 171 -26.44 11.91 -92.93
C PHE L 171 -25.55 12.58 -91.90
N SER M 1 38.68 1.60 44.51
CA SER M 1 38.13 2.08 45.77
C SER M 1 36.61 2.06 45.74
N LYS M 2 36.00 3.23 45.71
CA LYS M 2 34.55 3.31 45.69
C LYS M 2 34.02 2.69 44.42
N ASN M 3 32.90 1.99 44.53
CA ASN M 3 32.28 1.39 43.36
C ASN M 3 31.90 2.47 42.39
N VAL M 4 31.30 3.55 42.89
CA VAL M 4 30.86 4.63 42.02
C VAL M 4 31.78 5.84 42.14
N GLN M 5 32.53 6.14 41.09
CA GLN M 5 33.43 7.29 41.11
C GLN M 5 33.31 8.08 39.82
N VAL M 6 33.92 9.25 39.79
CA VAL M 6 33.89 10.07 38.59
C VAL M 6 35.23 10.02 37.87
N PHE M 7 35.22 9.56 36.62
CA PHE M 7 36.45 9.50 35.84
C PHE M 7 36.30 10.34 34.59
N VAL M 8 37.15 11.34 34.43
CA VAL M 8 37.02 12.23 33.28
C VAL M 8 38.37 12.53 32.65
N GLU M 9 38.43 12.55 31.33
CA GLU M 9 39.67 12.86 30.63
C GLU M 9 39.72 14.33 30.26
N LYS M 10 40.81 15.01 30.60
CA LYS M 10 40.91 16.43 30.30
C LYS M 10 41.42 16.72 28.90
N ASP M 11 40.88 17.76 28.27
CA ASP M 11 41.34 18.15 26.93
C ASP M 11 41.37 16.98 25.97
N ALA M 12 40.22 16.40 25.70
CA ALA M 12 40.15 15.24 24.82
C ALA M 12 40.17 15.61 23.33
N VAL M 13 39.41 16.61 22.95
CA VAL M 13 39.33 16.99 21.55
C VAL M 13 39.61 18.47 21.35
N GLU M 14 40.53 18.79 20.45
CA GLU M 14 40.86 20.18 20.18
C GLU M 14 39.74 20.88 19.44
N THR M 15 39.44 22.12 19.82
CA THR M 15 38.40 22.87 19.15
C THR M 15 38.99 23.63 17.97
N SER M 16 38.55 23.30 16.76
CA SER M 16 39.04 24.00 15.58
C SER M 16 38.02 23.91 14.46
N PHE M 17 38.19 24.73 13.43
CA PHE M 17 37.23 24.74 12.33
C PHE M 17 37.74 23.95 11.14
N ALA M 18 38.85 23.23 11.31
CA ALA M 18 39.43 22.49 10.20
C ALA M 18 38.51 21.40 9.71
N LYS M 19 38.00 20.58 10.62
CA LYS M 19 37.13 19.49 10.23
C LYS M 19 35.86 20.02 9.59
N TRP M 20 35.45 21.21 10.00
CA TRP M 20 34.25 21.80 9.44
C TRP M 20 34.40 21.97 7.96
N ALA M 21 35.61 22.25 7.52
CA ALA M 21 35.87 22.48 6.10
C ALA M 21 36.19 21.19 5.37
N GLN M 22 36.05 20.06 6.05
CA GLN M 22 36.34 18.78 5.43
C GLN M 22 35.12 17.90 5.56
N PRO M 23 34.10 18.16 4.76
CA PRO M 23 32.85 17.40 4.90
C PRO M 23 33.10 15.91 4.76
N GLY M 24 32.49 15.11 5.63
CA GLY M 24 32.65 13.67 5.57
C GLY M 24 33.79 13.15 6.42
N HIS M 25 34.32 14.01 7.27
CA HIS M 25 35.42 13.61 8.13
C HIS M 25 35.07 12.44 9.01
N PHE M 26 33.82 12.36 9.45
CA PHE M 26 33.42 11.30 10.37
C PHE M 26 33.56 9.91 9.77
N SER M 27 33.42 9.78 8.47
CA SER M 27 33.47 8.47 7.83
C SER M 27 34.75 8.24 7.08
N ARG M 28 35.24 7.00 7.10
CA ARG M 28 36.44 6.67 6.35
C ARG M 28 36.16 6.70 4.87
N THR M 29 35.04 6.11 4.47
CA THR M 29 34.70 6.07 3.06
C THR M 29 34.38 7.43 2.49
N LEU M 30 33.54 8.19 3.17
CA LEU M 30 33.14 9.50 2.66
C LEU M 30 34.29 10.49 2.67
N ALA M 31 35.23 10.31 3.57
CA ALA M 31 36.34 11.24 3.69
C ALA M 31 37.16 11.33 2.42
N LYS M 32 37.22 10.25 1.66
CA LYS M 32 38.04 10.24 0.46
C LYS M 32 37.66 11.35 -0.51
N GLY M 33 36.38 11.64 -0.63
CA GLY M 33 35.94 12.72 -1.50
C GLY M 33 34.73 12.36 -2.32
N PRO M 34 34.06 13.38 -2.89
CA PRO M 34 32.87 13.14 -3.69
C PRO M 34 33.19 12.77 -5.13
N LYS M 35 32.60 11.70 -5.64
CA LYS M 35 32.80 11.32 -7.03
C LYS M 35 31.45 11.22 -7.72
N THR M 36 30.40 11.00 -6.94
CA THR M 36 29.04 10.95 -7.49
C THR M 36 28.10 11.61 -6.51
N THR M 37 26.89 11.91 -6.94
CA THR M 37 25.94 12.61 -6.08
C THR M 37 25.56 11.79 -4.84
N THR M 38 25.79 10.50 -4.89
CA THR M 38 25.44 9.64 -3.76
C THR M 38 26.21 10.05 -2.51
N TRP M 39 27.43 10.52 -2.70
CA TRP M 39 28.25 10.92 -1.57
C TRP M 39 27.52 11.98 -0.75
N ILE M 40 26.90 12.94 -1.43
CA ILE M 40 26.21 14.01 -0.72
C ILE M 40 25.13 13.44 0.18
N TRP M 41 24.29 12.59 -0.36
CA TRP M 41 23.19 12.04 0.42
C TRP M 41 23.71 11.20 1.56
N ASN M 42 24.75 10.41 1.31
CA ASN M 42 25.30 9.54 2.35
C ASN M 42 25.86 10.35 3.49
N LEU M 43 26.43 11.51 3.19
CA LEU M 43 26.98 12.35 4.23
C LEU M 43 25.92 12.67 5.25
N HIS M 44 24.73 13.01 4.80
CA HIS M 44 23.66 13.40 5.71
C HIS M 44 23.02 12.20 6.41
N ALA M 45 23.07 11.03 5.79
CA ALA M 45 22.43 9.85 6.36
C ALA M 45 23.29 9.10 7.37
N ASP M 46 24.57 9.39 7.40
CA ASP M 46 25.48 8.69 8.30
C ASP M 46 26.04 9.64 9.31
N ALA M 47 25.47 10.83 9.40
CA ALA M 47 26.01 11.85 10.29
C ALA M 47 25.94 11.50 11.76
N HIS M 48 24.84 10.93 12.20
CA HIS M 48 24.68 10.65 13.62
C HIS M 48 24.75 9.18 13.96
N ASP M 49 25.24 8.36 13.04
CA ASP M 49 25.42 6.95 13.34
C ASP M 49 26.81 6.77 13.90
N PHE M 50 27.00 7.12 15.16
CA PHE M 50 28.33 7.06 15.77
C PHE M 50 28.93 5.67 15.80
N ASP M 51 28.08 4.66 15.89
CA ASP M 51 28.57 3.28 15.97
C ASP M 51 29.40 2.92 14.76
N SER M 52 29.03 3.47 13.60
CA SER M 52 29.76 3.19 12.38
C SER M 52 30.92 4.13 12.19
N GLN M 53 30.95 5.23 12.95
CA GLN M 53 32.02 6.20 12.82
C GLN M 53 33.21 5.84 13.71
N THR M 54 32.95 5.12 14.79
CA THR M 54 34.01 4.70 15.69
C THR M 54 33.74 3.31 16.23
N SER M 55 34.77 2.63 16.70
CA SER M 55 34.61 1.27 17.22
C SER M 55 34.73 1.20 18.73
N SER M 56 34.86 2.35 19.38
CA SER M 56 35.01 2.37 20.83
C SER M 56 33.76 2.89 21.51
N LEU M 57 33.21 2.10 22.43
CA LEU M 57 31.99 2.50 23.10
C LEU M 57 32.19 3.82 23.84
N GLU M 58 33.38 4.02 24.39
CA GLU M 58 33.64 5.24 25.13
C GLU M 58 33.42 6.44 24.25
N GLU M 59 33.97 6.39 23.05
CA GLU M 59 33.83 7.52 22.13
C GLU M 59 32.39 7.73 21.72
N VAL M 60 31.70 6.65 21.38
CA VAL M 60 30.31 6.77 21.01
C VAL M 60 29.55 7.37 22.17
N SER M 61 29.81 6.88 23.38
CA SER M 61 29.09 7.36 24.54
C SER M 61 29.33 8.85 24.75
N ARG M 62 30.57 9.28 24.61
CA ARG M 62 30.90 10.68 24.84
C ARG M 62 30.12 11.57 23.89
N LYS M 63 30.03 11.17 22.63
CA LYS M 63 29.32 11.97 21.65
C LYS M 63 27.85 12.10 22.01
N ILE M 64 27.24 11.00 22.44
CA ILE M 64 25.82 11.03 22.77
C ILE M 64 25.51 11.99 23.91
N PHE M 65 26.34 11.99 24.94
CA PHE M 65 26.10 12.86 26.08
C PHE M 65 26.12 14.31 25.63
N SER M 66 27.12 14.68 24.86
CA SER M 66 27.23 16.06 24.40
C SER M 66 26.12 16.42 23.44
N ALA M 67 25.74 15.50 22.56
CA ALA M 67 24.69 15.78 21.60
C ALA M 67 23.40 16.06 22.31
N HIS M 68 23.17 15.37 23.41
CA HIS M 68 21.95 15.57 24.18
C HIS M 68 21.91 16.98 24.72
N PHE M 69 23.03 17.50 25.18
CA PHE M 69 23.08 18.87 25.66
C PHE M 69 22.63 19.80 24.55
N GLY M 70 23.02 19.51 23.33
CA GLY M 70 22.62 20.32 22.20
C GLY M 70 21.12 20.37 22.02
N GLN M 71 20.46 19.22 22.10
CA GLN M 71 19.02 19.20 21.99
C GLN M 71 18.38 20.02 23.08
N LEU M 72 18.91 19.92 24.30
CA LEU M 72 18.36 20.67 25.41
C LEU M 72 18.47 22.15 25.16
N ALA M 73 19.58 22.58 24.57
CA ALA M 73 19.75 23.98 24.25
C ALA M 73 18.69 24.42 23.27
N ILE M 74 18.45 23.63 22.23
CA ILE M 74 17.44 23.97 21.25
C ILE M 74 16.08 24.07 21.90
N ILE M 75 15.75 23.13 22.76
CA ILE M 75 14.45 23.13 23.42
C ILE M 75 14.28 24.39 24.24
N PHE M 76 15.33 24.79 24.95
CA PHE M 76 15.27 25.99 25.77
C PHE M 76 15.05 27.23 24.91
N LEU M 77 15.73 27.33 23.79
CA LEU M 77 15.52 28.47 22.90
C LEU M 77 14.09 28.49 22.40
N TRP M 78 13.53 27.33 22.10
CA TRP M 78 12.16 27.24 21.64
C TRP M 78 11.20 27.81 22.68
N ILE M 79 11.31 27.32 23.90
CA ILE M 79 10.44 27.79 24.97
C ILE M 79 10.62 29.29 25.19
N SER M 80 11.86 29.75 25.14
CA SER M 80 12.14 31.16 25.32
C SER M 80 11.41 32.00 24.30
N GLY M 81 11.47 31.57 23.04
CA GLY M 81 10.83 32.32 21.99
C GLY M 81 9.35 32.43 22.22
N MET M 82 8.73 31.35 22.66
CA MET M 82 7.29 31.34 22.87
C MET M 82 6.89 32.36 23.91
N HIS M 83 7.63 32.41 25.01
CA HIS M 83 7.32 33.37 26.06
C HIS M 83 7.55 34.79 25.59
N PHE M 84 8.60 35.02 24.83
CA PHE M 84 8.85 36.35 24.29
C PHE M 84 7.73 36.77 23.37
N HIS M 85 7.33 35.88 22.48
CA HIS M 85 6.27 36.21 21.53
C HIS M 85 4.97 36.44 22.28
N GLY M 86 4.86 35.86 23.46
CA GLY M 86 3.67 36.06 24.27
C GLY M 86 3.77 37.33 25.07
N ALA M 87 4.94 37.95 25.07
CA ALA M 87 5.13 39.18 25.79
C ALA M 87 5.07 40.38 24.86
N TYR M 88 5.48 40.21 23.62
CA TYR M 88 5.54 41.33 22.70
C TYR M 88 4.55 41.25 21.56
N PHE M 89 4.02 40.06 21.29
CA PHE M 89 3.12 39.90 20.16
C PHE M 89 1.86 39.15 20.52
N SER M 90 1.28 39.45 21.68
CA SER M 90 0.11 38.69 22.12
C SER M 90 -0.96 39.53 22.77
N ASN M 91 -2.10 38.92 23.05
CA ASN M 91 -3.19 39.63 23.70
C ASN M 91 -3.48 38.98 25.04
N TYR M 92 -2.44 38.51 25.71
CA TYR M 92 -2.64 37.81 26.98
C TYR M 92 -3.32 38.68 28.01
N SER M 93 -2.92 39.94 28.11
CA SER M 93 -3.49 40.81 29.12
C SER M 93 -5.00 40.90 28.95
N ALA M 94 -5.44 41.17 27.73
CA ALA M 94 -6.86 41.29 27.48
C ALA M 94 -7.57 39.98 27.75
N TRP M 95 -6.99 38.88 27.29
CA TRP M 95 -7.61 37.58 27.50
C TRP M 95 -7.72 37.31 28.98
N LEU M 96 -6.70 37.71 29.73
CA LEU M 96 -6.70 37.44 31.15
C LEU M 96 -7.92 38.08 31.78
N THR M 97 -8.25 39.30 31.37
CA THR M 97 -9.42 39.99 31.92
C THR M 97 -10.74 39.34 31.49
N ASP M 98 -10.86 38.99 30.22
CA ASP M 98 -12.07 38.32 29.74
C ASP M 98 -11.71 37.06 28.99
N PRO M 99 -11.43 35.98 29.71
CA PRO M 99 -10.99 34.74 29.05
C PRO M 99 -12.03 34.14 28.14
N ILE M 100 -13.31 34.31 28.43
CA ILE M 100 -14.35 33.68 27.64
C ILE M 100 -14.51 34.28 26.24
N SER M 101 -14.37 35.59 26.10
CA SER M 101 -14.59 36.23 24.80
C SER M 101 -13.34 36.36 23.93
N ILE M 102 -12.29 36.98 24.45
CA ILE M 102 -11.08 37.20 23.66
C ILE M 102 -10.47 35.89 23.20
N LYS M 103 -9.95 35.86 21.97
CA LYS M 103 -9.35 34.64 21.45
C LYS M 103 -7.82 34.70 21.54
N GLN M 104 -7.20 33.60 21.94
CA GLN M 104 -5.75 33.57 22.11
C GLN M 104 -4.98 33.79 20.82
N SER M 105 -4.00 34.68 20.86
CA SER M 105 -3.18 34.93 19.68
C SER M 105 -1.78 35.36 20.08
N SER M 106 -0.77 34.76 19.46
CA SER M 106 0.61 35.09 19.82
C SER M 106 1.52 35.19 18.61
N GLN M 107 0.94 35.19 17.41
CA GLN M 107 1.76 35.36 16.20
C GLN M 107 1.14 36.42 15.31
N VAL M 108 1.97 37.34 14.81
CA VAL M 108 1.48 38.39 13.94
C VAL M 108 2.29 38.40 12.65
N VAL M 109 1.62 38.58 11.52
CA VAL M 109 2.30 38.57 10.24
C VAL M 109 2.60 39.98 9.74
N TRP M 110 3.72 40.16 9.05
CA TRP M 110 4.07 41.46 8.53
C TRP M 110 3.13 41.81 7.41
N PRO M 111 2.93 43.11 7.17
CA PRO M 111 1.97 43.52 6.15
C PRO M 111 2.55 43.45 4.76
N ILE M 112 3.04 42.28 4.36
CA ILE M 112 3.57 42.12 3.01
C ILE M 112 2.65 41.30 2.17
N VAL M 113 2.48 41.72 0.94
CA VAL M 113 1.65 40.97 -0.01
C VAL M 113 0.29 40.40 0.39
N GLY M 114 -0.55 41.19 1.02
CA GLY M 114 -1.88 40.72 1.32
C GLY M 114 -1.91 39.59 2.31
N GLN M 115 -0.74 39.23 2.83
CA GLN M 115 -0.68 38.17 3.80
C GLN M 115 -1.29 38.68 5.09
N GLU M 116 -1.53 39.98 5.17
CA GLU M 116 -2.07 40.57 6.38
C GLU M 116 -3.46 40.02 6.67
N ILE M 117 -4.15 39.53 5.64
CA ILE M 117 -5.46 38.96 5.84
C ILE M 117 -5.36 37.91 6.91
N LEU M 118 -4.18 37.31 7.04
CA LEU M 118 -4.02 36.25 8.02
C LEU M 118 -4.09 36.77 9.44
N ASN M 119 -3.93 38.08 9.61
CA ASN M 119 -4.05 38.68 10.93
C ASN M 119 -5.52 38.87 11.25
N ALA M 120 -6.08 37.96 12.02
CA ALA M 120 -7.51 38.01 12.32
C ALA M 120 -7.86 38.97 13.43
N ASP M 121 -9.14 39.32 13.53
CA ASP M 121 -9.58 40.19 14.61
C ASP M 121 -9.86 39.34 15.82
N VAL M 122 -8.82 38.84 16.46
CA VAL M 122 -8.99 37.96 17.61
C VAL M 122 -9.72 38.60 18.77
N GLY M 123 -9.43 39.87 19.04
CA GLY M 123 -10.06 40.56 20.15
C GLY M 123 -9.08 41.40 20.94
N GLY M 124 -9.58 42.16 21.91
CA GLY M 124 -8.71 42.99 22.72
C GLY M 124 -7.89 43.98 21.92
N ASN M 125 -8.50 44.63 20.94
CA ASN M 125 -7.80 45.62 20.13
C ASN M 125 -6.50 45.03 19.61
N PHE M 126 -6.56 43.80 19.13
CA PHE M 126 -5.36 43.13 18.63
C PHE M 126 -5.71 42.28 17.43
N GLN M 127 -4.81 42.23 16.45
CA GLN M 127 -5.05 41.41 15.27
C GLN M 127 -3.88 40.47 15.05
N GLY M 128 -4.15 39.17 15.03
CA GLY M 128 -3.08 38.19 14.84
C GLY M 128 -3.60 36.80 14.57
N ILE M 129 -2.69 35.84 14.46
CA ILE M 129 -3.09 34.46 14.20
C ILE M 129 -3.50 33.80 15.48
N GLN M 130 -4.63 33.11 15.46
CA GLN M 130 -5.11 32.43 16.65
C GLN M 130 -4.30 31.18 16.92
N THR M 131 -3.51 31.21 17.98
CA THR M 131 -2.66 30.07 18.31
C THR M 131 -3.45 29.00 19.05
N THR M 132 -2.99 27.76 19.01
CA THR M 132 -3.74 26.67 19.61
C THR M 132 -2.88 25.74 20.47
N SER M 133 -1.79 26.27 21.00
CA SER M 133 -0.88 25.42 21.78
C SER M 133 -1.23 25.41 23.26
N GLY M 134 -2.06 26.36 23.69
CA GLY M 134 -2.50 26.38 25.07
C GLY M 134 -1.60 27.11 26.04
N TRP M 135 -0.79 28.03 25.53
CA TRP M 135 0.13 28.76 26.37
C TRP M 135 -0.60 29.65 27.36
N PHE M 136 -1.63 30.34 26.90
CA PHE M 136 -2.32 31.28 27.79
C PHE M 136 -2.86 30.58 29.03
N GLN M 137 -3.49 29.44 28.83
CA GLN M 137 -4.08 28.71 29.96
C GLN M 137 -3.01 28.31 30.96
N MET M 138 -1.89 27.81 30.45
CA MET M 138 -0.80 27.40 31.33
C MET M 138 -0.29 28.57 32.14
N TRP M 139 -0.07 29.69 31.48
CA TRP M 139 0.45 30.86 32.18
C TRP M 139 -0.50 31.33 33.25
N ARG M 140 -1.79 31.29 32.98
CA ARG M 140 -2.77 31.71 33.97
C ARG M 140 -2.70 30.81 35.18
N ALA M 141 -2.55 29.51 34.96
CA ALA M 141 -2.47 28.56 36.06
C ALA M 141 -1.24 28.82 36.90
N GLU M 142 -0.16 29.20 36.26
CA GLU M 142 1.07 29.51 36.99
C GLU M 142 0.94 30.81 37.76
N GLY M 143 0.04 31.67 37.32
CA GLY M 143 -0.16 32.94 37.98
C GLY M 143 0.67 34.07 37.42
N ILE M 144 0.88 34.07 36.11
CA ILE M 144 1.74 35.09 35.51
C ILE M 144 1.16 36.49 35.67
N THR M 145 -0.08 36.71 35.27
CA THR M 145 -0.74 38.02 35.44
C THR M 145 -0.17 39.13 34.57
N SER M 146 1.14 39.31 34.57
CA SER M 146 1.75 40.40 33.80
C SER M 146 2.50 39.91 32.58
N GLU M 147 2.91 40.84 31.73
CA GLU M 147 3.69 40.46 30.56
C GLU M 147 5.15 40.73 30.83
N VAL M 148 5.44 41.42 31.93
CA VAL M 148 6.82 41.63 32.31
C VAL M 148 7.39 40.31 32.75
N GLU M 149 6.59 39.54 33.46
CA GLU M 149 7.04 38.25 33.94
C GLU M 149 7.38 37.33 32.79
N LEU M 150 6.56 37.38 31.74
CA LEU M 150 6.81 36.56 30.56
C LEU M 150 8.15 36.93 29.95
N TYR M 151 8.46 38.21 29.93
CA TYR M 151 9.72 38.66 29.36
C TYR M 151 10.87 38.07 30.14
N TRP M 152 10.78 38.07 31.46
CA TRP M 152 11.88 37.57 32.27
C TRP M 152 12.09 36.07 32.13
N THR M 153 11.02 35.31 32.03
CA THR M 153 11.17 33.88 31.84
C THR M 153 11.81 33.63 30.48
N ALA M 154 11.55 34.51 29.52
CA ALA M 154 12.17 34.38 28.21
C ALA M 154 13.67 34.57 28.34
N ILE M 155 14.08 35.57 29.11
CA ILE M 155 15.50 35.82 29.29
C ILE M 155 16.16 34.65 29.98
N GLY M 156 15.48 34.08 30.96
CA GLY M 156 16.02 32.92 31.65
C GLY M 156 16.22 31.81 30.67
N GLY M 157 15.28 31.63 29.75
CA GLY M 157 15.39 30.57 28.77
C GLY M 157 16.62 30.71 27.91
N LEU M 158 16.86 31.93 27.43
CA LEU M 158 18.04 32.17 26.60
C LEU M 158 19.29 31.84 27.37
N ALA M 159 19.35 32.27 28.63
CA ALA M 159 20.52 32.00 29.44
C ALA M 159 20.71 30.51 29.58
N MET M 160 19.64 29.79 29.89
CA MET M 160 19.73 28.35 30.05
C MET M 160 20.21 27.68 28.78
N SER M 161 19.74 28.16 27.64
CA SER M 161 20.14 27.57 26.37
C SER M 161 21.64 27.67 26.23
N ALA M 162 22.19 28.84 26.53
CA ALA M 162 23.62 29.04 26.43
C ALA M 162 24.38 28.11 27.36
N ILE M 163 23.90 27.95 28.59
CA ILE M 163 24.58 27.11 29.55
C ILE M 163 24.67 25.69 29.02
N MET M 164 23.58 25.21 28.45
CA MET M 164 23.57 23.86 27.92
C MET M 164 24.56 23.70 26.79
N LEU M 165 24.63 24.68 25.91
CA LEU M 165 25.55 24.61 24.79
C LEU M 165 26.99 24.57 25.29
N PHE M 166 27.30 25.37 26.30
CA PHE M 166 28.63 25.35 26.87
C PHE M 166 28.90 23.98 27.44
N ALA M 167 27.92 23.41 28.13
CA ALA M 167 28.12 22.12 28.75
C ALA M 167 28.47 21.09 27.71
N GLY M 168 27.82 21.16 26.56
CA GLY M 168 28.11 20.21 25.49
C GLY M 168 29.54 20.31 25.05
N TRP M 169 30.01 21.54 24.81
CA TRP M 169 31.39 21.74 24.40
C TRP M 169 32.32 21.30 25.50
N PHE M 170 32.02 21.67 26.73
CA PHE M 170 32.90 21.35 27.83
C PHE M 170 33.06 19.86 28.03
N HIS M 171 31.96 19.12 27.98
CA HIS M 171 32.04 17.69 28.27
C HIS M 171 32.42 16.87 27.06
N TYR M 172 32.86 17.50 25.99
CA TYR M 172 33.33 16.74 24.85
C TYR M 172 34.73 17.17 24.48
N HIS M 173 35.04 18.43 24.67
CA HIS M 173 36.34 18.93 24.27
C HIS M 173 37.28 19.16 25.43
N LYS M 174 36.74 19.42 26.62
CA LYS M 174 37.60 19.75 27.76
C LYS M 174 37.56 18.74 28.90
N ALA M 175 36.38 18.22 29.21
CA ALA M 175 36.25 17.24 30.28
C ALA M 175 35.35 16.11 29.87
N ALA M 176 35.88 15.15 29.15
CA ALA M 176 35.06 14.06 28.64
C ALA M 176 35.08 12.87 29.58
N PRO M 177 33.88 12.46 30.05
CA PRO M 177 33.80 11.34 30.98
C PRO M 177 34.24 10.04 30.33
N LYS M 178 34.82 9.13 31.10
CA LYS M 178 35.23 7.84 30.57
C LYS M 178 34.10 6.83 30.61
N LEU M 179 34.27 5.69 29.95
CA LEU M 179 33.18 4.71 29.86
C LEU M 179 32.73 4.24 31.23
N GLU M 180 33.66 4.09 32.16
CA GLU M 180 33.31 3.62 33.48
C GLU M 180 32.28 4.53 34.11
N TRP M 181 32.42 5.83 33.90
CA TRP M 181 31.48 6.78 34.46
C TRP M 181 30.09 6.52 33.92
N PHE M 182 29.97 6.33 32.61
CA PHE M 182 28.66 6.13 31.99
C PHE M 182 28.00 4.87 32.48
N GLN M 183 28.77 3.81 32.69
CA GLN M 183 28.19 2.54 33.08
C GLN M 183 27.91 2.46 34.58
N ASN M 184 27.03 3.31 35.08
CA ASN M 184 26.66 3.29 36.49
C ASN M 184 25.17 3.41 36.59
N ALA M 185 24.45 2.38 36.15
CA ALA M 185 22.99 2.46 36.13
C ALA M 185 22.36 2.69 37.48
N GLU M 186 22.80 1.97 38.50
CA GLU M 186 22.17 2.10 39.80
C GLU M 186 22.24 3.54 40.27
N SER M 187 23.42 4.15 40.17
CA SER M 187 23.57 5.53 40.59
C SER M 187 22.69 6.45 39.77
N MET M 188 22.68 6.26 38.46
CA MET M 188 21.90 7.14 37.60
C MET M 188 20.44 7.09 37.96
N MET M 189 19.91 5.88 38.16
CA MET M 189 18.51 5.74 38.51
C MET M 189 18.21 6.35 39.87
N ASN M 190 19.09 6.15 40.83
CA ASN M 190 18.88 6.75 42.14
C ASN M 190 18.80 8.27 42.01
N HIS M 191 19.72 8.86 41.25
CA HIS M 191 19.72 10.31 41.08
C HIS M 191 18.55 10.82 40.27
N HIS M 192 18.24 10.17 39.16
CA HIS M 192 17.17 10.62 38.29
C HIS M 192 15.78 10.40 38.89
N LEU M 193 15.64 9.39 39.73
CA LEU M 193 14.33 9.08 40.29
C LEU M 193 14.06 9.82 41.57
N ALA M 194 15.10 10.39 42.17
CA ALA M 194 14.94 11.10 43.42
C ALA M 194 15.24 12.58 43.25
N GLY M 195 16.20 12.90 42.40
CA GLY M 195 16.57 14.29 42.18
C GLY M 195 15.80 14.95 41.05
N LEU M 196 15.83 14.33 39.88
CA LEU M 196 15.16 14.93 38.74
C LEU M 196 13.66 14.94 38.91
N LEU M 197 13.09 13.82 39.33
CA LEU M 197 11.64 13.73 39.44
C LEU M 197 11.12 14.10 40.81
N GLY M 198 11.75 13.57 41.85
CA GLY M 198 11.29 13.85 43.20
C GLY M 198 11.44 15.29 43.61
N LEU M 199 12.66 15.80 43.54
CA LEU M 199 12.90 17.19 43.89
C LEU M 199 12.15 18.09 42.95
N GLY M 200 12.05 17.70 41.69
CA GLY M 200 11.33 18.50 40.73
C GLY M 200 9.88 18.68 41.12
N CYS M 201 9.22 17.59 41.48
CA CYS M 201 7.83 17.66 41.90
C CYS M 201 7.69 18.51 43.16
N LEU M 202 8.58 18.31 44.12
CA LEU M 202 8.49 19.05 45.36
C LEU M 202 8.64 20.53 45.10
N SER M 203 9.60 20.89 44.27
CA SER M 203 9.81 22.30 43.96
C SER M 203 8.58 22.88 43.32
N TRP M 204 7.98 22.14 42.39
CA TRP M 204 6.80 22.64 41.70
C TRP M 204 5.66 22.83 42.68
N SER M 205 5.53 21.89 43.62
CA SER M 205 4.47 21.99 44.60
C SER M 205 4.63 23.27 45.38
N GLY M 206 5.87 23.64 45.66
CA GLY M 206 6.13 24.87 46.38
C GLY M 206 5.59 26.07 45.64
N HIS M 207 5.87 26.13 44.35
CA HIS M 207 5.39 27.24 43.55
C HIS M 207 3.88 27.25 43.54
N GLN M 208 3.28 26.09 43.35
CA GLN M 208 1.84 26.00 43.29
C GLN M 208 1.18 26.37 44.61
N ILE M 209 1.76 25.97 45.72
CA ILE M 209 1.17 26.25 47.02
C ILE M 209 1.37 27.70 47.44
N HIS M 210 2.54 28.26 47.18
CA HIS M 210 2.82 29.62 47.65
C HIS M 210 2.51 30.72 46.64
N ILE M 211 2.55 30.43 45.35
CA ILE M 211 2.34 31.46 44.35
C ILE M 211 1.11 31.26 43.48
N ALA M 212 0.97 30.10 42.88
CA ALA M 212 -0.16 29.87 41.96
C ALA M 212 -1.51 29.79 42.64
N LEU M 213 -1.64 28.96 43.66
CA LEU M 213 -2.93 28.78 44.31
C LEU M 213 -3.52 30.10 44.77
N PRO M 214 -2.75 30.89 45.52
CA PRO M 214 -3.37 32.11 46.03
C PRO M 214 -3.83 33.03 44.90
N ILE M 215 -2.96 33.28 43.93
CA ILE M 215 -3.30 34.20 42.86
C ILE M 215 -4.51 33.72 42.07
N ASN M 216 -4.60 32.44 41.80
CA ASN M 216 -5.70 31.92 41.01
C ASN M 216 -7.03 32.04 41.75
N LYS M 217 -7.02 31.87 43.06
CA LYS M 217 -8.23 32.06 43.84
C LYS M 217 -8.75 33.47 43.67
N LEU M 218 -7.85 34.44 43.79
CA LEU M 218 -8.25 35.83 43.65
C LEU M 218 -8.77 36.09 42.24
N LEU M 219 -8.10 35.54 41.24
CA LEU M 219 -8.53 35.74 39.86
C LEU M 219 -9.92 35.20 39.66
N ASP M 220 -10.18 33.99 40.14
CA ASP M 220 -11.49 33.38 39.96
C ASP M 220 -12.56 34.16 40.69
N ALA M 221 -12.24 34.66 41.87
CA ALA M 221 -13.21 35.41 42.65
C ALA M 221 -13.69 36.62 41.85
N GLY M 222 -12.76 37.28 41.17
CA GLY M 222 -13.12 38.44 40.36
C GLY M 222 -12.13 39.57 40.44
N VAL M 223 -11.16 39.46 41.35
CA VAL M 223 -10.18 40.52 41.51
C VAL M 223 -9.50 40.82 40.18
N SER M 224 -9.40 42.10 39.84
CA SER M 224 -8.73 42.47 38.60
C SER M 224 -7.27 42.11 38.66
N PRO M 225 -6.70 41.68 37.53
CA PRO M 225 -5.31 41.24 37.55
C PRO M 225 -4.41 42.30 38.16
N GLN M 226 -4.68 43.56 37.87
CA GLN M 226 -3.85 44.64 38.38
C GLN M 226 -3.97 44.78 39.89
N GLU M 227 -5.08 44.33 40.45
CA GLU M 227 -5.30 44.49 41.88
C GLU M 227 -4.76 43.33 42.70
N ILE M 228 -4.43 42.23 42.03
CA ILE M 228 -3.86 41.09 42.74
C ILE M 228 -2.44 41.41 43.18
N PRO M 229 -2.11 41.12 44.44
CA PRO M 229 -0.78 41.41 44.96
C PRO M 229 0.31 40.69 44.18
N LEU M 230 1.49 41.28 44.11
CA LEU M 230 2.59 40.65 43.38
C LEU M 230 2.98 39.34 44.04
N PRO M 231 3.59 38.42 43.28
CA PRO M 231 3.91 37.11 43.83
C PRO M 231 4.75 37.19 45.10
N HIS M 232 5.78 38.02 45.13
CA HIS M 232 6.66 38.07 46.29
C HIS M 232 5.91 38.47 47.54
N GLU M 233 4.88 39.28 47.39
CA GLU M 233 4.12 39.73 48.54
C GLU M 233 3.49 38.56 49.27
N PHE M 234 2.96 37.60 48.53
CA PHE M 234 2.36 36.44 49.15
C PHE M 234 3.41 35.64 49.90
N LEU M 235 4.60 35.54 49.35
CA LEU M 235 5.66 34.76 49.98
C LEU M 235 6.10 35.35 51.30
N ILE M 236 6.06 36.67 51.42
CA ILE M 236 6.52 37.33 52.64
C ILE M 236 5.42 37.48 53.69
N ASN M 237 4.29 38.04 53.31
CA ASN M 237 3.21 38.28 54.27
C ASN M 237 2.36 37.04 54.48
N ARG M 238 2.61 36.31 55.56
CA ARG M 238 1.84 35.11 55.85
C ARG M 238 0.38 35.45 56.12
N ASP M 239 0.13 36.63 56.66
CA ASP M 239 -1.22 37.04 56.96
C ASP M 239 -2.09 37.05 55.72
N LEU M 240 -1.54 37.54 54.61
CA LEU M 240 -2.29 37.58 53.37
C LEU M 240 -2.72 36.19 52.97
N MET M 241 -1.81 35.23 53.08
CA MET M 241 -2.14 33.85 52.74
C MET M 241 -3.20 33.31 53.69
N ALA M 242 -3.10 33.68 54.96
CA ALA M 242 -4.04 33.18 55.95
C ALA M 242 -5.46 33.59 55.58
N GLN M 243 -5.61 34.78 55.01
CA GLN M 243 -6.93 35.24 54.62
C GLN M 243 -7.53 34.29 53.61
N LEU M 244 -6.75 33.93 52.60
CA LEU M 244 -7.25 33.03 51.57
C LEU M 244 -7.37 31.63 52.12
N TYR M 245 -6.24 31.06 52.55
CA TYR M 245 -6.27 29.73 53.14
C TYR M 245 -6.00 29.86 54.62
N PRO M 246 -7.03 29.64 55.44
CA PRO M 246 -6.88 29.85 56.88
C PRO M 246 -6.17 28.73 57.61
N SER M 247 -4.96 28.38 57.19
CA SER M 247 -4.20 27.36 57.90
C SER M 247 -2.75 27.77 57.95
N PHE M 248 -2.36 28.67 57.05
CA PHE M 248 -1.00 29.17 57.04
C PHE M 248 -0.73 29.89 58.35
N SER M 249 -1.80 30.27 59.03
CA SER M 249 -1.65 30.93 60.32
C SER M 249 -0.91 30.04 61.27
N LYS M 250 -1.19 28.74 61.22
CA LYS M 250 -0.54 27.79 62.11
C LYS M 250 0.93 27.60 61.76
N GLY M 251 1.29 27.87 60.51
CA GLY M 251 2.69 27.77 60.11
C GLY M 251 3.11 26.35 59.80
N LEU M 252 4.41 26.09 59.85
CA LEU M 252 4.92 24.76 59.53
C LEU M 252 4.90 23.88 60.77
N ALA M 253 4.38 24.40 61.86
CA ALA M 253 4.29 23.63 63.09
C ALA M 253 3.47 22.37 62.90
N PRO M 254 2.29 22.50 62.26
CA PRO M 254 1.55 21.26 62.03
C PRO M 254 2.33 20.22 61.24
N PHE M 255 3.17 20.64 60.30
CA PHE M 255 3.89 19.67 59.46
C PHE M 255 4.91 18.87 60.23
N PHE M 256 5.72 19.54 61.04
CA PHE M 256 6.75 18.84 61.80
C PHE M 256 6.06 17.97 62.82
N GLY M 257 4.92 18.41 63.33
CA GLY M 257 4.14 17.55 64.20
C GLY M 257 3.40 16.67 63.22
N GLY M 258 2.67 15.68 63.71
CA GLY M 258 2.02 14.77 62.78
C GLY M 258 0.69 15.27 62.28
N ASN M 259 0.28 16.45 62.70
CA ASN M 259 -1.04 16.96 62.32
C ASN M 259 -1.06 17.52 60.91
N TRP M 260 -0.98 16.66 59.91
CA TRP M 260 -1.02 17.10 58.53
C TRP M 260 -2.43 17.45 58.11
N GLY M 261 -3.40 17.16 58.95
CA GLY M 261 -4.78 17.42 58.61
C GLY M 261 -5.10 18.89 58.53
N GLU M 262 -4.41 19.70 59.32
CA GLU M 262 -4.69 21.13 59.35
C GLU M 262 -4.48 21.77 58.00
N TYR M 263 -3.67 21.14 57.16
CA TYR M 263 -3.37 21.71 55.86
C TYR M 263 -4.41 21.33 54.83
N SER M 264 -5.56 20.87 55.29
CA SER M 264 -6.62 20.46 54.38
C SER M 264 -7.16 21.62 53.57
N ASP M 265 -6.84 22.84 53.98
CA ASP M 265 -7.32 24.01 53.28
C ASP M 265 -6.79 24.06 51.86
N PHE M 266 -5.50 23.78 51.68
CA PHE M 266 -4.90 23.86 50.36
C PHE M 266 -4.57 22.49 49.77
N LEU M 267 -4.45 21.48 50.61
CA LEU M 267 -4.21 20.13 50.11
C LEU M 267 -5.51 19.36 50.19
N THR M 268 -6.16 19.12 49.05
CA THR M 268 -7.47 18.48 49.07
C THR M 268 -7.61 17.33 48.09
N PHE M 269 -8.66 16.54 48.25
CA PHE M 269 -8.93 15.44 47.32
C PHE M 269 -10.34 15.62 46.81
N LYS M 270 -10.65 16.82 46.30
CA LYS M 270 -12.00 17.11 45.85
C LYS M 270 -12.44 16.32 44.64
N GLY M 271 -11.61 16.29 43.60
CA GLY M 271 -11.99 15.60 42.38
C GLY M 271 -12.91 16.48 41.56
N GLY M 272 -13.20 16.09 40.33
CA GLY M 272 -14.09 16.85 39.49
C GLY M 272 -13.43 18.08 38.91
N LEU M 273 -14.22 19.02 38.41
CA LEU M 273 -13.65 20.20 37.78
C LEU M 273 -14.18 21.48 38.40
N ASN M 274 -13.33 22.50 38.50
CA ASN M 274 -13.75 23.79 39.04
C ASN M 274 -14.87 24.34 38.18
N PRO M 275 -15.98 24.72 38.81
CA PRO M 275 -17.13 25.20 38.05
C PRO M 275 -16.84 26.47 37.27
N VAL M 276 -16.06 27.39 37.85
CA VAL M 276 -15.79 28.67 37.20
C VAL M 276 -14.88 28.57 35.98
N THR M 277 -13.76 27.87 36.10
CA THR M 277 -12.80 27.81 35.00
C THR M 277 -12.93 26.56 34.15
N GLY M 278 -13.50 25.51 34.69
CA GLY M 278 -13.64 24.27 33.96
C GLY M 278 -12.35 23.47 33.94
N GLY M 279 -11.54 23.63 34.98
CA GLY M 279 -10.29 22.90 35.07
C GLY M 279 -10.14 22.25 36.43
N LEU M 280 -9.22 21.32 36.55
CA LEU M 280 -9.02 20.63 37.81
C LEU M 280 -8.64 21.61 38.89
N TRP M 281 -9.12 21.39 40.10
CA TRP M 281 -8.79 22.28 41.22
C TRP M 281 -7.30 22.26 41.47
N LEU M 282 -6.70 23.42 41.61
CA LEU M 282 -5.27 23.50 41.82
C LEU M 282 -4.87 22.91 43.16
N SER M 283 -5.76 22.95 44.13
CA SER M 283 -5.48 22.37 45.43
C SER M 283 -5.20 20.89 45.27
N ASP M 284 -6.01 20.22 44.47
CA ASP M 284 -5.80 18.80 44.22
C ASP M 284 -4.48 18.58 43.50
N ILE M 285 -4.17 19.44 42.53
CA ILE M 285 -2.93 19.29 41.78
C ILE M 285 -1.73 19.45 42.69
N ALA M 286 -1.82 20.35 43.66
CA ALA M 286 -0.73 20.55 44.60
C ALA M 286 -0.49 19.31 45.43
N HIS M 287 -1.56 18.70 45.93
CA HIS M 287 -1.42 17.49 46.72
C HIS M 287 -0.88 16.38 45.83
N HIS M 288 -1.30 16.37 44.58
CA HIS M 288 -0.84 15.38 43.63
C HIS M 288 0.67 15.37 43.56
N HIS M 289 1.24 16.51 43.22
CA HIS M 289 2.70 16.59 43.07
C HIS M 289 3.43 16.32 44.37
N LEU M 290 2.89 16.80 45.49
CA LEU M 290 3.51 16.55 46.78
C LEU M 290 3.57 15.06 47.06
N ALA M 291 2.47 14.37 46.81
CA ALA M 291 2.43 12.94 47.05
C ALA M 291 3.39 12.21 46.12
N LEU M 292 3.37 12.56 44.85
CA LEU M 292 4.26 11.93 43.90
C LEU M 292 5.71 12.18 44.29
N SER M 293 6.00 13.36 44.80
CA SER M 293 7.37 13.68 45.15
C SER M 293 7.89 12.73 46.19
N VAL M 294 7.09 12.50 47.23
CA VAL M 294 7.52 11.61 48.29
C VAL M 294 7.78 10.23 47.72
N LEU M 295 6.89 9.75 46.87
CA LEU M 295 7.05 8.43 46.31
C LEU M 295 8.35 8.31 45.54
N PHE M 296 8.62 9.28 44.67
CA PHE M 296 9.82 9.21 43.85
C PHE M 296 11.09 9.25 44.69
N ILE M 297 11.13 10.11 45.69
CA ILE M 297 12.32 10.23 46.51
C ILE M 297 12.59 8.91 47.22
N ILE M 298 11.54 8.27 47.72
CA ILE M 298 11.72 6.99 48.38
C ILE M 298 12.24 5.95 47.39
N ALA M 299 11.71 5.95 46.19
CA ALA M 299 12.12 4.98 45.19
C ALA M 299 13.56 5.15 44.78
N GLY M 300 14.09 6.35 44.91
CA GLY M 300 15.45 6.60 44.51
C GLY M 300 16.47 6.00 45.45
N HIS M 301 16.00 5.37 46.51
CA HIS M 301 16.91 4.76 47.47
C HIS M 301 16.80 3.25 47.42
N MET M 302 16.68 2.69 46.22
CA MET M 302 16.51 1.25 46.10
C MET M 302 17.74 0.54 45.59
N TYR M 303 18.63 1.25 44.91
CA TYR M 303 19.78 0.59 44.31
C TYR M 303 21.09 0.87 45.02
N ARG M 304 21.97 -0.12 45.08
CA ARG M 304 23.26 0.04 45.75
C ARG M 304 24.18 0.98 45.02
N THR M 305 24.93 1.77 45.77
CA THR M 305 25.90 2.66 45.15
C THR M 305 27.24 2.46 45.84
N ASN M 306 27.45 3.13 46.96
CA ASN M 306 28.73 3.03 47.67
C ASN M 306 28.58 2.77 49.16
N TRP M 307 27.40 2.37 49.60
CA TRP M 307 27.18 2.19 51.05
C TRP M 307 26.60 0.83 51.44
N GLY M 308 26.71 -0.15 50.57
CA GLY M 308 26.26 -1.49 50.92
C GLY M 308 24.78 -1.74 50.76
N ILE M 309 23.96 -0.95 51.44
CA ILE M 309 22.52 -1.13 51.35
C ILE M 309 22.02 -0.90 49.94
N GLY M 310 20.97 -1.60 49.53
CA GLY M 310 20.41 -1.41 48.21
C GLY M 310 20.27 -2.67 47.42
N HIS M 311 19.84 -2.55 46.17
CA HIS M 311 19.68 -3.71 45.32
C HIS M 311 20.61 -3.64 44.14
N ASN M 312 21.11 -4.78 43.68
CA ASN M 312 21.92 -4.80 42.48
C ASN M 312 21.02 -5.35 41.40
N MET M 313 20.81 -4.59 40.35
CA MET M 313 19.86 -5.00 39.32
C MET M 313 20.22 -6.36 38.71
N LYS M 314 21.50 -6.64 38.57
CA LYS M 314 21.92 -7.89 37.96
C LYS M 314 21.37 -9.05 38.75
N GLU M 315 21.50 -8.99 40.06
CA GLU M 315 21.04 -10.06 40.91
C GLU M 315 19.54 -10.24 40.79
N ILE M 316 18.81 -9.14 40.78
CA ILE M 316 17.36 -9.22 40.71
C ILE M 316 16.94 -9.87 39.41
N LEU M 317 17.57 -9.47 38.31
CA LEU M 317 17.21 -10.01 37.02
C LEU M 317 17.52 -11.49 36.92
N GLU M 318 18.68 -11.89 37.39
CA GLU M 318 19.08 -13.29 37.26
C GLU M 318 18.26 -14.24 38.14
N ALA M 319 17.77 -13.75 39.27
CA ALA M 319 17.00 -14.58 40.17
C ALA M 319 15.64 -14.93 39.60
N HIS M 320 15.10 -14.07 38.76
CA HIS M 320 13.76 -14.30 38.24
C HIS M 320 13.75 -15.23 37.03
N LYS M 321 13.76 -16.54 37.29
CA LYS M 321 13.73 -17.52 36.21
C LYS M 321 12.76 -18.62 36.58
N GLY M 322 12.12 -19.23 35.59
CA GLY M 322 11.12 -20.24 35.87
C GLY M 322 11.17 -21.51 35.07
N PRO M 323 10.23 -22.42 35.32
CA PRO M 323 10.20 -23.72 34.63
C PRO M 323 10.01 -23.62 33.12
N PHE M 324 9.31 -22.60 32.64
CA PHE M 324 9.03 -22.49 31.21
C PHE M 324 9.96 -21.52 30.51
N THR M 325 10.88 -20.90 31.24
CA THR M 325 11.70 -19.85 30.62
C THR M 325 13.21 -20.01 30.77
N GLY M 326 13.70 -21.23 30.90
CA GLY M 326 15.13 -21.46 30.96
C GLY M 326 15.93 -20.62 31.93
N GLU M 327 16.98 -19.99 31.44
CA GLU M 327 17.85 -19.18 32.30
C GLU M 327 17.20 -17.87 32.69
N GLY M 328 16.01 -17.61 32.18
CA GLY M 328 15.31 -16.41 32.58
C GLY M 328 15.86 -15.09 32.09
N HIS M 329 16.01 -14.14 32.99
CA HIS M 329 16.46 -12.81 32.59
C HIS M 329 17.96 -12.64 32.67
N LYS M 330 18.70 -13.73 32.66
CA LYS M 330 20.14 -13.64 32.68
C LYS M 330 20.68 -13.08 31.37
N GLY M 331 21.61 -12.16 31.44
CA GLY M 331 22.22 -11.61 30.24
C GLY M 331 21.65 -10.27 29.84
N LEU M 332 20.49 -9.93 30.36
CA LEU M 332 19.85 -8.68 30.01
C LEU M 332 20.59 -7.47 30.57
N TYR M 333 21.15 -7.60 31.76
CA TYR M 333 21.84 -6.48 32.37
C TYR M 333 23.00 -6.05 31.51
N GLU M 334 23.80 -7.01 31.06
CA GLU M 334 24.95 -6.69 30.24
C GLU M 334 24.51 -6.02 28.95
N ILE M 335 23.44 -6.51 28.35
CA ILE M 335 22.94 -5.93 27.12
C ILE M 335 22.58 -4.48 27.32
N LEU M 336 21.84 -4.19 28.39
CA LEU M 336 21.37 -2.82 28.61
C LEU M 336 22.45 -1.92 29.17
N THR M 337 23.59 -2.46 29.53
CA THR M 337 24.69 -1.64 30.01
C THR M 337 25.84 -1.62 29.02
N THR M 338 25.64 -2.24 27.85
CA THR M 338 26.68 -2.24 26.83
C THR M 338 26.12 -1.97 25.44
N SER M 339 24.86 -1.60 25.34
CA SER M 339 24.25 -1.31 24.05
C SER M 339 23.30 -0.13 24.12
N TRP M 340 23.67 0.96 23.48
CA TRP M 340 22.83 2.16 23.49
C TRP M 340 21.54 1.90 22.74
N HIS M 341 21.61 1.15 21.66
CA HIS M 341 20.42 0.90 20.85
C HIS M 341 19.35 0.19 21.64
N ALA M 342 19.74 -0.78 22.45
CA ALA M 342 18.79 -1.51 23.27
C ALA M 342 18.11 -0.58 24.23
N GLN M 343 18.89 0.28 24.87
CA GLN M 343 18.33 1.20 25.83
C GLN M 343 17.35 2.13 25.13
N LEU M 344 17.74 2.65 23.97
CA LEU M 344 16.87 3.57 23.25
C LEU M 344 15.57 2.89 22.91
N ALA M 345 15.61 1.62 22.54
CA ALA M 345 14.41 0.91 22.17
C ALA M 345 13.40 0.97 23.30
N ILE M 346 13.79 0.52 24.47
CA ILE M 346 12.87 0.53 25.60
C ILE M 346 12.44 1.93 25.93
N ASN M 347 13.40 2.83 26.06
CA ASN M 347 13.08 4.19 26.46
C ASN M 347 12.18 4.88 25.44
N LEU M 348 12.45 4.70 24.16
CA LEU M 348 11.66 5.38 23.13
C LEU M 348 10.23 4.86 23.09
N ALA M 349 10.06 3.54 23.25
CA ALA M 349 8.73 2.96 23.25
C ALA M 349 7.92 3.49 24.41
N MET M 350 8.53 3.54 25.59
CA MET M 350 7.81 4.00 26.76
C MET M 350 7.47 5.47 26.66
N MET M 351 8.36 6.26 26.09
CA MET M 351 8.11 7.68 25.95
C MET M 351 6.92 7.91 25.04
N GLY M 352 6.88 7.20 23.92
CA GLY M 352 5.77 7.34 23.01
C GLY M 352 4.48 6.87 23.63
N SER M 353 4.55 5.79 24.38
CA SER M 353 3.37 5.28 25.05
C SER M 353 2.84 6.30 26.05
N LEU M 354 3.73 7.01 26.73
CA LEU M 354 3.29 8.02 27.67
C LEU M 354 2.55 9.14 26.98
N SER M 355 3.02 9.55 25.81
CA SER M 355 2.39 10.64 25.09
C SER M 355 0.96 10.30 24.77
N ILE M 356 0.71 9.07 24.35
CA ILE M 356 -0.64 8.63 24.03
C ILE M 356 -1.51 8.70 25.28
N ILE M 357 -0.97 8.29 26.41
CA ILE M 357 -1.71 8.36 27.67
C ILE M 357 -2.02 9.80 28.06
N VAL M 358 -1.06 10.68 27.84
CA VAL M 358 -1.26 12.08 28.16
C VAL M 358 -2.44 12.61 27.37
N ALA M 359 -2.52 12.22 26.11
CA ALA M 359 -3.60 12.69 25.26
C ALA M 359 -4.95 12.31 25.81
N HIS M 360 -5.10 11.07 26.25
CA HIS M 360 -6.37 10.60 26.78
C HIS M 360 -6.70 11.23 28.11
N HIS M 361 -5.74 11.28 29.01
CA HIS M 361 -6.00 11.79 30.35
C HIS M 361 -6.14 13.30 30.39
N MET M 362 -5.64 14.00 29.40
CA MET M 362 -5.66 15.46 29.42
C MET M 362 -6.94 16.06 28.84
N TYR M 363 -7.77 15.24 28.21
CA TYR M 363 -9.04 15.74 27.69
C TYR M 363 -10.15 15.35 28.63
N ALA M 364 -10.08 14.15 29.18
CA ALA M 364 -11.10 13.69 30.11
C ALA M 364 -11.01 14.45 31.39
N MET M 365 -9.81 14.79 31.79
CA MET M 365 -9.61 15.52 33.04
C MET M 365 -8.85 16.79 32.71
N PRO M 366 -9.55 17.78 32.16
CA PRO M 366 -8.85 19.00 31.74
C PRO M 366 -7.98 19.56 32.85
N PRO M 367 -6.69 19.79 32.57
CA PRO M 367 -5.78 20.22 33.64
C PRO M 367 -5.59 21.72 33.77
N TYR M 368 -5.98 22.51 32.79
CA TYR M 368 -5.74 23.94 32.83
C TYR M 368 -7.02 24.76 32.83
N PRO M 369 -6.96 25.97 33.40
CA PRO M 369 -8.13 26.84 33.43
C PRO M 369 -8.53 27.28 32.04
N TYR M 370 -9.82 27.22 31.72
CA TYR M 370 -10.31 27.67 30.41
C TYR M 370 -9.69 26.95 29.24
N LEU M 371 -9.53 25.64 29.35
CA LEU M 371 -8.97 24.85 28.26
C LEU M 371 -10.04 24.03 27.59
N ALA M 372 -10.93 23.43 28.39
CA ALA M 372 -11.96 22.58 27.84
C ALA M 372 -12.88 23.30 26.87
N THR M 373 -13.28 24.52 27.21
CA THR M 373 -14.18 25.27 26.36
C THR M 373 -13.48 25.68 25.07
N ASP M 374 -12.16 25.77 25.08
CA ASP M 374 -11.43 26.09 23.86
C ASP M 374 -11.29 24.82 23.08
N TYR M 375 -12.27 24.52 22.25
CA TYR M 375 -12.26 23.27 21.51
C TYR M 375 -11.05 23.15 20.60
N ALA M 376 -10.62 24.27 20.03
CA ALA M 376 -9.48 24.24 19.12
C ALA M 376 -8.24 23.72 19.82
N THR M 377 -7.95 24.26 21.00
CA THR M 377 -6.76 23.84 21.72
C THR M 377 -6.86 22.38 22.13
N GLN M 378 -8.03 21.98 22.58
CA GLN M 378 -8.22 20.60 23.01
C GLN M 378 -7.93 19.65 21.86
N LEU M 379 -8.50 19.92 20.69
CA LEU M 379 -8.30 19.04 19.56
C LEU M 379 -6.84 19.04 19.15
N SER M 380 -6.23 20.21 19.11
CA SER M 380 -4.85 20.31 18.69
C SER M 380 -3.94 19.48 19.59
N LEU M 381 -4.11 19.61 20.89
CA LEU M 381 -3.23 18.91 21.81
C LEU M 381 -3.40 17.39 21.72
N PHE M 382 -4.64 16.93 21.63
CA PHE M 382 -4.88 15.51 21.58
C PHE M 382 -4.20 14.92 20.35
N THR M 383 -4.43 15.53 19.20
CA THR M 383 -3.86 15.01 17.98
C THR M 383 -2.35 15.11 18.00
N HIS M 384 -1.82 16.21 18.51
CA HIS M 384 -0.38 16.40 18.50
C HIS M 384 0.31 15.32 19.29
N HIS M 385 -0.16 15.08 20.50
CA HIS M 385 0.51 14.11 21.35
C HIS M 385 0.24 12.69 20.90
N MET M 386 -0.87 12.48 20.20
CA MET M 386 -1.14 11.15 19.68
C MET M 386 -0.11 10.83 18.62
N TRP M 387 0.18 11.79 17.75
CA TRP M 387 1.18 11.58 16.71
C TRP M 387 2.57 11.37 17.32
N ILE M 388 3.04 12.31 18.13
CA ILE M 388 4.37 12.18 18.67
C ILE M 388 4.53 10.77 19.21
N GLY M 389 3.51 10.26 19.87
CA GLY M 389 3.58 8.94 20.44
C GLY M 389 3.77 7.84 19.43
N GLY M 390 3.00 7.88 18.35
CA GLY M 390 3.10 6.85 17.34
C GLY M 390 4.49 6.75 16.74
N PHE M 391 5.07 7.89 16.40
CA PHE M 391 6.39 7.89 15.80
C PHE M 391 7.39 7.28 16.76
N CYS M 392 7.35 7.70 18.01
CA CYS M 392 8.31 7.21 18.98
C CYS M 392 8.21 5.70 19.17
N VAL M 393 6.99 5.18 19.21
CA VAL M 393 6.80 3.75 19.41
C VAL M 393 7.43 2.97 18.27
N VAL M 394 7.18 3.40 17.04
CA VAL M 394 7.77 2.72 15.88
C VAL M 394 9.28 2.84 15.93
N GLY M 395 9.78 3.97 16.40
CA GLY M 395 11.21 4.17 16.50
C GLY M 395 11.86 3.20 17.45
N GLY M 396 11.18 2.91 18.56
CA GLY M 396 11.71 1.98 19.51
C GLY M 396 11.91 0.64 18.84
N ALA M 397 10.94 0.22 18.06
CA ALA M 397 11.05 -1.04 17.37
C ALA M 397 12.25 -1.03 16.44
N ALA M 398 12.45 0.07 15.73
CA ALA M 398 13.55 0.16 14.79
C ALA M 398 14.87 -0.05 15.47
N HIS M 399 15.09 0.66 16.58
CA HIS M 399 16.37 0.56 17.25
C HIS M 399 16.53 -0.81 17.90
N GLY M 400 15.41 -1.45 18.22
CA GLY M 400 15.49 -2.79 18.76
C GLY M 400 16.08 -3.71 17.72
N ALA M 401 15.66 -3.54 16.48
CA ALA M 401 16.18 -4.36 15.40
C ALA M 401 17.65 -4.07 15.13
N ILE M 402 18.04 -2.80 15.21
CA ILE M 402 19.43 -2.45 15.00
C ILE M 402 20.28 -3.18 16.03
N PHE M 403 19.74 -3.35 17.24
CA PHE M 403 20.47 -4.10 18.25
C PHE M 403 20.71 -5.53 17.82
N MET M 404 19.65 -6.20 17.37
CA MET M 404 19.78 -7.59 16.99
C MET M 404 20.82 -7.78 15.90
N VAL M 405 20.89 -6.83 14.98
CA VAL M 405 21.81 -6.98 13.85
C VAL M 405 23.21 -6.53 14.19
N ARG M 406 23.36 -5.61 15.13
CA ARG M 406 24.68 -5.06 15.42
C ARG M 406 25.29 -5.43 16.75
N ASP M 407 24.47 -5.59 17.79
CA ASP M 407 25.03 -5.83 19.12
C ASP M 407 24.76 -7.22 19.69
N TYR M 408 23.77 -7.94 19.16
CA TYR M 408 23.45 -9.24 19.67
C TYR M 408 24.62 -10.19 19.54
N THR M 409 24.94 -10.90 20.62
CA THR M 409 26.01 -11.88 20.56
C THR M 409 25.48 -13.20 21.07
N PRO M 410 25.57 -14.24 20.23
CA PRO M 410 25.01 -15.53 20.63
C PRO M 410 25.63 -16.04 21.91
N ALA M 411 26.92 -15.82 22.10
CA ALA M 411 27.60 -16.35 23.27
C ALA M 411 27.02 -15.84 24.57
N ASN M 412 26.70 -14.55 24.63
CA ASN M 412 26.20 -13.97 25.87
C ASN M 412 24.73 -14.26 26.11
N ASN M 413 24.08 -14.89 25.14
CA ASN M 413 22.66 -15.16 25.27
C ASN M 413 22.34 -16.62 24.99
N TYR M 414 22.61 -17.49 25.97
CA TYR M 414 22.31 -18.91 25.80
C TYR M 414 21.16 -19.33 26.69
N ASN M 415 20.07 -19.79 26.08
CA ASN M 415 18.91 -20.25 26.84
C ASN M 415 18.32 -19.15 27.72
N ASN M 416 18.54 -17.90 27.36
CA ASN M 416 17.92 -16.82 28.10
C ASN M 416 16.59 -16.55 27.45
N LEU M 417 15.86 -15.56 27.93
CA LEU M 417 14.55 -15.27 27.39
C LEU M 417 14.66 -14.88 25.92
N LEU M 418 15.66 -14.07 25.58
CA LEU M 418 15.83 -13.64 24.20
C LEU M 418 16.06 -14.82 23.27
N ASP M 419 16.94 -15.71 23.66
CA ASP M 419 17.25 -16.87 22.84
C ASP M 419 16.01 -17.70 22.60
N ARG M 420 15.27 -17.97 23.67
CA ARG M 420 14.09 -18.80 23.55
C ARG M 420 13.04 -18.15 22.67
N VAL M 421 12.96 -16.83 22.69
CA VAL M 421 12.02 -16.12 21.83
C VAL M 421 12.39 -16.31 20.37
N LEU M 422 13.67 -16.22 20.05
CA LEU M 422 14.11 -16.36 18.68
C LEU M 422 14.05 -17.80 18.22
N ARG M 423 13.77 -18.72 19.14
CA ARG M 423 13.73 -20.13 18.80
C ARG M 423 12.31 -20.60 18.50
N HIS M 424 11.31 -19.78 18.80
CA HIS M 424 9.94 -20.13 18.45
C HIS M 424 9.31 -18.98 17.72
N ARG M 425 10.11 -18.25 16.97
CA ARG M 425 9.62 -17.08 16.25
C ARG M 425 8.53 -17.43 15.26
N ASP M 426 8.63 -18.60 14.65
CA ASP M 426 7.63 -19.00 13.67
C ASP M 426 6.27 -19.08 14.32
N ALA M 427 6.20 -19.64 15.51
CA ALA M 427 4.93 -19.78 16.21
C ALA M 427 4.35 -18.43 16.54
N ILE M 428 5.17 -17.53 17.06
CA ILE M 428 4.68 -16.22 17.45
C ILE M 428 4.11 -15.48 16.25
N ILE M 429 4.87 -15.43 15.17
CA ILE M 429 4.42 -14.68 14.00
C ILE M 429 3.20 -15.32 13.36
N SER M 430 3.17 -16.64 13.32
CA SER M 430 2.05 -17.33 12.70
C SER M 430 0.77 -16.99 13.44
N HIS M 431 0.80 -17.06 14.75
CA HIS M 431 -0.39 -16.80 15.54
C HIS M 431 -0.85 -15.36 15.40
N LEU M 432 0.09 -14.43 15.43
CA LEU M 432 -0.26 -13.03 15.32
C LEU M 432 -0.89 -12.76 13.97
N ASN M 433 -0.39 -13.41 12.93
CA ASN M 433 -0.98 -13.24 11.62
C ASN M 433 -2.45 -13.60 11.66
N TRP M 434 -2.77 -14.74 12.27
CA TRP M 434 -4.16 -15.15 12.38
C TRP M 434 -4.98 -14.16 13.18
N VAL M 435 -4.44 -13.68 14.29
CA VAL M 435 -5.18 -12.75 15.12
C VAL M 435 -5.54 -11.53 14.31
N CYS M 436 -4.59 -11.06 13.51
CA CYS M 436 -4.83 -9.89 12.69
C CYS M 436 -5.92 -10.14 11.67
N ILE M 437 -5.88 -11.29 11.02
CA ILE M 437 -6.91 -11.62 10.04
C ILE M 437 -8.27 -11.73 10.70
N PHE M 438 -8.34 -12.42 11.82
CA PHE M 438 -9.61 -12.57 12.53
C PHE M 438 -10.19 -11.21 12.82
N LEU M 439 -9.42 -10.39 13.53
CA LEU M 439 -9.93 -9.08 13.92
C LEU M 439 -10.33 -8.27 12.71
N GLY M 440 -9.47 -8.23 11.69
CA GLY M 440 -9.76 -7.43 10.53
C GLY M 440 -10.99 -7.83 9.77
N CYS M 441 -11.19 -9.12 9.57
CA CYS M 441 -12.34 -9.60 8.84
C CYS M 441 -13.61 -9.30 9.61
N HIS M 442 -13.61 -9.58 10.90
CA HIS M 442 -14.82 -9.39 11.69
C HIS M 442 -15.10 -7.92 11.91
N ALA M 443 -14.10 -7.14 12.29
CA ALA M 443 -14.31 -5.73 12.59
C ALA M 443 -14.75 -4.90 11.39
N PHE M 444 -14.01 -4.99 10.29
CA PHE M 444 -14.33 -4.19 9.12
C PHE M 444 -15.53 -4.77 8.41
N GLY M 445 -15.74 -6.07 8.58
CA GLY M 445 -16.88 -6.70 7.95
C GLY M 445 -18.16 -6.10 8.46
N PHE M 446 -18.19 -5.73 9.73
CA PHE M 446 -19.38 -5.14 10.29
C PHE M 446 -19.77 -3.93 9.48
N TYR M 447 -18.80 -3.08 9.17
CA TYR M 447 -19.09 -1.87 8.41
C TYR M 447 -19.59 -2.19 7.01
N ILE M 448 -18.92 -3.11 6.31
CA ILE M 448 -19.33 -3.47 4.96
C ILE M 448 -20.70 -4.09 4.96
N HIS M 449 -20.99 -4.92 5.95
CA HIS M 449 -22.30 -5.52 6.05
C HIS M 449 -23.34 -4.44 6.14
N ASN M 450 -23.12 -3.49 7.03
CA ASN M 450 -24.09 -2.43 7.23
C ASN M 450 -24.30 -1.60 5.96
N ASP M 451 -23.23 -1.29 5.27
CA ASP M 451 -23.33 -0.51 4.04
C ASP M 451 -24.20 -1.22 3.03
N THR M 452 -23.94 -2.51 2.82
CA THR M 452 -24.72 -3.28 1.88
C THR M 452 -26.18 -3.29 2.28
N MET M 453 -26.45 -3.53 3.56
CA MET M 453 -27.81 -3.63 4.02
C MET M 453 -28.59 -2.33 3.83
N ARG M 454 -27.98 -1.22 4.17
CA ARG M 454 -28.65 0.07 4.05
C ARG M 454 -28.92 0.40 2.60
N ALA M 455 -27.99 0.02 1.74
CA ALA M 455 -28.15 0.28 0.31
C ALA M 455 -29.21 -0.61 -0.31
N LEU M 456 -29.41 -1.79 0.25
CA LEU M 456 -30.38 -2.73 -0.30
C LEU M 456 -31.75 -2.51 0.30
N GLY M 457 -31.90 -1.46 1.10
CA GLY M 457 -33.18 -1.16 1.70
C GLY M 457 -33.55 -2.10 2.81
N ARG M 458 -32.56 -2.65 3.49
CA ARG M 458 -32.82 -3.59 4.57
C ARG M 458 -32.16 -3.08 5.84
N PRO M 459 -32.71 -1.99 6.40
CA PRO M 459 -32.08 -1.39 7.59
C PRO M 459 -32.24 -2.23 8.84
N GLN M 460 -33.18 -3.16 8.85
CA GLN M 460 -33.43 -3.97 10.03
C GLN M 460 -32.41 -5.07 10.21
N ASP M 461 -31.52 -5.23 9.24
CA ASP M 461 -30.53 -6.30 9.29
C ASP M 461 -29.14 -5.76 9.58
N MET M 462 -29.06 -4.50 9.97
CA MET M 462 -27.76 -3.89 10.23
C MET M 462 -27.31 -4.13 11.66
N PHE M 463 -26.02 -4.00 11.91
CA PHE M 463 -25.53 -4.12 13.27
C PHE M 463 -25.62 -2.76 13.88
N SER M 464 -26.80 -2.39 14.37
CA SER M 464 -26.99 -1.07 14.93
C SER M 464 -27.73 -1.14 16.25
N ASP M 465 -27.77 -0.02 16.96
CA ASP M 465 -28.47 0.02 18.23
C ASP M 465 -29.96 -0.13 18.03
N LYS M 466 -30.40 -0.12 16.77
CA LYS M 466 -31.81 -0.26 16.47
C LYS M 466 -32.09 -1.58 15.78
N ALA M 467 -31.08 -2.43 15.69
CA ALA M 467 -31.24 -3.73 15.06
C ALA M 467 -30.38 -4.71 15.80
N ILE M 468 -29.67 -5.56 15.09
CA ILE M 468 -28.75 -6.45 15.76
C ILE M 468 -27.75 -5.56 16.46
N GLN M 469 -27.66 -5.64 17.78
CA GLN M 469 -26.79 -4.71 18.49
C GLN M 469 -25.58 -5.36 19.14
N LEU M 470 -24.45 -4.67 19.08
CA LEU M 470 -23.23 -5.20 19.67
C LEU M 470 -22.79 -4.25 20.75
N GLN M 471 -23.36 -4.35 21.93
CA GLN M 471 -23.04 -3.41 23.01
C GLN M 471 -21.73 -3.71 23.73
N PRO M 472 -21.00 -2.65 24.10
CA PRO M 472 -19.75 -2.82 24.83
C PRO M 472 -20.03 -3.03 26.30
N ILE M 473 -20.49 -4.21 26.67
CA ILE M 473 -20.90 -4.46 28.06
C ILE M 473 -19.78 -4.28 29.08
N PHE M 474 -18.59 -4.77 28.79
CA PHE M 474 -17.51 -4.68 29.75
C PHE M 474 -17.21 -3.24 30.09
N ALA M 475 -17.06 -2.40 29.06
CA ALA M 475 -16.72 -1.00 29.29
C ALA M 475 -17.84 -0.28 30.03
N GLN M 476 -19.07 -0.58 29.69
CA GLN M 476 -20.18 0.06 30.35
C GLN M 476 -20.10 -0.25 31.83
N TRP M 477 -19.69 -1.46 32.17
CA TRP M 477 -19.59 -1.87 33.56
C TRP M 477 -18.53 -1.09 34.31
N ILE M 478 -17.35 -0.95 33.72
CA ILE M 478 -16.27 -0.24 34.38
C ILE M 478 -16.67 1.21 34.62
N GLN M 479 -17.41 1.79 33.69
CA GLN M 479 -17.83 3.16 33.84
C GLN M 479 -18.67 3.32 35.09
N ASN M 480 -19.60 2.39 35.31
CA ASN M 480 -20.45 2.46 36.47
C ASN M 480 -19.62 2.36 37.74
N ILE M 481 -18.63 1.47 37.71
CA ILE M 481 -17.78 1.28 38.87
C ILE M 481 -17.10 2.58 39.22
N HIS M 482 -16.56 3.27 38.22
CA HIS M 482 -15.84 4.51 38.47
C HIS M 482 -16.79 5.62 38.90
N LEU M 483 -18.01 5.61 38.40
CA LEU M 483 -18.98 6.63 38.77
C LEU M 483 -19.37 6.52 40.23
N LEU M 484 -19.55 5.30 40.72
CA LEU M 484 -19.99 5.11 42.09
C LEU M 484 -18.83 5.06 43.07
N ALA M 485 -17.61 5.15 42.57
CA ALA M 485 -16.43 5.07 43.43
C ALA M 485 -16.40 6.17 44.48
N PRO M 486 -16.64 7.41 44.07
CA PRO M 486 -16.53 8.46 45.10
C PRO M 486 -17.46 8.16 46.25
N GLY M 487 -16.93 8.08 47.46
CA GLY M 487 -17.73 7.79 48.63
C GLY M 487 -17.83 6.32 48.99
N THR M 488 -17.34 5.45 48.11
CA THR M 488 -17.37 4.03 48.38
C THR M 488 -15.97 3.44 48.34
N THR M 489 -15.52 3.04 47.16
CA THR M 489 -14.17 2.49 47.02
C THR M 489 -13.18 3.62 47.21
N ALA M 490 -13.62 4.86 47.05
CA ALA M 490 -12.76 6.00 47.29
C ALA M 490 -13.52 6.86 48.26
N PRO M 491 -13.51 6.48 49.53
CA PRO M 491 -14.34 7.20 50.51
C PRO M 491 -14.00 8.67 50.69
N ASN M 492 -12.72 9.03 50.74
CA ASN M 492 -12.36 10.42 51.03
C ASN M 492 -12.49 11.35 49.84
N ALA M 493 -12.74 10.82 48.66
CA ALA M 493 -12.94 11.65 47.48
C ALA M 493 -14.32 12.30 47.50
N LEU M 494 -14.51 13.34 46.71
CA LEU M 494 -15.79 14.04 46.72
C LEU M 494 -16.51 13.98 45.38
N ALA M 495 -15.79 13.65 44.32
CA ALA M 495 -16.40 13.58 43.01
C ALA M 495 -15.64 12.65 42.08
N THR M 496 -16.22 12.36 40.91
CA THR M 496 -15.60 11.46 39.97
C THR M 496 -14.29 12.03 39.44
N THR M 497 -13.33 11.18 39.16
CA THR M 497 -12.08 11.63 38.60
C THR M 497 -12.36 12.33 37.29
N SER M 498 -13.32 11.83 36.53
CA SER M 498 -13.70 12.47 35.28
C SER M 498 -15.20 12.39 35.12
N TYR M 499 -15.79 13.42 34.53
CA TYR M 499 -17.22 13.43 34.32
C TYR M 499 -17.57 12.57 33.13
N ALA M 500 -16.55 12.08 32.43
CA ALA M 500 -16.79 11.21 31.30
C ALA M 500 -17.46 9.93 31.74
N PHE M 501 -17.02 9.40 32.87
CA PHE M 501 -17.59 8.16 33.38
C PHE M 501 -19.04 8.38 33.74
N GLY M 502 -19.34 9.54 34.33
CA GLY M 502 -20.70 9.85 34.68
C GLY M 502 -20.74 11.09 35.54
N GLY M 503 -21.93 11.66 35.71
CA GLY M 503 -22.07 12.85 36.53
C GLY M 503 -22.93 13.89 35.85
N ASP M 504 -22.66 15.15 36.14
CA ASP M 504 -23.44 16.23 35.55
C ASP M 504 -22.67 16.90 34.42
N VAL M 505 -23.32 17.84 33.76
CA VAL M 505 -22.66 18.56 32.69
C VAL M 505 -22.04 19.83 33.21
N ILE M 506 -20.73 19.93 33.11
CA ILE M 506 -20.04 21.14 33.54
C ILE M 506 -19.97 22.11 32.39
N GLU M 507 -20.56 23.30 32.57
CA GLU M 507 -20.55 24.29 31.50
C GLU M 507 -19.85 25.56 31.93
N VAL M 508 -19.05 26.12 31.04
CA VAL M 508 -18.37 27.36 31.34
C VAL M 508 -18.56 28.32 30.19
N GLY M 509 -19.28 29.42 30.43
CA GLY M 509 -19.51 30.40 29.40
C GLY M 509 -20.57 30.00 28.41
N GLY M 510 -21.49 29.14 28.84
CA GLY M 510 -22.56 28.69 27.96
C GLY M 510 -22.13 27.55 27.07
N LYS M 511 -20.89 27.11 27.22
CA LYS M 511 -20.37 26.01 26.42
C LYS M 511 -20.07 24.82 27.30
N ILE M 512 -20.30 23.63 26.78
CA ILE M 512 -20.09 22.42 27.57
C ILE M 512 -18.62 22.08 27.69
N ALA M 513 -18.14 21.91 28.91
CA ALA M 513 -16.74 21.56 29.12
C ALA M 513 -16.59 20.05 29.17
N MET M 514 -17.40 19.40 29.97
CA MET M 514 -17.36 17.94 30.05
C MET M 514 -18.74 17.39 30.31
N MET M 515 -19.00 16.17 29.85
CA MET M 515 -20.30 15.57 30.01
C MET M 515 -20.11 14.06 29.99
N PRO M 516 -20.99 13.31 30.63
CA PRO M 516 -20.84 11.86 30.54
C PRO M 516 -20.79 11.38 29.09
N ILE M 517 -19.78 10.59 28.74
CA ILE M 517 -19.68 10.05 27.40
C ILE M 517 -20.18 8.62 27.39
N LYS M 518 -21.22 8.33 26.64
CA LYS M 518 -21.81 7.00 26.65
C LYS M 518 -21.25 6.10 25.56
N LEU M 519 -21.30 4.80 25.79
CA LEU M 519 -20.75 3.86 24.82
C LEU M 519 -21.82 2.93 24.29
N GLY M 520 -21.96 2.84 22.97
CA GLY M 520 -22.96 1.97 22.36
C GLY M 520 -22.37 1.07 21.30
N THR M 521 -23.20 0.64 20.36
CA THR M 521 -22.73 -0.28 19.32
C THR M 521 -21.66 0.34 18.45
N ALA M 522 -21.82 1.60 18.09
CA ALA M 522 -20.86 2.26 17.24
C ALA M 522 -19.50 2.29 17.91
N ASP M 523 -19.49 2.54 19.22
CA ASP M 523 -18.25 2.59 19.95
C ASP M 523 -17.57 1.23 19.96
N PHE M 524 -18.36 0.17 20.12
CA PHE M 524 -17.80 -1.17 20.08
C PHE M 524 -17.10 -1.38 18.76
N MET M 525 -17.80 -1.05 17.68
CA MET M 525 -17.25 -1.28 16.36
C MET M 525 -15.94 -0.53 16.14
N VAL M 526 -15.87 0.72 16.55
CA VAL M 526 -14.67 1.52 16.31
C VAL M 526 -13.51 1.06 17.19
N HIS M 527 -13.80 0.71 18.44
CA HIS M 527 -12.73 0.30 19.34
C HIS M 527 -12.04 -0.95 18.83
N HIS M 528 -12.81 -1.88 18.30
CA HIS M 528 -12.23 -3.12 17.79
C HIS M 528 -11.42 -2.86 16.53
N ILE M 529 -11.78 -1.82 15.79
CA ILE M 529 -10.99 -1.46 14.62
C ILE M 529 -9.65 -0.93 15.08
N HIS M 530 -9.63 -0.18 16.18
CA HIS M 530 -8.37 0.31 16.72
C HIS M 530 -7.48 -0.86 17.06
N ALA M 531 -8.05 -1.90 17.63
CA ALA M 531 -7.28 -3.08 17.98
C ALA M 531 -6.64 -3.69 16.75
N PHE M 532 -7.42 -3.80 15.68
CA PHE M 532 -6.90 -4.39 14.46
C PHE M 532 -5.71 -3.60 13.95
N THR M 533 -5.85 -2.28 13.89
CA THR M 533 -4.78 -1.46 13.35
C THR M 533 -3.50 -1.60 14.16
N ILE M 534 -3.63 -1.54 15.48
CA ILE M 534 -2.45 -1.64 16.33
C ILE M 534 -1.81 -3.01 16.19
N HIS M 535 -2.62 -4.05 16.15
CA HIS M 535 -2.08 -5.40 16.05
C HIS M 535 -1.27 -5.61 14.78
N VAL M 536 -1.77 -5.11 13.66
CA VAL M 536 -1.06 -5.28 12.39
C VAL M 536 0.27 -4.55 12.44
N THR M 537 0.28 -3.37 13.04
CA THR M 537 1.51 -2.61 13.15
C THR M 537 2.54 -3.42 13.93
N VAL M 538 2.10 -4.06 15.00
CA VAL M 538 3.01 -4.85 15.81
C VAL M 538 3.55 -6.03 15.02
N LEU M 539 2.71 -6.62 14.18
CA LEU M 539 3.14 -7.78 13.41
C LEU M 539 4.32 -7.41 12.54
N ILE M 540 4.18 -6.34 11.77
CA ILE M 540 5.24 -5.94 10.87
C ILE M 540 6.50 -5.63 11.66
N LEU M 541 6.37 -4.84 12.70
CA LEU M 541 7.53 -4.44 13.48
C LEU M 541 8.20 -5.60 14.21
N LEU M 542 7.41 -6.46 14.82
CA LEU M 542 7.98 -7.58 15.56
C LEU M 542 8.64 -8.57 14.61
N LYS M 543 8.04 -8.78 13.45
CA LYS M 543 8.62 -9.68 12.48
C LYS M 543 9.99 -9.18 12.13
N GLY M 544 10.12 -7.87 12.00
CA GLY M 544 11.40 -7.28 11.66
C GLY M 544 12.46 -7.52 12.71
N VAL M 545 12.09 -7.41 13.98
CA VAL M 545 13.04 -7.64 15.06
C VAL M 545 13.43 -9.10 15.16
N LEU M 546 12.45 -9.99 15.08
CA LEU M 546 12.72 -11.41 15.24
C LEU M 546 13.49 -12.01 14.06
N TYR M 547 13.17 -11.59 12.84
CA TYR M 547 13.82 -12.14 11.67
C TYR M 547 14.88 -11.20 11.11
N ALA M 548 15.46 -10.39 11.98
CA ALA M 548 16.46 -9.43 11.55
C ALA M 548 17.78 -10.07 11.15
N ARG M 549 18.20 -11.09 11.89
CA ARG M 549 19.49 -11.70 11.63
C ARG M 549 19.43 -12.81 10.59
N SER M 550 18.32 -13.54 10.55
CA SER M 550 18.21 -14.65 9.61
C SER M 550 16.78 -15.00 9.27
N SER M 551 16.60 -15.77 8.21
CA SER M 551 15.27 -16.23 7.83
C SER M 551 15.48 -17.46 6.98
N LYS M 552 14.41 -18.21 6.74
CA LYS M 552 14.54 -19.38 5.88
C LYS M 552 14.91 -18.94 4.47
N LEU M 553 14.43 -17.77 4.06
CA LEU M 553 14.73 -17.27 2.73
C LEU M 553 16.18 -16.81 2.62
N ILE M 554 16.60 -15.92 3.51
CA ILE M 554 17.98 -15.46 3.50
C ILE M 554 18.63 -15.82 4.81
N PRO M 555 19.34 -16.95 4.84
CA PRO M 555 19.91 -17.42 6.10
C PRO M 555 20.98 -16.49 6.70
N ASP M 556 21.61 -15.64 5.90
CA ASP M 556 22.68 -14.79 6.40
C ASP M 556 22.33 -13.31 6.35
N LYS M 557 21.10 -12.97 6.66
CA LYS M 557 20.66 -11.59 6.57
C LYS M 557 21.50 -10.67 7.44
N ALA M 558 22.02 -11.19 8.54
CA ALA M 558 22.80 -10.37 9.46
C ALA M 558 23.98 -9.71 8.77
N ASN M 559 24.74 -10.47 8.01
CA ASN M 559 25.92 -9.93 7.34
C ASN M 559 25.53 -8.82 6.38
N LEU M 560 24.36 -8.95 5.77
CA LEU M 560 23.89 -7.93 4.84
C LEU M 560 23.67 -6.60 5.53
N GLY M 561 23.26 -6.63 6.80
CA GLY M 561 23.07 -5.41 7.55
C GLY M 561 21.65 -5.12 7.98
N PHE M 562 21.42 -3.94 8.55
CA PHE M 562 20.09 -3.56 8.97
C PHE M 562 19.37 -2.83 7.85
N ARG M 563 20.13 -2.24 6.94
CA ARG M 563 19.50 -1.45 5.87
C ARG M 563 20.06 -1.82 4.51
N PHE M 564 19.64 -2.96 3.98
CA PHE M 564 20.08 -3.36 2.66
C PHE M 564 18.87 -3.33 1.75
N PRO M 565 19.08 -3.03 0.46
CA PRO M 565 17.95 -2.92 -0.46
C PRO M 565 17.26 -4.26 -0.67
N CYS M 566 18.02 -5.32 -0.85
CA CYS M 566 17.46 -6.63 -1.13
C CYS M 566 18.60 -7.60 -1.20
N ASP M 567 18.33 -8.83 -1.59
CA ASP M 567 19.41 -9.78 -1.78
C ASP M 567 19.52 -10.12 -3.25
N GLY M 568 18.46 -9.85 -3.99
CA GLY M 568 18.49 -10.10 -5.42
C GLY M 568 17.15 -10.48 -5.99
N PRO M 569 17.10 -10.70 -7.31
CA PRO M 569 15.85 -11.11 -7.96
C PRO M 569 15.60 -12.59 -7.80
N GLY M 570 16.52 -13.30 -7.16
CA GLY M 570 16.38 -14.74 -7.02
C GLY M 570 15.48 -15.18 -5.90
N ARG M 571 15.38 -16.49 -5.69
CA ARG M 571 14.50 -17.02 -4.67
C ARG M 571 13.10 -16.52 -4.91
N GLY M 572 12.80 -16.16 -6.14
CA GLY M 572 11.48 -15.66 -6.49
C GLY M 572 11.36 -14.18 -6.28
N GLY M 573 12.37 -13.56 -5.65
CA GLY M 573 12.31 -12.14 -5.36
C GLY M 573 12.55 -11.91 -3.88
N THR M 574 13.51 -11.08 -3.56
CA THR M 574 13.85 -10.84 -2.16
C THR M 574 13.79 -9.36 -1.85
N CYS M 575 12.95 -8.64 -2.56
CA CYS M 575 12.86 -7.19 -2.38
C CYS M 575 12.29 -6.79 -1.02
N GLN M 576 12.88 -5.77 -0.40
CA GLN M 576 12.38 -5.28 0.89
C GLN M 576 12.31 -6.36 1.95
N SER M 577 13.42 -7.02 2.22
CA SER M 577 13.45 -8.06 3.24
C SER M 577 14.28 -7.67 4.48
N SER M 578 14.79 -6.45 4.49
CA SER M 578 15.59 -5.99 5.61
C SER M 578 14.71 -5.53 6.75
N SER M 579 15.30 -5.36 7.91
CA SER M 579 14.54 -4.90 9.05
C SER M 579 14.15 -3.45 8.85
N TRP M 580 14.98 -2.69 8.14
CA TRP M 580 14.67 -1.31 7.87
C TRP M 580 13.38 -1.23 7.10
N ASP M 581 13.19 -2.14 6.15
CA ASP M 581 12.00 -2.13 5.32
C ASP M 581 10.76 -2.46 6.14
N HIS M 582 10.91 -3.27 7.17
CA HIS M 582 9.79 -3.57 8.03
C HIS M 582 9.36 -2.31 8.76
N VAL M 583 10.33 -1.51 9.20
CA VAL M 583 10.01 -0.25 9.84
C VAL M 583 9.33 0.65 8.82
N PHE M 584 9.81 0.63 7.58
CA PHE M 584 9.22 1.43 6.53
C PHE M 584 7.75 1.13 6.39
N LEU M 585 7.41 -0.15 6.37
CA LEU M 585 6.01 -0.54 6.20
C LEU M 585 5.21 -0.29 7.46
N GLY M 586 5.84 -0.43 8.61
CA GLY M 586 5.15 -0.21 9.87
C GLY M 586 4.65 1.20 10.02
N LEU M 587 5.42 2.17 9.55
CA LEU M 587 5.02 3.57 9.66
C LEU M 587 3.74 3.87 8.91
N PHE M 588 3.55 3.21 7.77
CA PHE M 588 2.31 3.40 7.01
C PHE M 588 1.11 2.95 7.83
N TRP M 589 1.24 1.82 8.50
CA TRP M 589 0.15 1.30 9.32
C TRP M 589 -0.05 2.16 10.56
N MET M 590 1.03 2.70 11.10
CA MET M 590 0.90 3.60 12.24
C MET M 590 0.12 4.82 11.82
N TYR M 591 0.37 5.29 10.61
CA TYR M 591 -0.35 6.45 10.11
C TYR M 591 -1.83 6.14 10.09
N ASN M 592 -2.19 4.99 9.54
CA ASN M 592 -3.58 4.60 9.47
C ASN M 592 -4.19 4.52 10.85
N SER M 593 -3.50 3.84 11.75
CA SER M 593 -4.02 3.65 13.09
C SER M 593 -4.31 4.99 13.76
N ILE M 594 -3.34 5.88 13.77
CA ILE M 594 -3.52 7.16 14.46
C ILE M 594 -4.60 7.99 13.80
N SER M 595 -4.66 7.95 12.48
CA SER M 595 -5.65 8.73 11.76
C SER M 595 -7.05 8.36 12.20
N VAL M 596 -7.33 7.07 12.29
CA VAL M 596 -8.64 6.62 12.71
C VAL M 596 -8.93 7.08 14.14
N VAL M 597 -7.94 6.99 15.01
CA VAL M 597 -8.13 7.38 16.40
C VAL M 597 -8.50 8.85 16.53
N ILE M 598 -7.76 9.71 15.85
CA ILE M 598 -8.03 11.13 15.94
C ILE M 598 -9.38 11.47 15.33
N PHE M 599 -9.77 10.79 14.27
CA PHE M 599 -11.07 11.01 13.68
C PHE M 599 -12.17 10.60 14.63
N HIS M 600 -11.97 9.49 15.34
CA HIS M 600 -12.95 9.05 16.31
C HIS M 600 -13.14 10.13 17.35
N PHE M 601 -12.04 10.68 17.84
CA PHE M 601 -12.12 11.73 18.84
C PHE M 601 -12.88 12.92 18.31
N SER M 602 -12.54 13.37 17.11
CA SER M 602 -13.19 14.55 16.55
C SER M 602 -14.68 14.39 16.38
N TRP M 603 -15.13 13.25 15.86
CA TRP M 603 -16.56 13.11 15.60
C TRP M 603 -17.34 12.84 16.87
N LYS M 604 -16.81 11.98 17.72
CA LYS M 604 -17.50 11.63 18.95
C LYS M 604 -17.72 12.86 19.81
N MET M 605 -16.68 13.67 19.96
CA MET M 605 -16.78 14.84 20.82
C MET M 605 -17.74 15.87 20.25
N GLN M 606 -17.63 16.14 18.97
CA GLN M 606 -18.47 17.17 18.35
C GLN M 606 -19.90 16.70 18.26
N SER M 607 -20.14 15.44 18.56
CA SER M 607 -21.48 14.88 18.42
C SER M 607 -22.12 14.53 19.74
N ASP M 608 -21.34 14.12 20.72
CA ASP M 608 -21.92 13.67 21.98
C ASP M 608 -21.41 14.38 23.22
N VAL M 609 -20.57 15.39 23.05
CA VAL M 609 -20.05 16.13 24.20
C VAL M 609 -20.06 17.63 23.98
N TRP M 610 -19.20 18.11 23.09
CA TRP M 610 -19.09 19.54 22.87
C TRP M 610 -20.40 20.14 22.41
N GLY M 611 -20.59 21.43 22.67
CA GLY M 611 -21.81 22.10 22.28
C GLY M 611 -22.18 23.20 23.23
N THR M 612 -23.43 23.63 23.20
CA THR M 612 -23.90 24.67 24.09
C THR M 612 -25.10 24.20 24.88
N ILE M 613 -25.24 24.70 26.10
CA ILE M 613 -26.39 24.36 26.92
C ILE M 613 -27.08 25.64 27.34
N THR M 614 -28.41 25.66 27.26
CA THR M 614 -29.15 26.86 27.61
C THR M 614 -29.16 27.08 29.11
N PRO M 615 -29.70 28.23 29.56
CA PRO M 615 -29.80 28.42 31.01
C PRO M 615 -30.56 27.24 31.58
N ASP M 616 -31.61 26.81 30.90
CA ASP M 616 -32.31 25.60 31.33
C ASP M 616 -31.59 24.42 30.69
N GLY M 617 -32.06 23.21 30.93
CA GLY M 617 -31.35 22.05 30.41
C GLY M 617 -31.60 21.69 28.97
N ALA M 618 -31.00 22.42 28.04
CA ALA M 618 -31.14 22.09 26.62
C ALA M 618 -29.77 21.98 25.99
N ILE M 619 -29.34 20.77 25.67
CA ILE M 619 -27.99 20.59 25.14
C ILE M 619 -28.01 20.46 23.63
N SER M 620 -27.28 21.34 22.95
CA SER M 620 -27.18 21.27 21.51
C SER M 620 -25.75 20.96 21.11
N HIS M 621 -25.50 19.73 20.70
CA HIS M 621 -24.16 19.34 20.32
C HIS M 621 -23.81 19.92 18.96
N ILE M 622 -22.52 20.05 18.67
CA ILE M 622 -22.11 20.69 17.42
C ILE M 622 -22.63 19.99 16.16
N THR M 623 -22.56 18.67 16.12
CA THR M 623 -22.98 17.95 14.93
C THR M 623 -24.37 17.36 15.08
N GLY M 624 -24.89 17.30 16.30
CA GLY M 624 -26.26 16.85 16.50
C GLY M 624 -26.52 15.41 16.86
N GLY M 625 -25.49 14.68 17.26
CA GLY M 625 -25.66 13.29 17.67
C GLY M 625 -25.68 12.32 16.51
N ASN M 626 -25.12 12.73 15.37
CA ASN M 626 -25.11 11.88 14.19
C ASN M 626 -24.21 10.66 14.31
N PHE M 627 -23.32 10.65 15.29
CA PHE M 627 -22.37 9.56 15.42
C PHE M 627 -23.01 8.19 15.57
N ALA M 628 -24.09 8.12 16.32
CA ALA M 628 -24.72 6.83 16.59
C ALA M 628 -25.18 6.09 15.33
N GLN M 629 -25.91 6.75 14.45
CA GLN M 629 -26.46 6.06 13.28
C GLN M 629 -25.74 6.31 11.97
N SER M 630 -24.66 7.09 12.00
CA SER M 630 -23.97 7.42 10.78
C SER M 630 -22.57 6.84 10.75
N SER M 631 -21.98 6.64 11.93
CA SER M 631 -20.64 6.13 12.00
C SER M 631 -20.62 4.61 11.92
N ILE M 632 -21.78 4.02 11.69
CA ILE M 632 -21.88 2.57 11.58
C ILE M 632 -21.70 2.12 10.13
N THR M 633 -21.54 3.07 9.22
CA THR M 633 -21.34 2.74 7.81
C THR M 633 -20.25 3.62 7.22
N ILE M 634 -19.54 3.12 6.22
CA ILE M 634 -18.45 3.87 5.63
C ILE M 634 -18.95 5.11 4.90
N ASN M 635 -20.12 5.00 4.28
CA ASN M 635 -20.70 6.15 3.60
C ASN M 635 -20.94 7.25 4.60
N GLY M 636 -21.31 6.89 5.81
CA GLY M 636 -21.55 7.88 6.84
C GLY M 636 -20.32 8.71 7.15
N TRP M 637 -19.19 8.06 7.29
CA TRP M 637 -17.95 8.76 7.55
C TRP M 637 -17.60 9.70 6.40
N LEU M 638 -17.79 9.24 5.17
CA LEU M 638 -17.46 10.05 4.01
C LEU M 638 -18.39 11.25 3.87
N ARG M 639 -19.65 11.10 4.27
CA ARG M 639 -20.62 12.17 4.10
C ARG M 639 -20.81 13.02 5.34
N ASP M 640 -21.09 12.38 6.47
CA ASP M 640 -21.40 13.13 7.67
C ASP M 640 -20.15 13.61 8.41
N PHE M 641 -18.98 13.18 7.98
CA PHE M 641 -17.75 13.63 8.61
C PHE M 641 -16.85 14.37 7.63
N LEU M 642 -16.18 13.65 6.76
CA LEU M 642 -15.23 14.29 5.86
C LEU M 642 -15.88 15.33 4.95
N TRP M 643 -16.98 14.98 4.30
CA TRP M 643 -17.61 15.91 3.37
C TRP M 643 -18.22 17.10 4.07
N SER M 644 -18.85 16.87 5.21
CA SER M 644 -19.54 17.94 5.90
C SER M 644 -18.63 18.81 6.74
N GLN M 645 -17.69 18.20 7.44
CA GLN M 645 -16.82 18.96 8.33
C GLN M 645 -15.69 19.63 7.58
N ALA M 646 -15.63 19.41 6.27
CA ALA M 646 -14.60 20.04 5.46
C ALA M 646 -15.11 21.28 4.78
N SER M 647 -16.33 21.68 5.11
CA SER M 647 -16.92 22.85 4.49
C SER M 647 -16.15 24.09 4.90
N GLN M 648 -15.45 24.03 6.02
CA GLN M 648 -14.73 25.20 6.51
C GLN M 648 -13.46 25.48 5.72
N VAL M 649 -12.62 24.48 5.54
CA VAL M 649 -11.38 24.67 4.82
C VAL M 649 -11.65 25.08 3.38
N ILE M 650 -12.58 24.41 2.73
CA ILE M 650 -12.85 24.69 1.32
C ILE M 650 -13.42 26.08 1.12
N GLN M 651 -14.03 26.64 2.15
CA GLN M 651 -14.65 27.94 2.03
C GLN M 651 -13.90 28.96 2.86
N SER M 652 -12.60 28.77 3.00
CA SER M 652 -11.80 29.66 3.83
C SER M 652 -11.19 30.82 3.08
N TYR M 653 -11.24 30.77 1.75
CA TYR M 653 -10.63 31.82 0.96
C TYR M 653 -11.26 33.17 1.26
N GLY M 654 -10.45 34.21 1.32
CA GLY M 654 -10.96 35.54 1.59
C GLY M 654 -11.10 35.81 3.07
N SER M 655 -10.61 34.90 3.90
CA SER M 655 -10.73 35.05 5.34
C SER M 655 -9.39 34.84 6.01
N ALA M 656 -9.37 35.03 7.33
CA ALA M 656 -8.14 34.84 8.08
C ALA M 656 -7.79 33.38 8.15
N SER M 657 -8.71 32.51 7.73
CA SER M 657 -8.46 31.09 7.76
C SER M 657 -8.03 30.62 6.38
N SER M 658 -7.68 31.54 5.52
CA SER M 658 -7.28 31.20 4.15
C SER M 658 -6.04 30.34 4.12
N ALA M 659 -5.15 30.54 5.08
CA ALA M 659 -3.91 29.80 5.10
C ALA M 659 -4.19 28.31 5.17
N TYR M 660 -5.15 27.93 5.98
CA TYR M 660 -5.47 26.53 6.15
C TYR M 660 -5.93 25.94 4.83
N GLY M 661 -6.69 26.69 4.06
CA GLY M 661 -7.14 26.22 2.77
C GLY M 661 -5.98 25.95 1.86
N LEU M 662 -5.04 26.88 1.80
CA LEU M 662 -3.88 26.71 0.94
C LEU M 662 -3.06 25.51 1.37
N ILE M 663 -2.87 25.35 2.67
CA ILE M 663 -2.09 24.23 3.19
C ILE M 663 -2.81 22.91 2.93
N PHE M 664 -4.13 22.92 3.03
CA PHE M 664 -4.89 21.71 2.75
C PHE M 664 -4.55 21.26 1.35
N LEU M 665 -4.60 22.18 0.40
CA LEU M 665 -4.31 21.84 -0.99
C LEU M 665 -2.86 21.44 -1.17
N GLY M 666 -1.95 22.17 -0.55
CA GLY M 666 -0.53 21.89 -0.69
C GLY M 666 -0.19 20.52 -0.18
N ALA M 667 -0.82 20.13 0.92
CA ALA M 667 -0.55 18.83 1.51
C ALA M 667 -1.00 17.72 0.59
N HIS M 668 -2.16 17.89 -0.03
CA HIS M 668 -2.64 16.89 -0.97
C HIS M 668 -1.61 16.71 -2.06
N PHE M 669 -1.07 17.81 -2.55
CA PHE M 669 -0.08 17.75 -3.62
C PHE M 669 1.13 16.95 -3.21
N ILE M 670 1.66 17.24 -2.03
CA ILE M 670 2.85 16.53 -1.56
C ILE M 670 2.58 15.05 -1.38
N TRP M 671 1.38 14.71 -0.92
CA TRP M 671 1.04 13.31 -0.72
C TRP M 671 1.07 12.58 -2.05
N ALA M 672 0.48 13.18 -3.08
CA ALA M 672 0.49 12.57 -4.39
C ALA M 672 1.90 12.52 -4.95
N PHE M 673 2.66 13.58 -4.74
CA PHE M 673 4.02 13.63 -5.22
C PHE M 673 4.80 12.43 -4.74
N SER M 674 4.55 12.01 -3.52
CA SER M 674 5.30 10.89 -2.94
C SER M 674 5.03 9.59 -3.64
N LEU M 675 3.86 9.44 -4.21
CA LEU M 675 3.50 8.17 -4.82
C LEU M 675 4.37 7.82 -6.02
N MET M 676 5.10 8.79 -6.54
CA MET M 676 5.99 8.52 -7.66
C MET M 676 7.27 7.88 -7.19
N PHE M 677 7.66 8.13 -5.96
CA PHE M 677 8.85 7.51 -5.41
C PHE M 677 8.51 6.13 -4.88
N LEU M 678 7.27 5.95 -4.45
CA LEU M 678 6.87 4.68 -3.85
C LEU M 678 6.47 3.63 -4.87
N PHE M 679 6.17 4.03 -6.10
CA PHE M 679 5.73 3.08 -7.10
C PHE M 679 6.80 2.83 -8.16
N SER M 680 7.72 3.76 -8.33
CA SER M 680 8.73 3.62 -9.39
C SER M 680 10.03 2.98 -8.90
N GLY M 681 11.01 2.89 -9.79
CA GLY M 681 12.28 2.28 -9.44
C GLY M 681 13.48 3.08 -9.92
N ARG M 682 14.64 2.82 -9.36
CA ARG M 682 15.85 3.58 -9.71
C ARG M 682 16.22 3.43 -11.16
N GLY M 683 15.99 2.26 -11.74
CA GLY M 683 16.42 2.03 -13.11
C GLY M 683 15.91 3.02 -14.13
N TYR M 684 14.61 3.28 -14.12
CA TYR M 684 14.04 4.21 -15.08
C TYR M 684 14.68 5.56 -14.92
N TRP M 685 14.79 6.00 -13.69
CA TRP M 685 15.34 7.33 -13.44
C TRP M 685 16.79 7.44 -13.86
N GLN M 686 17.58 6.41 -13.59
CA GLN M 686 18.98 6.48 -13.95
C GLN M 686 19.14 6.63 -15.45
N GLU M 687 18.36 5.88 -16.21
CA GLU M 687 18.44 5.95 -17.66
C GLU M 687 18.01 7.30 -18.18
N LEU M 688 16.97 7.87 -17.58
CA LEU M 688 16.52 9.19 -17.99
C LEU M 688 17.64 10.19 -17.75
N ILE M 689 18.31 10.07 -16.61
CA ILE M 689 19.38 10.99 -16.29
C ILE M 689 20.47 10.91 -17.35
N GLU M 690 20.73 9.72 -17.86
CA GLU M 690 21.75 9.54 -18.87
C GLU M 690 21.47 10.40 -20.08
N SER M 691 20.23 10.39 -20.54
CA SER M 691 19.86 11.20 -21.69
C SER M 691 20.01 12.68 -21.40
N ILE M 692 19.60 13.10 -20.22
CA ILE M 692 19.74 14.50 -19.84
C ILE M 692 21.20 14.90 -19.82
N VAL M 693 22.05 14.05 -19.28
CA VAL M 693 23.47 14.35 -19.22
C VAL M 693 24.04 14.47 -20.62
N TRP M 694 23.50 13.70 -21.55
CA TRP M 694 23.96 13.78 -22.93
C TRP M 694 23.83 15.21 -23.41
N ALA M 695 22.72 15.85 -23.10
CA ALA M 695 22.50 17.22 -23.55
C ALA M 695 23.57 18.15 -23.01
N HIS M 696 23.85 18.05 -21.72
CA HIS M 696 24.84 18.92 -21.12
C HIS M 696 26.19 18.69 -21.76
N ASN M 697 26.55 17.44 -22.00
CA ASN M 697 27.81 17.11 -22.64
C ASN M 697 27.86 17.67 -24.05
N LYS M 698 26.75 17.59 -24.77
CA LYS M 698 26.70 18.08 -26.14
C LYS M 698 27.03 19.56 -26.17
N LEU M 699 26.83 20.24 -25.05
CA LEU M 699 27.16 21.66 -24.98
C LEU M 699 28.49 21.89 -24.28
N ASN M 700 29.32 20.85 -24.18
CA ASN M 700 30.66 20.98 -23.60
C ASN M 700 30.71 21.30 -22.11
N PHE M 701 29.76 20.80 -21.33
CA PHE M 701 29.82 21.01 -19.89
C PHE M 701 29.07 19.91 -19.14
N ALA M 702 29.66 19.43 -18.05
CA ALA M 702 29.00 18.41 -17.24
C ALA M 702 29.63 18.33 -15.88
N PRO M 703 28.85 18.03 -14.84
CA PRO M 703 29.40 18.00 -13.49
C PRO M 703 30.39 16.87 -13.28
N THR M 704 31.49 17.13 -12.59
CA THR M 704 32.45 16.08 -12.28
C THR M 704 31.82 15.14 -11.28
N ILE M 705 31.02 15.68 -10.38
CA ILE M 705 30.30 14.83 -9.45
C ILE M 705 29.20 14.25 -10.28
N GLN M 706 29.46 13.10 -10.90
CA GLN M 706 28.49 12.51 -11.81
C GLN M 706 27.11 12.39 -11.21
N PRO M 707 26.10 12.90 -11.92
CA PRO M 707 24.72 12.81 -11.44
C PRO M 707 24.23 11.37 -11.43
N ARG M 708 23.72 10.90 -10.29
CA ARG M 708 23.21 9.54 -10.19
C ARG M 708 21.83 9.58 -9.57
N ALA M 709 21.05 8.54 -9.78
CA ALA M 709 19.70 8.47 -9.21
C ALA M 709 19.74 8.07 -7.74
N LEU M 710 18.69 8.41 -7.00
CA LEU M 710 18.65 8.10 -5.58
C LEU M 710 18.68 6.60 -5.36
N SER M 711 19.30 6.16 -4.28
CA SER M 711 19.40 4.73 -4.00
C SER M 711 18.03 4.13 -3.79
N ILE M 712 17.95 2.81 -3.88
CA ILE M 712 16.69 2.14 -3.66
C ILE M 712 16.13 2.52 -2.31
N THR M 713 16.95 2.41 -1.27
CA THR M 713 16.49 2.71 0.08
C THR M 713 16.07 4.16 0.23
N GLN M 714 16.85 5.07 -0.33
CA GLN M 714 16.52 6.48 -0.23
C GLN M 714 15.22 6.78 -0.95
N GLY M 715 14.98 6.13 -2.07
CA GLY M 715 13.75 6.33 -2.79
C GLY M 715 12.58 6.04 -1.89
N ARG M 716 12.63 4.92 -1.19
CA ARG M 716 11.57 4.55 -0.29
C ARG M 716 11.44 5.56 0.82
N ALA M 717 12.56 6.02 1.35
CA ALA M 717 12.54 6.98 2.45
C ALA M 717 11.92 8.30 2.01
N VAL M 718 12.31 8.79 0.84
CA VAL M 718 11.76 10.05 0.34
C VAL M 718 10.26 9.91 0.17
N GLY M 719 9.83 8.77 -0.34
CA GLY M 719 8.42 8.55 -0.55
C GLY M 719 7.64 8.55 0.75
N LEU M 720 8.13 7.81 1.74
CA LEU M 720 7.44 7.74 3.01
C LEU M 720 7.39 9.11 3.64
N ALA M 721 8.48 9.87 3.53
CA ALA M 721 8.52 11.17 4.17
C ALA M 721 7.46 12.08 3.61
N HIS M 722 7.39 12.17 2.29
CA HIS M 722 6.42 13.05 1.68
C HIS M 722 5.01 12.54 1.93
N TYR M 723 4.84 11.23 1.93
CA TYR M 723 3.53 10.65 2.18
C TYR M 723 3.04 11.06 3.55
N LEU M 724 3.87 10.92 4.55
CA LEU M 724 3.46 11.24 5.90
C LEU M 724 3.20 12.72 6.05
N LEU M 725 4.08 13.56 5.51
CA LEU M 725 3.91 14.99 5.63
C LEU M 725 2.59 15.39 5.01
N GLY M 726 2.32 14.91 3.81
CA GLY M 726 1.10 15.28 3.13
C GLY M 726 -0.15 14.86 3.86
N GLY M 727 -0.19 13.61 4.31
CA GLY M 727 -1.37 13.11 4.98
C GLY M 727 -1.64 13.84 6.27
N ILE M 728 -0.61 13.95 7.12
CA ILE M 728 -0.78 14.60 8.40
C ILE M 728 -1.08 16.07 8.20
N GLY M 729 -0.43 16.68 7.21
CA GLY M 729 -0.65 18.09 6.95
C GLY M 729 -2.07 18.37 6.56
N THR M 730 -2.66 17.52 5.74
CA THR M 730 -4.04 17.70 5.32
C THR M 730 -4.97 17.72 6.52
N THR M 731 -4.87 16.71 7.37
CA THR M 731 -5.71 16.66 8.57
C THR M 731 -5.44 17.85 9.46
N TRP M 732 -4.19 18.26 9.57
CA TRP M 732 -3.83 19.38 10.40
C TRP M 732 -4.70 20.58 10.04
N ALA M 733 -4.70 20.95 8.77
CA ALA M 733 -5.47 22.10 8.34
C ALA M 733 -6.96 21.86 8.53
N PHE M 734 -7.42 20.68 8.13
CA PHE M 734 -8.81 20.35 8.25
C PHE M 734 -9.28 20.55 9.67
N PHE M 735 -8.55 19.97 10.61
CA PHE M 735 -8.94 20.07 12.00
C PHE M 735 -8.89 21.50 12.51
N LEU M 736 -7.78 22.18 12.28
CA LEU M 736 -7.63 23.52 12.83
C LEU M 736 -8.70 24.48 12.30
N ALA M 737 -8.95 24.43 11.01
CA ALA M 737 -9.93 25.33 10.43
C ALA M 737 -11.32 25.05 10.99
N ARG M 738 -11.69 23.78 11.04
CA ARG M 738 -12.97 23.41 11.59
C ARG M 738 -13.07 23.84 13.04
N ALA M 739 -12.01 23.60 13.80
CA ALA M 739 -12.04 23.93 15.21
C ALA M 739 -12.21 25.40 15.47
N ILE M 740 -11.51 26.23 14.71
CA ILE M 740 -11.60 27.66 14.92
C ILE M 740 -13.05 28.06 14.82
N SER M 741 -13.76 27.56 13.82
CA SER M 741 -15.16 27.91 13.64
C SER M 741 -16.04 27.39 14.77
N ILE M 742 -15.87 26.13 15.15
CA ILE M 742 -16.72 25.55 16.19
C ILE M 742 -16.50 26.26 17.50
N THR M 743 -15.26 26.67 17.78
CA THR M 743 -14.99 27.42 18.99
C THR M 743 -15.66 28.78 18.88
N PRO N 1 26.73 -37.40 17.57
CA PRO N 1 27.70 -36.30 17.53
C PRO N 1 26.99 -34.97 17.34
N PHE N 2 25.72 -34.90 17.72
CA PHE N 2 24.96 -33.67 17.52
C PHE N 2 25.38 -32.59 18.48
N PRO N 3 25.49 -31.35 17.99
CA PRO N 3 25.84 -30.24 18.88
C PRO N 3 24.74 -30.04 19.90
N THR N 4 25.02 -29.34 20.99
CA THR N 4 24.04 -29.17 22.04
C THR N 4 23.07 -28.04 21.73
N PHE N 5 21.82 -28.40 21.43
CA PHE N 5 20.81 -27.40 21.13
C PHE N 5 19.50 -27.82 21.76
N GLY N 6 18.70 -26.86 22.19
CA GLY N 6 17.47 -27.18 22.89
C GLY N 6 16.22 -27.28 22.06
N GLY N 7 16.34 -27.06 20.75
CA GLY N 7 15.20 -27.18 19.88
C GLY N 7 14.63 -25.85 19.43
N SER N 8 13.98 -25.84 18.28
CA SER N 8 13.42 -24.61 17.75
C SER N 8 12.25 -24.94 16.86
N THR N 9 11.44 -23.94 16.54
CA THR N 9 10.32 -24.16 15.63
C THR N 9 10.76 -23.81 14.23
N GLY N 10 12.07 -23.61 14.05
CA GLY N 10 12.59 -23.24 12.75
C GLY N 10 13.39 -24.34 12.09
N GLY N 11 13.15 -25.58 12.52
CA GLY N 11 13.88 -26.71 11.95
C GLY N 11 13.32 -27.17 10.64
N TRP N 12 13.57 -28.43 10.29
CA TRP N 12 13.12 -28.94 9.00
C TRP N 12 11.67 -29.36 9.00
N LEU N 13 11.08 -29.49 7.81
CA LEU N 13 9.68 -29.88 7.69
C LEU N 13 9.53 -31.16 6.88
N ARG N 14 8.37 -31.37 6.27
CA ARG N 14 8.13 -32.63 5.56
C ARG N 14 9.04 -32.82 4.37
N ALA N 15 9.38 -31.74 3.67
CA ALA N 15 10.20 -31.85 2.49
C ALA N 15 11.46 -32.62 2.81
N ALA N 16 11.97 -32.43 4.01
CA ALA N 16 13.18 -33.12 4.41
C ALA N 16 12.97 -34.62 4.50
N GLU N 17 11.73 -35.05 4.62
CA GLU N 17 11.46 -36.47 4.77
C GLU N 17 10.90 -37.09 3.50
N VAL N 18 10.43 -36.28 2.57
CA VAL N 18 9.79 -36.83 1.37
C VAL N 18 10.42 -36.39 0.07
N GLU N 19 11.11 -35.26 0.07
CA GLU N 19 11.76 -34.77 -1.13
C GLU N 19 13.29 -34.90 -0.99
N GLU N 20 13.92 -34.11 -0.11
CA GLU N 20 15.40 -34.16 0.08
C GLU N 20 15.91 -33.49 1.36
N LYS N 21 17.11 -33.84 1.83
CA LYS N 21 17.65 -33.30 3.08
C LYS N 21 19.15 -33.04 3.01
N TYR N 22 19.68 -32.20 3.89
CA TYR N 22 21.10 -31.86 3.86
C TYR N 22 21.77 -32.07 5.21
N ALA N 23 23.09 -32.24 5.21
CA ALA N 23 23.81 -32.45 6.46
C ALA N 23 25.23 -31.92 6.39
N ILE N 24 25.66 -31.23 7.44
CA ILE N 24 27.02 -30.71 7.49
C ILE N 24 27.78 -31.35 8.63
N THR N 25 29.08 -31.56 8.45
CA THR N 25 29.90 -32.17 9.50
C THR N 25 31.20 -31.43 9.66
N TRP N 26 31.69 -31.34 10.89
CA TRP N 26 32.96 -30.67 11.14
C TRP N 26 33.59 -31.13 12.43
N THR N 27 34.85 -30.78 12.64
CA THR N 27 35.54 -31.15 13.87
C THR N 27 36.05 -29.92 14.60
N SER N 28 35.85 -29.87 15.91
CA SER N 28 36.27 -28.71 16.68
C SER N 28 37.30 -29.08 17.73
N THR N 29 38.04 -28.09 18.21
CA THR N 29 39.06 -28.34 19.23
C THR N 29 38.59 -27.87 20.59
N LYS N 30 37.46 -27.18 20.63
CA LYS N 30 36.94 -26.66 21.89
C LYS N 30 35.43 -26.55 21.82
N GLU N 31 34.78 -26.56 22.97
CA GLU N 31 33.32 -26.39 22.99
C GLU N 31 32.98 -24.91 23.02
N GLN N 32 32.37 -24.42 21.95
CA GLN N 32 32.06 -23.01 21.85
C GLN N 32 30.64 -22.77 21.36
N ILE N 33 30.12 -21.58 21.59
CA ILE N 33 28.75 -21.28 21.18
C ILE N 33 28.70 -20.65 19.81
N PHE N 34 27.86 -21.18 18.94
CA PHE N 34 27.71 -20.62 17.61
C PHE N 34 26.25 -20.31 17.38
N GLU N 35 25.95 -19.50 16.37
CA GLU N 35 24.57 -19.17 16.07
C GLU N 35 24.15 -19.98 14.88
N MET N 36 23.01 -20.65 15.00
CA MET N 36 22.56 -21.50 13.91
C MET N 36 21.63 -20.73 13.00
N PRO N 37 21.70 -21.00 11.69
CA PRO N 37 20.89 -20.26 10.73
C PRO N 37 19.40 -20.36 11.02
N THR N 38 18.96 -21.48 11.58
CA THR N 38 17.55 -21.68 11.87
C THR N 38 17.05 -20.67 12.88
N GLY N 39 17.91 -20.26 13.80
CA GLY N 39 17.52 -19.29 14.82
C GLY N 39 17.82 -19.81 16.20
N GLY N 40 18.72 -19.12 16.92
CA GLY N 40 19.09 -19.56 18.25
C GLY N 40 20.57 -19.76 18.41
N ALA N 41 20.98 -20.24 19.57
CA ALA N 41 22.39 -20.46 19.84
C ALA N 41 22.62 -21.90 20.26
N ALA N 42 23.73 -22.49 19.84
CA ALA N 42 24.05 -23.85 20.21
C ALA N 42 25.50 -23.99 20.57
N ILE N 43 25.84 -25.06 21.28
CA ILE N 43 27.22 -25.28 21.70
C ILE N 43 27.79 -26.48 20.98
N MET N 44 28.85 -26.28 20.22
CA MET N 44 29.47 -27.38 19.48
C MET N 44 30.21 -28.29 20.45
N ARG N 45 30.43 -29.52 20.03
CA ARG N 45 31.10 -30.48 20.88
C ARG N 45 32.58 -30.53 20.61
N ASN N 46 33.37 -31.03 21.54
CA ASN N 46 34.80 -31.04 21.35
C ASN N 46 35.17 -32.24 20.51
N GLY N 47 35.08 -32.11 19.20
CA GLY N 47 35.36 -33.23 18.31
C GLY N 47 34.43 -33.20 17.13
N GLU N 48 33.96 -34.36 16.71
CA GLU N 48 33.08 -34.43 15.56
C GLU N 48 31.72 -33.83 15.85
N ASN N 49 31.13 -33.18 14.85
CA ASN N 49 29.80 -32.60 15.02
C ASN N 49 28.98 -32.81 13.76
N LEU N 50 27.69 -33.12 13.91
CA LEU N 50 26.82 -33.30 12.76
C LEU N 50 25.52 -32.56 12.94
N LEU N 51 25.04 -31.90 11.90
CA LEU N 51 23.82 -31.13 12.00
C LEU N 51 23.04 -31.27 10.70
N TYR N 52 21.71 -31.31 10.80
CA TYR N 52 20.87 -31.45 9.62
C TYR N 52 20.13 -30.16 9.29
N LEU N 53 20.06 -29.81 8.02
CA LEU N 53 19.36 -28.60 7.60
C LEU N 53 18.51 -28.90 6.38
N ALA N 54 17.66 -27.96 5.98
CA ALA N 54 16.76 -28.21 4.85
C ALA N 54 17.26 -27.61 3.54
N ARG N 55 18.23 -26.71 3.60
CA ARG N 55 18.71 -26.06 2.40
C ARG N 55 20.22 -26.02 2.34
N LYS N 56 20.78 -26.06 1.14
CA LYS N 56 22.23 -26.02 1.00
C LYS N 56 22.76 -24.68 1.45
N GLU N 57 22.01 -23.62 1.19
CA GLU N 57 22.46 -22.29 1.57
C GLU N 57 22.59 -22.20 3.08
N GLN N 58 21.64 -22.77 3.80
CA GLN N 58 21.71 -22.76 5.25
C GLN N 58 22.99 -23.43 5.72
N CYS N 59 23.36 -24.52 5.08
CA CYS N 59 24.56 -25.25 5.45
C CYS N 59 25.80 -24.43 5.16
N LEU N 60 25.85 -23.82 3.98
CA LEU N 60 27.01 -23.03 3.59
C LEU N 60 27.12 -21.76 4.42
N ALA N 61 25.99 -21.25 4.89
CA ALA N 61 26.04 -20.08 5.75
C ALA N 61 26.73 -20.43 7.05
N LEU N 62 26.42 -21.60 7.59
CA LEU N 62 27.06 -22.02 8.82
C LEU N 62 28.54 -22.20 8.61
N SER N 63 28.92 -22.69 7.44
CA SER N 63 30.33 -22.89 7.14
C SER N 63 31.08 -21.58 7.23
N THR N 64 30.46 -20.51 6.76
CA THR N 64 31.10 -19.21 6.85
C THR N 64 31.40 -18.89 8.29
N GLN N 65 30.41 -19.10 9.15
CA GLN N 65 30.61 -18.83 10.56
C GLN N 65 31.72 -19.72 11.11
N LEU N 66 31.76 -20.97 10.69
CA LEU N 66 32.77 -21.89 11.18
C LEU N 66 34.16 -21.40 10.84
N ARG N 67 34.32 -20.83 9.65
CA ARG N 67 35.62 -20.33 9.24
C ARG N 67 36.11 -19.29 10.21
N THR N 68 35.19 -18.54 10.80
CA THR N 68 35.58 -17.55 11.79
C THR N 68 36.21 -18.23 13.00
N PHE N 69 35.70 -19.41 13.34
CA PHE N 69 36.24 -20.16 14.46
C PHE N 69 37.50 -20.90 14.02
N LYS N 70 37.93 -20.67 12.78
CA LYS N 70 39.13 -21.32 12.26
C LYS N 70 38.91 -22.80 11.98
N ILE N 71 37.69 -23.17 11.60
CA ILE N 71 37.41 -24.55 11.26
C ILE N 71 37.27 -24.63 9.76
N ASN N 72 38.09 -25.44 9.12
CA ASN N 72 38.04 -25.55 7.66
C ASN N 72 37.95 -27.00 7.20
N ASP N 73 37.41 -27.86 8.05
CA ASP N 73 37.29 -29.27 7.69
C ASP N 73 35.84 -29.67 7.49
N TYR N 74 34.98 -28.70 7.17
CA TYR N 74 33.57 -28.99 7.04
C TYR N 74 33.23 -29.73 5.75
N LYS N 75 32.21 -30.58 5.81
CA LYS N 75 31.77 -31.31 4.62
C LYS N 75 30.26 -31.30 4.55
N ILE N 76 29.71 -31.10 3.36
CA ILE N 76 28.27 -31.03 3.21
C ILE N 76 27.72 -32.15 2.33
N TYR N 77 26.63 -32.77 2.75
CA TYR N 77 26.06 -33.89 2.01
C TYR N 77 24.58 -33.71 1.79
N ARG N 78 24.04 -34.35 0.75
CA ARG N 78 22.60 -34.30 0.52
C ARG N 78 22.07 -35.71 0.65
N ILE N 79 21.15 -35.93 1.59
CA ILE N 79 20.60 -37.25 1.80
C ILE N 79 19.21 -37.34 1.22
N PHE N 80 19.02 -38.24 0.26
CA PHE N 80 17.70 -38.43 -0.34
C PHE N 80 16.85 -39.30 0.55
N PRO N 81 15.53 -39.30 0.33
CA PRO N 81 14.62 -40.06 1.19
C PRO N 81 14.97 -41.54 1.28
N SER N 82 15.42 -42.14 0.18
CA SER N 82 15.74 -43.56 0.16
C SER N 82 17.03 -43.89 0.91
N GLY N 83 17.80 -42.87 1.26
CA GLY N 83 19.03 -43.08 1.98
C GLY N 83 20.28 -42.80 1.17
N GLU N 84 20.11 -42.54 -0.12
CA GLU N 84 21.24 -42.23 -0.97
C GLU N 84 21.87 -40.92 -0.54
N VAL N 85 23.20 -40.85 -0.56
CA VAL N 85 23.89 -39.65 -0.11
C VAL N 85 24.80 -39.09 -1.19
N GLN N 86 24.83 -37.77 -1.36
CA GLN N 86 25.71 -37.16 -2.34
C GLN N 86 26.67 -36.20 -1.65
N TYR N 87 27.96 -36.39 -1.85
CA TYR N 87 28.93 -35.45 -1.30
C TYR N 87 28.94 -34.22 -2.18
N LEU N 88 28.72 -33.06 -1.60
CA LEU N 88 28.60 -31.84 -2.41
C LEU N 88 29.74 -30.85 -2.26
N HIS N 89 30.13 -30.54 -1.03
CA HIS N 89 31.17 -29.52 -0.81
C HIS N 89 32.12 -29.95 0.29
N PRO N 90 33.37 -29.48 0.25
CA PRO N 90 34.22 -29.25 -0.92
C PRO N 90 34.19 -30.42 -1.89
N LYS N 91 33.74 -30.21 -3.12
CA LYS N 91 33.58 -31.32 -4.05
C LYS N 91 34.84 -32.11 -4.38
N ASP N 92 35.90 -31.43 -4.77
CA ASP N 92 37.12 -32.11 -5.16
C ASP N 92 38.15 -32.12 -4.05
N GLY N 93 37.72 -31.76 -2.84
CA GLY N 93 38.63 -31.72 -1.71
C GLY N 93 39.28 -30.36 -1.59
N VAL N 94 39.27 -29.59 -2.67
CA VAL N 94 39.83 -28.26 -2.64
C VAL N 94 38.73 -27.23 -2.78
N PHE N 95 38.76 -26.21 -1.91
CA PHE N 95 37.72 -25.19 -1.96
C PHE N 95 37.66 -24.58 -3.34
N PRO N 96 36.45 -24.18 -3.76
CA PRO N 96 36.29 -23.67 -5.12
C PRO N 96 37.09 -22.41 -5.44
N GLU N 97 37.40 -21.59 -4.43
CA GLU N 97 38.11 -20.35 -4.67
C GLU N 97 39.56 -20.58 -5.03
N LYS N 98 40.03 -21.80 -4.88
CA LYS N 98 41.42 -22.12 -5.20
C LYS N 98 41.51 -23.00 -6.43
N VAL N 99 42.20 -22.51 -7.45
CA VAL N 99 42.30 -23.27 -8.69
C VAL N 99 42.92 -24.63 -8.44
N ASN N 100 42.24 -25.68 -8.86
CA ASN N 100 42.76 -27.02 -8.69
C ASN N 100 42.93 -27.62 -10.06
N PRO N 101 44.16 -27.98 -10.43
CA PRO N 101 44.39 -28.62 -11.71
C PRO N 101 43.51 -29.86 -11.82
N GLY N 102 42.82 -30.03 -12.94
CA GLY N 102 41.96 -31.17 -13.13
C GLY N 102 40.50 -30.80 -13.23
N ARG N 103 40.20 -29.50 -13.16
CA ARG N 103 38.83 -29.03 -13.27
C ARG N 103 38.60 -28.40 -14.63
N THR N 104 37.55 -28.82 -15.33
CA THR N 104 37.30 -28.31 -16.67
C THR N 104 36.31 -27.16 -16.70
N SER N 105 36.43 -26.29 -17.70
CA SER N 105 35.53 -25.15 -17.81
C SER N 105 34.14 -25.54 -18.26
N VAL N 106 33.13 -24.84 -17.76
CA VAL N 106 31.76 -25.13 -18.13
C VAL N 106 31.00 -23.83 -18.35
N ASN N 107 30.08 -23.81 -19.31
CA ASN N 107 29.28 -22.62 -19.57
C ASN N 107 30.15 -21.40 -19.84
N SER N 108 31.10 -21.52 -20.75
CA SER N 108 31.97 -20.40 -21.07
C SER N 108 31.79 -19.94 -22.50
N ARG N 109 31.63 -18.64 -22.70
CA ARG N 109 31.49 -18.10 -24.05
C ARG N 109 32.73 -17.32 -24.40
N GLY N 110 33.37 -17.65 -25.52
CA GLY N 110 34.62 -17.00 -25.87
C GLY N 110 34.52 -15.68 -26.59
N PHE N 111 33.80 -14.73 -26.00
CA PHE N 111 33.69 -13.40 -26.57
C PHE N 111 33.12 -12.46 -25.53
N SER N 112 33.25 -11.16 -25.76
CA SER N 112 32.70 -10.19 -24.83
C SER N 112 31.19 -10.28 -24.76
N ILE N 113 30.60 -9.84 -23.67
CA ILE N 113 29.16 -9.93 -23.51
C ILE N 113 28.44 -9.29 -24.67
N GLY N 114 29.07 -8.32 -25.31
CA GLY N 114 28.41 -7.60 -26.40
C GLY N 114 28.43 -8.27 -27.75
N LYS N 115 28.97 -9.48 -27.82
CA LYS N 115 29.07 -10.17 -29.10
C LYS N 115 27.99 -11.23 -29.26
N ASN N 116 27.04 -11.29 -28.33
CA ASN N 116 25.95 -12.24 -28.43
C ASN N 116 25.07 -11.92 -29.63
N PRO N 117 24.37 -12.92 -30.18
CA PRO N 117 23.56 -12.71 -31.39
C PRO N 117 22.32 -11.86 -31.14
N ASN N 118 21.73 -11.30 -32.20
CA ASN N 118 20.52 -10.48 -32.08
C ASN N 118 19.29 -11.36 -31.91
N PRO N 119 18.35 -10.93 -31.07
CA PRO N 119 17.18 -11.77 -30.80
C PRO N 119 16.42 -12.16 -32.06
N ALA N 120 16.24 -11.21 -32.98
CA ALA N 120 15.46 -11.48 -34.19
C ALA N 120 16.06 -12.59 -35.02
N SER N 121 17.38 -12.67 -35.06
CA SER N 121 18.06 -13.67 -35.87
C SER N 121 17.68 -15.08 -35.47
N ILE N 122 17.51 -15.32 -34.17
CA ILE N 122 17.21 -16.66 -33.68
C ILE N 122 15.72 -16.91 -33.50
N LYS N 123 14.88 -16.11 -34.16
CA LYS N 123 13.44 -16.23 -33.97
C LYS N 123 12.92 -17.59 -34.42
N PHE N 124 11.91 -18.10 -33.73
CA PHE N 124 11.37 -19.41 -34.05
C PHE N 124 12.44 -20.48 -34.07
N SER N 125 13.33 -20.47 -33.07
CA SER N 125 14.39 -21.46 -32.99
C SER N 125 14.31 -22.23 -31.68
N GLY N 126 13.82 -21.57 -30.64
CA GLY N 126 13.72 -22.22 -29.34
C GLY N 126 14.91 -21.94 -28.46
N ILE N 127 16.01 -21.50 -29.06
CA ILE N 127 17.20 -21.17 -28.28
C ILE N 127 17.20 -19.69 -27.93
N THR N 128 18.00 -19.32 -26.95
CA THR N 128 18.09 -17.92 -26.56
C THR N 128 19.39 -17.36 -27.09
N THR N 129 19.50 -16.04 -27.14
CA THR N 129 20.70 -15.42 -27.64
C THR N 129 21.90 -15.82 -26.82
N TYR N 130 21.73 -15.89 -25.50
CA TYR N 130 22.86 -16.21 -24.63
C TYR N 130 23.24 -17.68 -24.67
N GLU N 131 22.40 -18.50 -25.29
CA GLU N 131 22.70 -19.92 -25.42
C GLU N 131 23.06 -20.20 -26.86
N SER N 132 22.84 -19.22 -27.73
CA SER N 132 23.16 -19.39 -29.13
C SER N 132 24.65 -19.27 -29.34
N MET O 1 49.83 5.31 -30.87
CA MET O 1 50.01 3.88 -30.61
C MET O 1 49.75 3.56 -29.16
N ILE O 2 49.25 2.36 -28.89
CA ILE O 2 49.02 1.95 -27.53
C ILE O 2 50.35 1.73 -26.84
N ASP O 3 50.59 2.45 -25.76
CA ASP O 3 51.84 2.30 -25.01
C ASP O 3 51.66 2.97 -23.66
N ARG O 4 52.55 2.69 -22.71
CA ARG O 4 52.39 3.25 -21.38
C ARG O 4 52.24 4.77 -21.43
N ASN O 5 51.29 5.30 -20.68
CA ASN O 5 51.08 6.75 -20.61
C ASN O 5 50.46 7.36 -21.87
N SER O 6 50.12 6.52 -22.84
CA SER O 6 49.46 7.01 -24.04
C SER O 6 48.00 7.30 -23.73
N LYS O 7 47.39 8.19 -24.50
CA LYS O 7 45.97 8.48 -24.30
C LYS O 7 45.16 7.91 -25.44
N VAL O 8 44.10 7.18 -25.12
CA VAL O 8 43.32 6.53 -26.17
C VAL O 8 41.83 6.71 -25.98
N ARG O 9 41.05 6.47 -27.04
CA ARG O 9 39.61 6.56 -26.95
C ARG O 9 38.99 5.18 -27.03
N ILE O 10 38.15 4.83 -26.07
CA ILE O 10 37.55 3.50 -26.04
C ILE O 10 36.62 3.26 -27.21
N LEU O 11 36.64 2.05 -27.76
CA LEU O 11 35.78 1.72 -28.88
C LEU O 11 34.92 0.50 -28.58
N ARG O 12 34.79 0.14 -27.31
CA ARG O 12 33.92 -0.97 -26.93
C ARG O 12 32.56 -0.41 -26.61
N LYS O 13 31.54 -0.80 -27.37
CA LYS O 13 30.20 -0.25 -27.18
C LYS O 13 29.59 -0.54 -25.81
N GLU O 14 30.00 -1.63 -25.19
CA GLU O 14 29.44 -2.00 -23.91
C GLU O 14 30.11 -1.26 -22.77
N SER O 15 31.17 -0.51 -23.06
CA SER O 15 31.91 0.18 -22.02
C SER O 15 31.22 1.45 -21.53
N TYR O 16 31.33 1.73 -20.24
CA TYR O 16 30.77 2.95 -19.68
C TYR O 16 31.52 4.12 -20.24
N TRP O 17 32.75 3.89 -20.68
CA TRP O 17 33.58 4.97 -21.17
C TRP O 17 33.74 4.96 -22.67
N PHE O 18 32.70 4.52 -23.38
CA PHE O 18 32.74 4.51 -24.83
C PHE O 18 32.89 5.92 -25.36
N ASN O 19 33.68 6.09 -26.42
CA ASN O 19 33.89 7.42 -26.98
C ASN O 19 34.44 8.37 -25.95
N GLN O 20 35.24 7.87 -25.02
CA GLN O 20 35.84 8.71 -24.01
C GLN O 20 37.33 8.48 -23.98
N ILE O 21 38.07 9.35 -23.32
CA ILE O 21 39.53 9.23 -23.32
C ILE O 21 40.10 8.66 -22.04
N GLY O 22 41.06 7.77 -22.16
CA GLY O 22 41.70 7.17 -20.99
C GLY O 22 43.19 7.09 -21.21
N THR O 23 43.94 6.82 -20.16
CA THR O 23 45.39 6.73 -20.28
C THR O 23 45.86 5.29 -20.12
N VAL O 24 46.55 4.78 -21.13
CA VAL O 24 47.04 3.42 -21.06
C VAL O 24 48.09 3.32 -19.99
N ALA O 25 47.88 2.43 -19.03
CA ALA O 25 48.83 2.25 -17.94
C ALA O 25 49.92 1.30 -18.35
N THR O 26 49.55 0.07 -18.65
CA THR O 26 50.53 -0.93 -19.06
C THR O 26 49.96 -1.86 -20.11
N VAL O 27 50.80 -2.32 -21.03
CA VAL O 27 50.33 -3.28 -22.02
C VAL O 27 51.09 -4.58 -21.87
N ASP O 28 50.40 -5.66 -21.52
CA ASP O 28 51.06 -6.94 -21.31
C ASP O 28 51.48 -7.56 -22.62
N GLN O 29 52.61 -8.24 -22.63
CA GLN O 29 53.12 -8.83 -23.87
C GLN O 29 53.19 -10.35 -23.80
N SER O 30 52.28 -10.96 -23.07
CA SER O 30 52.30 -12.42 -22.91
C SER O 30 51.23 -13.12 -23.72
N GLY O 31 50.54 -12.40 -24.59
CA GLY O 31 49.53 -13.01 -25.43
C GLY O 31 48.15 -13.14 -24.81
N ILE O 32 47.93 -12.46 -23.69
CA ILE O 32 46.62 -12.48 -23.05
C ILE O 32 45.60 -11.86 -23.99
N ARG O 33 44.33 -12.22 -23.85
CA ARG O 33 43.30 -11.74 -24.76
C ARG O 33 43.13 -10.23 -24.73
N TYR O 34 43.12 -9.65 -23.54
CA TYR O 34 42.99 -8.20 -23.42
C TYR O 34 44.21 -7.65 -22.70
N PRO O 35 45.24 -7.29 -23.47
CA PRO O 35 46.50 -6.83 -22.85
C PRO O 35 46.50 -5.43 -22.22
N ALA O 36 45.99 -4.42 -22.92
CA ALA O 36 46.08 -3.05 -22.41
C ALA O 36 45.27 -2.77 -21.16
N VAL O 37 45.82 -1.98 -20.25
CA VAL O 37 45.10 -1.61 -19.04
C VAL O 37 44.91 -0.11 -19.02
N VAL O 38 43.70 0.36 -19.28
CA VAL O 38 43.45 1.79 -19.34
C VAL O 38 42.80 2.31 -18.08
N ARG O 39 43.18 3.51 -17.66
CA ARG O 39 42.61 4.10 -16.45
C ARG O 39 41.82 5.35 -16.78
N PHE O 40 40.66 5.51 -16.15
CA PHE O 40 39.80 6.65 -16.44
C PHE O 40 39.65 7.53 -15.22
N GLU O 41 39.20 8.77 -15.44
CA GLU O 41 39.05 9.71 -14.33
C GLU O 41 37.64 9.71 -13.79
N SER O 42 36.77 8.87 -14.35
CA SER O 42 35.39 8.82 -13.91
C SER O 42 35.02 7.41 -13.54
N VAL O 43 34.36 7.26 -12.40
CA VAL O 43 33.94 5.94 -11.96
C VAL O 43 32.73 5.47 -12.76
N ASN O 44 32.59 4.16 -12.93
CA ASN O 44 31.44 3.61 -13.63
C ASN O 44 30.29 3.44 -12.65
N TYR O 45 29.21 2.84 -13.10
CA TYR O 45 28.05 2.66 -12.24
C TYR O 45 28.39 1.76 -11.07
N ALA O 46 29.52 1.06 -11.16
CA ALA O 46 29.92 0.16 -10.10
C ALA O 46 30.96 0.77 -9.18
N GLY O 47 31.60 1.84 -9.64
CA GLY O 47 32.61 2.51 -8.84
C GLY O 47 34.04 2.21 -9.22
N THR O 48 34.25 1.55 -10.36
CA THR O 48 35.59 1.26 -10.82
C THR O 48 36.10 2.34 -11.76
N ASN O 49 37.42 2.48 -11.87
CA ASN O 49 38.00 3.48 -12.75
C ASN O 49 38.97 2.87 -13.74
N THR O 50 39.06 1.55 -13.79
CA THR O 50 39.98 0.88 -14.69
C THR O 50 39.40 -0.34 -15.37
N ASN O 51 39.94 -0.70 -16.52
CA ASN O 51 39.48 -1.90 -17.23
C ASN O 51 40.55 -2.29 -18.24
N ASN O 52 40.55 -3.55 -18.65
CA ASN O 52 41.53 -4.02 -19.62
C ASN O 52 40.90 -4.16 -20.99
N PHE O 53 41.51 -3.56 -22.00
CA PHE O 53 40.96 -3.61 -23.35
C PHE O 53 41.97 -4.15 -24.34
N ALA O 54 41.49 -4.60 -25.50
CA ALA O 54 42.39 -5.07 -26.53
C ALA O 54 42.86 -3.88 -27.35
N LEU O 55 43.95 -4.03 -28.07
CA LEU O 55 44.51 -2.91 -28.81
C LEU O 55 43.56 -2.39 -29.88
N ASP O 56 42.78 -3.27 -30.50
CA ASP O 56 41.82 -2.85 -31.52
C ASP O 56 40.70 -2.00 -30.94
N GLU O 57 40.36 -2.22 -29.69
CA GLU O 57 39.28 -1.46 -29.07
C GLU O 57 39.75 -0.08 -28.67
N LEU O 58 41.02 0.20 -28.85
CA LEU O 58 41.57 1.48 -28.43
C LEU O 58 42.18 2.24 -29.59
N VAL O 59 41.83 3.51 -29.73
CA VAL O 59 42.40 4.34 -30.78
C VAL O 59 43.17 5.48 -30.14
N GLU O 60 44.42 5.68 -30.53
CA GLU O 60 45.23 6.70 -29.91
C GLU O 60 44.73 8.08 -30.24
N VAL O 61 44.63 8.94 -29.23
CA VAL O 61 44.15 10.30 -29.45
C VAL O 61 45.25 11.29 -29.13
N LYS O 62 45.52 12.18 -30.05
CA LYS O 62 46.58 13.17 -29.84
C LYS O 62 46.50 14.28 -30.88
N GLU P 1 -13.52 45.17 -28.58
CA GLU P 1 -12.09 45.02 -28.32
C GLU P 1 -11.63 43.63 -28.67
N ILE P 2 -10.34 43.38 -28.49
CA ILE P 2 -9.80 42.06 -28.78
C ILE P 2 -10.57 41.05 -27.96
N GLY P 3 -11.14 40.04 -28.64
CA GLY P 3 -11.83 38.98 -27.92
C GLY P 3 -13.13 39.40 -27.26
N GLY P 4 -13.64 40.57 -27.62
CA GLY P 4 -14.89 41.04 -27.05
C GLY P 4 -14.72 41.53 -25.64
N LEU P 5 -13.47 41.71 -25.21
CA LEU P 5 -13.21 42.20 -23.86
C LEU P 5 -13.46 43.69 -23.79
N THR P 6 -13.40 44.24 -22.58
CA THR P 6 -13.59 45.68 -22.41
C THR P 6 -12.46 46.23 -21.57
N LYS P 7 -12.05 47.47 -21.84
CA LYS P 7 -11.01 48.08 -21.04
C LYS P 7 -11.49 48.15 -19.61
N CYS P 8 -10.61 47.89 -18.66
CA CYS P 8 -10.99 47.87 -17.26
C CYS P 8 -11.48 49.22 -16.77
N SER P 9 -10.98 50.29 -17.37
CA SER P 9 -11.43 51.62 -16.98
C SER P 9 -12.89 51.80 -17.32
N GLU P 10 -13.37 51.04 -18.29
CA GLU P 10 -14.75 51.19 -18.73
C GLU P 10 -15.61 50.00 -18.34
N SER P 11 -15.12 49.16 -17.43
CA SER P 11 -15.88 47.98 -17.01
C SER P 11 -16.55 48.24 -15.68
N ALA P 12 -17.87 48.10 -15.65
CA ALA P 12 -18.62 48.31 -14.41
C ALA P 12 -18.30 47.26 -13.37
N ALA P 13 -18.12 46.02 -13.81
CA ALA P 13 -17.80 44.95 -12.89
C ALA P 13 -16.52 45.26 -12.14
N PHE P 14 -15.53 45.80 -12.84
CA PHE P 14 -14.27 46.14 -12.20
C PHE P 14 -14.52 47.12 -11.06
N THR P 15 -15.31 48.15 -11.32
CA THR P 15 -15.58 49.14 -10.30
C THR P 15 -16.34 48.53 -9.14
N LYS P 16 -17.29 47.65 -9.44
CA LYS P 16 -18.08 47.02 -8.39
C LYS P 16 -17.17 46.25 -7.48
N ARG P 17 -16.20 45.56 -8.06
CA ARG P 17 -15.26 44.81 -7.24
C ARG P 17 -14.54 45.75 -6.30
N LEU P 18 -14.11 46.89 -6.81
CA LEU P 18 -13.38 47.83 -5.97
C LEU P 18 -14.22 48.29 -4.81
N ASN P 19 -15.43 48.74 -5.08
CA ASN P 19 -16.28 49.23 -4.02
C ASN P 19 -16.48 48.15 -2.99
N ALA P 20 -16.79 46.94 -3.44
CA ALA P 20 -17.05 45.86 -2.51
C ALA P 20 -15.86 45.58 -1.61
N SER P 21 -14.68 45.52 -2.20
CA SER P 21 -13.48 45.20 -1.43
C SER P 21 -13.27 46.23 -0.35
N VAL P 22 -13.36 47.51 -0.71
CA VAL P 22 -13.12 48.56 0.27
C VAL P 22 -14.16 48.48 1.37
N LYS P 23 -15.40 48.22 0.99
CA LYS P 23 -16.47 48.17 1.98
C LYS P 23 -16.16 47.12 3.04
N LYS P 24 -15.67 45.97 2.62
CA LYS P 24 -15.40 44.90 3.56
C LYS P 24 -14.39 45.36 4.61
N LEU P 25 -13.30 45.96 4.15
CA LEU P 25 -12.29 46.43 5.08
C LEU P 25 -12.84 47.50 5.99
N GLU P 26 -13.61 48.42 5.45
CA GLU P 26 -14.16 49.50 6.25
C GLU P 26 -15.10 48.97 7.32
N GLN P 27 -15.92 48.00 6.97
CA GLN P 27 -16.85 47.42 7.93
C GLN P 27 -16.07 46.84 9.10
N ARG P 28 -14.94 46.21 8.81
CA ARG P 28 -14.12 45.65 9.87
C ARG P 28 -13.55 46.75 10.74
N ALA P 29 -13.10 47.84 10.12
CA ALA P 29 -12.48 48.92 10.88
C ALA P 29 -13.45 49.56 11.84
N SER P 30 -14.73 49.52 11.52
CA SER P 30 -15.72 50.15 12.36
C SER P 30 -15.69 49.58 13.78
N GLN P 31 -15.46 48.29 13.89
CA GLN P 31 -15.43 47.66 15.21
C GLN P 31 -14.35 48.29 16.04
N TYR P 32 -13.14 48.38 15.51
CA TYR P 32 -12.07 49.03 16.22
C TYR P 32 -12.35 50.52 16.20
N GLU P 33 -11.56 51.31 16.90
CA GLU P 33 -11.90 52.73 17.01
C GLU P 33 -10.79 53.76 16.94
N ALA P 34 -11.08 54.88 16.31
CA ALA P 34 -10.11 55.98 16.28
C ALA P 34 -8.73 55.60 15.85
N ASP P 35 -7.75 55.95 16.67
CA ASP P 35 -6.36 55.70 16.32
C ASP P 35 -5.90 54.34 16.81
N SER P 36 -6.85 53.48 17.17
CA SER P 36 -6.48 52.14 17.60
C SER P 36 -5.58 51.55 16.54
N PRO P 37 -4.47 50.95 16.97
CA PRO P 37 -3.52 50.41 16.01
C PRO P 37 -4.20 49.52 14.98
N PRO P 38 -5.14 48.66 15.40
CA PRO P 38 -5.87 47.87 14.39
C PRO P 38 -6.56 48.72 13.33
N ALA P 39 -7.24 49.78 13.72
CA ALA P 39 -8.00 50.60 12.77
C ALA P 39 -7.09 51.28 11.78
N LEU P 40 -5.96 51.80 12.26
CA LEU P 40 -5.04 52.51 11.39
C LEU P 40 -4.54 51.57 10.30
N ALA P 41 -4.26 50.33 10.68
CA ALA P 41 -3.78 49.36 9.72
C ALA P 41 -4.80 49.12 8.64
N LEU P 42 -6.04 48.86 9.03
CA LEU P 42 -7.09 48.59 8.05
C LEU P 42 -7.25 49.79 7.13
N LYS P 43 -7.15 50.99 7.70
CA LYS P 43 -7.26 52.20 6.90
C LYS P 43 -6.18 52.27 5.84
N GLN P 44 -4.95 51.95 6.22
CA GLN P 44 -3.86 51.96 5.26
C GLN P 44 -4.08 50.93 4.19
N GLN P 45 -4.68 49.80 4.55
CA GLN P 45 -4.92 48.74 3.59
C GLN P 45 -5.88 49.17 2.49
N VAL P 46 -6.90 49.94 2.85
CA VAL P 46 -7.86 50.40 1.86
C VAL P 46 -7.16 51.32 0.86
N GLU P 47 -6.20 52.09 1.32
CA GLU P 47 -5.47 52.98 0.44
C GLU P 47 -4.76 52.18 -0.63
N ARG P 48 -4.11 51.11 -0.22
CA ARG P 48 -3.42 50.25 -1.17
C ARG P 48 -4.40 49.66 -2.17
N THR P 49 -5.55 49.22 -1.68
CA THR P 49 -6.56 48.63 -2.55
C THR P 49 -6.98 49.63 -3.60
N GLN P 50 -7.27 50.85 -3.17
CA GLN P 50 -7.70 51.88 -4.10
C GLN P 50 -6.62 52.14 -5.12
N ALA P 51 -5.38 52.17 -4.67
CA ALA P 51 -4.27 52.41 -5.58
C ALA P 51 -4.16 51.32 -6.62
N ARG P 52 -4.27 50.07 -6.20
CA ARG P 52 -4.10 48.96 -7.13
C ARG P 52 -5.12 49.05 -8.24
N PHE P 53 -6.39 49.24 -7.89
CA PHE P 53 -7.42 49.31 -8.89
C PHE P 53 -7.17 50.48 -9.82
N ASP P 54 -6.75 51.61 -9.26
CA ASP P 54 -6.49 52.79 -10.07
C ASP P 54 -5.39 52.52 -11.07
N LYS P 55 -4.32 51.88 -10.62
CA LYS P 55 -3.21 51.59 -11.51
C LYS P 55 -3.70 50.77 -12.68
N TYR P 56 -4.45 49.71 -12.38
CA TYR P 56 -4.94 48.84 -13.42
C TYR P 56 -5.87 49.60 -14.36
N SER P 57 -6.65 50.52 -13.81
CA SER P 57 -7.57 51.31 -14.62
C SER P 57 -6.82 52.19 -15.61
N ARG P 58 -5.76 52.84 -15.15
CA ARG P 58 -4.99 53.70 -16.02
C ARG P 58 -4.19 52.91 -17.04
N SER P 59 -4.05 51.61 -16.80
CA SER P 59 -3.28 50.76 -17.69
C SER P 59 -4.05 50.44 -18.95
N GLU P 60 -3.48 49.58 -19.79
CA GLU P 60 -4.15 49.19 -21.01
C GLU P 60 -4.74 47.80 -20.85
N LEU P 61 -4.80 47.32 -19.62
CA LEU P 61 -5.34 45.99 -19.37
C LEU P 61 -6.78 45.89 -19.80
N LEU P 62 -7.17 44.75 -20.34
CA LEU P 62 -8.54 44.55 -20.77
C LEU P 62 -9.24 43.60 -19.81
N CYS P 63 -10.39 43.99 -19.30
CA CYS P 63 -11.13 43.15 -18.37
C CYS P 63 -12.23 42.38 -19.08
N GLY P 64 -12.67 41.30 -18.47
CA GLY P 64 -13.75 40.51 -19.05
C GLY P 64 -15.06 40.81 -18.35
N ALA P 65 -16.02 39.91 -18.49
CA ALA P 65 -17.33 40.12 -17.88
C ALA P 65 -17.26 40.05 -16.36
N ASP P 66 -16.36 39.23 -15.83
CA ASP P 66 -16.22 39.09 -14.40
C ASP P 66 -15.60 40.33 -13.77
N GLY P 67 -15.07 41.22 -14.61
CA GLY P 67 -14.42 42.41 -14.09
C GLY P 67 -13.01 42.12 -13.64
N LEU P 68 -12.42 41.05 -14.16
CA LEU P 68 -11.07 40.69 -13.80
C LEU P 68 -10.16 40.89 -15.00
N PRO P 69 -8.94 41.39 -14.76
CA PRO P 69 -8.02 41.67 -15.87
C PRO P 69 -7.61 40.43 -16.64
N HIS P 70 -7.66 40.49 -17.97
CA HIS P 70 -7.22 39.36 -18.80
C HIS P 70 -6.02 39.77 -19.63
N LEU P 71 -5.00 38.92 -19.69
CA LEU P 71 -3.77 39.28 -20.39
C LEU P 71 -3.76 38.86 -21.86
N VAL P 72 -3.12 39.64 -22.71
CA VAL P 72 -3.05 39.32 -24.13
C VAL P 72 -1.64 38.96 -24.54
N ALA P 73 -1.46 37.81 -25.18
CA ALA P 73 -0.14 37.37 -25.59
C ALA P 73 -0.14 36.74 -26.96
N ASP P 74 -0.42 37.53 -27.99
CA ASP P 74 -0.41 37.02 -29.35
C ASP P 74 0.72 37.63 -30.14
N GLY P 75 1.48 38.52 -29.51
CA GLY P 75 2.59 39.16 -30.17
C GLY P 75 2.37 40.63 -30.45
N ARG P 76 1.13 41.08 -30.32
CA ARG P 76 0.83 42.48 -30.55
C ARG P 76 1.63 43.31 -29.57
N TRP P 77 2.19 44.41 -30.04
CA TRP P 77 3.01 45.25 -29.17
C TRP P 77 2.16 46.21 -28.39
N SER P 78 0.87 46.27 -28.70
CA SER P 78 -0.03 47.12 -27.96
C SER P 78 -0.08 46.69 -26.53
N HIS P 79 0.01 45.39 -26.30
CA HIS P 79 -0.02 44.86 -24.95
C HIS P 79 1.30 44.19 -24.61
N ALA P 80 2.40 44.77 -25.05
CA ALA P 80 3.70 44.17 -24.82
C ALA P 80 4.07 44.12 -23.35
N ALA P 81 3.58 45.05 -22.57
CA ALA P 81 3.92 45.10 -21.15
C ALA P 81 3.45 43.87 -20.44
N GLU P 82 2.39 43.25 -20.95
CA GLU P 82 1.82 42.08 -20.29
C GLU P 82 2.71 40.83 -20.38
N PHE P 83 3.36 40.62 -21.51
CA PHE P 83 4.18 39.41 -21.67
C PHE P 83 5.53 39.62 -22.33
N ILE P 84 5.57 40.32 -23.47
CA ILE P 84 6.82 40.47 -24.20
C ILE P 84 7.92 41.15 -23.41
N LEU P 85 7.64 42.34 -22.87
CA LEU P 85 8.67 43.08 -22.16
C LEU P 85 9.13 42.35 -20.90
N PRO P 86 8.19 41.86 -20.09
CA PRO P 86 8.64 41.08 -18.94
C PRO P 86 9.38 39.83 -19.38
N GLY P 87 9.00 39.28 -20.52
CA GLY P 87 9.65 38.07 -21.01
C GLY P 87 11.11 38.26 -21.29
N PHE P 88 11.48 39.41 -21.86
CA PHE P 88 12.88 39.69 -22.12
C PHE P 88 13.67 39.67 -20.82
N GLY P 89 13.08 40.21 -19.76
CA GLY P 89 13.76 40.22 -18.49
C GLY P 89 14.13 38.83 -18.05
N PHE P 90 13.19 37.90 -18.12
CA PHE P 90 13.47 36.55 -17.70
C PHE P 90 14.58 35.95 -18.53
N ILE P 91 14.51 36.13 -19.84
CA ILE P 91 15.53 35.52 -20.70
C ILE P 91 16.91 36.05 -20.37
N TYR P 92 17.02 37.36 -20.17
CA TYR P 92 18.32 37.95 -19.87
C TYR P 92 18.86 37.38 -18.58
N ILE P 93 18.05 37.39 -17.53
CA ILE P 93 18.53 36.92 -16.23
C ILE P 93 18.83 35.44 -16.26
N SER P 94 17.94 34.65 -16.85
CA SER P 94 18.14 33.20 -16.90
C SER P 94 19.40 32.85 -17.65
N GLY P 95 19.61 33.49 -18.80
CA GLY P 95 20.81 33.22 -19.57
C GLY P 95 22.03 33.58 -18.77
N TRP P 96 21.97 34.70 -18.07
CA TRP P 96 23.08 35.13 -17.26
C TRP P 96 23.46 34.01 -16.32
N ILE P 97 22.49 33.50 -15.58
CA ILE P 97 22.77 32.47 -14.59
C ILE P 97 23.35 31.22 -15.24
N GLY P 98 22.73 30.77 -16.32
CA GLY P 98 23.20 29.56 -16.98
C GLY P 98 24.59 29.73 -17.54
N TRP P 99 24.85 30.86 -18.18
CA TRP P 99 26.14 31.08 -18.80
C TRP P 99 27.24 31.09 -17.76
N VAL P 100 27.03 31.83 -16.68
CA VAL P 100 28.06 31.94 -15.66
C VAL P 100 28.30 30.58 -15.02
N GLY P 101 27.24 29.80 -14.83
CA GLY P 101 27.38 28.49 -14.23
C GLY P 101 28.23 27.59 -15.09
N ARG P 102 27.93 27.53 -16.37
CA ARG P 102 28.71 26.72 -17.28
C ARG P 102 30.14 27.17 -17.26
N LYS P 103 30.37 28.47 -17.24
CA LYS P 103 31.72 28.99 -17.26
C LYS P 103 32.51 28.52 -16.06
N TYR P 104 31.92 28.62 -14.88
CA TYR P 104 32.61 28.20 -13.67
C TYR P 104 32.93 26.72 -13.71
N LEU P 105 31.96 25.91 -14.12
CA LEU P 105 32.18 24.46 -14.12
C LEU P 105 33.32 24.12 -15.03
N ARG P 106 33.33 24.69 -16.21
CA ARG P 106 34.40 24.41 -17.17
C ARG P 106 35.72 24.94 -16.65
N ALA P 107 35.69 26.06 -15.95
CA ALA P 107 36.91 26.66 -15.43
C ALA P 107 37.57 25.83 -14.35
N VAL P 108 36.77 25.32 -13.41
CA VAL P 108 37.33 24.56 -12.31
C VAL P 108 37.56 23.12 -12.70
N SER P 109 37.16 22.75 -13.91
CA SER P 109 37.29 21.37 -14.35
C SER P 109 38.75 20.98 -14.50
N THR P 110 39.60 21.95 -14.74
CA THR P 110 41.01 21.66 -14.96
C THR P 110 41.85 21.89 -13.72
N SER P 111 41.22 21.89 -12.55
CA SER P 111 41.95 22.18 -11.32
C SER P 111 42.51 20.93 -10.68
N ALA P 112 43.28 21.10 -9.61
CA ALA P 112 43.86 19.95 -8.92
C ALA P 112 42.79 18.96 -8.50
N ASN P 113 41.75 19.44 -7.84
CA ASN P 113 40.62 18.61 -7.48
C ASN P 113 39.34 19.21 -8.09
N PRO P 114 38.92 18.73 -9.26
CA PRO P 114 37.74 19.31 -9.91
C PRO P 114 36.43 19.04 -9.18
N SER P 115 36.39 18.05 -8.28
CA SER P 115 35.17 17.75 -7.53
C SER P 115 35.10 18.45 -6.19
N GLU P 116 36.23 18.83 -5.60
CA GLU P 116 36.17 19.58 -4.36
C GLU P 116 35.69 20.99 -4.59
N SER P 117 35.93 21.51 -5.78
CA SER P 117 35.55 22.89 -6.07
C SER P 117 34.08 23.01 -6.43
N GLU P 118 33.37 21.89 -6.47
CA GLU P 118 31.95 21.94 -6.74
C GLU P 118 31.17 21.88 -5.44
N ILE P 119 31.75 21.26 -4.41
CA ILE P 119 31.08 21.20 -3.12
C ILE P 119 31.53 22.37 -2.26
N ILE P 120 32.75 22.83 -2.44
CA ILE P 120 33.23 24.00 -1.71
C ILE P 120 33.62 25.04 -2.74
N ILE P 121 32.71 25.93 -3.08
CA ILE P 121 32.98 26.89 -4.14
C ILE P 121 34.11 27.86 -3.86
N ASN P 122 34.89 28.18 -4.90
CA ASN P 122 35.94 29.17 -4.75
C ASN P 122 35.25 30.50 -4.93
N VAL P 123 34.84 31.11 -3.84
CA VAL P 123 34.07 32.35 -3.95
C VAL P 123 34.76 33.43 -4.79
N PRO P 124 36.06 33.67 -4.55
CA PRO P 124 36.66 34.74 -5.35
C PRO P 124 36.45 34.53 -6.85
N LEU P 125 36.78 33.36 -7.37
CA LEU P 125 36.64 33.09 -8.79
C LEU P 125 35.19 33.17 -9.23
N ALA P 126 34.30 32.62 -8.42
CA ALA P 126 32.89 32.61 -8.79
C ALA P 126 32.38 34.01 -9.02
N LEU P 127 32.72 34.92 -8.12
CA LEU P 127 32.23 36.28 -8.24
C LEU P 127 32.74 36.90 -9.53
N LYS P 128 34.01 36.69 -9.85
CA LYS P 128 34.56 37.22 -11.08
C LYS P 128 33.78 36.69 -12.27
N ILE P 129 33.59 35.38 -12.32
CA ILE P 129 32.87 34.78 -13.44
C ILE P 129 31.43 35.25 -13.50
N MET P 130 30.80 35.43 -12.35
CA MET P 130 29.41 35.86 -12.31
C MET P 130 29.22 37.25 -12.91
N THR P 131 30.17 38.14 -12.67
CA THR P 131 30.06 39.50 -13.20
C THR P 131 30.18 39.54 -14.71
N THR P 132 30.81 38.53 -15.29
CA THR P 132 31.06 38.55 -16.73
C THR P 132 29.91 38.00 -17.55
N GLY P 133 28.73 37.88 -16.95
CA GLY P 133 27.60 37.31 -17.65
C GLY P 133 26.65 38.32 -18.27
N TYR P 134 26.91 39.60 -18.04
CA TYR P 134 26.01 40.64 -18.53
C TYR P 134 26.03 40.69 -20.06
N ILE P 135 27.08 40.18 -20.67
CA ILE P 135 27.17 40.17 -22.12
C ILE P 135 27.03 38.76 -22.64
N TRP P 136 26.27 37.93 -21.94
CA TRP P 136 26.14 36.54 -22.34
C TRP P 136 25.59 36.37 -23.76
N PRO P 137 24.67 37.24 -24.19
CA PRO P 137 24.20 37.00 -25.56
C PRO P 137 25.33 37.03 -26.55
N ILE P 138 26.17 38.06 -26.49
CA ILE P 138 27.26 38.20 -27.43
C ILE P 138 28.24 37.04 -27.31
N SER P 139 28.64 36.72 -26.09
CA SER P 139 29.62 35.67 -25.91
C SER P 139 29.14 34.35 -26.45
N ALA P 140 27.87 34.03 -26.21
CA ALA P 140 27.34 32.75 -26.66
C ALA P 140 27.40 32.61 -28.16
N TRP P 141 26.96 33.65 -28.86
CA TRP P 141 26.96 33.59 -30.31
C TRP P 141 28.37 33.41 -30.81
N GLN P 142 29.30 34.14 -30.22
CA GLN P 142 30.68 34.05 -30.64
C GLN P 142 31.21 32.65 -30.44
N GLU P 143 30.81 32.01 -29.36
CA GLU P 143 31.28 30.65 -29.08
C GLU P 143 30.65 29.65 -30.04
N LEU P 144 29.42 29.89 -30.45
CA LEU P 144 28.76 29.00 -31.40
C LEU P 144 29.45 29.01 -32.73
N ILE P 145 29.75 30.20 -33.25
CA ILE P 145 30.35 30.31 -34.56
C ILE P 145 31.83 29.94 -34.53
N SER P 146 32.36 29.69 -33.33
CA SER P 146 33.76 29.29 -33.22
C SER P 146 33.85 27.80 -32.95
N ASN P 147 32.74 27.10 -33.07
CA ASN P 147 32.72 25.66 -32.80
C ASN P 147 33.30 25.33 -31.44
N ASP P 148 32.91 26.10 -30.43
CA ASP P 148 33.40 25.86 -29.08
C ASP P 148 32.26 25.59 -28.12
N LEU P 149 31.03 25.69 -28.61
CA LEU P 149 29.88 25.47 -27.76
C LEU P 149 29.33 24.07 -27.96
N VAL P 150 29.07 23.68 -29.19
CA VAL P 150 28.47 22.38 -29.47
C VAL P 150 29.54 21.33 -29.73
N ALA P 151 29.45 20.19 -29.06
CA ALA P 151 30.43 19.12 -29.22
C ALA P 151 30.20 18.30 -30.48
N VAL P 152 31.12 17.39 -30.79
CA VAL P 152 31.00 16.63 -32.03
C VAL P 152 31.12 15.12 -31.90
N SER P 153 30.04 14.44 -31.53
CA SER P 153 30.03 12.97 -31.47
C SER P 153 31.27 12.33 -30.85
N GLU P 154 31.84 12.96 -29.83
CA GLU P 154 32.98 12.38 -29.12
C GLU P 154 32.47 12.20 -27.72
N GLU P 155 31.17 11.97 -27.60
CA GLU P 155 30.56 11.82 -26.29
C GLU P 155 29.97 10.44 -26.14
N ILE P 156 29.91 9.95 -24.91
CA ILE P 156 29.41 8.61 -24.66
C ILE P 156 27.99 8.45 -25.17
N THR P 157 27.70 7.28 -25.73
CA THR P 157 26.36 7.01 -26.21
C THR P 157 25.94 5.62 -25.77
N VAL P 158 24.65 5.34 -25.83
CA VAL P 158 24.13 4.05 -25.40
C VAL P 158 24.62 2.93 -26.30
N SER P 159 24.44 1.69 -25.87
CA SER P 159 24.90 0.56 -26.65
C SER P 159 24.26 0.53 -28.04
N PRO P 160 22.93 0.63 -28.12
CA PRO P 160 22.32 0.69 -29.45
C PRO P 160 22.51 2.04 -30.13
N VAL Q 1 27.73 -46.93 -4.43
CA VAL Q 1 26.87 -45.74 -4.47
C VAL Q 1 26.49 -45.38 -5.90
N ASP Q 2 25.21 -45.18 -6.15
CA ASP Q 2 24.78 -44.76 -7.48
C ASP Q 2 25.03 -43.29 -7.61
N LEU Q 3 26.10 -42.92 -8.31
CA LEU Q 3 26.45 -41.52 -8.45
C LEU Q 3 25.44 -40.81 -9.34
N ASP Q 4 24.61 -41.57 -10.03
CA ASP Q 4 23.63 -40.97 -10.93
C ASP Q 4 22.23 -40.97 -10.36
N TYR Q 5 22.08 -41.38 -9.10
CA TYR Q 5 20.76 -41.45 -8.49
C TYR Q 5 20.02 -40.13 -8.61
N GLY Q 6 20.70 -39.03 -8.33
CA GLY Q 6 20.07 -37.73 -8.44
C GLY Q 6 19.79 -37.33 -9.87
N MET Q 7 20.73 -37.61 -10.77
CA MET Q 7 20.55 -37.30 -12.17
C MET Q 7 19.37 -38.05 -12.75
N LYS Q 8 19.15 -39.27 -12.25
CA LYS Q 8 18.03 -40.06 -12.73
C LYS Q 8 16.74 -39.57 -12.10
N ASN Q 9 16.31 -38.39 -12.52
CA ASN Q 9 15.08 -37.82 -11.98
C ASN Q 9 14.09 -37.59 -13.10
N SER Q 10 12.87 -37.19 -12.74
CA SER Q 10 11.84 -37.00 -13.75
C SER Q 10 11.96 -35.66 -14.48
N TYR Q 11 12.89 -34.82 -14.06
CA TYR Q 11 13.06 -33.51 -14.67
C TYR Q 11 13.50 -33.61 -16.11
N VAL Q 12 12.87 -32.84 -16.99
CA VAL Q 12 13.28 -32.82 -18.39
C VAL Q 12 13.59 -31.39 -18.76
N PRO Q 13 14.86 -31.12 -19.07
CA PRO Q 13 15.26 -29.74 -19.37
C PRO Q 13 14.49 -29.16 -20.55
N ALA Q 14 14.17 -27.88 -20.49
CA ALA Q 14 13.42 -27.24 -21.58
C ALA Q 14 14.37 -26.66 -22.61
N THR Q 15 13.84 -26.35 -23.79
CA THR Q 15 14.66 -25.76 -24.83
C THR Q 15 14.74 -24.27 -24.65
N GLY Q 16 15.80 -23.80 -24.02
CA GLY Q 16 15.96 -22.38 -23.78
C GLY Q 16 15.37 -21.94 -22.46
N GLY Q 17 16.18 -21.29 -21.63
CA GLY Q 17 15.71 -20.82 -20.34
C GLY Q 17 15.90 -21.80 -19.20
N ASP Q 18 16.78 -22.79 -19.39
CA ASP Q 18 17.04 -23.75 -18.34
C ASP Q 18 18.50 -24.16 -18.29
N GLY Q 19 19.10 -24.11 -17.11
CA GLY Q 19 20.50 -24.49 -16.97
C GLY Q 19 20.70 -25.97 -17.19
N GLY Q 20 19.74 -26.78 -16.75
CA GLY Q 20 19.84 -28.21 -16.94
C GLY Q 20 19.99 -28.97 -15.64
N GLN Q 21 20.34 -30.25 -15.74
CA GLN Q 21 20.50 -31.08 -14.56
C GLN Q 21 21.78 -30.74 -13.81
N GLY Q 22 22.61 -29.89 -14.40
CA GLY Q 22 23.83 -29.46 -13.74
C GLY Q 22 24.80 -30.58 -13.47
N GLN Q 23 25.27 -30.69 -12.22
CA GLN Q 23 26.26 -31.70 -11.88
C GLN Q 23 25.69 -32.78 -10.98
N PHE Q 24 24.71 -32.44 -10.16
CA PHE Q 24 24.14 -33.40 -9.23
C PHE Q 24 22.65 -33.61 -9.42
N GLY Q 25 22.13 -33.21 -10.57
CA GLY Q 25 20.71 -33.34 -10.83
C GLY Q 25 19.95 -32.12 -10.37
N ALA Q 26 18.83 -31.80 -11.01
CA ALA Q 26 18.09 -30.59 -10.67
C ALA Q 26 17.00 -30.80 -9.64
N GLN Q 27 16.48 -32.02 -9.54
CA GLN Q 27 15.40 -32.29 -8.60
C GLN Q 27 15.56 -33.66 -7.96
N SER Q 28 14.95 -33.84 -6.79
CA SER Q 28 15.00 -35.14 -6.12
C SER Q 28 14.32 -36.18 -6.97
N PRO Q 29 14.83 -37.42 -6.93
CA PRO Q 29 14.11 -38.45 -7.67
C PRO Q 29 12.69 -38.62 -7.15
N ASN Q 30 12.48 -38.46 -5.85
CA ASN Q 30 11.17 -38.68 -5.25
C ASN Q 30 10.24 -37.47 -5.40
N ASP Q 31 8.94 -37.72 -5.45
CA ASP Q 31 7.98 -36.62 -5.56
C ASP Q 31 7.52 -36.16 -4.19
N TRP Q 32 7.58 -34.85 -3.97
CA TRP Q 32 7.18 -34.29 -2.68
C TRP Q 32 5.69 -34.35 -2.48
N ARG Q 33 4.93 -34.49 -3.56
CA ARG Q 33 3.47 -34.46 -3.44
C ARG Q 33 2.94 -35.74 -2.84
N VAL Q 34 3.15 -35.93 -1.55
CA VAL Q 34 2.62 -37.09 -0.87
C VAL Q 34 1.37 -36.68 -0.11
N ALA Q 35 0.74 -37.61 0.60
CA ALA Q 35 -0.50 -37.29 1.30
C ALA Q 35 -0.30 -36.62 2.65
N GLY Q 36 -1.36 -36.51 3.44
CA GLY Q 36 -1.26 -35.90 4.75
C GLY Q 36 -1.23 -36.94 5.86
N THR Q 37 -1.67 -36.56 7.05
CA THR Q 37 -1.62 -37.49 8.18
C THR Q 37 -2.68 -38.57 8.11
N SER Q 38 -2.46 -39.67 8.83
CA SER Q 38 -3.40 -40.78 8.78
C SER Q 38 -3.80 -41.22 10.17
N PRO Q 39 -4.89 -41.99 10.28
CA PRO Q 39 -5.36 -42.46 11.58
C PRO Q 39 -4.37 -43.40 12.26
N VAL Q 40 -4.47 -43.55 13.57
CA VAL Q 40 -3.56 -44.42 14.31
C VAL Q 40 -3.55 -45.82 13.72
N GLY Q 41 -2.35 -46.37 13.56
CA GLY Q 41 -2.22 -47.70 12.99
C GLY Q 41 -2.22 -47.74 11.48
N GLU Q 42 -2.02 -46.59 10.85
CA GLU Q 42 -1.97 -46.54 9.39
C GLU Q 42 -0.81 -45.71 8.89
N THR Q 43 -0.39 -45.94 7.65
CA THR Q 43 0.73 -45.20 7.07
C THR Q 43 0.29 -44.51 5.80
N SER Q 44 0.92 -43.39 5.46
CA SER Q 44 0.48 -42.63 4.28
C SER Q 44 1.59 -42.39 3.25
N TYR Q 45 2.67 -41.76 3.66
CA TYR Q 45 3.74 -41.43 2.72
C TYR Q 45 4.60 -42.64 2.44
N ALA Q 46 4.01 -43.70 1.90
CA ALA Q 46 4.80 -44.89 1.54
C ALA Q 46 5.62 -45.35 2.72
N GLY Q 47 6.94 -45.29 2.58
CA GLY Q 47 7.82 -45.66 3.68
C GLY Q 47 7.86 -44.59 4.73
N ALA Q 48 6.69 -44.22 5.25
CA ALA Q 48 6.61 -43.19 6.28
C ALA Q 48 6.89 -43.75 7.65
N ALA Q 49 7.02 -42.87 8.63
CA ALA Q 49 7.26 -43.31 9.99
C ALA Q 49 5.93 -43.42 10.71
N ASP Q 50 5.71 -44.55 11.38
CA ASP Q 50 4.49 -44.72 12.14
C ASP Q 50 4.46 -43.68 13.23
N GLY Q 51 3.34 -42.99 13.38
CA GLY Q 51 3.24 -41.95 14.38
C GLY Q 51 2.96 -42.48 15.77
N GLY Q 52 2.79 -43.79 15.87
CA GLY Q 52 2.47 -44.39 17.16
C GLY Q 52 1.15 -43.86 17.67
N GLU Q 53 1.16 -43.31 18.88
CA GLU Q 53 -0.06 -42.76 19.45
C GLU Q 53 -0.23 -41.29 19.08
N GLU Q 54 0.72 -40.74 18.35
CA GLU Q 54 0.58 -39.36 17.90
C GLU Q 54 0.77 -39.27 16.40
N PRO Q 55 -0.18 -39.80 15.64
CA PRO Q 55 -0.08 -39.76 14.18
C PRO Q 55 -0.07 -38.33 13.65
N TRP Q 56 -0.63 -37.40 14.41
CA TRP Q 56 -0.71 -36.01 13.97
C TRP Q 56 0.67 -35.38 13.77
N PHE Q 57 1.67 -35.86 14.49
CA PHE Q 57 3.00 -35.30 14.38
C PHE Q 57 3.98 -36.30 13.82
N ALA Q 58 3.49 -37.20 12.99
CA ALA Q 58 4.35 -38.23 12.41
C ALA Q 58 5.43 -37.66 11.51
N GLU Q 59 5.13 -36.59 10.80
CA GLU Q 59 6.09 -36.01 9.87
C GLU Q 59 7.31 -35.50 10.61
N ALA Q 60 7.22 -35.35 11.92
CA ALA Q 60 8.33 -34.86 12.71
C ALA Q 60 9.23 -36.00 13.18
N ILE Q 61 8.90 -37.23 12.80
CA ILE Q 61 9.72 -38.37 13.16
C ILE Q 61 10.69 -38.64 12.03
N SER Q 62 11.98 -38.42 12.28
CA SER Q 62 12.97 -38.59 11.23
C SER Q 62 13.24 -40.03 10.86
N THR Q 63 13.43 -40.29 9.58
CA THR Q 63 13.75 -41.64 9.13
C THR Q 63 14.92 -41.54 8.17
N VAL Q 64 15.25 -40.32 7.75
CA VAL Q 64 16.35 -40.11 6.82
C VAL Q 64 17.56 -39.55 7.57
N SER Q 65 18.65 -40.29 7.57
CA SER Q 65 19.85 -39.85 8.31
C SER Q 65 21.14 -40.19 7.58
N LEU Q 66 22.26 -39.75 8.14
CA LEU Q 66 23.55 -40.03 7.53
C LEU Q 66 24.44 -40.86 8.42
N ASP Q 67 24.85 -42.03 7.94
CA ASP Q 67 25.75 -42.86 8.71
C ASP Q 67 27.16 -42.36 8.52
N LEU Q 68 27.87 -42.13 9.61
CA LEU Q 68 29.22 -41.60 9.53
C LEU Q 68 30.09 -42.54 8.72
N GLN Q 69 29.95 -43.84 8.95
CA GLN Q 69 30.71 -44.81 8.18
C GLN Q 69 30.35 -44.68 6.71
N LYS Q 70 29.06 -44.69 6.40
CA LYS Q 70 28.62 -44.54 5.03
C LYS Q 70 29.08 -43.22 4.45
N ALA Q 71 29.16 -42.21 5.30
CA ALA Q 71 29.60 -40.90 4.86
C ALA Q 71 30.99 -41.00 4.25
N ASP Q 72 31.85 -41.80 4.85
CA ASP Q 72 33.19 -41.95 4.34
C ASP Q 72 33.14 -42.48 2.91
N GLU Q 73 32.31 -43.49 2.68
CA GLU Q 73 32.24 -44.08 1.36
C GLU Q 73 31.81 -43.08 0.30
N THR Q 74 30.79 -42.28 0.60
CA THR Q 74 30.30 -41.33 -0.40
C THR Q 74 31.40 -40.33 -0.72
N LEU Q 75 32.16 -39.94 0.28
CA LEU Q 75 33.26 -39.03 0.05
C LEU Q 75 34.25 -39.63 -0.92
N LYS Q 76 34.61 -40.89 -0.71
CA LYS Q 76 35.58 -41.54 -1.57
C LYS Q 76 35.06 -41.72 -2.99
N ALA Q 77 33.83 -42.20 -3.12
CA ALA Q 77 33.28 -42.47 -4.45
C ALA Q 77 33.16 -41.22 -5.30
N PHE Q 78 32.61 -40.17 -4.74
CA PHE Q 78 32.40 -38.95 -5.51
C PHE Q 78 33.71 -38.23 -5.84
N THR Q 79 34.77 -38.55 -5.11
CA THR Q 79 36.06 -37.90 -5.35
C THR Q 79 37.06 -38.87 -5.95
N LYS Q 80 36.58 -39.99 -6.47
CA LYS Q 80 37.47 -41.00 -7.03
C LYS Q 80 38.25 -40.48 -8.21
N ASP Q 81 37.56 -39.83 -9.15
CA ASP Q 81 38.22 -39.33 -10.34
C ASP Q 81 39.31 -38.30 -10.03
N ALA Q 82 39.03 -37.41 -9.08
CA ALA Q 82 39.99 -36.41 -8.70
C ALA Q 82 41.25 -37.08 -8.18
N ALA Q 83 41.07 -38.07 -7.34
CA ALA Q 83 42.22 -38.80 -6.80
C ALA Q 83 42.99 -39.42 -7.94
N ALA Q 84 42.28 -39.96 -8.91
CA ALA Q 84 42.94 -40.59 -10.05
C ALA Q 84 43.82 -39.60 -10.79
N PHE Q 85 43.27 -38.43 -11.10
CA PHE Q 85 44.03 -37.42 -11.80
C PHE Q 85 45.27 -37.05 -10.99
N LYS Q 86 45.09 -36.87 -9.69
CA LYS Q 86 46.20 -36.48 -8.85
C LYS Q 86 47.32 -37.49 -8.91
N ILE Q 87 47.00 -38.76 -8.68
CA ILE Q 87 48.03 -39.78 -8.65
C ILE Q 87 48.67 -39.94 -10.02
N GLU Q 88 47.87 -39.80 -11.07
CA GLU Q 88 48.40 -39.94 -12.42
C GLU Q 88 49.52 -38.95 -12.66
N GLU Q 89 49.28 -37.69 -12.29
CA GLU Q 89 50.30 -36.66 -12.48
C GLU Q 89 51.53 -36.99 -11.66
N PHE Q 90 51.33 -37.45 -10.44
CA PHE Q 90 52.44 -37.82 -9.58
C PHE Q 90 53.27 -38.88 -10.28
N ALA Q 91 52.59 -39.83 -10.91
CA ALA Q 91 53.28 -40.90 -11.62
C ALA Q 91 54.04 -40.37 -12.82
N ALA Q 92 53.45 -39.41 -13.52
CA ALA Q 92 54.09 -38.88 -14.72
C ALA Q 92 55.42 -38.23 -14.39
N GLU Q 93 55.49 -37.57 -13.25
CA GLU Q 93 56.72 -36.85 -12.90
C GLU Q 93 57.81 -37.77 -12.36
N LYS Q 94 58.04 -38.90 -13.01
CA LYS Q 94 59.12 -39.79 -12.61
C LYS Q 94 59.22 -39.99 -11.10
N PRO Q 95 58.30 -40.77 -10.52
CA PRO Q 95 58.34 -41.03 -9.09
C PRO Q 95 59.54 -41.86 -8.71
N TYR Q 96 60.11 -41.60 -7.54
CA TYR Q 96 61.26 -42.36 -7.08
C TYR Q 96 60.86 -43.80 -6.81
N GLY Q 97 61.51 -44.73 -7.48
CA GLY Q 97 61.23 -46.13 -7.26
C GLY Q 97 59.74 -46.39 -7.24
N PHE Q 98 59.04 -45.94 -8.28
CA PHE Q 98 57.60 -46.09 -8.33
C PHE Q 98 57.20 -47.56 -8.47
N THR Q 99 55.98 -47.89 -8.04
CA THR Q 99 55.51 -49.25 -8.16
C THR Q 99 54.25 -49.28 -9.01
N SER Q 100 53.09 -49.22 -8.36
CA SER Q 100 51.83 -49.20 -9.09
C SER Q 100 50.99 -48.03 -8.61
N SER Q 101 50.23 -47.45 -9.53
CA SER Q 101 49.40 -46.31 -9.17
C SER Q 101 48.67 -46.60 -7.89
N ASP Q 102 47.94 -47.71 -7.85
CA ASP Q 102 47.16 -48.04 -6.67
C ASP Q 102 48.07 -48.15 -5.47
N ALA Q 103 49.18 -48.86 -5.62
CA ALA Q 103 50.11 -49.02 -4.52
C ALA Q 103 50.54 -47.65 -4.03
N ALA Q 104 50.92 -46.78 -4.96
CA ALA Q 104 51.37 -45.46 -4.58
C ALA Q 104 50.26 -44.75 -3.83
N MET Q 105 49.04 -44.85 -4.32
CA MET Q 105 47.92 -44.22 -3.65
C MET Q 105 47.87 -44.66 -2.21
N GLU Q 106 47.87 -45.97 -1.99
CA GLU Q 106 47.76 -46.48 -0.63
C GLU Q 106 48.88 -45.94 0.24
N GLU Q 107 50.11 -45.97 -0.27
CA GLU Q 107 51.24 -45.47 0.49
C GLU Q 107 51.06 -43.99 0.77
N LEU Q 108 50.75 -43.23 -0.26
CA LEU Q 108 50.63 -41.78 -0.10
C LEU Q 108 49.45 -41.40 0.79
N VAL Q 109 48.39 -42.21 0.78
CA VAL Q 109 47.22 -41.90 1.58
C VAL Q 109 47.32 -42.53 2.96
N GLY Q 110 48.18 -43.53 3.10
CA GLY Q 110 48.39 -44.13 4.40
C GLY Q 110 48.83 -42.97 5.24
N LYS Q 111 49.79 -42.21 4.73
CA LYS Q 111 50.21 -41.00 5.41
C LYS Q 111 49.35 -39.90 4.84
N LEU Q 112 49.32 -38.74 5.49
CA LEU Q 112 48.58 -37.62 4.92
C LEU Q 112 47.12 -37.94 4.69
N GLY Q 113 46.60 -38.94 5.40
CA GLY Q 113 45.19 -39.30 5.26
C GLY Q 113 44.72 -39.34 3.82
N TYR Q 114 43.45 -39.04 3.60
CA TYR Q 114 42.92 -39.00 2.23
C TYR Q 114 42.57 -37.58 1.85
N SER Q 115 41.92 -36.86 2.76
CA SER Q 115 41.55 -35.49 2.49
C SER Q 115 42.81 -34.67 2.20
N LYS Q 116 43.83 -34.85 3.03
CA LYS Q 116 45.07 -34.13 2.81
C LYS Q 116 45.66 -34.50 1.46
N PHE Q 117 45.55 -35.78 1.09
CA PHE Q 117 46.06 -36.22 -0.20
C PHE Q 117 45.40 -35.46 -1.34
N LEU Q 118 44.08 -35.29 -1.25
CA LEU Q 118 43.36 -34.61 -2.31
C LEU Q 118 43.75 -33.14 -2.42
N GLU Q 119 44.23 -32.56 -1.32
CA GLU Q 119 44.55 -31.12 -1.34
C GLU Q 119 46.04 -30.82 -1.46
N MET Q 120 46.82 -31.77 -1.94
CA MET Q 120 48.26 -31.57 -2.05
C MET Q 120 48.76 -31.52 -3.49
N SER Q 121 49.68 -30.61 -3.77
CA SER Q 121 50.23 -30.50 -5.10
C SER Q 121 51.14 -31.66 -5.42
N THR Q 122 51.29 -31.97 -6.70
CA THR Q 122 52.15 -33.08 -7.09
C THR Q 122 53.54 -32.90 -6.52
N LYS Q 123 54.00 -31.66 -6.47
CA LYS Q 123 55.33 -31.39 -5.94
C LYS Q 123 55.41 -31.83 -4.49
N GLN Q 124 54.43 -31.43 -3.69
CA GLN Q 124 54.42 -31.82 -2.30
C GLN Q 124 54.36 -33.33 -2.18
N LEU Q 125 53.57 -33.94 -3.04
CA LEU Q 125 53.44 -35.39 -3.01
C LEU Q 125 54.78 -36.05 -3.28
N MET Q 126 55.49 -35.58 -4.30
CA MET Q 126 56.78 -36.16 -4.63
C MET Q 126 57.74 -35.99 -3.47
N LYS Q 127 57.71 -34.82 -2.85
CA LYS Q 127 58.55 -34.59 -1.69
C LYS Q 127 58.18 -35.59 -0.62
N THR Q 128 56.89 -35.80 -0.41
CA THR Q 128 56.43 -36.73 0.60
C THR Q 128 56.81 -38.15 0.25
N TRP Q 129 56.77 -38.48 -1.03
CA TRP Q 129 57.05 -39.85 -1.44
C TRP Q 129 58.51 -40.03 -1.82
N GLY Q 130 59.35 -39.09 -1.43
CA GLY Q 130 60.77 -39.23 -1.71
C GLY Q 130 61.25 -40.53 -1.10
N THR Q 131 60.72 -40.87 0.08
CA THR Q 131 61.11 -42.10 0.75
C THR Q 131 60.39 -43.30 0.15
N ALA R 1 -44.28 -19.93 -18.90
CA ALA R 1 -44.22 -18.51 -19.23
C ALA R 1 -42.81 -17.99 -19.21
N ALA R 2 -42.47 -17.12 -20.17
CA ALA R 2 -41.12 -16.59 -20.25
C ALA R 2 -40.81 -15.69 -19.07
N SER R 3 -41.83 -15.10 -18.48
CA SER R 3 -41.62 -14.18 -17.37
C SER R 3 -40.96 -14.86 -16.19
N PHE R 4 -41.12 -16.17 -16.07
CA PHE R 4 -40.53 -16.90 -14.96
C PHE R 4 -39.06 -17.16 -15.20
N LEU R 5 -38.59 -16.93 -16.41
CA LEU R 5 -37.20 -17.26 -16.74
C LEU R 5 -36.16 -16.51 -15.89
N PRO R 6 -36.36 -15.23 -15.61
CA PRO R 6 -35.39 -14.56 -14.76
C PRO R 6 -35.16 -15.29 -13.44
N SER R 7 -36.20 -15.88 -12.86
CA SER R 7 -36.07 -16.53 -11.56
C SER R 7 -35.61 -17.98 -11.66
N ILE R 8 -35.46 -18.48 -12.87
CA ILE R 8 -35.03 -19.86 -13.06
C ILE R 8 -33.62 -19.90 -13.61
N LEU R 9 -33.23 -18.87 -14.33
CA LEU R 9 -31.91 -18.86 -14.96
C LEU R 9 -30.85 -18.18 -14.10
N VAL R 10 -31.20 -17.07 -13.48
CA VAL R 10 -30.21 -16.34 -12.68
C VAL R 10 -29.63 -17.18 -11.56
N PRO R 11 -30.47 -17.94 -10.86
CA PRO R 11 -29.88 -18.83 -9.85
C PRO R 11 -28.84 -19.75 -10.45
N LEU R 12 -29.10 -20.27 -11.64
CA LEU R 12 -28.18 -21.19 -12.31
C LEU R 12 -26.91 -20.52 -12.83
N VAL R 13 -27.06 -19.40 -13.50
CA VAL R 13 -25.90 -18.71 -14.08
C VAL R 13 -24.95 -18.16 -13.04
N GLY R 14 -25.48 -17.65 -11.93
CA GLY R 14 -24.64 -17.04 -10.93
C GLY R 14 -24.14 -17.95 -9.82
N LEU R 15 -24.67 -19.16 -9.74
CA LEU R 15 -24.28 -20.06 -8.67
C LEU R 15 -23.81 -21.42 -9.19
N ILE R 16 -24.68 -22.14 -9.89
CA ILE R 16 -24.32 -23.47 -10.37
C ILE R 16 -23.21 -23.44 -11.41
N PHE R 17 -23.37 -22.59 -12.42
CA PHE R 17 -22.37 -22.52 -13.47
C PHE R 17 -20.99 -22.16 -12.96
N PRO R 18 -20.88 -21.07 -12.19
CA PRO R 18 -19.53 -20.70 -11.77
C PRO R 18 -18.88 -21.80 -10.96
N ALA R 19 -19.65 -22.47 -10.11
CA ALA R 19 -19.09 -23.52 -9.28
C ALA R 19 -18.50 -24.63 -10.11
N PHE R 20 -19.28 -25.18 -11.02
CA PHE R 20 -18.81 -26.29 -11.82
C PHE R 20 -17.60 -25.89 -12.64
N SER R 21 -17.62 -24.67 -13.17
CA SER R 21 -16.50 -24.21 -13.97
C SER R 21 -15.23 -24.16 -13.16
N MET R 22 -15.30 -23.61 -11.95
CA MET R 22 -14.13 -23.53 -11.09
C MET R 22 -13.63 -24.91 -10.73
N ALA R 23 -14.55 -25.83 -10.46
CA ALA R 23 -14.17 -27.18 -10.12
C ALA R 23 -13.41 -27.81 -11.27
N LEU R 24 -13.91 -27.64 -12.48
CA LEU R 24 -13.26 -28.23 -13.64
C LEU R 24 -11.86 -27.67 -13.84
N PHE R 25 -11.71 -26.37 -13.67
CA PHE R 25 -10.39 -25.75 -13.81
C PHE R 25 -9.43 -26.33 -12.79
N PHE R 26 -9.88 -26.49 -11.56
CA PHE R 26 -9.03 -27.06 -10.54
C PHE R 26 -8.59 -28.46 -10.92
N LEU R 27 -9.53 -29.28 -11.35
CA LEU R 27 -9.21 -30.65 -11.73
C LEU R 27 -8.27 -30.66 -12.91
N TYR R 28 -8.41 -29.69 -13.80
CA TYR R 28 -7.55 -29.61 -14.97
C TYR R 28 -6.14 -29.19 -14.64
N VAL R 29 -5.99 -28.27 -13.69
CA VAL R 29 -4.67 -27.77 -13.35
C VAL R 29 -3.98 -28.65 -12.32
N GLN R 30 -4.72 -29.54 -11.68
CA GLN R 30 -4.13 -30.41 -10.66
C GLN R 30 -3.85 -31.79 -11.22
N THR R 31 -4.11 -31.98 -12.51
CA THR R 31 -3.87 -33.28 -13.13
C THR R 31 -2.53 -33.33 -13.83
N ASP R 32 -1.88 -34.48 -13.78
CA ASP R 32 -0.62 -34.64 -14.47
C ASP R 32 -0.79 -35.59 -15.65
N ASP R 33 -1.13 -35.04 -16.81
CA ASP R 33 -1.38 -35.88 -17.97
C ASP R 33 -0.26 -36.89 -18.14
N MET S 1 40.44 31.34 10.81
CA MET S 1 39.75 32.19 9.83
C MET S 1 39.70 31.52 8.47
N ASN S 2 40.84 31.13 7.94
CA ASN S 2 40.87 30.51 6.63
C ASN S 2 39.94 29.31 6.63
N ASP S 3 40.04 28.47 7.64
CA ASP S 3 39.21 27.27 7.71
C ASP S 3 37.73 27.62 7.82
N PHE S 4 37.42 28.62 8.63
CA PHE S 4 36.04 29.02 8.79
C PHE S 4 35.49 29.54 7.47
N GLN S 5 36.31 30.29 6.74
CA GLN S 5 35.88 30.80 5.46
C GLN S 5 35.58 29.65 4.52
N LYS S 6 36.35 28.58 4.61
CA LYS S 6 36.07 27.41 3.79
C LYS S 6 34.72 26.82 4.15
N TYR S 7 34.41 26.72 5.44
CA TYR S 7 33.12 26.22 5.85
C TYR S 7 32.03 27.11 5.29
N LEU S 8 32.25 28.41 5.33
CA LEU S 8 31.26 29.35 4.81
C LEU S 8 31.20 29.26 3.30
N SER S 9 32.18 28.61 2.70
CA SER S 9 32.20 28.46 1.25
C SER S 9 31.58 27.15 0.81
N THR S 10 31.12 26.36 1.76
CA THR S 10 30.49 25.08 1.42
C THR S 10 29.21 25.32 0.66
N ALA S 11 28.80 24.35 -0.14
CA ALA S 11 27.61 24.52 -0.97
C ALA S 11 26.37 24.84 -0.16
N PRO S 12 26.08 24.04 0.87
CA PRO S 12 24.82 24.32 1.57
C PRO S 12 24.78 25.74 2.11
N VAL S 13 25.84 26.17 2.78
CA VAL S 13 25.85 27.50 3.38
C VAL S 13 25.68 28.58 2.34
N LEU S 14 26.41 28.50 1.25
CA LEU S 14 26.34 29.53 0.23
C LEU S 14 24.95 29.62 -0.39
N LEU S 15 24.32 28.47 -0.63
CA LEU S 15 22.99 28.48 -1.18
C LEU S 15 22.05 29.24 -0.28
N THR S 16 22.07 28.93 1.00
CA THR S 16 21.15 29.57 1.94
C THR S 16 21.35 31.07 1.92
N LEU S 17 22.60 31.51 1.98
CA LEU S 17 22.88 32.93 1.99
C LEU S 17 22.39 33.58 0.70
N TRP S 18 22.70 32.97 -0.43
CA TRP S 18 22.32 33.52 -1.71
C TRP S 18 20.81 33.59 -1.83
N MET S 19 20.12 32.53 -1.45
CA MET S 19 18.66 32.51 -1.57
C MET S 19 18.03 33.50 -0.62
N THR S 20 18.60 33.65 0.56
CA THR S 20 18.08 34.62 1.51
C THR S 20 18.21 36.00 0.90
N PHE S 21 19.36 36.28 0.30
CA PHE S 21 19.55 37.56 -0.35
C PHE S 21 18.57 37.75 -1.49
N THR S 22 18.42 36.73 -2.32
CA THR S 22 17.51 36.84 -3.46
C THR S 22 16.09 37.05 -2.97
N ALA S 23 15.68 36.25 -1.99
CA ALA S 23 14.33 36.37 -1.47
C ALA S 23 14.13 37.75 -0.91
N GLY S 24 15.11 38.23 -0.16
CA GLY S 24 14.98 39.53 0.45
C GLY S 24 14.79 40.61 -0.57
N PHE S 25 15.61 40.62 -1.61
CA PHE S 25 15.52 41.70 -2.58
C PHE S 25 14.17 41.65 -3.31
N ILE S 26 13.67 40.45 -3.57
CA ILE S 26 12.37 40.34 -4.21
C ILE S 26 11.30 40.89 -3.29
N ILE S 27 11.36 40.54 -2.02
CA ILE S 27 10.38 41.04 -1.06
C ILE S 27 10.45 42.54 -0.97
N GLU S 28 11.65 43.08 -0.91
CA GLU S 28 11.82 44.52 -0.81
C GLU S 28 11.26 45.24 -2.02
N VAL S 29 11.48 44.68 -3.21
CA VAL S 29 10.94 45.29 -4.42
C VAL S 29 9.42 45.36 -4.34
N ASN S 30 8.79 44.29 -3.89
CA ASN S 30 7.34 44.28 -3.76
C ASN S 30 6.86 45.24 -2.68
N ARG S 31 7.70 45.46 -1.67
CA ARG S 31 7.33 46.40 -0.61
C ARG S 31 7.23 47.80 -1.15
N PHE S 32 8.13 48.17 -2.05
CA PHE S 32 8.14 49.54 -2.57
C PHE S 32 7.41 49.68 -3.90
N PHE S 33 7.34 48.61 -4.67
CA PHE S 33 6.60 48.64 -5.93
C PHE S 33 5.61 47.51 -5.89
N PRO S 34 4.47 47.70 -5.23
CA PRO S 34 3.57 46.56 -5.07
C PRO S 34 2.43 46.36 -6.05
N ASP S 35 1.88 45.15 -6.11
CA ASP S 35 0.69 44.87 -6.94
C ASP S 35 0.79 44.87 -8.46
N MET S 36 1.99 44.68 -8.99
CA MET S 36 2.21 44.75 -10.45
C MET S 36 1.93 43.48 -11.26
N LEU S 37 1.06 43.55 -12.26
CA LEU S 37 0.77 42.41 -13.13
C LEU S 37 1.34 42.64 -14.51
N GLY S 38 2.00 43.77 -14.71
CA GLY S 38 2.63 44.06 -15.98
C GLY S 38 3.57 45.21 -15.73
N LEU S 39 4.39 45.56 -16.71
CA LEU S 39 5.23 46.72 -16.54
C LEU S 39 4.30 47.90 -16.72
N TYR S 40 3.34 48.05 -15.82
CA TYR S 40 2.35 49.11 -15.92
C TYR S 40 1.51 48.93 -17.19
N ALA T 1 13.44 -27.41 36.26
CA ALA T 1 12.45 -28.13 35.47
C ALA T 1 12.20 -27.42 34.16
N ASN T 2 12.24 -28.16 33.07
CA ASN T 2 11.94 -27.57 31.78
C ASN T 2 10.73 -28.26 31.18
N PHE T 3 9.69 -27.48 30.91
CA PHE T 3 8.47 -28.05 30.36
C PHE T 3 8.45 -27.97 28.84
N ILE T 4 9.52 -27.50 28.24
CA ILE T 4 9.60 -27.47 26.78
C ILE T 4 10.86 -28.19 26.33
N LYS T 5 10.70 -29.25 25.53
CA LYS T 5 11.85 -30.02 25.08
C LYS T 5 11.78 -30.25 23.57
N PRO T 6 12.91 -30.58 22.95
CA PRO T 6 12.90 -30.86 21.52
C PRO T 6 11.95 -32.01 21.20
N TYR T 7 11.20 -31.92 20.11
CA TYR T 7 10.22 -32.95 19.80
C TYR T 7 10.90 -34.24 19.39
N ASN T 8 10.43 -35.36 19.93
CA ASN T 8 10.98 -36.65 19.59
C ASN T 8 12.47 -36.68 19.84
N ASP T 9 12.92 -35.83 20.76
CA ASP T 9 14.34 -35.77 21.08
C ASP T 9 15.19 -35.47 19.85
N ASP T 10 14.61 -34.79 18.87
CA ASP T 10 15.40 -34.39 17.71
C ASP T 10 15.60 -32.91 17.83
N PRO T 11 16.83 -32.48 18.14
CA PRO T 11 17.06 -31.06 18.37
C PRO T 11 16.94 -30.25 17.10
N PHE T 12 16.84 -30.88 15.94
CA PHE T 12 16.85 -30.14 14.69
C PHE T 12 15.53 -30.18 13.91
N VAL T 13 14.52 -30.87 14.41
CA VAL T 13 13.23 -30.86 13.75
C VAL T 13 12.54 -29.55 14.06
N GLY T 14 11.69 -29.08 13.16
CA GLY T 14 10.99 -27.82 13.38
C GLY T 14 9.74 -27.98 14.20
N HIS T 15 9.89 -28.43 15.43
CA HIS T 15 8.75 -28.60 16.32
C HIS T 15 9.25 -28.75 17.74
N LEU T 16 8.39 -28.46 18.70
CA LEU T 16 8.79 -28.55 20.11
C LEU T 16 7.73 -29.26 20.93
N ALA T 17 8.16 -29.95 21.97
CA ALA T 17 7.24 -30.67 22.84
C ALA T 17 6.80 -29.79 23.98
N THR T 18 5.80 -28.95 23.75
CA THR T 18 5.29 -28.08 24.78
C THR T 18 4.14 -28.74 25.49
N PRO T 19 3.74 -28.20 26.64
CA PRO T 19 2.58 -28.76 27.33
C PRO T 19 1.37 -28.81 26.42
N ILE T 20 1.16 -27.79 25.60
CA ILE T 20 0.03 -27.76 24.70
C ILE T 20 0.17 -28.84 23.64
N THR T 21 1.34 -28.97 23.04
CA THR T 21 1.54 -29.95 21.98
C THR T 21 1.49 -31.38 22.48
N SER T 22 2.12 -31.65 23.62
CA SER T 22 2.20 -33.03 24.08
C SER T 22 1.83 -33.21 25.54
N SER T 23 0.55 -33.06 25.86
CA SER T 23 0.09 -33.28 27.23
C SER T 23 -0.88 -34.43 27.20
N SER T 24 -1.07 -35.09 28.33
CA SER T 24 -1.95 -36.22 28.37
C SER T 24 -3.31 -35.83 27.84
N LEU T 25 -3.74 -34.62 28.17
CA LEU T 25 -5.04 -34.15 27.72
C LEU T 25 -5.10 -34.08 26.21
N THR T 26 -4.12 -33.45 25.60
CA THR T 26 -4.13 -33.30 24.14
C THR T 26 -4.01 -34.64 23.49
N ARG T 27 -3.10 -35.47 23.98
CA ARG T 27 -2.90 -36.78 23.39
C ARG T 27 -4.18 -37.58 23.47
N ALA T 28 -4.83 -37.58 24.62
CA ALA T 28 -6.05 -38.37 24.79
C ALA T 28 -7.15 -37.89 23.86
N LEU T 29 -7.37 -36.59 23.81
CA LEU T 29 -8.43 -36.05 22.98
C LEU T 29 -8.21 -36.39 21.53
N LEU T 30 -7.00 -36.18 21.05
CA LEU T 30 -6.73 -36.40 19.63
C LEU T 30 -6.77 -37.87 19.25
N LYS T 31 -6.36 -38.75 20.15
CA LYS T 31 -6.35 -40.17 19.87
C LYS T 31 -7.75 -40.71 19.67
N ASN T 32 -8.72 -40.16 20.40
CA ASN T 32 -10.07 -40.70 20.34
C ASN T 32 -10.99 -39.93 19.40
N LEU T 33 -10.49 -38.90 18.75
CA LEU T 33 -11.30 -38.17 17.79
C LEU T 33 -11.55 -39.08 16.60
N PRO T 34 -12.70 -38.93 15.94
CA PRO T 34 -13.04 -39.84 14.85
C PRO T 34 -11.98 -39.88 13.76
N ALA T 35 -11.33 -38.77 13.51
CA ALA T 35 -10.34 -38.70 12.44
C ALA T 35 -9.14 -39.59 12.67
N TYR T 36 -8.66 -39.67 13.91
CA TYR T 36 -7.46 -40.45 14.19
C TYR T 36 -7.70 -41.70 15.00
N ARG T 37 -8.94 -41.93 15.43
CA ARG T 37 -9.23 -43.08 16.29
C ARG T 37 -8.91 -44.38 15.59
N PHE T 38 -8.63 -45.41 16.36
CA PHE T 38 -8.26 -46.71 15.80
C PHE T 38 -9.46 -47.62 15.63
N GLY T 39 -9.55 -48.28 14.46
CA GLY T 39 -10.62 -49.23 14.24
C GLY T 39 -11.79 -48.75 13.41
N LEU T 40 -11.99 -47.44 13.35
CA LEU T 40 -13.11 -46.90 12.60
C LEU T 40 -12.91 -47.09 11.11
N THR T 41 -13.96 -47.46 10.40
CA THR T 41 -13.88 -47.62 8.96
C THR T 41 -14.03 -46.27 8.31
N PRO T 42 -13.64 -46.15 7.04
CA PRO T 42 -13.70 -44.82 6.42
C PRO T 42 -15.10 -44.23 6.52
N LEU T 43 -16.12 -45.04 6.25
CA LEU T 43 -17.49 -44.54 6.30
C LEU T 43 -17.86 -44.02 7.68
N LEU T 44 -17.56 -44.80 8.70
CA LEU T 44 -17.90 -44.40 10.06
C LEU T 44 -17.16 -43.14 10.47
N ARG T 45 -15.91 -43.00 10.04
CA ARG T 45 -15.17 -41.80 10.36
C ARG T 45 -15.89 -40.58 9.80
N GLY T 46 -16.29 -40.66 8.54
CA GLY T 46 -17.01 -39.56 7.93
C GLY T 46 -18.32 -39.31 8.64
N LEU T 47 -19.04 -40.37 8.97
CA LEU T 47 -20.33 -40.22 9.59
C LEU T 47 -20.21 -39.44 10.89
N GLU T 48 -19.27 -39.81 11.75
CA GLU T 48 -19.17 -39.14 13.03
C GLU T 48 -18.84 -37.69 12.82
N ILE T 49 -17.91 -37.41 11.92
CA ILE T 49 -17.50 -36.04 11.69
C ILE T 49 -18.68 -35.23 11.17
N GLY T 50 -19.46 -35.82 10.27
CA GLY T 50 -20.60 -35.12 9.73
C GLY T 50 -21.66 -34.86 10.75
N LEU T 51 -21.95 -35.85 11.58
CA LEU T 51 -22.97 -35.70 12.60
C LEU T 51 -22.63 -34.54 13.50
N ALA T 52 -21.35 -34.40 13.80
CA ALA T 52 -20.91 -33.33 14.69
C ALA T 52 -21.03 -31.96 14.05
N HIS T 53 -20.59 -31.82 12.81
CA HIS T 53 -20.58 -30.51 12.18
C HIS T 53 -21.95 -30.00 11.71
N GLY T 54 -22.85 -30.89 11.35
CA GLY T 54 -24.17 -30.47 10.91
C GLY T 54 -25.02 -29.90 12.01
N TYR T 55 -24.92 -30.44 13.22
CA TYR T 55 -25.77 -30.01 14.32
C TYR T 55 -25.54 -28.56 14.73
N PHE T 56 -24.29 -28.10 14.67
CA PHE T 56 -24.00 -26.74 15.13
C PHE T 56 -24.15 -25.71 14.02
N LEU T 57 -24.29 -26.15 12.78
CA LEU T 57 -24.36 -25.20 11.68
C LEU T 57 -25.75 -24.61 11.46
N ILE T 58 -26.78 -25.33 11.87
CA ILE T 58 -28.15 -24.84 11.67
C ILE T 58 -28.38 -23.59 12.51
N GLY T 59 -27.69 -23.47 13.62
CA GLY T 59 -27.87 -22.33 14.50
C GLY T 59 -27.63 -20.98 13.85
N PRO T 60 -26.41 -20.76 13.35
CA PRO T 60 -26.09 -19.45 12.80
C PRO T 60 -27.13 -19.00 11.77
N PHE T 61 -27.50 -19.88 10.86
CA PHE T 61 -28.48 -19.54 9.83
C PHE T 61 -29.85 -19.27 10.41
N ALA T 62 -30.30 -20.13 11.31
CA ALA T 62 -31.65 -19.99 11.87
C ALA T 62 -31.86 -18.72 12.69
N GLN T 63 -30.86 -18.32 13.45
CA GLN T 63 -31.04 -17.17 14.34
C GLN T 63 -30.57 -15.83 13.77
N LEU T 64 -29.82 -15.84 12.70
CA LEU T 64 -29.28 -14.59 12.17
C LEU T 64 -29.50 -14.43 10.67
N GLY T 65 -30.26 -15.32 10.06
CA GLY T 65 -30.47 -15.27 8.63
C GLY T 65 -31.49 -14.25 8.16
N PRO T 66 -31.64 -14.11 6.85
CA PRO T 66 -32.57 -13.12 6.30
C PRO T 66 -34.00 -13.30 6.80
N LEU T 67 -34.45 -14.53 6.96
CA LEU T 67 -35.83 -14.78 7.38
C LEU T 67 -35.91 -15.27 8.81
N ARG T 68 -35.04 -14.75 9.67
CA ARG T 68 -35.00 -15.19 11.06
C ARG T 68 -36.29 -14.92 11.79
N ASN T 69 -36.90 -13.78 11.56
CA ASN T 69 -38.11 -13.41 12.28
C ASN T 69 -39.37 -13.98 11.66
N SER T 70 -39.23 -14.64 10.52
CA SER T 70 -40.38 -15.25 9.85
C SER T 70 -40.76 -16.55 10.53
N ASP T 71 -42.02 -16.93 10.42
CA ASP T 71 -42.47 -18.18 11.03
C ASP T 71 -41.80 -19.38 10.37
N ILE T 72 -41.34 -19.21 9.14
CA ILE T 72 -40.66 -20.30 8.45
C ILE T 72 -39.16 -20.15 8.54
N GLY T 73 -38.69 -19.41 9.55
CA GLY T 73 -37.26 -19.18 9.71
C GLY T 73 -36.44 -20.42 9.93
N LEU T 74 -36.91 -21.31 10.80
CA LEU T 74 -36.17 -22.53 11.08
C LEU T 74 -36.08 -23.41 9.84
N LEU T 75 -37.18 -23.47 9.09
CA LEU T 75 -37.18 -24.26 7.86
C LEU T 75 -36.15 -23.70 6.91
N ALA T 76 -36.13 -22.38 6.78
CA ALA T 76 -35.17 -21.74 5.90
C ALA T 76 -33.76 -22.03 6.37
N GLY T 77 -33.55 -22.00 7.67
CA GLY T 77 -32.23 -22.27 8.21
C GLY T 77 -31.79 -23.66 7.82
N PHE T 78 -32.69 -24.62 7.91
CA PHE T 78 -32.35 -25.99 7.54
C PHE T 78 -31.90 -26.03 6.09
N LEU T 79 -32.65 -25.40 5.21
CA LEU T 79 -32.33 -25.44 3.79
C LEU T 79 -30.96 -24.84 3.55
N SER T 80 -30.67 -23.74 4.23
CA SER T 80 -29.40 -23.07 4.06
C SER T 80 -28.27 -23.99 4.48
N THR T 81 -28.45 -24.71 5.57
CA THR T 81 -27.41 -25.61 6.06
C THR T 81 -27.15 -26.70 5.04
N ILE T 82 -28.22 -27.25 4.47
CA ILE T 82 -28.06 -28.30 3.47
C ILE T 82 -27.27 -27.78 2.30
N GLY T 83 -27.52 -26.53 1.93
CA GLY T 83 -26.78 -25.94 0.83
C GLY T 83 -25.30 -25.87 1.13
N LEU T 84 -24.95 -25.45 2.34
CA LEU T 84 -23.56 -25.34 2.74
C LEU T 84 -22.91 -26.72 2.74
N ILE T 85 -23.63 -27.72 3.21
CA ILE T 85 -23.10 -29.07 3.24
C ILE T 85 -22.79 -29.54 1.82
N LEU T 86 -23.63 -29.19 0.87
CA LEU T 86 -23.40 -29.58 -0.51
C LEU T 86 -22.12 -28.95 -1.03
N ILE T 87 -21.90 -27.68 -0.72
CA ILE T 87 -20.69 -27.00 -1.16
C ILE T 87 -19.47 -27.70 -0.59
N LEU T 88 -19.50 -28.00 0.70
CA LEU T 88 -18.38 -28.65 1.34
C LEU T 88 -18.15 -30.04 0.75
N THR T 89 -19.23 -30.74 0.42
CA THR T 89 -19.10 -32.06 -0.16
C THR T 89 -18.45 -32.00 -1.53
N LEU T 90 -18.77 -30.98 -2.31
CA LEU T 90 -18.14 -30.82 -3.60
C LEU T 90 -16.65 -30.68 -3.40
N GLY T 91 -16.26 -29.90 -2.42
CA GLY T 91 -14.86 -29.71 -2.14
C GLY T 91 -14.18 -31.02 -1.81
N LEU T 92 -14.79 -31.82 -0.96
CA LEU T 92 -14.20 -33.09 -0.59
C LEU T 92 -14.01 -33.97 -1.81
N THR T 93 -15.02 -34.02 -2.68
CA THR T 93 -14.92 -34.84 -3.87
C THR T 93 -13.76 -34.39 -4.73
N ILE T 94 -13.69 -33.10 -5.00
CA ILE T 94 -12.63 -32.56 -5.84
C ILE T 94 -11.25 -32.80 -5.24
N TYR T 95 -11.12 -32.64 -3.94
CA TYR T 95 -9.83 -32.85 -3.30
C TYR T 95 -9.38 -34.26 -3.50
N GLY T 96 -10.28 -35.20 -3.32
CA GLY T 96 -9.91 -36.59 -3.45
C GLY T 96 -9.41 -36.88 -4.83
N ALA T 97 -10.10 -36.36 -5.83
CA ALA T 97 -9.71 -36.64 -7.20
C ALA T 97 -8.30 -36.19 -7.46
N ALA T 98 -7.98 -34.97 -7.04
CA ALA T 98 -6.65 -34.43 -7.28
C ALA T 98 -5.58 -35.08 -6.45
N ALA T 99 -5.86 -35.29 -5.17
CA ALA T 99 -4.84 -35.84 -4.27
C ALA T 99 -4.56 -37.31 -4.47
N PHE T 100 -5.59 -38.10 -4.76
CA PHE T 100 -5.38 -39.54 -4.83
C PHE T 100 -5.33 -40.11 -6.24
N GLY T 101 -6.07 -39.54 -7.18
CA GLY T 101 -5.98 -40.00 -8.55
C GLY T 101 -7.20 -40.71 -9.08
N GLN T 102 -7.02 -41.86 -9.74
CA GLN T 102 -8.15 -42.59 -10.33
C GLN T 102 -8.29 -44.08 -9.96
N GLU T 103 -7.19 -44.79 -9.75
CA GLU T 103 -7.29 -46.19 -9.31
C GLU T 103 -6.43 -46.48 -8.09
N LYS T 104 -6.98 -47.20 -7.10
CA LYS T 104 -6.23 -47.41 -5.85
C LYS T 104 -6.08 -48.88 -5.50
N SER T 105 -5.24 -49.19 -4.52
CA SER T 105 -4.99 -50.58 -4.20
C SER T 105 -4.91 -50.86 -2.71
N ASN T 106 -4.11 -50.08 -1.99
CA ASN T 106 -3.92 -50.35 -0.56
C ASN T 106 -5.22 -50.69 0.13
N GLY T 107 -6.17 -49.77 0.09
CA GLY T 107 -7.45 -50.00 0.72
C GLY T 107 -7.37 -49.71 2.19
N SER T 108 -8.49 -49.35 2.80
CA SER T 108 -8.53 -49.09 4.23
C SER T 108 -7.35 -48.24 4.66
N GLU T 109 -7.21 -47.09 4.02
CA GLU T 109 -6.19 -46.16 4.39
C GLU T 109 -6.91 -44.90 4.01
N LEU T 110 -7.30 -44.10 4.97
CA LEU T 110 -8.11 -42.93 4.65
C LEU T 110 -7.51 -42.19 3.48
N GLN T 111 -6.21 -42.34 3.27
CA GLN T 111 -5.53 -41.62 2.19
C GLN T 111 -5.51 -42.35 0.86
N THR T 112 -6.61 -42.96 0.44
CA THR T 112 -6.68 -43.58 -0.88
C THR T 112 -7.98 -43.15 -1.51
N LYS T 113 -8.12 -43.34 -2.81
CA LYS T 113 -9.31 -42.87 -3.50
C LYS T 113 -10.57 -43.52 -2.98
N LYS T 114 -10.56 -44.84 -2.88
CA LYS T 114 -11.77 -45.53 -2.44
C LYS T 114 -12.15 -45.11 -1.05
N SER T 115 -11.18 -45.12 -0.15
CA SER T 115 -11.47 -44.78 1.22
C SER T 115 -12.00 -43.35 1.31
N TRP T 116 -11.42 -42.45 0.54
CA TRP T 116 -11.83 -41.06 0.59
C TRP T 116 -13.26 -40.92 0.14
N ASP T 117 -13.63 -41.63 -0.92
CA ASP T 117 -14.99 -41.56 -1.42
C ASP T 117 -15.97 -42.02 -0.37
N GLN T 118 -15.63 -43.10 0.33
CA GLN T 118 -16.49 -43.59 1.38
C GLN T 118 -16.58 -42.57 2.49
N PHE T 119 -15.46 -41.95 2.83
CA PHE T 119 -15.45 -40.94 3.88
C PHE T 119 -16.36 -39.79 3.50
N LYS T 120 -16.27 -39.33 2.27
CA LYS T 120 -17.09 -38.23 1.82
C LYS T 120 -18.56 -38.57 1.94
N GLY T 121 -18.92 -39.78 1.51
CA GLY T 121 -20.31 -40.17 1.56
C GLY T 121 -20.84 -40.13 2.96
N GLY T 122 -20.05 -40.64 3.90
CA GLY T 122 -20.46 -40.64 5.29
C GLY T 122 -20.72 -39.24 5.77
N PHE T 123 -19.82 -38.32 5.42
CA PHE T 123 -19.97 -36.94 5.87
C PHE T 123 -21.30 -36.39 5.41
N PHE T 124 -21.65 -36.60 4.15
CA PHE T 124 -22.88 -36.04 3.63
C PHE T 124 -24.09 -36.55 4.40
N VAL T 125 -24.17 -37.87 4.57
CA VAL T 125 -25.31 -38.44 5.25
C VAL T 125 -25.39 -37.91 6.67
N GLY T 126 -24.27 -37.96 7.39
CA GLY T 126 -24.26 -37.53 8.76
C GLY T 126 -24.62 -36.07 8.89
N ALA T 127 -24.03 -35.23 8.07
CA ALA T 127 -24.27 -33.80 8.17
C ALA T 127 -25.72 -33.45 7.93
N CYS T 128 -26.29 -33.96 6.84
CA CYS T 128 -27.67 -33.63 6.52
C CYS T 128 -28.60 -34.16 7.59
N GLY T 129 -28.38 -35.38 8.03
CA GLY T 129 -29.21 -35.95 9.07
C GLY T 129 -29.09 -35.20 10.37
N SER T 130 -27.88 -34.82 10.73
CA SER T 130 -27.65 -34.09 11.96
C SER T 130 -28.39 -32.77 11.93
N ALA T 131 -28.37 -32.11 10.78
CA ALA T 131 -29.07 -30.84 10.65
C ALA T 131 -30.55 -31.07 10.84
N GLY T 132 -31.06 -32.16 10.31
CA GLY T 132 -32.46 -32.48 10.49
C GLY T 132 -32.78 -32.71 11.94
N PHE T 133 -31.90 -33.37 12.65
CA PHE T 133 -32.11 -33.63 14.06
C PHE T 133 -32.23 -32.32 14.81
N ALA T 134 -31.37 -31.37 14.47
CA ALA T 134 -31.41 -30.08 15.12
C ALA T 134 -32.73 -29.38 14.83
N PHE T 135 -33.24 -29.56 13.62
CA PHE T 135 -34.53 -28.97 13.26
C PHE T 135 -35.60 -29.50 14.19
N ILE T 136 -35.62 -30.80 14.38
CA ILE T 136 -36.61 -31.40 15.27
C ILE T 136 -36.44 -30.90 16.68
N CYS T 137 -35.20 -30.81 17.14
CA CYS T 137 -34.93 -30.37 18.50
C CYS T 137 -35.30 -28.91 18.71
N LEU T 138 -34.98 -28.06 17.74
CA LEU T 138 -35.23 -26.63 17.87
C LEU T 138 -36.69 -26.29 17.65
N SER T 139 -37.46 -27.26 17.16
CA SER T 139 -38.88 -27.03 16.93
C SER T 139 -39.56 -26.74 18.25
N SER T 140 -39.22 -27.49 19.29
CA SER T 140 -39.78 -27.25 20.62
C SER T 140 -38.68 -27.31 21.66
N ILE T 141 -38.37 -26.18 22.29
CA ILE T 141 -37.28 -26.14 23.24
C ILE T 141 -37.76 -26.35 24.67
N PRO T 142 -37.14 -27.30 25.39
CA PRO T 142 -37.55 -27.59 26.76
C PRO T 142 -37.10 -26.54 27.75
N THR T 143 -37.93 -26.25 28.75
CA THR T 143 -37.56 -25.27 29.77
C THR T 143 -37.00 -25.98 30.99
N PHE T 144 -37.09 -27.30 31.02
CA PHE T 144 -36.56 -28.07 32.13
C PHE T 144 -37.01 -27.48 33.46
N ALA T 145 -38.30 -27.20 33.57
CA ALA T 145 -38.83 -26.63 34.81
C ALA T 145 -39.83 -27.57 35.47
N LEU T 146 -39.67 -27.78 36.77
CA LEU T 146 -40.58 -28.65 37.50
C LEU T 146 -41.65 -27.86 38.23
N MET U 1 -45.14 -7.26 -28.83
CA MET U 1 -44.60 -7.83 -27.62
C MET U 1 -43.96 -9.17 -27.88
N ILE U 2 -42.69 -9.32 -27.52
CA ILE U 2 -42.00 -10.57 -27.76
C ILE U 2 -42.79 -11.69 -27.08
N THR U 3 -43.27 -12.64 -27.88
CA THR U 3 -44.05 -13.74 -27.33
C THR U 3 -43.15 -14.78 -26.70
N ASP U 4 -43.72 -15.67 -25.89
CA ASP U 4 -42.94 -16.70 -25.24
C ASP U 4 -42.26 -17.56 -26.29
N PHE U 5 -42.98 -17.91 -27.34
CA PHE U 5 -42.41 -18.72 -28.39
C PHE U 5 -41.18 -18.03 -28.96
N GLN U 6 -41.29 -16.73 -29.19
CA GLN U 6 -40.16 -15.99 -29.73
C GLN U 6 -38.97 -16.07 -28.79
N VAL U 7 -39.20 -15.90 -27.50
CA VAL U 7 -38.12 -15.98 -26.54
C VAL U 7 -37.49 -17.37 -26.56
N TYR U 8 -38.33 -18.39 -26.62
CA TYR U 8 -37.82 -19.76 -26.63
C TYR U 8 -37.00 -20.02 -27.88
N ILE U 9 -37.44 -19.49 -29.01
CA ILE U 9 -36.67 -19.65 -30.24
C ILE U 9 -35.29 -19.06 -30.07
N ALA U 10 -35.21 -17.88 -29.48
CA ALA U 10 -33.92 -17.25 -29.27
C ALA U 10 -33.02 -18.12 -28.45
N LEU U 11 -33.56 -18.71 -27.39
CA LEU U 11 -32.76 -19.56 -26.52
C LEU U 11 -32.20 -20.76 -27.28
N MET U 12 -33.00 -21.34 -28.16
CA MET U 12 -32.53 -22.45 -28.96
C MET U 12 -31.35 -22.04 -29.80
N ALA U 13 -31.43 -20.85 -30.40
CA ALA U 13 -30.34 -20.37 -31.23
C ALA U 13 -29.09 -20.21 -30.40
N ALA U 14 -29.23 -19.67 -29.21
CA ALA U 14 -28.08 -19.48 -28.33
C ALA U 14 -27.40 -20.81 -28.06
N LEU U 15 -28.18 -21.86 -27.86
CA LEU U 15 -27.61 -23.16 -27.55
C LEU U 15 -26.71 -23.61 -28.68
N LEU U 16 -27.14 -23.38 -29.92
CA LEU U 16 -26.34 -23.78 -31.06
C LEU U 16 -25.02 -23.05 -31.01
N ALA U 17 -25.06 -21.77 -30.70
CA ALA U 17 -23.84 -21.01 -30.63
C ALA U 17 -22.92 -21.59 -29.57
N SER U 18 -23.48 -21.99 -28.45
CA SER U 18 -22.67 -22.52 -27.37
C SER U 18 -21.94 -23.78 -27.80
N VAL U 19 -22.65 -24.71 -28.40
CA VAL U 19 -22.03 -25.97 -28.79
C VAL U 19 -20.98 -25.73 -29.85
N LEU U 20 -21.22 -24.76 -30.73
CA LEU U 20 -20.25 -24.45 -31.77
C LEU U 20 -19.08 -23.68 -31.19
N ALA U 21 -19.27 -23.08 -30.04
CA ALA U 21 -18.20 -22.34 -29.39
C ALA U 21 -17.25 -23.28 -28.70
N ILE U 22 -17.79 -24.29 -28.02
CA ILE U 22 -16.95 -25.26 -27.35
C ILE U 22 -16.03 -25.90 -28.37
N ARG U 23 -16.55 -26.23 -29.54
CA ARG U 23 -15.74 -26.88 -30.56
C ARG U 23 -14.60 -25.98 -30.99
N LEU U 24 -14.89 -24.71 -31.22
CA LEU U 24 -13.85 -23.80 -31.68
C LEU U 24 -12.78 -23.68 -30.62
N GLY U 25 -13.20 -23.60 -29.37
CA GLY U 25 -12.24 -23.52 -28.29
C GLY U 25 -11.40 -24.77 -28.22
N ALA U 26 -12.01 -25.92 -28.41
CA ALA U 26 -11.29 -27.17 -28.30
C ALA U 26 -10.41 -27.41 -29.52
N THR U 27 -10.72 -26.73 -30.61
CA THR U 27 -9.93 -26.87 -31.83
C THR U 27 -8.73 -25.96 -31.75
N LEU U 28 -8.86 -24.86 -31.03
CA LEU U 28 -7.75 -23.94 -30.86
C LEU U 28 -6.79 -24.49 -29.83
N TYR U 29 -7.26 -25.42 -29.01
CA TYR U 29 -6.44 -26.00 -27.96
C TYR U 29 -5.45 -27.00 -28.51
N ASP V 1 16.33 -2.62 -56.14
CA ASP V 1 15.66 -2.39 -57.41
C ASP V 1 15.40 -0.91 -57.60
N MET V 2 14.43 -0.37 -56.88
CA MET V 2 14.10 1.04 -57.03
C MET V 2 15.00 1.90 -56.18
N THR V 3 15.80 1.27 -55.32
CA THR V 3 16.72 2.02 -54.49
C THR V 3 17.67 2.81 -55.37
N TRP V 4 17.87 4.08 -55.04
CA TRP V 4 18.72 4.93 -55.86
C TRP V 4 19.60 5.82 -55.02
N GLU V 5 20.69 6.30 -55.59
CA GLU V 5 21.59 7.17 -54.86
C GLU V 5 22.08 8.29 -55.75
N GLY V 6 22.40 9.42 -55.15
CA GLY V 6 22.88 10.55 -55.93
C GLY V 6 22.03 11.78 -55.80
N GLU V 7 21.91 12.54 -56.88
CA GLU V 7 21.13 13.77 -56.85
C GLU V 7 19.87 13.67 -57.70
N TYR V 8 19.72 12.59 -58.45
CA TYR V 8 18.51 12.40 -59.24
C TYR V 8 18.13 10.94 -59.34
N PRO V 9 16.83 10.64 -59.29
CA PRO V 9 16.36 9.25 -59.38
C PRO V 9 16.48 8.70 -60.78
N PRO V 10 16.51 7.36 -60.91
CA PRO V 10 16.55 6.74 -62.24
C PRO V 10 15.18 6.80 -62.90
N SER V 11 15.11 6.65 -64.22
CA SER V 11 13.84 6.76 -64.93
C SER V 11 12.89 5.62 -64.62
N LYS V 12 13.41 4.51 -64.13
CA LYS V 12 12.57 3.36 -63.82
C LYS V 12 11.51 3.70 -62.79
N VAL V 13 11.78 4.72 -61.97
CA VAL V 13 10.84 5.08 -60.92
C VAL V 13 9.63 5.80 -61.45
N LEU V 14 9.68 6.25 -62.70
CA LEU V 14 8.58 7.01 -63.27
C LEU V 14 7.53 6.10 -63.89
N GLY V 15 7.69 4.80 -63.74
CA GLY V 15 6.71 3.87 -64.25
C GLY V 15 7.10 3.16 -65.52
N PRO V 16 6.16 2.45 -66.14
CA PRO V 16 6.46 1.69 -67.36
C PRO V 16 6.22 2.48 -68.64
N ILE V 17 5.62 3.66 -68.54
CA ILE V 17 5.32 4.44 -69.74
C ILE V 17 6.06 5.77 -69.76
N MET V 18 5.90 6.56 -68.70
CA MET V 18 6.54 7.86 -68.65
C MET V 18 8.05 7.73 -68.64
N SER V 19 8.56 6.56 -68.29
CA SER V 19 10.00 6.34 -68.25
C SER V 19 10.59 6.41 -69.63
N LYS V 20 9.74 6.46 -70.65
CA LYS V 20 10.21 6.51 -72.02
C LYS V 20 9.86 7.83 -72.68
N MET V 21 9.15 8.68 -71.97
CA MET V 21 8.72 9.95 -72.55
C MET V 21 9.79 11.01 -72.44
N PRO V 22 9.84 11.93 -73.42
CA PRO V 22 10.84 12.99 -73.40
C PRO V 22 10.51 14.04 -72.35
N SER V 23 11.53 14.74 -71.85
CA SER V 23 11.32 15.73 -70.81
C SER V 23 10.42 16.87 -71.27
N GLY V 24 10.65 17.37 -72.47
CA GLY V 24 9.86 18.48 -72.97
C GLY V 24 8.38 18.17 -73.06
N LEU V 25 8.05 16.98 -73.56
CA LEU V 25 6.65 16.61 -73.70
C LEU V 25 5.97 16.63 -72.35
N LEU V 26 6.64 16.09 -71.35
CA LEU V 26 6.05 16.04 -70.02
C LEU V 26 5.81 17.46 -69.52
N ALA V 27 6.75 18.35 -69.81
CA ALA V 27 6.61 19.74 -69.38
C ALA V 27 5.40 20.38 -70.03
N ILE V 28 5.22 20.16 -71.33
CA ILE V 28 4.09 20.72 -72.03
C ILE V 28 2.82 20.22 -71.39
N ILE V 29 2.74 18.92 -71.15
CA ILE V 29 1.56 18.34 -70.54
C ILE V 29 1.31 18.94 -69.17
N SER V 30 2.36 19.13 -68.40
CA SER V 30 2.22 19.67 -67.06
C SER V 30 1.59 21.04 -67.09
N MET V 31 2.12 21.91 -67.95
CA MET V 31 1.61 23.27 -68.01
C MET V 31 0.15 23.26 -68.44
N ALA V 32 -0.17 22.46 -69.44
CA ALA V 32 -1.54 22.39 -69.92
C ALA V 32 -2.48 21.92 -68.84
N SER V 33 -2.08 20.89 -68.10
CA SER V 33 -2.93 20.35 -67.06
C SER V 33 -3.21 21.38 -65.99
N LEU V 34 -2.18 22.10 -65.56
CA LEU V 34 -2.37 23.10 -64.54
C LEU V 34 -3.32 24.18 -65.02
N GLY V 35 -3.20 24.54 -66.29
CA GLY V 35 -4.07 25.55 -66.85
C GLY V 35 -5.51 25.13 -66.76
N VAL V 36 -5.79 23.89 -67.14
CA VAL V 36 -7.15 23.41 -67.11
C VAL V 36 -7.70 23.46 -65.70
N CYS V 37 -6.91 23.00 -64.74
CA CYS V 37 -7.36 23.00 -63.35
C CYS V 37 -7.67 24.40 -62.88
N VAL V 38 -6.79 25.35 -63.15
CA VAL V 38 -7.02 26.73 -62.72
C VAL V 38 -8.25 27.30 -63.39
N TYR V 39 -8.40 27.05 -64.68
CA TYR V 39 -9.55 27.56 -65.40
C TYR V 39 -10.82 27.02 -64.77
N SER V 40 -10.84 25.74 -64.47
CA SER V 40 -12.02 25.12 -63.88
C SER V 40 -12.37 25.80 -62.58
N CYS V 41 -11.37 26.05 -61.75
CA CYS V 41 -11.62 26.66 -60.46
C CYS V 41 -12.20 28.06 -60.61
N VAL V 42 -11.60 28.88 -61.46
CA VAL V 42 -12.06 30.24 -61.64
C VAL V 42 -13.49 30.24 -62.14
N GLN V 43 -13.77 29.41 -63.14
CA GLN V 43 -15.11 29.37 -63.71
C GLN V 43 -16.13 28.91 -62.69
N THR V 44 -15.80 27.87 -61.94
CA THR V 44 -16.72 27.35 -60.94
C THR V 44 -16.96 28.41 -59.88
N GLY V 45 -15.93 29.20 -59.60
CA GLY V 45 -16.06 30.24 -58.60
C GLY V 45 -17.15 31.21 -58.96
N PHE V 46 -17.24 31.55 -60.25
CA PHE V 46 -18.28 32.44 -60.70
C PHE V 46 -19.65 31.83 -60.44
N LEU V 47 -19.78 30.54 -60.72
CA LEU V 47 -21.07 29.87 -60.53
C LEU V 47 -21.48 29.93 -59.08
N LEU V 48 -20.56 29.61 -58.18
CA LEU V 48 -20.87 29.65 -56.77
C LEU V 48 -21.21 31.05 -56.32
N ARG V 49 -20.60 32.06 -56.94
CA ARG V 49 -20.82 33.43 -56.51
C ARG V 49 -21.90 34.17 -57.28
N GLU V 50 -22.57 33.48 -58.19
CA GLU V 50 -23.66 34.12 -58.92
C GLU V 50 -24.94 34.09 -58.11
N PRO V 51 -25.69 35.20 -58.11
CA PRO V 51 -26.91 35.28 -57.28
C PRO V 51 -27.92 34.18 -57.60
N GLY V 52 -28.29 33.39 -56.61
CA GLY V 52 -29.25 32.33 -56.81
C GLY V 52 -28.89 31.44 -57.97
N ALA V 53 -29.87 30.76 -58.54
CA ALA V 53 -29.62 29.93 -59.72
C ALA V 53 -28.67 28.74 -59.49
N ILE V 54 -28.10 28.62 -58.29
CA ILE V 54 -27.26 27.46 -58.01
C ILE V 54 -27.90 26.58 -56.97
N GLU V 55 -29.21 26.72 -56.79
CA GLU V 55 -29.92 25.90 -55.84
C GLU V 55 -29.84 24.44 -56.28
N ASN V 56 -29.90 23.52 -55.33
CA ASN V 56 -29.84 22.11 -55.66
C ASN V 56 -28.46 21.74 -56.19
N GLY V 57 -27.46 22.55 -55.87
CA GLY V 57 -26.10 22.27 -56.31
C GLY V 57 -25.90 22.24 -57.81
N SER V 58 -26.51 23.19 -58.51
CA SER V 58 -26.37 23.24 -59.95
C SER V 58 -24.97 23.68 -60.35
N TRP V 59 -24.21 24.20 -59.40
CA TRP V 59 -22.88 24.70 -59.70
C TRP V 59 -21.88 23.60 -60.03
N VAL V 60 -22.19 22.37 -59.65
CA VAL V 60 -21.28 21.26 -59.90
C VAL V 60 -21.43 20.78 -61.33
N ARG V 61 -20.35 20.84 -62.10
CA ARG V 61 -20.40 20.43 -63.50
C ARG V 61 -19.45 19.29 -63.73
N TRP V 62 -19.86 18.30 -64.50
CA TRP V 62 -19.01 17.13 -64.69
C TRP V 62 -17.67 17.50 -65.30
N TYR V 63 -17.69 18.38 -66.30
CA TYR V 63 -16.45 18.74 -66.97
C TYR V 63 -15.49 19.40 -66.01
N TYR V 64 -15.97 20.37 -65.25
CA TYR V 64 -15.11 21.08 -64.33
C TYR V 64 -14.53 20.14 -63.28
N VAL V 65 -15.33 19.18 -62.83
CA VAL V 65 -14.84 18.23 -61.85
C VAL V 65 -13.67 17.44 -62.40
N VAL V 66 -13.81 16.96 -63.63
CA VAL V 66 -12.73 16.21 -64.26
C VAL V 66 -11.53 17.10 -64.48
N GLU V 67 -11.77 18.32 -64.94
CA GLU V 67 -10.68 19.25 -65.20
C GLU V 67 -9.89 19.53 -63.94
N GLY V 68 -10.57 19.62 -62.81
CA GLY V 68 -9.90 19.95 -61.57
C GLY V 68 -8.88 18.91 -61.17
N LEU V 69 -8.98 17.72 -61.73
CA LEU V 69 -8.05 16.65 -61.39
C LEU V 69 -6.72 16.84 -62.09
N GLY V 70 -6.64 17.84 -62.97
CA GLY V 70 -5.40 18.13 -63.66
C GLY V 70 -4.36 18.66 -62.72
N GLY V 71 -4.79 19.33 -61.67
CA GLY V 71 -3.84 19.92 -60.73
C GLY V 71 -2.87 18.91 -60.15
N PRO V 72 -3.40 17.82 -59.57
CA PRO V 72 -2.51 16.78 -59.06
C PRO V 72 -1.66 16.18 -60.16
N LEU V 73 -2.23 15.94 -61.34
CA LEU V 73 -1.47 15.42 -62.46
C LEU V 73 -0.36 16.39 -62.85
N ALA V 74 -0.65 17.68 -62.76
CA ALA V 74 0.35 18.69 -63.11
C ALA V 74 1.57 18.52 -62.24
N TRP V 75 1.35 18.31 -60.95
CA TRP V 75 2.48 18.11 -60.04
C TRP V 75 3.29 16.92 -60.49
N GLY V 76 2.64 15.80 -60.70
CA GLY V 76 3.37 14.60 -61.06
C GLY V 76 4.14 14.78 -62.34
N THR V 77 3.49 15.33 -63.35
CA THR V 77 4.14 15.47 -64.64
C THR V 77 5.35 16.39 -64.57
N HIS V 78 5.25 17.49 -63.83
CA HIS V 78 6.35 18.44 -63.75
C HIS V 78 7.53 17.80 -63.02
N VAL V 79 7.26 17.04 -61.98
CA VAL V 79 8.33 16.34 -61.28
C VAL V 79 8.99 15.34 -62.22
N ALA V 80 8.17 14.63 -62.99
CA ALA V 80 8.70 13.63 -63.91
C ALA V 80 9.58 14.24 -64.98
N SER V 81 9.19 15.41 -65.49
CA SER V 81 9.97 16.05 -66.53
C SER V 81 11.36 16.34 -66.02
N TRP V 82 11.46 16.79 -64.78
CA TRP V 82 12.75 17.08 -64.19
C TRP V 82 13.60 15.82 -64.14
N ILE V 83 13.00 14.72 -63.68
CA ILE V 83 13.74 13.47 -63.57
C ILE V 83 14.26 13.02 -64.93
N GLN V 84 13.40 13.11 -65.95
CA GLN V 84 13.80 12.72 -67.29
C GLN V 84 14.93 13.61 -67.80
N ARG V 85 14.84 14.91 -67.54
CA ARG V 85 15.88 15.83 -67.99
C ARG V 85 17.21 15.46 -67.39
N LYS V 86 17.24 15.24 -66.09
CA LYS V 86 18.48 14.89 -65.42
C LYS V 86 19.01 13.56 -65.92
N ASN V 87 18.11 12.64 -66.21
CA ASN V 87 18.50 11.32 -66.67
C ASN V 87 19.03 11.40 -68.08
N GLY V 88 18.84 12.55 -68.72
CA GLY V 88 19.38 12.73 -70.06
C GLY V 88 18.38 12.54 -71.17
N MET V 89 17.29 11.84 -70.89
CA MET V 89 16.27 11.61 -71.89
C MET V 89 15.32 12.79 -71.98
N ALA W 1 5.98 -50.00 48.03
CA ALA W 1 4.96 -49.64 49.00
C ALA W 1 4.71 -48.14 48.98
N TRP W 2 3.45 -47.75 48.90
CA TRP W 2 3.13 -46.34 48.82
C TRP W 2 3.80 -45.57 49.95
N ARG W 3 3.72 -46.10 51.17
CA ARG W 3 4.28 -45.38 52.30
C ARG W 3 5.77 -45.19 52.17
N ASP W 4 6.45 -46.12 51.51
CA ASP W 4 7.90 -46.04 51.42
C ASP W 4 8.37 -45.20 50.25
N GLU W 5 7.44 -44.76 49.41
CA GLU W 5 7.85 -44.01 48.21
C GLU W 5 7.25 -42.63 48.17
N VAL W 6 6.07 -42.45 48.76
CA VAL W 6 5.40 -41.16 48.70
C VAL W 6 6.29 -40.05 49.25
N VAL W 7 6.32 -38.92 48.55
CA VAL W 7 7.13 -37.80 49.00
C VAL W 7 6.31 -36.53 49.12
N VAL W 8 5.35 -36.36 48.20
CA VAL W 8 4.50 -35.19 48.24
C VAL W 8 3.43 -35.34 49.30
N GLY W 9 3.12 -34.26 50.00
CA GLY W 9 2.10 -34.30 51.03
C GLY W 9 2.65 -34.33 52.44
N ILE W 10 3.89 -34.77 52.59
CA ILE W 10 4.51 -34.82 53.90
C ILE W 10 5.25 -33.52 54.11
N THR W 11 4.74 -32.66 55.00
CA THR W 11 5.36 -31.35 55.19
C THR W 11 5.88 -31.12 56.60
N ALA W 12 6.17 -29.87 56.94
CA ALA W 12 6.80 -29.58 58.25
C ALA W 12 5.92 -29.56 59.48
N PRO W 13 4.80 -28.85 59.44
CA PRO W 13 4.04 -28.75 60.70
C PRO W 13 3.77 -30.07 61.39
N VAL W 14 3.42 -31.13 60.65
CA VAL W 14 3.03 -32.39 61.30
C VAL W 14 3.71 -33.63 60.73
N GLY W 15 4.39 -33.51 59.61
CA GLY W 15 5.00 -34.67 58.99
C GLY W 15 3.93 -35.58 58.45
N PHE W 16 4.21 -36.88 58.37
CA PHE W 16 3.19 -37.83 57.93
C PHE W 16 2.04 -37.78 58.92
N PHE W 17 0.83 -37.60 58.42
CA PHE W 17 -0.31 -37.45 59.32
C PHE W 17 -1.37 -38.51 59.11
N ASP W 18 -1.35 -39.55 59.94
CA ASP W 18 -2.39 -40.57 59.86
C ASP W 18 -2.66 -41.05 61.27
N PRO W 19 -3.26 -40.19 62.09
CA PRO W 19 -3.51 -40.54 63.49
C PRO W 19 -4.36 -41.79 63.61
N LEU W 20 -5.34 -41.95 62.73
CA LEU W 20 -6.24 -43.10 62.80
C LEU W 20 -5.69 -44.25 61.99
N GLY W 21 -4.53 -44.07 61.37
CA GLY W 21 -3.91 -45.14 60.60
C GLY W 21 -4.83 -45.70 59.55
N LEU W 22 -5.41 -44.83 58.73
CA LEU W 22 -6.36 -45.29 57.73
C LEU W 22 -5.65 -45.79 56.47
N SER W 23 -4.33 -45.84 56.49
CA SER W 23 -3.58 -46.27 55.34
C SER W 23 -2.58 -47.36 55.65
N LYS W 24 -2.71 -48.01 56.79
CA LYS W 24 -1.72 -49.00 57.20
C LYS W 24 -1.70 -50.23 56.31
N GLY W 25 -2.86 -50.80 56.02
CA GLY W 25 -2.90 -52.02 55.23
C GLY W 25 -3.34 -51.86 53.80
N LYS W 26 -3.58 -50.63 53.39
CA LYS W 26 -4.06 -50.39 52.04
C LYS W 26 -2.99 -50.68 51.01
N ASP W 27 -3.39 -51.19 49.84
CA ASP W 27 -2.44 -51.47 48.78
C ASP W 27 -2.16 -50.22 47.98
N ASP W 28 -1.26 -50.33 47.00
CA ASP W 28 -0.90 -49.17 46.22
C ASP W 28 -2.10 -48.61 45.46
N ALA W 29 -2.95 -49.49 44.94
CA ALA W 29 -4.10 -49.04 44.17
C ALA W 29 -5.07 -48.24 45.03
N THR W 30 -5.37 -48.74 46.23
CA THR W 30 -6.27 -48.03 47.11
C THR W 30 -5.67 -46.69 47.49
N MET W 31 -4.38 -46.70 47.81
CA MET W 31 -3.72 -45.47 48.19
C MET W 31 -3.73 -44.49 47.04
N ALA W 32 -3.59 -44.98 45.82
CA ALA W 32 -3.64 -44.11 44.65
C ALA W 32 -5.01 -43.48 44.54
N TYR W 33 -6.05 -44.26 44.79
CA TYR W 33 -7.40 -43.72 44.75
C TYR W 33 -7.52 -42.62 45.77
N TYR W 34 -6.99 -42.84 46.96
CA TYR W 34 -7.09 -41.84 48.01
C TYR W 34 -6.43 -40.54 47.62
N ARG W 35 -5.23 -40.62 47.05
CA ARG W 35 -4.52 -39.40 46.69
C ARG W 35 -5.27 -38.66 45.60
N GLU W 36 -5.78 -39.39 44.62
CA GLU W 36 -6.53 -38.76 43.55
C GLU W 36 -7.76 -38.08 44.11
N ALA W 37 -8.45 -38.76 45.03
CA ALA W 37 -9.63 -38.18 45.63
C ALA W 37 -9.26 -36.96 46.44
N GLU W 38 -8.15 -37.04 47.16
CA GLU W 38 -7.74 -35.92 47.98
C GLU W 38 -7.52 -34.70 47.12
N LEU W 39 -6.77 -34.88 46.04
CA LEU W 39 -6.47 -33.75 45.17
C LEU W 39 -7.72 -33.21 44.52
N LYS W 40 -8.59 -34.08 44.05
CA LYS W 40 -9.77 -33.61 43.36
C LYS W 40 -10.68 -32.88 44.32
N ASN W 41 -10.91 -33.44 45.48
CA ASN W 41 -11.79 -32.82 46.44
C ASN W 41 -11.22 -31.46 46.79
N GLY W 42 -9.91 -31.41 47.03
CA GLY W 42 -9.27 -30.15 47.37
C GLY W 42 -9.31 -29.11 46.27
N ARG W 43 -9.03 -29.50 45.04
CA ARG W 43 -9.01 -28.56 43.94
C ARG W 43 -10.40 -27.97 43.72
N VAL W 44 -11.42 -28.82 43.79
CA VAL W 44 -12.78 -28.34 43.63
C VAL W 44 -13.11 -27.37 44.76
N ALA W 45 -12.64 -27.67 45.96
CA ALA W 45 -12.88 -26.79 47.09
C ALA W 45 -12.26 -25.43 46.86
N MET W 46 -11.03 -25.40 46.38
CA MET W 46 -10.36 -24.14 46.15
C MET W 46 -11.19 -23.30 45.22
N ALA W 47 -11.66 -23.91 44.14
CA ALA W 47 -12.47 -23.18 43.16
C ALA W 47 -13.75 -22.68 43.78
N ALA W 48 -14.43 -23.54 44.53
CA ALA W 48 -15.67 -23.15 45.15
C ALA W 48 -15.44 -21.96 46.07
N CYS W 49 -14.35 -22.00 46.81
CA CYS W 49 -14.07 -20.91 47.72
C CYS W 49 -14.00 -19.60 46.97
N LEU W 50 -13.25 -19.57 45.88
CA LEU W 50 -13.12 -18.35 45.11
C LEU W 50 -14.48 -17.89 44.62
N GLY W 51 -15.30 -18.82 44.13
CA GLY W 51 -16.60 -18.47 43.63
C GLY W 51 -17.46 -17.85 44.71
N TRP W 52 -17.50 -18.47 45.88
CA TRP W 52 -18.29 -17.94 46.97
C TRP W 52 -17.82 -16.55 47.30
N TYR W 53 -16.52 -16.38 47.43
CA TYR W 53 -15.99 -15.09 47.83
C TYR W 53 -16.42 -14.00 46.86
N LEU W 54 -16.31 -14.26 45.56
CA LEU W 54 -16.67 -13.26 44.57
C LEU W 54 -18.15 -12.90 44.67
N ASN W 55 -19.00 -13.90 44.74
CA ASN W 55 -20.44 -13.66 44.80
C ASN W 55 -20.76 -12.86 46.05
N ALA W 56 -20.24 -13.30 47.18
CA ALA W 56 -20.50 -12.62 48.44
C ALA W 56 -20.06 -11.18 48.34
N GLY W 57 -18.91 -10.96 47.73
CA GLY W 57 -18.39 -9.61 47.59
C GLY W 57 -19.30 -8.75 46.74
N GLY W 58 -20.08 -9.39 45.87
CA GLY W 58 -21.02 -8.66 45.04
C GLY W 58 -20.57 -8.57 43.60
N VAL W 59 -19.39 -9.10 43.30
CA VAL W 59 -18.91 -9.09 41.93
C VAL W 59 -19.46 -10.27 41.15
N HIS W 60 -20.77 -10.26 40.90
CA HIS W 60 -21.37 -11.30 40.08
C HIS W 60 -22.01 -10.62 38.90
N PRO W 61 -21.17 -10.19 37.93
CA PRO W 61 -21.70 -9.43 36.80
C PRO W 61 -22.31 -10.31 35.70
N ALA W 62 -23.29 -11.13 36.05
CA ALA W 62 -23.94 -11.95 35.06
C ALA W 62 -25.44 -11.87 35.27
N PHE W 63 -26.20 -12.07 34.20
CA PHE W 63 -27.65 -11.96 34.32
C PHE W 63 -28.01 -10.60 34.89
N ASN W 64 -27.31 -9.57 34.44
CA ASN W 64 -27.56 -8.22 34.93
C ASN W 64 -27.49 -8.17 36.45
N SER W 65 -26.58 -8.95 37.03
CA SER W 65 -26.43 -8.96 38.47
C SER W 65 -27.76 -9.17 39.16
N GLU W 66 -28.64 -9.95 38.53
CA GLU W 66 -29.95 -10.18 39.11
C GLU W 66 -29.91 -11.14 40.27
N LEU W 67 -29.07 -12.17 40.19
CA LEU W 67 -29.02 -13.18 41.24
C LEU W 67 -28.54 -12.59 42.58
N SER W 68 -28.92 -13.22 43.68
CA SER W 68 -28.57 -12.71 45.00
C SER W 68 -27.09 -12.80 45.31
N ASN W 69 -26.63 -11.98 46.25
CA ASN W 69 -25.23 -12.02 46.65
C ASN W 69 -24.97 -13.27 47.49
N ASP W 70 -25.99 -13.77 48.17
CA ASP W 70 -25.83 -14.99 48.94
C ASP W 70 -25.60 -16.13 47.99
N PRO W 71 -24.46 -16.79 48.11
CA PRO W 71 -24.14 -17.85 47.16
C PRO W 71 -25.16 -18.99 47.17
N LEU W 72 -25.63 -19.38 48.34
CA LEU W 72 -26.57 -20.50 48.42
C LEU W 72 -27.94 -20.15 47.86
N LYS W 73 -28.37 -18.91 48.01
CA LYS W 73 -29.63 -18.49 47.42
C LYS W 73 -29.53 -18.45 45.93
N ALA W 74 -28.38 -17.97 45.43
CA ALA W 74 -28.19 -17.86 44.00
C ALA W 74 -28.34 -19.19 43.29
N MET W 75 -27.82 -20.25 43.89
CA MET W 75 -27.88 -21.56 43.24
C MET W 75 -29.31 -21.93 42.97
N VAL W 76 -30.20 -21.65 43.91
CA VAL W 76 -31.60 -21.97 43.74
C VAL W 76 -32.16 -21.14 42.60
N GLU W 77 -31.71 -19.90 42.48
CA GLU W 77 -32.23 -19.01 41.44
C GLU W 77 -31.75 -19.38 40.04
N LEU W 78 -30.64 -20.10 39.94
CA LEU W 78 -30.09 -20.47 38.64
C LEU W 78 -31.01 -21.43 37.90
N PRO W 79 -31.30 -21.17 36.62
CA PRO W 79 -32.11 -22.12 35.87
C PRO W 79 -31.46 -23.48 35.78
N ALA W 80 -32.26 -24.54 35.67
CA ALA W 80 -31.72 -25.89 35.62
C ALA W 80 -30.84 -26.10 34.41
N VAL W 81 -31.17 -25.45 33.31
CA VAL W 81 -30.39 -25.59 32.09
C VAL W 81 -28.94 -25.27 32.39
N GLY W 82 -28.72 -24.28 33.25
CA GLY W 82 -27.37 -23.92 33.62
C GLY W 82 -26.69 -25.04 34.39
N TRP W 83 -27.42 -25.65 35.31
CA TRP W 83 -26.85 -26.72 36.12
C TRP W 83 -26.56 -27.95 35.29
N LEU W 84 -27.46 -28.29 34.39
CA LEU W 84 -27.28 -29.47 33.56
C LEU W 84 -25.99 -29.36 32.76
N GLN W 85 -25.77 -28.20 32.15
CA GLN W 85 -24.56 -27.99 31.38
C GLN W 85 -23.35 -28.22 32.25
N PHE W 86 -23.40 -27.72 33.48
CA PHE W 86 -22.28 -27.86 34.39
C PHE W 86 -21.96 -29.32 34.64
N VAL W 87 -22.96 -30.08 35.04
CA VAL W 87 -22.73 -31.49 35.36
C VAL W 87 -22.24 -32.25 34.15
N LEU W 88 -22.89 -32.05 33.00
CA LEU W 88 -22.52 -32.77 31.80
C LEU W 88 -21.10 -32.42 31.35
N GLY W 89 -20.75 -31.14 31.43
CA GLY W 89 -19.43 -30.72 31.03
C GLY W 89 -18.37 -31.34 31.90
N CYS W 90 -18.58 -31.32 33.20
CA CYS W 90 -17.63 -31.91 34.12
C CYS W 90 -17.55 -33.40 33.86
N GLY W 91 -18.68 -34.01 33.54
CA GLY W 91 -18.70 -35.42 33.23
C GLY W 91 -17.82 -35.75 32.05
N ALA W 92 -17.84 -34.88 31.05
CA ALA W 92 -17.02 -35.09 29.87
C ALA W 92 -15.56 -35.13 30.24
N ILE W 93 -15.14 -34.15 31.04
CA ILE W 93 -13.74 -34.09 31.44
C ILE W 93 -13.39 -35.32 32.23
N GLU W 94 -14.33 -35.80 33.03
CA GLU W 94 -14.08 -37.00 33.81
C GLU W 94 -13.78 -38.18 32.91
N TRP W 95 -14.48 -38.27 31.78
CA TRP W 95 -14.24 -39.36 30.85
C TRP W 95 -12.83 -39.27 30.31
N LEU W 96 -12.42 -38.08 29.88
CA LEU W 96 -11.08 -37.92 29.33
C LEU W 96 -10.06 -38.29 30.38
N GLY W 97 -10.33 -37.91 31.62
CA GLY W 97 -9.41 -38.23 32.70
C GLY W 97 -9.22 -39.72 32.83
N GLN W 98 -10.30 -40.46 32.66
CA GLN W 98 -10.22 -41.91 32.77
C GLN W 98 -9.30 -42.45 31.71
N GLN W 99 -9.35 -41.88 30.52
CA GLN W 99 -8.45 -42.30 29.46
C GLN W 99 -7.00 -42.09 29.87
N ILE W 100 -6.71 -40.91 30.42
CA ILE W 100 -5.36 -40.61 30.85
C ILE W 100 -4.90 -41.57 31.93
N LYS W 101 -5.80 -41.92 32.83
CA LYS W 101 -5.45 -42.80 33.93
C LYS W 101 -5.01 -44.16 33.42
N GLU W 102 -5.72 -44.66 32.41
CA GLU W 102 -5.41 -45.96 31.87
C GLU W 102 -4.02 -46.01 31.25
N ARG W 103 -3.61 -44.90 30.62
CA ARG W 103 -2.31 -44.87 29.97
C ARG W 103 -1.22 -45.22 30.96
N PRO W 104 -0.24 -46.03 30.54
CA PRO W 104 0.84 -46.44 31.43
C PRO W 104 1.67 -45.26 31.94
N GLY W 105 2.10 -45.33 33.20
CA GLY W 105 2.92 -44.27 33.76
C GLY W 105 2.13 -43.17 34.43
N TYR W 106 0.84 -43.39 34.63
CA TYR W 106 -0.01 -42.36 35.21
C TYR W 106 0.36 -42.07 36.65
N VAL W 107 0.57 -40.80 36.98
CA VAL W 107 0.84 -40.44 38.36
C VAL W 107 -0.45 -39.88 38.92
N PRO W 108 -0.95 -40.48 40.00
CA PRO W 108 -2.24 -40.06 40.53
C PRO W 108 -2.38 -38.56 40.62
N GLY W 109 -3.39 -38.00 39.96
CA GLY W 109 -3.64 -36.57 40.02
C GLY W 109 -3.12 -35.76 38.85
N ASP W 110 -2.23 -36.33 38.06
CA ASP W 110 -1.63 -35.59 36.94
C ASP W 110 -2.45 -35.74 35.69
N LEU W 111 -3.10 -34.66 35.26
CA LEU W 111 -3.90 -34.69 34.05
C LEU W 111 -3.18 -33.95 32.93
N LEU W 112 -2.18 -33.16 33.28
CA LEU W 112 -1.41 -32.45 32.27
C LEU W 112 -0.29 -33.33 31.77
N GLY W 113 -0.03 -34.41 32.48
CA GLY W 113 1.04 -35.31 32.09
C GLY W 113 2.41 -34.70 32.31
N ALA W 114 2.58 -33.99 33.42
CA ALA W 114 3.85 -33.32 33.71
C ALA W 114 4.96 -34.33 33.91
N SER W 115 4.61 -35.59 34.08
CA SER W 115 5.60 -36.62 34.26
C SER W 115 6.51 -36.69 33.05
N TYR W 116 6.00 -36.27 31.90
CA TYR W 116 6.78 -36.31 30.68
C TYR W 116 8.03 -35.44 30.77
N TRP W 117 7.95 -34.34 31.51
CA TRP W 117 9.07 -33.42 31.59
C TRP W 117 9.77 -33.44 32.94
N VAL W 118 9.02 -33.56 34.01
CA VAL W 118 9.63 -33.48 35.34
C VAL W 118 9.32 -34.69 36.21
N ASP W 119 10.21 -35.03 37.12
CA ASP W 119 9.96 -36.13 38.04
C ASP W 119 10.03 -35.61 39.46
N ASN W 120 9.79 -36.47 40.43
CA ASN W 120 9.79 -36.03 41.83
C ASN W 120 11.20 -35.85 42.36
N SER W 121 12.20 -36.14 41.54
CA SER W 121 13.57 -35.91 41.95
C SER W 121 13.76 -34.42 42.17
N ASP W 122 13.16 -33.62 41.30
CA ASP W 122 13.27 -32.17 41.44
C ASP W 122 12.56 -31.70 42.69
N GLU W 123 13.27 -31.00 43.56
CA GLU W 123 12.68 -30.50 44.80
C GLU W 123 11.69 -29.38 44.53
N GLY W 124 11.98 -28.55 43.54
CA GLY W 124 11.07 -27.49 43.21
C GLY W 124 9.72 -28.06 42.85
N TRP W 125 9.72 -29.13 42.05
CA TRP W 125 8.47 -29.73 41.63
C TRP W 125 7.71 -30.26 42.83
N VAL W 126 8.38 -31.00 43.70
CA VAL W 126 7.69 -31.58 44.83
C VAL W 126 7.15 -30.48 45.73
N MET W 127 7.92 -29.41 45.89
CA MET W 127 7.51 -28.32 46.75
C MET W 127 6.25 -27.65 46.24
N TYR W 128 6.21 -27.35 44.94
CA TYR W 128 5.06 -26.67 44.39
C TYR W 128 3.85 -27.56 44.50
N GLN W 129 4.05 -28.86 44.31
CA GLN W 129 2.95 -29.81 44.43
C GLN W 129 2.44 -29.78 45.84
N ASN W 130 3.35 -29.68 46.80
CA ASN W 130 2.95 -29.63 48.20
C ASN W 130 2.08 -28.41 48.48
N LYS W 131 2.42 -27.30 47.85
CA LYS W 131 1.64 -26.08 48.04
C LYS W 131 0.20 -26.28 47.57
N GLU W 132 0.03 -26.93 46.43
CA GLU W 132 -1.33 -27.19 45.95
C GLU W 132 -2.07 -28.03 46.98
N LEU W 133 -1.44 -29.09 47.45
CA LEU W 133 -2.09 -29.97 48.41
C LEU W 133 -2.42 -29.23 49.69
N ASN W 134 -1.46 -28.48 50.23
CA ASN W 134 -1.69 -27.81 51.50
C ASN W 134 -2.81 -26.79 51.39
N ASN W 135 -2.81 -26.02 50.32
CA ASN W 135 -3.85 -25.01 50.15
C ASN W 135 -5.18 -25.69 49.92
N GLY W 136 -5.15 -26.83 49.25
CA GLY W 136 -6.38 -27.57 49.00
C GLY W 136 -6.95 -28.13 50.28
N ARG W 137 -6.09 -28.64 51.14
CA ARG W 137 -6.54 -29.17 52.40
C ARG W 137 -7.21 -28.08 53.19
N LEU W 138 -6.59 -26.90 53.23
CA LEU W 138 -7.16 -25.79 53.96
C LEU W 138 -8.48 -25.38 53.35
N ALA W 139 -8.54 -25.32 52.03
CA ALA W 139 -9.74 -24.90 51.35
C ALA W 139 -10.91 -25.82 51.65
N MET W 140 -10.63 -27.11 51.72
CA MET W 140 -11.69 -28.07 52.00
C MET W 140 -12.35 -27.71 53.32
N LEU W 141 -11.54 -27.51 54.35
CA LEU W 141 -12.08 -27.17 55.65
C LEU W 141 -12.83 -25.86 55.59
N ALA W 142 -12.30 -24.89 54.86
CA ALA W 142 -12.91 -23.57 54.78
C ALA W 142 -14.30 -23.61 54.16
N ILE W 143 -14.45 -24.30 53.04
CA ILE W 143 -15.74 -24.33 52.37
C ILE W 143 -16.76 -24.95 53.28
N VAL W 144 -16.34 -25.94 54.06
CA VAL W 144 -17.26 -26.55 55.01
C VAL W 144 -17.61 -25.56 56.12
N GLY W 145 -16.64 -24.76 56.56
CA GLY W 145 -16.91 -23.78 57.58
C GLY W 145 -17.84 -22.70 57.09
N MET W 146 -17.60 -22.20 55.88
CA MET W 146 -18.41 -21.11 55.35
C MET W 146 -19.87 -21.50 55.20
N VAL W 147 -20.12 -22.70 54.71
CA VAL W 147 -21.49 -23.17 54.55
C VAL W 147 -22.20 -23.17 55.89
N TYR W 148 -21.52 -23.63 56.92
CA TYR W 148 -22.12 -23.62 58.25
C TYR W 148 -22.52 -22.21 58.62
N GLN W 149 -21.63 -21.27 58.43
CA GLN W 149 -21.91 -19.88 58.78
C GLN W 149 -23.13 -19.37 58.03
N ASP W 150 -23.21 -19.66 56.73
CA ASP W 150 -24.31 -19.16 55.92
C ASP W 150 -25.62 -19.84 56.27
N VAL W 151 -25.57 -21.12 56.60
CA VAL W 151 -26.80 -21.86 56.85
C VAL W 151 -27.27 -21.77 58.29
N PHE W 152 -26.34 -21.64 59.23
CA PHE W 152 -26.72 -21.62 60.64
C PHE W 152 -26.48 -20.25 61.29
N VAL W 153 -25.25 -19.77 61.25
CA VAL W 153 -24.94 -18.46 61.81
C VAL W 153 -25.72 -17.38 61.09
N GLY W 154 -25.86 -17.51 59.78
CA GLY W 154 -26.64 -16.55 59.02
C GLY W 154 -25.88 -15.51 58.22
N ASP W 155 -24.56 -15.64 58.14
CA ASP W 155 -23.75 -14.70 57.39
C ASP W 155 -22.98 -15.38 56.27
N TYR W 156 -22.73 -14.66 55.19
CA TYR W 156 -21.95 -15.23 54.09
C TYR W 156 -20.77 -14.35 53.74
N GLY W 157 -20.20 -13.68 54.74
CA GLY W 157 -19.05 -12.83 54.52
C GLY W 157 -18.02 -13.06 55.60
N ASP W 158 -16.85 -12.45 55.46
CA ASP W 158 -15.78 -12.69 56.43
C ASP W 158 -16.16 -12.14 57.79
N MET W 159 -16.10 -12.98 58.81
CA MET W 159 -16.40 -12.54 60.15
C MET W 159 -15.12 -12.59 60.95
N MET W 160 -14.00 -12.68 60.27
CA MET W 160 -12.72 -12.78 60.95
C MET W 160 -11.83 -11.57 60.70
N TYR W 161 -11.59 -11.23 59.45
CA TYR W 161 -10.71 -10.11 59.14
C TYR W 161 -11.49 -8.85 58.77
N LYS W 162 -12.80 -8.94 58.82
CA LYS W 162 -13.63 -7.81 58.41
C LYS W 162 -13.39 -6.62 59.31
N GLN W 163 -13.15 -6.87 60.59
CA GLN W 163 -12.89 -5.79 61.53
C GLN W 163 -11.49 -5.25 61.34
N LEU W 164 -11.20 -4.77 60.14
CA LEU W 164 -9.88 -4.22 59.85
C LEU W 164 -8.84 -4.60 60.89
N ALA X 1 4.02 -30.40 -22.68
CA ALA X 1 4.03 -30.54 -21.23
C ALA X 1 2.92 -31.45 -20.76
N THR X 2 2.96 -31.84 -19.50
CA THR X 2 1.94 -32.72 -18.96
C THR X 2 1.18 -32.04 -17.84
N LYS X 3 1.42 -30.75 -17.64
CA LYS X 3 0.73 -30.01 -16.61
C LYS X 3 -0.11 -28.90 -17.22
N PHE X 4 -0.55 -27.95 -16.40
CA PHE X 4 -1.44 -26.91 -16.91
C PHE X 4 -0.85 -26.11 -18.06
N PRO X 5 0.38 -25.59 -17.90
CA PRO X 5 0.85 -24.83 -19.05
C PRO X 5 1.40 -25.76 -20.09
N LYS X 6 0.52 -26.36 -20.89
CA LYS X 6 0.95 -27.31 -21.91
C LYS X 6 1.89 -26.66 -22.90
N PHE X 7 1.80 -25.36 -23.04
CA PHE X 7 2.63 -24.65 -24.00
C PHE X 7 3.99 -24.26 -23.43
N SER X 8 4.25 -24.62 -22.18
CA SER X 8 5.52 -24.28 -21.56
C SER X 8 6.00 -25.34 -20.59
N GLN X 9 7.07 -26.05 -20.95
CA GLN X 9 7.62 -27.04 -20.05
C GLN X 9 8.20 -26.37 -18.81
N ALA X 10 8.81 -25.22 -18.99
CA ALA X 10 9.43 -24.53 -17.88
C ALA X 10 8.42 -24.27 -16.77
N LEU X 11 7.30 -23.68 -17.12
CA LEU X 11 6.27 -23.40 -16.14
C LEU X 11 5.63 -24.69 -15.65
N ALA X 12 5.47 -25.64 -16.56
CA ALA X 12 4.82 -26.91 -16.20
C ALA X 12 5.60 -27.65 -15.13
N GLN X 13 6.92 -27.65 -15.23
CA GLN X 13 7.74 -28.36 -14.26
C GLN X 13 7.98 -27.56 -12.98
N ASP X 14 7.27 -26.46 -12.80
CA ASP X 14 7.43 -25.62 -11.61
C ASP X 14 6.66 -26.22 -10.44
N PRO X 15 7.30 -26.30 -9.28
CA PRO X 15 6.66 -26.94 -8.13
C PRO X 15 5.79 -26.01 -7.31
N ALA X 16 5.58 -24.77 -7.76
CA ALA X 16 4.84 -23.81 -6.95
C ALA X 16 3.55 -23.33 -7.58
N THR X 17 2.90 -22.35 -6.95
CA THR X 17 1.64 -21.83 -7.46
C THR X 17 1.86 -20.93 -8.66
N ARG X 18 3.11 -20.55 -8.92
CA ARG X 18 3.41 -19.70 -10.07
C ARG X 18 2.98 -20.38 -11.35
N ARG X 19 3.07 -21.70 -11.38
CA ARG X 19 2.71 -22.43 -12.58
C ARG X 19 1.33 -22.03 -13.02
N ILE X 20 0.40 -21.95 -12.08
CA ILE X 20 -0.96 -21.59 -12.41
C ILE X 20 -1.08 -20.12 -12.80
N TRP X 21 -0.49 -19.24 -12.01
CA TRP X 21 -0.62 -17.81 -12.29
C TRP X 21 -0.05 -17.45 -13.66
N TYR X 22 1.18 -17.88 -13.94
CA TYR X 22 1.82 -17.51 -15.20
C TYR X 22 1.18 -18.15 -16.41
N GLY X 23 0.75 -19.40 -16.29
CA GLY X 23 0.12 -20.07 -17.40
C GLY X 23 -1.06 -19.31 -17.92
N ILE X 24 -1.83 -18.71 -17.02
CA ILE X 24 -3.00 -17.94 -17.41
C ILE X 24 -2.62 -16.66 -18.13
N ALA X 25 -1.56 -15.99 -17.68
CA ALA X 25 -1.18 -14.72 -18.27
C ALA X 25 -0.23 -14.83 -19.45
N THR X 26 0.21 -16.04 -19.76
CA THR X 26 1.08 -16.23 -20.90
C THR X 26 0.37 -17.06 -21.94
N ALA X 27 -0.94 -17.17 -21.82
CA ALA X 27 -1.71 -18.02 -22.73
C ALA X 27 -1.82 -17.48 -24.13
N HIS X 28 -1.94 -16.16 -24.29
CA HIS X 28 -2.17 -15.60 -25.62
C HIS X 28 -0.90 -15.09 -26.29
N ASP X 29 0.26 -15.35 -25.70
CA ASP X 29 1.50 -14.97 -26.36
C ASP X 29 1.89 -16.16 -27.20
N LEU X 30 1.10 -16.45 -28.23
CA LEU X 30 1.35 -17.64 -29.03
C LEU X 30 2.76 -17.72 -29.61
N GLU X 31 3.39 -16.57 -29.82
CA GLU X 31 4.72 -16.57 -30.45
C GLU X 31 5.78 -17.22 -29.57
N ALA X 32 5.57 -17.24 -28.27
CA ALA X 32 6.58 -17.77 -27.35
C ALA X 32 6.29 -19.18 -26.89
N HIS X 33 5.19 -19.76 -27.36
CA HIS X 33 4.82 -21.10 -26.93
C HIS X 33 5.84 -22.12 -27.42
N ASP X 34 5.99 -23.20 -26.68
CA ASP X 34 6.93 -24.25 -27.08
C ASP X 34 6.55 -24.82 -28.43
N GLY X 35 7.51 -24.92 -29.34
CA GLY X 35 7.26 -25.49 -30.65
C GLY X 35 6.25 -24.76 -31.50
N MET X 36 6.49 -23.47 -31.76
CA MET X 36 5.58 -22.69 -32.58
C MET X 36 6.21 -22.33 -33.90
N THR X 37 5.58 -22.71 -34.99
CA THR X 37 6.09 -22.35 -36.30
C THR X 37 5.31 -21.14 -36.78
N GLU X 38 5.89 -20.35 -37.68
CA GLU X 38 5.22 -19.13 -38.12
C GLU X 38 3.87 -19.43 -38.76
N GLU X 39 3.80 -20.50 -39.54
CA GLU X 39 2.56 -20.84 -40.22
C GLU X 39 1.46 -21.12 -39.21
N ASN X 40 1.77 -21.90 -38.20
CA ASN X 40 0.76 -22.23 -37.19
C ASN X 40 0.33 -20.97 -36.48
N LEU X 41 1.28 -20.09 -36.20
CA LEU X 41 0.96 -18.88 -35.48
C LEU X 41 -0.10 -18.10 -36.21
N TYR X 42 0.13 -17.85 -37.49
CA TYR X 42 -0.81 -17.07 -38.26
C TYR X 42 -2.16 -17.75 -38.30
N GLN X 43 -2.17 -19.05 -38.49
CA GLN X 43 -3.43 -19.77 -38.61
C GLN X 43 -4.24 -19.70 -37.33
N LYS X 44 -3.59 -19.88 -36.19
CA LYS X 44 -4.29 -19.80 -34.92
C LYS X 44 -4.80 -18.40 -34.65
N ILE X 45 -4.01 -17.38 -34.98
CA ILE X 45 -4.45 -16.01 -34.79
C ILE X 45 -5.68 -15.72 -35.63
N PHE X 46 -5.68 -16.20 -36.87
CA PHE X 46 -6.82 -15.95 -37.74
C PHE X 46 -8.07 -16.53 -37.14
N ALA X 47 -7.98 -17.74 -36.63
CA ALA X 47 -9.15 -18.39 -36.04
C ALA X 47 -9.60 -17.66 -34.78
N SER X 48 -8.65 -17.21 -33.97
CA SER X 48 -8.99 -16.49 -32.76
C SER X 48 -9.76 -15.24 -33.10
N HIS X 49 -9.42 -14.60 -34.20
CA HIS X 49 -10.13 -13.39 -34.61
C HIS X 49 -11.59 -13.69 -34.90
N PHE X 50 -11.87 -14.82 -35.52
CA PHE X 50 -13.26 -15.19 -35.78
C PHE X 50 -14.03 -15.26 -34.49
N GLY X 51 -13.43 -15.85 -33.45
CA GLY X 51 -14.08 -15.92 -32.16
C GLY X 51 -14.38 -14.57 -31.56
N HIS X 52 -13.43 -13.64 -31.66
CA HIS X 52 -13.65 -12.31 -31.14
C HIS X 52 -14.82 -11.65 -31.84
N LEU X 53 -14.87 -11.79 -33.16
CA LEU X 53 -15.96 -11.21 -33.93
C LEU X 53 -17.29 -11.76 -33.42
N ALA X 54 -17.34 -13.07 -33.17
CA ALA X 54 -18.56 -13.68 -32.70
C ALA X 54 -19.00 -13.10 -31.37
N ILE X 55 -18.06 -12.90 -30.46
CA ILE X 55 -18.38 -12.32 -29.18
C ILE X 55 -18.99 -10.95 -29.34
N ILE X 56 -18.43 -10.15 -30.24
CA ILE X 56 -18.94 -8.81 -30.46
C ILE X 56 -20.39 -8.86 -30.93
N PHE X 57 -20.69 -9.76 -31.84
CA PHE X 57 -22.05 -9.87 -32.36
C PHE X 57 -23.02 -10.40 -31.32
N LEU X 58 -22.57 -11.34 -30.49
CA LEU X 58 -23.43 -11.84 -29.43
C LEU X 58 -23.76 -10.71 -28.47
N TRP X 59 -22.78 -9.86 -28.19
CA TRP X 59 -23.01 -8.72 -27.32
C TRP X 59 -24.08 -7.80 -27.87
N THR X 60 -23.97 -7.47 -29.15
CA THR X 60 -24.95 -6.60 -29.78
C THR X 60 -26.33 -7.25 -29.76
N SER X 61 -26.37 -8.55 -30.02
CA SER X 61 -27.64 -9.26 -30.03
C SER X 61 -28.32 -9.14 -28.68
N GLY X 62 -27.55 -9.24 -27.62
CA GLY X 62 -28.13 -9.17 -26.28
C GLY X 62 -28.78 -7.85 -25.98
N ASN X 63 -28.15 -6.76 -26.39
CA ASN X 63 -28.69 -5.44 -26.14
C ASN X 63 -30.05 -5.30 -26.81
N LEU X 64 -30.12 -5.72 -28.07
CA LEU X 64 -31.37 -5.65 -28.80
C LEU X 64 -32.41 -6.50 -28.11
N PHE X 65 -32.04 -7.73 -27.76
CA PHE X 65 -33.00 -8.63 -27.14
C PHE X 65 -33.54 -8.09 -25.83
N HIS X 66 -32.66 -7.63 -24.96
CA HIS X 66 -33.12 -7.17 -23.65
C HIS X 66 -33.93 -5.89 -23.75
N VAL X 67 -33.54 -4.99 -24.64
CA VAL X 67 -34.33 -3.78 -24.83
C VAL X 67 -35.71 -4.14 -25.36
N ALA X 68 -35.77 -5.09 -26.28
CA ALA X 68 -37.04 -5.50 -26.87
C ALA X 68 -37.91 -6.26 -25.89
N TRP X 69 -37.32 -7.08 -25.04
CA TRP X 69 -38.10 -7.91 -24.14
C TRP X 69 -38.41 -7.25 -22.81
N GLN X 70 -37.55 -6.33 -22.38
CA GLN X 70 -37.73 -5.73 -21.07
C GLN X 70 -37.64 -4.21 -21.08
N GLY X 71 -37.69 -3.60 -22.25
CA GLY X 71 -37.51 -2.15 -22.34
C GLY X 71 -38.74 -1.32 -22.64
N ASN X 72 -38.54 -0.05 -22.94
CA ASN X 72 -39.66 0.85 -23.22
C ASN X 72 -39.39 1.62 -24.50
N PHE X 73 -38.85 0.95 -25.50
CA PHE X 73 -38.49 1.63 -26.74
C PHE X 73 -39.68 2.26 -27.42
N GLU X 74 -40.78 1.52 -27.53
CA GLU X 74 -41.93 2.03 -28.24
C GLU X 74 -42.53 3.25 -27.55
N LYS X 75 -42.60 3.20 -26.22
CA LYS X 75 -43.10 4.35 -25.48
C LYS X 75 -42.16 5.53 -25.67
N TRP X 76 -40.86 5.26 -25.63
CA TRP X 76 -39.88 6.32 -25.81
C TRP X 76 -40.06 6.93 -27.19
N VAL X 77 -40.29 6.09 -28.19
CA VAL X 77 -40.48 6.59 -29.54
C VAL X 77 -41.64 7.57 -29.57
N SER X 78 -42.70 7.26 -28.83
CA SER X 78 -43.86 8.13 -28.80
C SER X 78 -43.58 9.45 -28.10
N ASN X 79 -42.91 9.40 -26.95
CA ASN X 79 -42.56 10.63 -26.23
C ASN X 79 -41.09 10.61 -25.86
N PRO X 80 -40.22 10.94 -26.82
CA PRO X 80 -38.78 10.85 -26.58
C PRO X 80 -38.23 11.73 -25.48
N LEU X 81 -38.77 12.92 -25.28
CA LEU X 81 -38.21 13.85 -24.30
C LEU X 81 -38.85 13.78 -22.91
N LYS X 82 -39.68 12.77 -22.67
CA LYS X 82 -40.34 12.62 -21.38
C LYS X 82 -40.30 11.20 -20.84
N THR X 83 -39.48 10.35 -21.45
CA THR X 83 -39.39 8.96 -21.02
C THR X 83 -37.94 8.56 -20.80
N ARG X 84 -37.67 7.84 -19.72
CA ARG X 84 -36.31 7.38 -19.46
C ARG X 84 -36.09 6.00 -20.06
N PRO X 85 -35.09 5.87 -20.92
CA PRO X 85 -34.83 4.59 -21.59
C PRO X 85 -34.47 3.47 -20.62
N ILE X 86 -34.99 2.27 -20.85
CA ILE X 86 -34.69 1.14 -19.97
C ILE X 86 -33.69 0.20 -20.62
N ALA X 87 -32.72 -0.26 -19.85
CA ALA X 87 -31.74 -1.21 -20.35
C ALA X 87 -32.23 -2.63 -20.14
N HIS X 88 -32.17 -3.10 -18.91
CA HIS X 88 -32.62 -4.45 -18.60
C HIS X 88 -33.32 -4.47 -17.25
N SER X 89 -33.99 -5.58 -16.95
CA SER X 89 -34.68 -5.70 -15.68
C SER X 89 -33.76 -6.17 -14.59
N ILE X 90 -34.22 -6.11 -13.35
CA ILE X 90 -33.40 -6.51 -12.23
C ILE X 90 -34.03 -7.60 -11.41
N TRP X 91 -33.32 -8.70 -11.18
CA TRP X 91 -33.83 -9.74 -10.31
C TRP X 91 -32.75 -10.10 -9.32
N ASP X 92 -32.69 -9.37 -8.21
CA ASP X 92 -31.69 -9.65 -7.19
C ASP X 92 -32.40 -10.14 -5.95
N PRO X 93 -32.10 -11.36 -5.53
CA PRO X 93 -32.77 -11.94 -4.36
C PRO X 93 -32.34 -11.27 -3.07
N HIS X 94 -31.35 -10.38 -3.12
CA HIS X 94 -30.86 -9.74 -1.92
C HIS X 94 -31.52 -8.41 -1.67
N PHE X 95 -32.36 -7.97 -2.60
CA PHE X 95 -32.99 -6.67 -2.48
C PHE X 95 -34.05 -6.65 -1.41
N GLY X 96 -34.26 -5.50 -0.79
CA GLY X 96 -35.30 -5.37 0.21
C GLY X 96 -36.51 -4.76 -0.47
N GLU X 97 -37.67 -4.86 0.14
CA GLU X 97 -38.88 -4.36 -0.48
C GLU X 97 -38.72 -2.90 -0.89
N SER X 98 -38.06 -2.12 -0.03
CA SER X 98 -37.87 -0.72 -0.34
C SER X 98 -37.12 -0.56 -1.64
N ALA X 99 -36.07 -1.35 -1.81
CA ALA X 99 -35.27 -1.27 -3.02
C ALA X 99 -36.09 -1.61 -4.24
N LEU X 100 -36.97 -2.59 -4.12
CA LEU X 100 -37.80 -3.00 -5.23
C LEU X 100 -38.65 -1.83 -5.68
N LYS X 101 -39.14 -1.05 -4.73
CA LYS X 101 -39.95 0.11 -5.06
C LYS X 101 -39.13 1.23 -5.67
N ALA X 102 -37.96 1.50 -5.10
CA ALA X 102 -37.13 2.60 -5.58
C ALA X 102 -36.67 2.40 -6.99
N PHE X 103 -36.21 1.20 -7.31
CA PHE X 103 -35.71 0.92 -8.64
C PHE X 103 -36.83 0.68 -9.62
N SER X 104 -38.05 0.57 -9.12
CA SER X 104 -39.21 0.35 -9.98
C SER X 104 -39.95 1.64 -10.22
N LYS X 105 -39.35 2.75 -9.84
CA LYS X 105 -40.00 4.05 -10.02
C LYS X 105 -40.22 4.36 -11.49
N GLY X 106 -41.41 4.85 -11.82
CA GLY X 106 -41.72 5.19 -13.20
C GLY X 106 -42.16 4.00 -14.01
N ASN X 107 -42.01 2.80 -13.47
CA ASN X 107 -42.38 1.60 -14.17
C ASN X 107 -43.12 0.67 -13.22
N THR X 108 -43.32 -0.58 -13.63
CA THR X 108 -44.03 -1.52 -12.78
C THR X 108 -43.10 -2.62 -12.27
N TYR X 109 -41.85 -2.56 -12.66
CA TYR X 109 -40.88 -3.57 -12.23
C TYR X 109 -39.51 -2.95 -12.07
N PRO X 110 -38.69 -3.49 -11.17
CA PRO X 110 -37.35 -2.96 -10.97
C PRO X 110 -36.59 -2.93 -12.27
N VAL X 111 -35.93 -1.83 -12.59
CA VAL X 111 -35.25 -1.71 -13.88
C VAL X 111 -34.03 -0.81 -13.87
N ASN X 112 -33.14 -0.97 -14.84
CA ASN X 112 -31.96 -0.13 -14.96
C ASN X 112 -32.10 0.80 -16.15
N ILE X 113 -31.83 2.09 -15.96
CA ILE X 113 -31.93 3.05 -17.06
C ILE X 113 -30.64 3.05 -17.84
N THR X 114 -30.73 3.03 -19.17
CA THR X 114 -29.54 2.97 -20.01
C THR X 114 -28.93 4.33 -20.30
N PHE X 115 -27.61 4.39 -20.26
CA PHE X 115 -26.93 5.63 -20.58
C PHE X 115 -25.99 5.35 -21.72
N SER X 116 -26.36 4.43 -22.61
CA SER X 116 -25.50 4.06 -23.71
C SER X 116 -25.89 4.72 -25.03
N GLY X 117 -27.08 5.29 -25.09
CA GLY X 117 -27.50 6.02 -26.28
C GLY X 117 -28.06 5.15 -27.39
N LEU X 118 -28.31 3.89 -27.10
CA LEU X 118 -28.81 2.97 -28.10
C LEU X 118 -30.17 3.41 -28.62
N TYR X 119 -31.03 3.91 -27.75
CA TYR X 119 -32.38 4.30 -28.17
C TYR X 119 -32.32 5.37 -29.24
N GLN X 120 -31.52 6.40 -29.04
CA GLN X 120 -31.42 7.48 -30.01
C GLN X 120 -30.86 6.98 -31.33
N TRP X 121 -29.84 6.15 -31.27
CA TRP X 121 -29.22 5.63 -32.48
C TRP X 121 -30.21 4.80 -33.26
N TRP X 122 -30.92 3.90 -32.58
CA TRP X 122 -31.88 3.05 -33.26
C TRP X 122 -33.04 3.85 -33.79
N TYR X 123 -33.47 4.86 -33.04
CA TYR X 123 -34.56 5.70 -33.48
C TYR X 123 -34.17 6.41 -34.75
N THR X 124 -32.94 6.91 -34.80
CA THR X 124 -32.48 7.64 -35.97
C THR X 124 -32.35 6.72 -37.18
N ILE X 125 -31.81 5.53 -36.98
CA ILE X 125 -31.58 4.62 -38.11
C ILE X 125 -32.86 3.98 -38.65
N GLY X 126 -33.97 4.10 -37.95
CA GLY X 126 -35.22 3.59 -38.48
C GLY X 126 -36.09 2.68 -37.63
N PHE X 127 -35.54 2.14 -36.55
CA PHE X 127 -36.29 1.22 -35.71
C PHE X 127 -37.46 1.93 -35.06
N ARG X 128 -38.64 1.32 -35.11
CA ARG X 128 -39.82 1.93 -34.52
C ARG X 128 -40.61 0.97 -33.64
N THR X 129 -40.41 -0.32 -33.82
CA THR X 129 -41.17 -1.31 -33.04
C THR X 129 -40.27 -2.35 -32.38
N ASN X 130 -40.76 -2.97 -31.32
CA ASN X 130 -39.98 -3.97 -30.60
C ASN X 130 -39.75 -5.22 -31.45
N GLN X 131 -40.73 -5.59 -32.25
CA GLN X 131 -40.58 -6.76 -33.09
C GLN X 131 -39.40 -6.61 -34.04
N GLU X 132 -39.19 -5.39 -34.53
CA GLU X 132 -38.05 -5.15 -35.41
C GLU X 132 -36.74 -5.43 -34.69
N LEU X 133 -36.63 -4.95 -33.45
CA LEU X 133 -35.42 -5.17 -32.68
C LEU X 133 -35.19 -6.65 -32.49
N TYR X 134 -36.25 -7.41 -32.26
CA TYR X 134 -36.13 -8.84 -32.06
C TYR X 134 -35.52 -9.52 -33.27
N LYS X 135 -36.00 -9.16 -34.45
CA LYS X 135 -35.49 -9.78 -35.66
C LYS X 135 -34.00 -9.56 -35.74
N GLY X 136 -33.56 -8.35 -35.43
CA GLY X 136 -32.15 -8.05 -35.50
C GLY X 136 -31.34 -8.94 -34.59
N SER X 137 -31.80 -9.12 -33.36
CA SER X 137 -31.08 -9.94 -32.41
C SER X 137 -30.96 -11.37 -32.92
N ILE X 138 -32.04 -11.91 -33.44
CA ILE X 138 -32.02 -13.27 -33.94
C ILE X 138 -31.02 -13.41 -35.06
N GLY X 139 -31.01 -12.44 -35.97
CA GLY X 139 -30.09 -12.49 -37.08
C GLY X 139 -28.65 -12.50 -36.63
N LEU X 140 -28.33 -11.66 -35.67
CA LEU X 140 -26.96 -11.58 -35.19
C LEU X 140 -26.54 -12.86 -34.49
N LEU X 141 -27.47 -13.52 -33.80
CA LEU X 141 -27.14 -14.79 -33.18
C LEU X 141 -26.75 -15.78 -34.26
N LEU X 142 -27.46 -15.78 -35.36
CA LEU X 142 -27.14 -16.68 -36.45
C LEU X 142 -25.79 -16.36 -37.04
N LEU X 143 -25.50 -15.08 -37.26
CA LEU X 143 -24.22 -14.68 -37.81
C LEU X 143 -23.10 -15.09 -36.90
N ALA X 144 -23.31 -14.99 -35.59
CA ALA X 144 -22.29 -15.38 -34.64
C ALA X 144 -21.96 -16.85 -34.82
N SER X 145 -22.98 -17.68 -34.99
CA SER X 145 -22.75 -19.11 -35.18
C SER X 145 -21.95 -19.34 -36.44
N VAL X 146 -22.26 -18.62 -37.51
CA VAL X 146 -21.55 -18.79 -38.76
C VAL X 146 -20.07 -18.48 -38.57
N LEU X 147 -19.77 -17.44 -37.82
CA LEU X 147 -18.38 -17.07 -37.59
C LEU X 147 -17.64 -18.16 -36.82
N LEU X 148 -18.29 -18.77 -35.84
CA LEU X 148 -17.67 -19.84 -35.09
C LEU X 148 -17.35 -21.01 -35.99
N ILE X 149 -18.25 -21.31 -36.92
CA ILE X 149 -18.00 -22.39 -37.87
C ILE X 149 -16.78 -22.08 -38.71
N ALA X 150 -16.62 -20.82 -39.11
CA ALA X 150 -15.49 -20.44 -39.93
C ALA X 150 -14.18 -20.66 -39.21
N GLY X 151 -14.15 -20.36 -37.92
CA GLY X 151 -12.95 -20.55 -37.14
C GLY X 151 -12.53 -22.01 -37.14
N TRP X 152 -13.48 -22.90 -36.96
CA TRP X 152 -13.19 -24.32 -36.98
C TRP X 152 -12.76 -24.73 -38.37
N LEU X 153 -13.48 -24.26 -39.39
CA LEU X 153 -13.18 -24.66 -40.75
C LEU X 153 -11.76 -24.31 -41.17
N HIS X 154 -11.30 -23.12 -40.84
CA HIS X 154 -9.98 -22.70 -41.31
C HIS X 154 -8.86 -23.24 -40.44
N LEU X 155 -9.19 -24.08 -39.47
CA LEU X 155 -8.15 -24.72 -38.66
C LEU X 155 -8.08 -26.16 -39.08
N GLN X 156 -8.99 -26.58 -39.97
CA GLN X 156 -8.97 -27.95 -40.46
C GLN X 156 -7.83 -28.10 -41.43
N PRO X 157 -7.38 -29.33 -41.66
CA PRO X 157 -6.19 -29.54 -42.49
C PRO X 157 -6.26 -29.00 -43.92
N LYS X 158 -7.38 -29.17 -44.61
CA LYS X 158 -7.44 -28.76 -46.03
C LYS X 158 -7.86 -27.31 -46.23
N PHE X 159 -8.17 -26.60 -45.14
CA PHE X 159 -8.63 -25.23 -45.27
C PHE X 159 -7.73 -24.23 -44.56
N ARG X 160 -6.64 -24.72 -43.97
CA ARG X 160 -5.70 -23.82 -43.31
C ARG X 160 -5.00 -22.98 -44.35
N PRO X 161 -5.10 -21.66 -44.24
CA PRO X 161 -4.48 -20.77 -45.22
C PRO X 161 -2.97 -20.85 -45.15
N SER X 162 -2.30 -20.65 -46.28
CA SER X 162 -0.83 -20.70 -46.31
C SER X 162 -0.22 -19.43 -45.77
N LEU X 163 1.05 -19.48 -45.39
CA LEU X 163 1.73 -18.31 -44.87
C LEU X 163 1.80 -17.22 -45.92
N SER X 164 1.89 -17.60 -47.18
CA SER X 164 1.91 -16.62 -48.26
C SER X 164 0.62 -15.83 -48.33
N TRP X 165 -0.50 -16.51 -48.17
CA TRP X 165 -1.79 -15.84 -48.20
C TRP X 165 -1.82 -14.78 -47.12
N PHE X 166 -1.23 -15.09 -45.99
CA PHE X 166 -1.27 -14.15 -44.87
C PHE X 166 -0.39 -12.94 -45.10
N LYS X 167 0.48 -13.00 -46.10
CA LYS X 167 1.41 -11.91 -46.35
C LYS X 167 1.19 -11.23 -47.70
N ASN X 168 0.03 -11.42 -48.30
CA ASN X 168 -0.26 -10.73 -49.56
C ASN X 168 -0.86 -9.39 -49.21
N ASN X 169 -0.01 -8.39 -49.00
CA ASN X 169 -0.50 -7.08 -48.58
C ASN X 169 -1.36 -6.39 -49.61
N GLU X 170 -0.95 -6.41 -50.86
CA GLU X 170 -1.68 -5.68 -51.89
C GLU X 170 -3.13 -6.10 -51.97
N SER X 171 -3.38 -7.40 -52.09
CA SER X 171 -4.75 -7.86 -52.25
C SER X 171 -5.60 -7.50 -51.05
N ARG X 172 -5.06 -7.66 -49.85
CA ARG X 172 -5.84 -7.39 -48.65
C ARG X 172 -6.20 -5.92 -48.57
N LEU X 173 -5.23 -5.05 -48.79
CA LEU X 173 -5.47 -3.63 -48.72
C LEU X 173 -6.49 -3.20 -49.77
N ASN X 174 -6.33 -3.68 -50.99
CA ASN X 174 -7.28 -3.32 -52.03
C ASN X 174 -8.66 -3.76 -51.60
N HIS X 175 -8.77 -5.01 -51.18
CA HIS X 175 -10.08 -5.53 -50.81
C HIS X 175 -10.65 -4.79 -49.61
N HIS X 176 -9.85 -4.61 -48.57
CA HIS X 176 -10.35 -3.97 -47.36
C HIS X 176 -10.75 -2.52 -47.59
N LEU X 177 -9.97 -1.79 -48.38
CA LEU X 177 -10.29 -0.40 -48.65
C LEU X 177 -11.50 -0.25 -49.56
N SER X 178 -11.56 -1.05 -50.62
CA SER X 178 -12.65 -0.93 -51.58
C SER X 178 -13.92 -1.63 -51.13
N GLY X 179 -13.77 -2.78 -50.52
CA GLY X 179 -14.95 -3.55 -50.12
C GLY X 179 -15.40 -3.40 -48.70
N LEU X 180 -14.48 -3.55 -47.75
CA LEU X 180 -14.86 -3.48 -46.34
C LEU X 180 -15.29 -2.09 -45.96
N LEU X 181 -14.59 -1.08 -46.48
CA LEU X 181 -14.90 0.29 -46.12
C LEU X 181 -15.71 1.01 -47.18
N GLY X 182 -15.36 0.84 -48.44
CA GLY X 182 -16.05 1.52 -49.52
C GLY X 182 -17.44 1.02 -49.83
N PHE X 183 -17.57 -0.26 -50.16
CA PHE X 183 -18.87 -0.81 -50.53
C PHE X 183 -19.80 -0.81 -49.34
N SER X 184 -19.25 -1.02 -48.15
CA SER X 184 -20.08 -1.01 -46.96
C SER X 184 -20.72 0.35 -46.78
N SER X 185 -19.98 1.42 -47.04
CA SER X 185 -20.54 2.75 -46.94
C SER X 185 -21.63 2.95 -47.97
N LEU X 186 -21.43 2.42 -49.17
CA LEU X 186 -22.45 2.53 -50.21
C LEU X 186 -23.69 1.79 -49.76
N ALA X 187 -23.52 0.66 -49.11
CA ALA X 187 -24.66 -0.09 -48.62
C ALA X 187 -25.39 0.71 -47.56
N TRP X 188 -24.64 1.40 -46.71
CA TRP X 188 -25.26 2.19 -45.65
C TRP X 188 -26.09 3.34 -46.19
N THR X 189 -25.57 4.04 -47.19
CA THR X 189 -26.34 5.12 -47.78
C THR X 189 -27.60 4.55 -48.38
N GLY X 190 -27.54 3.30 -48.83
CA GLY X 190 -28.72 2.66 -49.36
C GLY X 190 -29.76 2.52 -48.27
N HIS X 191 -29.33 2.07 -47.11
CA HIS X 191 -30.27 1.91 -45.99
C HIS X 191 -30.84 3.24 -45.59
N LEU X 192 -29.99 4.25 -45.49
CA LEU X 192 -30.45 5.55 -45.05
C LEU X 192 -31.50 6.08 -46.01
N VAL X 193 -31.24 5.95 -47.30
CA VAL X 193 -32.18 6.45 -48.30
C VAL X 193 -33.44 5.63 -48.37
N HIS X 194 -33.34 4.32 -48.21
CA HIS X 194 -34.50 3.46 -48.34
C HIS X 194 -35.31 3.31 -47.07
N VAL X 195 -34.67 3.23 -45.92
CA VAL X 195 -35.40 2.98 -44.68
C VAL X 195 -35.42 4.17 -43.72
N ALA X 196 -34.26 4.67 -43.34
CA ALA X 196 -34.20 5.75 -42.35
C ALA X 196 -34.94 7.02 -42.74
N ILE X 197 -34.56 7.64 -43.85
CA ILE X 197 -35.18 8.90 -44.23
C ILE X 197 -36.70 8.77 -44.39
N PRO X 198 -37.16 7.68 -45.02
CA PRO X 198 -38.61 7.54 -45.09
C PRO X 198 -39.26 7.54 -43.70
N ALA X 199 -38.65 6.85 -42.76
CA ALA X 199 -39.19 6.77 -41.40
C ALA X 199 -39.26 8.13 -40.75
N SER X 200 -38.23 8.95 -40.95
CA SER X 200 -38.21 10.28 -40.36
C SER X 200 -39.38 11.08 -40.85
N ARG X 201 -39.83 10.78 -42.06
CA ARG X 201 -40.92 11.54 -42.65
C ARG X 201 -42.26 10.84 -42.48
N GLY X 202 -42.30 9.78 -41.69
CA GLY X 202 -43.55 9.11 -41.40
C GLY X 202 -43.93 7.88 -42.23
N VAL X 203 -43.08 7.50 -43.17
CA VAL X 203 -43.38 6.35 -44.01
C VAL X 203 -42.66 5.11 -43.52
N HIS X 204 -43.34 3.97 -43.53
CA HIS X 204 -42.72 2.73 -43.10
C HIS X 204 -42.22 1.92 -44.27
N VAL X 205 -40.92 1.73 -44.35
CA VAL X 205 -40.36 0.88 -45.39
C VAL X 205 -39.60 -0.24 -44.72
N GLY X 206 -40.09 -1.46 -44.88
CA GLY X 206 -39.43 -2.61 -44.27
C GLY X 206 -39.24 -3.71 -45.28
N TRP X 207 -38.89 -4.89 -44.80
CA TRP X 207 -38.68 -6.02 -45.70
C TRP X 207 -39.98 -6.37 -46.39
N ASP X 208 -41.09 -5.84 -45.90
CA ASP X 208 -42.38 -6.15 -46.49
C ASP X 208 -42.72 -5.33 -47.73
N ASN X 209 -42.13 -4.14 -47.85
CA ASN X 209 -42.49 -3.27 -48.97
C ASN X 209 -41.31 -2.54 -49.59
N PHE X 210 -40.10 -2.91 -49.25
CA PHE X 210 -38.94 -2.16 -49.74
C PHE X 210 -38.77 -2.29 -51.25
N LEU X 211 -39.22 -3.39 -51.82
CA LEU X 211 -39.05 -3.61 -53.24
C LEU X 211 -40.13 -2.91 -54.05
N THR X 212 -41.13 -2.35 -53.37
CA THR X 212 -42.23 -1.70 -54.07
C THR X 212 -42.43 -0.26 -53.61
N THR X 213 -41.58 0.23 -52.73
CA THR X 213 -41.70 1.59 -52.25
C THR X 213 -40.49 2.42 -52.69
N PRO X 214 -40.61 3.10 -53.82
CA PRO X 214 -39.47 3.84 -54.35
C PRO X 214 -38.99 4.89 -53.37
N PRO X 215 -37.67 4.99 -53.16
CA PRO X 215 -37.11 5.95 -52.20
C PRO X 215 -37.36 7.38 -52.63
N HIS X 216 -37.41 7.65 -53.92
CA HIS X 216 -37.63 9.00 -54.41
C HIS X 216 -38.67 8.98 -55.51
N PRO X 217 -39.52 10.02 -55.57
CA PRO X 217 -40.60 9.99 -56.56
C PRO X 217 -40.11 9.88 -57.99
N ALA X 218 -39.03 10.57 -58.32
CA ALA X 218 -38.52 10.57 -59.68
C ALA X 218 -38.06 9.18 -60.10
N GLY X 219 -37.44 8.45 -59.19
CA GLY X 219 -36.95 7.13 -59.50
C GLY X 219 -35.46 7.17 -59.71
N LEU X 220 -34.89 6.12 -60.29
CA LEU X 220 -33.47 6.12 -60.59
C LEU X 220 -33.22 6.79 -61.92
N THR X 221 -34.25 7.42 -62.48
CA THR X 221 -34.11 8.06 -63.77
C THR X 221 -33.10 9.19 -63.66
N PRO X 222 -33.25 10.06 -62.66
CA PRO X 222 -32.31 11.17 -62.61
C PRO X 222 -30.88 10.70 -62.49
N PHE X 223 -30.65 9.62 -61.74
CA PHE X 223 -29.30 9.13 -61.52
C PHE X 223 -28.60 8.77 -62.82
N PHE X 224 -29.24 7.96 -63.64
CA PHE X 224 -28.61 7.51 -64.88
C PHE X 224 -28.63 8.58 -65.95
N THR X 225 -29.62 9.47 -65.91
CA THR X 225 -29.68 10.56 -66.88
C THR X 225 -28.59 11.56 -66.61
N GLY X 226 -28.18 11.69 -65.35
CA GLY X 226 -27.15 12.64 -65.00
C GLY X 226 -27.70 13.87 -64.31
N ASN X 227 -29.02 13.97 -64.22
CA ASN X 227 -29.64 15.11 -63.58
C ASN X 227 -29.72 14.84 -62.10
N TRP X 228 -28.56 14.75 -61.44
CA TRP X 228 -28.53 14.41 -60.03
C TRP X 228 -29.11 15.47 -59.12
N THR X 229 -29.23 16.69 -59.62
CA THR X 229 -29.72 17.78 -58.79
C THR X 229 -31.11 17.51 -58.27
N VAL X 230 -31.87 16.67 -58.98
CA VAL X 230 -33.24 16.39 -58.58
C VAL X 230 -33.32 15.77 -57.19
N TYR X 231 -32.31 15.00 -56.82
CA TYR X 231 -32.35 14.31 -55.54
C TYR X 231 -32.08 15.23 -54.36
N ALA X 232 -31.75 16.49 -54.65
CA ALA X 232 -31.46 17.46 -53.59
C ALA X 232 -32.52 18.53 -53.49
N GLU X 233 -33.56 18.43 -54.31
CA GLU X 233 -34.61 19.43 -54.32
C GLU X 233 -35.63 19.16 -53.23
N ASN X 234 -36.32 20.20 -52.77
CA ASN X 234 -37.34 20.03 -51.74
C ASN X 234 -36.78 19.41 -50.47
N PRO X 235 -35.89 20.12 -49.79
CA PRO X 235 -35.41 19.60 -48.51
C PRO X 235 -36.48 19.81 -47.45
N ASP X 236 -36.43 19.04 -46.37
CA ASP X 236 -37.45 19.14 -45.34
C ASP X 236 -37.52 20.57 -44.83
N SER X 237 -38.73 21.06 -44.58
CA SER X 237 -38.90 22.42 -44.12
C SER X 237 -38.38 22.60 -42.72
N ALA X 238 -38.19 23.84 -42.30
CA ALA X 238 -37.69 24.11 -40.97
C ALA X 238 -38.76 23.86 -39.94
N THR X 239 -39.98 23.61 -40.41
CA THR X 239 -41.07 23.36 -39.50
C THR X 239 -41.40 21.88 -39.45
N HIS X 240 -40.51 21.05 -39.97
CA HIS X 240 -40.77 19.62 -40.00
C HIS X 240 -40.73 19.00 -38.64
N VAL X 241 -41.74 18.21 -38.30
CA VAL X 241 -41.73 17.51 -37.03
C VAL X 241 -41.24 16.10 -37.30
N PHE X 242 -40.17 15.69 -36.61
CA PHE X 242 -39.58 14.39 -36.89
C PHE X 242 -40.54 13.23 -36.69
N ASN X 243 -40.36 12.17 -37.47
CA ASN X 243 -41.20 10.99 -37.35
C ASN X 243 -42.63 11.26 -37.81
N THR X 244 -42.84 12.36 -38.52
CA THR X 244 -44.17 12.68 -39.05
C THR X 244 -44.04 13.37 -40.39
N SER X 245 -45.12 13.43 -41.16
CA SER X 245 -45.05 14.00 -42.50
C SER X 245 -45.26 15.51 -42.54
N GLU X 246 -45.56 16.12 -41.40
CA GLU X 246 -45.83 17.54 -41.37
C GLU X 246 -44.57 18.32 -41.68
N GLY X 247 -44.58 19.07 -42.77
CA GLY X 247 -43.42 19.85 -43.16
C GLY X 247 -42.29 19.03 -43.75
N SER X 248 -42.62 17.84 -44.25
CA SER X 248 -41.59 16.97 -44.80
C SER X 248 -41.17 17.37 -46.20
N GLY X 249 -40.11 16.77 -46.70
CA GLY X 249 -39.65 17.06 -48.04
C GLY X 249 -39.49 15.79 -48.85
N THR X 250 -38.78 15.85 -49.97
CA THR X 250 -38.58 14.67 -50.79
C THR X 250 -37.09 14.45 -51.06
N ALA X 251 -36.26 15.40 -50.68
CA ALA X 251 -34.83 15.28 -50.94
C ALA X 251 -34.23 14.06 -50.28
N ILE X 252 -33.24 13.46 -50.92
CA ILE X 252 -32.58 12.30 -50.35
C ILE X 252 -31.09 12.55 -50.18
N LEU X 253 -30.52 13.41 -51.02
CA LEU X 253 -29.10 13.73 -50.91
C LEU X 253 -28.90 15.23 -50.94
N THR X 254 -28.43 15.81 -49.85
CA THR X 254 -28.28 17.27 -49.77
C THR X 254 -27.07 17.71 -48.99
N PHE X 255 -26.71 18.98 -49.07
CA PHE X 255 -25.60 19.52 -48.30
C PHE X 255 -26.10 20.75 -47.59
N LEU X 256 -27.10 20.60 -46.74
CA LEU X 256 -27.69 21.73 -46.05
C LEU X 256 -26.76 22.33 -45.00
N GLY X 257 -26.16 21.47 -44.19
CA GLY X 257 -25.26 21.95 -43.15
C GLY X 257 -26.05 22.37 -41.94
N GLY X 258 -25.56 22.03 -40.75
CA GLY X 258 -26.25 22.41 -39.55
C GLY X 258 -27.06 21.31 -38.92
N PHE X 259 -28.07 21.67 -38.14
CA PHE X 259 -28.86 20.67 -37.44
C PHE X 259 -30.34 20.79 -37.73
N HIS X 260 -31.06 19.68 -37.63
CA HIS X 260 -32.50 19.73 -37.80
C HIS X 260 -33.02 20.60 -36.69
N PRO X 261 -33.94 21.50 -37.02
CA PRO X 261 -34.39 22.44 -35.98
C PRO X 261 -35.01 21.76 -34.77
N GLN X 262 -35.83 20.74 -34.98
CA GLN X 262 -36.54 20.11 -33.87
C GLN X 262 -35.74 19.08 -33.10
N THR X 263 -34.96 18.27 -33.80
CA THR X 263 -34.21 17.22 -33.14
C THR X 263 -32.83 17.67 -32.71
N GLN X 264 -32.43 18.85 -33.16
CA GLN X 264 -31.11 19.37 -32.83
C GLN X 264 -30.03 18.37 -33.18
N SER X 265 -30.14 17.72 -34.33
CA SER X 265 -29.15 16.77 -34.76
C SER X 265 -28.91 16.94 -36.24
N LEU X 266 -27.84 16.34 -36.75
CA LEU X 266 -27.50 16.49 -38.15
C LEU X 266 -28.58 15.93 -39.06
N TRP X 267 -28.80 16.58 -40.21
CA TRP X 267 -29.82 16.13 -41.15
C TRP X 267 -29.48 14.76 -41.71
N LEU X 268 -30.48 13.90 -41.86
CA LEU X 268 -30.24 12.55 -42.37
C LEU X 268 -29.81 12.59 -43.82
N SER X 269 -30.39 13.51 -44.59
CA SER X 269 -30.06 13.60 -46.00
C SER X 269 -28.58 13.89 -46.16
N ASP X 270 -28.05 14.76 -45.32
CA ASP X 270 -26.64 15.10 -45.40
C ASP X 270 -25.77 13.90 -45.09
N MET X 271 -26.16 13.11 -44.10
CA MET X 271 -25.40 11.92 -43.74
C MET X 271 -25.38 10.92 -44.89
N ALA X 272 -26.50 10.78 -45.57
CA ALA X 272 -26.56 9.90 -46.71
C ALA X 272 -25.59 10.35 -47.79
N HIS X 273 -25.59 11.64 -48.08
CA HIS X 273 -24.68 12.17 -49.08
C HIS X 273 -23.26 11.95 -48.61
N HIS X 274 -23.03 12.12 -47.32
CA HIS X 274 -21.69 11.96 -46.79
C HIS X 274 -21.17 10.59 -47.09
N HIS X 275 -21.94 9.57 -46.74
CA HIS X 275 -21.47 8.21 -46.92
C HIS X 275 -21.32 7.86 -48.39
N LEU X 276 -22.16 8.42 -49.25
CA LEU X 276 -22.04 8.18 -50.67
C LEU X 276 -20.71 8.70 -51.18
N ALA X 277 -20.34 9.90 -50.79
CA ALA X 277 -19.08 10.48 -51.21
C ALA X 277 -17.91 9.68 -50.69
N ILE X 278 -17.94 9.33 -49.41
CA ILE X 278 -16.86 8.56 -48.82
C ILE X 278 -16.73 7.24 -49.57
N ALA X 279 -17.85 6.68 -49.97
CA ALA X 279 -17.82 5.41 -50.67
C ALA X 279 -16.99 5.51 -51.93
N VAL X 280 -17.28 6.51 -52.74
CA VAL X 280 -16.57 6.62 -54.01
C VAL X 280 -15.08 6.79 -53.76
N VAL X 281 -14.73 7.61 -52.79
CA VAL X 281 -13.32 7.84 -52.52
C VAL X 281 -12.61 6.55 -52.19
N PHE X 282 -13.18 5.75 -51.30
CA PHE X 282 -12.54 4.51 -50.88
C PHE X 282 -12.50 3.47 -51.98
N ILE X 283 -13.56 3.36 -52.75
CA ILE X 283 -13.60 2.39 -53.83
C ILE X 283 -12.52 2.70 -54.85
N VAL X 284 -12.32 3.98 -55.14
CA VAL X 284 -11.28 4.37 -56.07
C VAL X 284 -9.91 4.06 -55.48
N ALA X 285 -9.73 4.37 -54.21
CA ALA X 285 -8.45 4.14 -53.55
C ALA X 285 -8.08 2.67 -53.46
N GLY X 286 -9.08 1.80 -53.55
CA GLY X 286 -8.83 0.38 -53.44
C GLY X 286 -8.32 -0.22 -54.73
N HIS X 287 -8.11 0.62 -55.73
CA HIS X 287 -7.56 0.13 -56.99
C HIS X 287 -6.16 0.68 -57.19
N MET X 288 -5.32 0.59 -56.17
CA MET X 288 -3.98 1.15 -56.27
C MET X 288 -2.89 0.10 -56.28
N TYR X 289 -3.15 -1.08 -55.74
CA TYR X 289 -2.10 -2.08 -55.63
C TYR X 289 -2.25 -3.22 -56.62
N ARG X 290 -1.13 -3.80 -57.05
CA ARG X 290 -1.16 -4.87 -58.03
C ARG X 290 -1.69 -6.16 -57.43
N THR X 291 -2.70 -6.73 -58.06
CA THR X 291 -3.29 -7.96 -57.56
C THR X 291 -3.58 -8.91 -58.70
N ASN X 292 -2.56 -9.56 -59.23
CA ASN X 292 -2.73 -10.56 -60.31
C ASN X 292 -3.53 -10.09 -61.53
N PHE X 293 -3.48 -8.80 -61.84
CA PHE X 293 -4.17 -8.30 -63.03
C PHE X 293 -3.29 -7.34 -63.81
N GLY X 294 -2.00 -7.33 -63.52
CA GLY X 294 -1.07 -6.47 -64.24
C GLY X 294 -0.94 -5.07 -63.69
N ILE X 295 -2.03 -4.31 -63.69
CA ILE X 295 -1.99 -2.94 -63.21
C ILE X 295 -1.79 -2.86 -61.72
N GLY X 296 -1.30 -1.72 -61.23
CA GLY X 296 -1.15 -1.54 -59.79
C GLY X 296 0.23 -1.14 -59.30
N HIS X 297 0.32 -0.78 -58.03
CA HIS X 297 1.60 -0.39 -57.45
C HIS X 297 2.17 -1.50 -56.59
N ASN X 298 3.50 -1.60 -56.53
CA ASN X 298 4.12 -2.58 -55.65
C ASN X 298 4.63 -1.79 -54.46
N MET X 299 4.16 -2.11 -53.27
CA MET X 299 4.52 -1.33 -52.09
C MET X 299 6.02 -1.25 -51.82
N LYS X 300 6.75 -2.34 -52.04
CA LYS X 300 8.16 -2.34 -51.74
C LYS X 300 8.88 -1.30 -52.56
N GLU X 301 8.54 -1.21 -53.84
CA GLU X 301 9.19 -0.26 -54.71
C GLU X 301 8.92 1.16 -54.26
N ILE X 302 7.69 1.44 -53.88
CA ILE X 302 7.34 2.78 -53.46
C ILE X 302 8.17 3.20 -52.28
N LEU X 303 8.29 2.32 -51.29
CA LEU X 303 9.05 2.64 -50.09
C LEU X 303 10.52 2.82 -50.40
N ASP X 304 11.09 1.94 -51.22
CA ASP X 304 12.51 2.01 -51.50
C ASP X 304 12.90 3.28 -52.23
N ALA X 305 12.06 3.74 -53.15
CA ALA X 305 12.41 4.90 -53.95
C ALA X 305 12.36 6.22 -53.20
N HIS X 306 11.74 6.23 -52.03
CA HIS X 306 11.58 7.50 -51.32
C HIS X 306 12.73 7.86 -50.40
N ARG X 307 13.79 8.42 -50.95
CA ARG X 307 14.92 8.85 -50.15
C ARG X 307 15.25 10.28 -50.51
N PRO X 308 15.11 11.20 -49.56
CA PRO X 308 15.34 12.60 -49.93
C PRO X 308 16.73 12.76 -50.53
N PRO X 309 16.84 13.44 -51.68
CA PRO X 309 18.12 13.56 -52.37
C PRO X 309 19.19 14.21 -51.50
N GLY X 310 18.81 15.12 -50.63
CA GLY X 310 19.76 15.81 -49.78
C GLY X 310 20.49 14.89 -48.81
N GLY X 311 19.87 13.79 -48.44
CA GLY X 311 20.51 12.85 -47.54
C GLY X 311 20.22 13.16 -46.11
N ARG X 312 19.32 14.10 -45.87
CA ARG X 312 18.97 14.49 -44.52
C ARG X 312 18.29 13.35 -43.78
N LEU X 313 17.61 12.48 -44.51
CA LEU X 313 16.94 11.35 -43.89
C LEU X 313 17.66 10.04 -44.20
N GLY X 314 18.97 10.11 -44.39
CA GLY X 314 19.75 8.90 -44.63
C GLY X 314 19.40 8.11 -45.87
N ALA X 315 19.18 6.82 -45.70
CA ALA X 315 18.88 5.96 -46.83
C ALA X 315 17.39 5.95 -47.13
N GLY X 316 16.61 6.65 -46.33
CA GLY X 316 15.18 6.72 -46.58
C GLY X 316 14.39 5.59 -45.98
N HIS X 317 13.42 5.08 -46.73
CA HIS X 317 12.54 4.05 -46.19
C HIS X 317 12.90 2.65 -46.66
N VAL X 318 14.07 2.49 -47.25
CA VAL X 318 14.49 1.17 -47.70
C VAL X 318 14.61 0.20 -46.53
N GLY X 319 14.04 -0.97 -46.67
CA GLY X 319 14.15 -1.97 -45.62
C GLY X 319 12.93 -2.06 -44.72
N LEU X 320 12.08 -1.06 -44.76
CA LEU X 320 10.91 -1.04 -43.89
C LEU X 320 9.85 -2.04 -44.34
N PHE X 321 9.81 -2.31 -45.64
CA PHE X 321 8.80 -3.22 -46.17
C PHE X 321 8.92 -4.58 -45.54
N GLU X 322 10.15 -5.10 -45.49
CA GLU X 322 10.36 -6.40 -44.93
C GLU X 322 10.13 -6.41 -43.43
N THR X 323 10.52 -5.33 -42.77
CA THR X 323 10.37 -5.26 -41.33
C THR X 323 8.91 -5.33 -40.93
N ILE X 324 8.06 -4.60 -41.62
CA ILE X 324 6.64 -4.58 -41.31
C ILE X 324 5.97 -5.89 -41.63
N THR X 325 6.25 -6.45 -42.80
CA THR X 325 5.62 -7.69 -43.22
C THR X 325 6.02 -8.85 -42.32
N ASN X 326 7.21 -8.80 -41.75
CA ASN X 326 7.69 -9.90 -40.93
C ASN X 326 7.55 -9.64 -39.44
N SER X 327 6.81 -8.60 -39.07
CA SER X 327 6.60 -8.30 -37.66
C SER X 327 5.15 -8.01 -37.38
N LEU X 328 4.51 -8.88 -36.61
CA LEU X 328 3.12 -8.68 -36.27
C LEU X 328 2.97 -7.59 -35.20
N HIS X 329 3.99 -7.44 -34.36
CA HIS X 329 3.93 -6.44 -33.30
C HIS X 329 3.90 -5.02 -33.84
N MET X 330 4.72 -4.74 -34.85
CA MET X 330 4.71 -3.42 -35.45
C MET X 330 3.37 -3.14 -36.09
N GLN X 331 2.83 -4.15 -36.75
CA GLN X 331 1.54 -3.99 -37.40
C GLN X 331 0.48 -3.66 -36.37
N LEU X 332 0.48 -4.38 -35.25
CA LEU X 332 -0.49 -4.13 -34.20
C LEU X 332 -0.32 -2.74 -33.64
N GLY X 333 0.93 -2.31 -33.44
CA GLY X 333 1.18 -0.99 -32.90
C GLY X 333 0.64 0.09 -33.80
N LEU X 334 0.87 -0.04 -35.10
CA LEU X 334 0.38 0.94 -36.04
C LEU X 334 -1.13 0.99 -36.00
N ALA X 335 -1.76 -0.19 -35.95
CA ALA X 335 -3.21 -0.25 -35.91
C ALA X 335 -3.78 0.38 -34.65
N LEU X 336 -3.24 0.00 -33.50
CA LEU X 336 -3.75 0.52 -32.25
C LEU X 336 -3.62 2.02 -32.21
N ALA X 337 -2.54 2.55 -32.73
CA ALA X 337 -2.31 3.98 -32.72
C ALA X 337 -3.37 4.70 -33.53
N CYS X 338 -3.64 4.23 -34.73
CA CYS X 338 -4.62 4.87 -35.59
C CYS X 338 -6.02 4.76 -34.98
N LEU X 339 -6.35 3.60 -34.43
CA LEU X 339 -7.66 3.42 -33.81
C LEU X 339 -7.79 4.32 -32.58
N GLY X 340 -6.70 4.52 -31.86
CA GLY X 340 -6.73 5.39 -30.70
C GLY X 340 -7.08 6.80 -31.09
N VAL X 341 -6.48 7.29 -32.16
CA VAL X 341 -6.80 8.63 -32.64
C VAL X 341 -8.24 8.70 -33.08
N ALA X 342 -8.71 7.65 -33.73
CA ALA X 342 -10.08 7.62 -34.20
C ALA X 342 -11.05 7.68 -33.03
N THR X 343 -10.77 6.95 -31.96
CA THR X 343 -11.68 6.93 -30.83
C THR X 343 -11.79 8.30 -30.19
N SER X 344 -10.66 9.00 -30.09
CA SER X 344 -10.68 10.34 -29.53
C SER X 344 -11.48 11.27 -30.42
N LEU X 345 -11.34 11.12 -31.74
CA LEU X 345 -12.06 11.95 -32.67
C LEU X 345 -13.55 11.70 -32.56
N THR X 346 -13.95 10.45 -32.40
CA THR X 346 -15.36 10.15 -32.24
C THR X 346 -15.90 10.90 -31.06
N ALA X 347 -15.18 10.87 -29.95
CA ALA X 347 -15.63 11.55 -28.75
C ALA X 347 -15.73 13.05 -28.95
N GLN X 348 -14.73 13.64 -29.58
CA GLN X 348 -14.70 15.08 -29.77
C GLN X 348 -15.75 15.57 -30.75
N HIS X 349 -15.93 14.86 -31.86
CA HIS X 349 -16.85 15.32 -32.89
C HIS X 349 -18.29 14.93 -32.62
N MET X 350 -18.51 13.93 -31.78
CA MET X 350 -19.87 13.46 -31.55
C MET X 350 -20.65 14.35 -30.58
N TYR X 351 -19.94 15.09 -29.73
CA TYR X 351 -20.61 15.97 -28.78
C TYR X 351 -20.85 17.33 -29.37
N ALA X 352 -20.13 17.65 -30.44
CA ALA X 352 -20.31 18.94 -31.10
C ALA X 352 -21.29 18.78 -32.24
N LEU X 353 -21.01 17.86 -33.13
CA LEU X 353 -21.89 17.60 -34.25
C LEU X 353 -22.80 16.44 -33.91
N THR X 354 -23.78 16.67 -33.05
CA THR X 354 -24.65 15.58 -32.60
C THR X 354 -25.22 14.82 -33.77
N PRO X 355 -25.00 13.50 -33.81
CA PRO X 355 -25.46 12.70 -34.93
C PRO X 355 -26.83 12.08 -34.71
N TYR X 356 -27.24 11.87 -33.46
CA TYR X 356 -28.50 11.19 -33.19
C TYR X 356 -29.55 12.12 -32.61
N ALA X 357 -30.82 11.82 -32.85
CA ALA X 357 -31.90 12.71 -32.41
C ALA X 357 -32.13 12.73 -30.92
N TYR X 358 -32.38 13.92 -30.36
CA TYR X 358 -32.66 14.05 -28.94
C TYR X 358 -31.56 13.48 -28.06
N LEU X 359 -30.34 13.41 -28.58
CA LEU X 359 -29.23 12.93 -27.77
C LEU X 359 -28.66 14.07 -26.97
N SER X 360 -28.71 15.27 -27.53
CA SER X 360 -28.19 16.44 -26.83
C SER X 360 -28.98 16.73 -25.58
N LYS X 361 -30.25 16.36 -25.57
CA LYS X 361 -31.10 16.65 -24.43
C LYS X 361 -30.94 15.62 -23.33
N ASP X 362 -30.28 14.50 -23.62
CA ASP X 362 -30.00 13.52 -22.59
C ASP X 362 -28.62 13.79 -22.07
N PHE X 363 -28.53 14.56 -20.99
CA PHE X 363 -27.22 14.96 -20.47
C PHE X 363 -26.38 13.80 -19.97
N THR X 364 -26.97 12.90 -19.19
CA THR X 364 -26.17 11.81 -18.62
C THR X 364 -25.56 10.91 -19.68
N THR X 365 -26.35 10.55 -20.70
CA THR X 365 -25.84 9.68 -21.75
C THR X 365 -24.72 10.37 -22.48
N GLU X 366 -24.88 11.64 -22.77
CA GLU X 366 -23.87 12.37 -23.49
C GLU X 366 -22.58 12.36 -22.70
N ALA X 367 -22.68 12.51 -21.39
CA ALA X 367 -21.49 12.52 -20.56
C ALA X 367 -20.80 11.18 -20.52
N ALA X 368 -21.59 10.11 -20.44
CA ALA X 368 -21.02 8.78 -20.36
C ALA X 368 -20.28 8.43 -21.62
N LEU X 369 -20.88 8.71 -22.77
CA LEU X 369 -20.26 8.33 -24.03
C LEU X 369 -18.89 8.98 -24.20
N TYR X 370 -18.77 10.24 -23.84
CA TYR X 370 -17.50 10.95 -24.00
C TYR X 370 -16.43 10.31 -23.14
N THR X 371 -16.72 10.14 -21.86
CA THR X 371 -15.76 9.55 -20.95
C THR X 371 -15.43 8.13 -21.37
N HIS X 372 -16.40 7.42 -21.92
CA HIS X 372 -16.18 6.05 -22.34
C HIS X 372 -15.16 5.96 -23.44
N HIS X 373 -15.36 6.74 -24.50
CA HIS X 373 -14.47 6.65 -25.64
C HIS X 373 -13.09 7.23 -25.36
N GLN X 374 -13.03 8.27 -24.55
CA GLN X 374 -11.75 8.88 -24.23
C GLN X 374 -10.88 7.92 -23.42
N TYR X 375 -11.48 7.18 -22.50
CA TYR X 375 -10.70 6.21 -21.73
C TYR X 375 -10.24 5.06 -22.62
N ILE X 376 -11.12 4.57 -23.48
CA ILE X 376 -10.73 3.52 -24.38
C ILE X 376 -9.60 4.01 -25.26
N ALA X 377 -9.66 5.26 -25.68
CA ALA X 377 -8.61 5.82 -26.52
C ALA X 377 -7.28 5.79 -25.83
N GLY X 378 -7.26 6.12 -24.54
CA GLY X 378 -6.01 6.10 -23.80
C GLY X 378 -5.39 4.72 -23.75
N PHE X 379 -6.19 3.71 -23.44
CA PHE X 379 -5.67 2.35 -23.42
C PHE X 379 -5.14 1.95 -24.77
N LEU X 380 -5.87 2.29 -25.83
CA LEU X 380 -5.43 1.95 -27.17
C LEU X 380 -4.13 2.65 -27.51
N MET X 381 -4.00 3.91 -27.14
CA MET X 381 -2.73 4.61 -27.37
C MET X 381 -1.56 3.97 -26.65
N VAL X 382 -1.71 3.68 -25.37
CA VAL X 382 -0.63 3.10 -24.60
C VAL X 382 -0.20 1.76 -25.17
N GLY X 383 -1.17 0.95 -25.59
CA GLY X 383 -0.87 -0.34 -26.16
C GLY X 383 -0.03 -0.25 -27.41
N ALA X 384 -0.28 0.76 -28.22
CA ALA X 384 0.48 0.96 -29.45
C ALA X 384 1.95 1.12 -29.14
N PHE X 385 2.26 2.00 -28.19
CA PHE X 385 3.64 2.22 -27.83
C PHE X 385 4.24 0.97 -27.20
N ALA X 386 3.43 0.24 -26.44
CA ALA X 386 3.91 -0.99 -25.82
C ALA X 386 4.35 -2.00 -26.86
N HIS X 387 3.52 -2.24 -27.86
CA HIS X 387 3.85 -3.21 -28.88
C HIS X 387 4.97 -2.68 -29.75
N GLY X 388 5.12 -1.37 -29.84
CA GLY X 388 6.24 -0.82 -30.57
C GLY X 388 7.53 -1.21 -29.90
N ALA X 389 7.55 -1.17 -28.57
CA ALA X 389 8.73 -1.59 -27.84
C ALA X 389 8.98 -3.08 -27.97
N ILE X 390 7.93 -3.88 -27.88
CA ILE X 390 8.08 -5.31 -28.04
C ILE X 390 8.73 -5.59 -29.38
N PHE X 391 8.37 -4.82 -30.39
CA PHE X 391 8.96 -4.98 -31.71
C PHE X 391 10.46 -4.81 -31.66
N PHE X 392 10.93 -3.73 -31.06
CA PHE X 392 12.36 -3.46 -31.04
C PHE X 392 13.12 -4.58 -30.36
N VAL X 393 12.60 -5.07 -29.25
CA VAL X 393 13.27 -6.13 -28.51
C VAL X 393 13.21 -7.47 -29.23
N ARG X 394 12.12 -7.76 -29.90
CA ARG X 394 11.97 -9.08 -30.54
C ARG X 394 12.16 -9.14 -32.04
N ASP X 395 11.58 -8.22 -32.79
CA ASP X 395 11.62 -8.33 -34.26
C ASP X 395 12.51 -7.38 -35.03
N TYR X 396 13.24 -6.50 -34.35
CA TYR X 396 14.03 -5.51 -35.07
C TYR X 396 15.33 -6.10 -35.58
N ASP X 397 15.60 -5.95 -36.86
CA ASP X 397 16.86 -6.43 -37.42
C ASP X 397 17.74 -5.24 -37.71
N PRO X 398 18.79 -5.06 -36.92
CA PRO X 398 19.66 -3.91 -37.09
C PRO X 398 20.28 -3.85 -38.48
N GLU X 399 20.64 -4.99 -39.03
CA GLU X 399 21.31 -5.02 -40.33
C GLU X 399 20.39 -4.66 -41.50
N LEU X 400 19.19 -5.22 -41.53
CA LEU X 400 18.25 -4.92 -42.60
C LEU X 400 17.98 -3.43 -42.67
N ASN X 401 17.71 -2.83 -41.53
CA ASN X 401 17.39 -1.41 -41.49
C ASN X 401 18.64 -0.57 -41.30
N LYS X 402 19.61 -0.70 -42.18
CA LYS X 402 20.85 0.04 -42.03
C LYS X 402 20.68 1.46 -42.55
N ASN X 403 20.92 2.45 -41.70
CA ASN X 403 20.77 3.84 -42.09
C ASN X 403 19.37 4.09 -42.61
N ASN X 404 18.42 3.28 -42.15
CA ASN X 404 17.04 3.43 -42.55
C ASN X 404 16.48 4.59 -41.77
N VAL X 405 15.27 5.02 -42.10
CA VAL X 405 14.64 6.09 -41.34
C VAL X 405 14.40 5.63 -39.90
N LEU X 406 14.16 4.34 -39.70
CA LEU X 406 13.90 3.80 -38.36
C LEU X 406 15.16 3.73 -37.52
N ALA X 407 16.26 3.30 -38.12
CA ALA X 407 17.50 3.16 -37.37
C ALA X 407 18.00 4.50 -36.90
N ARG X 408 17.90 5.51 -37.77
CA ARG X 408 18.40 6.83 -37.41
C ARG X 408 17.62 7.39 -36.24
N MET X 409 16.40 6.93 -36.03
CA MET X 409 15.63 7.36 -34.88
C MET X 409 16.30 6.88 -33.61
N LEU X 410 16.85 5.68 -33.65
CA LEU X 410 17.49 5.12 -32.48
C LEU X 410 18.90 5.66 -32.33
N GLU X 411 19.34 6.48 -33.28
CA GLU X 411 20.66 7.08 -33.19
C GLU X 411 20.62 8.39 -32.44
N HIS X 412 19.53 9.14 -32.57
CA HIS X 412 19.39 10.39 -31.84
C HIS X 412 18.38 10.23 -30.74
N LYS X 413 18.34 9.05 -30.13
CA LYS X 413 17.39 8.79 -29.07
C LYS X 413 17.55 9.78 -27.94
N GLU X 414 18.79 10.07 -27.56
CA GLU X 414 19.02 10.98 -26.46
C GLU X 414 18.43 12.35 -26.74
N ALA X 415 18.58 12.81 -27.98
CA ALA X 415 18.04 14.11 -28.34
C ALA X 415 16.54 14.13 -28.16
N ILE X 416 15.87 13.11 -28.67
CA ILE X 416 14.42 13.06 -28.55
C ILE X 416 14.00 13.02 -27.10
N ILE X 417 14.58 12.13 -26.33
CA ILE X 417 14.18 11.99 -24.93
C ILE X 417 14.46 13.25 -24.14
N SER X 418 15.63 13.84 -24.34
CA SER X 418 16.01 15.03 -23.59
C SER X 418 15.07 16.18 -23.90
N HIS X 419 14.75 16.39 -25.17
CA HIS X 419 13.91 17.51 -25.55
C HIS X 419 12.48 17.31 -25.07
N LEU X 420 12.00 16.08 -25.12
CA LEU X 420 10.66 15.81 -24.62
C LEU X 420 10.65 16.10 -23.13
N SER X 421 11.75 15.81 -22.46
CA SER X 421 11.86 16.10 -21.04
C SER X 421 11.75 17.59 -20.78
N TRP X 422 12.46 18.40 -21.56
CA TRP X 422 12.41 19.83 -21.37
C TRP X 422 11.00 20.35 -21.56
N ALA X 423 10.33 19.86 -22.58
CA ALA X 423 8.97 20.31 -22.84
C ALA X 423 8.11 20.03 -21.64
N SER X 424 8.22 18.83 -21.11
CA SER X 424 7.42 18.45 -19.97
C SER X 424 7.72 19.35 -18.79
N LEU X 425 8.99 19.64 -18.55
CA LEU X 425 9.36 20.51 -17.45
C LEU X 425 8.80 21.91 -17.62
N PHE X 426 8.95 22.48 -18.82
CA PHE X 426 8.46 23.82 -19.06
C PHE X 426 6.98 23.89 -18.81
N LEU X 427 6.24 22.96 -19.40
CA LEU X 427 4.80 22.99 -19.24
C LEU X 427 4.42 22.79 -17.80
N GLY X 428 5.10 21.87 -17.13
CA GLY X 428 4.77 21.58 -15.75
C GLY X 428 5.01 22.72 -14.79
N PHE X 429 6.19 23.31 -14.84
CA PHE X 429 6.50 24.39 -13.91
C PHE X 429 5.55 25.54 -14.07
N HIS X 430 5.38 26.04 -15.28
CA HIS X 430 4.56 27.23 -15.47
C HIS X 430 3.06 27.00 -15.27
N THR X 431 2.54 25.87 -15.74
CA THR X 431 1.12 25.60 -15.55
C THR X 431 0.79 25.54 -14.07
N LEU X 432 1.56 24.76 -13.32
CA LEU X 432 1.33 24.66 -11.89
C LEU X 432 1.57 25.98 -11.22
N GLY X 433 2.62 26.67 -11.62
CA GLY X 433 2.95 27.94 -11.01
C GLY X 433 1.83 28.94 -11.15
N LEU X 434 1.29 29.05 -12.36
CA LEU X 434 0.23 30.03 -12.60
C LEU X 434 -1.00 29.68 -11.80
N TYR X 435 -1.33 28.39 -11.71
CA TYR X 435 -2.48 27.97 -10.91
C TYR X 435 -2.29 28.36 -9.46
N ILE X 436 -1.11 28.11 -8.92
CA ILE X 436 -0.85 28.43 -7.51
C ILE X 436 -0.85 29.93 -7.27
N HIS X 437 -0.34 30.70 -8.22
CA HIS X 437 -0.39 32.15 -8.07
C HIS X 437 -1.82 32.58 -7.94
N ASN X 438 -2.67 32.10 -8.83
CA ASN X 438 -4.07 32.48 -8.81
C ASN X 438 -4.74 32.05 -7.51
N ASP X 439 -4.40 30.86 -7.03
CA ASP X 439 -4.96 30.40 -5.76
C ASP X 439 -4.57 31.31 -4.62
N THR X 440 -3.28 31.63 -4.51
CA THR X 440 -2.82 32.41 -3.38
C THR X 440 -3.45 33.79 -3.36
N VAL X 441 -3.41 34.49 -4.48
CA VAL X 441 -3.94 35.85 -4.51
C VAL X 441 -5.42 35.84 -4.17
N VAL X 442 -6.16 34.89 -4.73
CA VAL X 442 -7.58 34.80 -4.45
C VAL X 442 -7.81 34.52 -2.98
N ALA X 443 -7.01 33.63 -2.41
CA ALA X 443 -7.15 33.28 -1.00
C ALA X 443 -6.93 34.50 -0.13
N PHE X 444 -5.95 35.33 -0.49
CA PHE X 444 -5.67 36.53 0.28
C PHE X 444 -6.71 37.60 0.02
N GLY X 445 -7.67 37.32 -0.85
CA GLY X 445 -8.75 38.26 -1.09
C GLY X 445 -8.50 39.28 -2.16
N GLN X 446 -7.57 38.98 -3.07
CA GLN X 446 -7.24 39.92 -4.13
C GLN X 446 -7.32 39.23 -5.48
N PRO X 447 -8.54 38.93 -5.93
CA PRO X 447 -8.70 38.23 -7.20
C PRO X 447 -8.25 39.05 -8.39
N GLU X 448 -8.16 40.36 -8.24
CA GLU X 448 -7.78 41.23 -9.35
C GLU X 448 -6.33 41.07 -9.73
N LYS X 449 -5.58 40.29 -8.96
CA LYS X 449 -4.15 40.11 -9.23
C LYS X 449 -3.87 38.75 -9.84
N GLN X 450 -4.86 38.16 -10.50
CA GLN X 450 -4.68 36.86 -11.11
C GLN X 450 -4.09 36.97 -12.49
N ILE X 451 -3.29 35.99 -12.89
CA ILE X 451 -2.70 36.00 -14.21
C ILE X 451 -3.55 35.15 -15.12
N LEU X 452 -4.42 35.78 -15.90
CA LEU X 452 -5.33 35.04 -16.76
C LEU X 452 -5.09 35.36 -18.22
N PHE X 453 -4.61 34.40 -18.99
CA PHE X 453 -4.36 34.62 -20.40
C PHE X 453 -5.55 34.19 -21.23
N GLU X 454 -5.98 35.05 -22.14
CA GLU X 454 -7.07 34.71 -23.02
C GLU X 454 -6.58 33.75 -24.07
N PRO X 455 -7.39 32.75 -24.41
CA PRO X 455 -7.01 31.81 -25.46
C PRO X 455 -7.24 32.42 -26.83
N LEU X 456 -6.45 33.42 -27.20
CA LEU X 456 -6.67 34.13 -28.46
C LEU X 456 -6.55 33.26 -29.71
N PHE X 457 -5.58 32.35 -29.74
CA PHE X 457 -5.37 31.55 -30.93
C PHE X 457 -6.57 30.68 -31.22
N ALA X 458 -7.10 30.00 -30.22
CA ALA X 458 -8.28 29.17 -30.40
C ALA X 458 -9.47 30.02 -30.79
N GLU X 459 -9.63 31.15 -30.12
CA GLU X 459 -10.75 32.03 -30.43
C GLU X 459 -10.68 32.45 -31.88
N TYR X 460 -9.48 32.64 -32.38
CA TYR X 460 -9.32 33.03 -33.78
C TYR X 460 -9.83 31.92 -34.68
N ILE X 461 -9.49 30.68 -34.37
CA ILE X 461 -9.91 29.56 -35.18
C ILE X 461 -11.42 29.46 -35.21
N GLN X 462 -12.05 29.66 -34.06
CA GLN X 462 -13.50 29.62 -33.99
C GLN X 462 -14.08 30.69 -34.88
N ALA X 463 -13.50 31.88 -34.83
CA ALA X 463 -13.98 32.97 -35.65
C ALA X 463 -13.79 32.66 -37.11
N ALA X 464 -12.70 32.00 -37.43
CA ALA X 464 -12.40 31.68 -38.82
C ALA X 464 -13.49 30.84 -39.43
N SER X 465 -14.17 30.04 -38.61
CA SER X 465 -15.25 29.21 -39.10
C SER X 465 -16.60 29.89 -38.99
N GLY X 466 -16.64 31.11 -38.46
CA GLY X 466 -17.89 31.84 -38.41
C GLY X 466 -18.37 32.43 -37.09
N LYS X 467 -17.76 32.02 -35.99
CA LYS X 467 -18.13 32.56 -34.69
C LYS X 467 -17.95 34.07 -34.69
N ALA X 468 -18.87 34.80 -34.09
CA ALA X 468 -18.80 36.25 -34.12
C ALA X 468 -18.59 36.92 -32.77
N VAL X 469 -18.80 36.19 -31.69
CA VAL X 469 -18.70 36.79 -30.37
C VAL X 469 -17.33 37.42 -30.12
N TYR X 470 -16.27 36.76 -30.55
CA TYR X 470 -14.92 37.25 -30.27
C TYR X 470 -14.62 38.53 -31.03
N GLN X 471 -15.43 38.84 -32.03
CA GLN X 471 -15.26 40.08 -32.80
C GLN X 471 -14.03 40.10 -33.69
N PHE X 472 -13.45 38.93 -33.96
CA PHE X 472 -12.33 38.88 -34.87
C PHE X 472 -12.90 38.78 -36.26
N ASN X 473 -12.85 39.86 -37.03
CA ASN X 473 -13.45 39.86 -38.35
C ASN X 473 -12.54 39.15 -39.33
N VAL X 474 -12.63 37.82 -39.39
CA VAL X 474 -11.75 37.06 -40.26
C VAL X 474 -12.45 35.93 -41.00
N LEU X 475 -12.02 35.66 -42.23
CA LEU X 475 -12.59 34.55 -42.99
C LEU X 475 -14.10 34.47 -42.93
N LEU X 476 -14.63 33.32 -42.55
CA LEU X 476 -16.08 33.13 -42.56
C LEU X 476 -16.81 34.09 -41.63
N ALA X 477 -16.09 34.74 -40.74
CA ALA X 477 -16.71 35.74 -39.88
C ALA X 477 -16.77 37.07 -40.59
N SER X 478 -16.19 37.14 -41.78
CA SER X 478 -16.19 38.37 -42.55
C SER X 478 -17.08 38.22 -43.76
N SER X 479 -17.99 39.16 -43.96
CA SER X 479 -18.89 39.11 -45.10
C SER X 479 -18.15 39.38 -46.40
N THR X 480 -17.03 40.09 -46.33
CA THR X 480 -16.29 40.43 -47.53
C THR X 480 -15.22 39.40 -47.87
N SER X 481 -15.04 38.40 -47.03
CA SER X 481 -14.02 37.39 -47.28
C SER X 481 -14.40 36.55 -48.48
N PRO X 482 -13.39 36.18 -49.28
CA PRO X 482 -13.65 35.36 -50.46
C PRO X 482 -14.27 34.04 -50.04
N ALA X 483 -13.87 33.50 -48.90
CA ALA X 483 -14.40 32.23 -48.44
C ALA X 483 -15.89 32.28 -48.20
N THR X 484 -16.37 33.35 -47.57
CA THR X 484 -17.79 33.48 -47.29
C THR X 484 -18.57 33.49 -48.57
N ALA X 485 -18.07 34.20 -49.57
CA ALA X 485 -18.76 34.28 -50.84
C ALA X 485 -18.90 32.91 -51.46
N ALA X 486 -17.90 32.07 -51.28
CA ALA X 486 -17.93 30.76 -51.92
C ALA X 486 -19.02 29.87 -51.38
N GLY X 487 -19.12 29.72 -50.07
CA GLY X 487 -20.09 28.81 -49.50
C GLY X 487 -21.38 29.44 -49.04
N ASN X 488 -21.55 30.74 -49.29
CA ASN X 488 -22.73 31.44 -48.81
C ASN X 488 -23.99 30.87 -49.44
N GLN X 489 -23.85 30.23 -50.59
CA GLN X 489 -25.00 29.66 -51.27
C GLN X 489 -24.92 28.15 -51.28
N VAL X 490 -24.07 27.59 -50.44
CA VAL X 490 -23.91 26.15 -50.43
C VAL X 490 -24.21 25.54 -49.07
N TRP X 491 -23.34 25.69 -48.09
CA TRP X 491 -23.56 25.06 -46.80
C TRP X 491 -23.44 26.03 -45.65
N LEU X 492 -22.91 27.21 -45.91
CA LEU X 492 -22.69 28.17 -44.85
C LEU X 492 -23.98 28.62 -44.20
N PRO X 493 -25.03 28.85 -45.01
CA PRO X 493 -26.22 29.36 -44.34
C PRO X 493 -26.55 28.58 -43.09
N GLY X 494 -26.68 27.27 -43.20
CA GLY X 494 -27.01 26.45 -42.05
C GLY X 494 -25.93 26.39 -40.99
N TRP X 495 -24.68 26.34 -41.41
CA TRP X 495 -23.57 26.29 -40.47
C TRP X 495 -23.47 27.55 -39.67
N LEU X 496 -23.58 28.70 -40.33
CA LEU X 496 -23.39 29.96 -39.62
C LEU X 496 -24.47 30.16 -38.59
N GLU X 497 -25.60 29.49 -38.76
CA GLU X 497 -26.66 29.58 -37.78
C GLU X 497 -26.29 28.78 -36.54
N ALA X 498 -25.86 27.54 -36.73
CA ALA X 498 -25.51 26.70 -35.59
C ALA X 498 -24.29 27.18 -34.84
N ILE X 499 -23.26 27.60 -35.56
CA ILE X 499 -22.03 28.02 -34.91
C ILE X 499 -22.28 29.25 -34.05
N ASN X 500 -23.23 30.08 -34.46
CA ASN X 500 -23.52 31.30 -33.72
C ASN X 500 -24.76 31.17 -32.83
N ASN X 501 -25.11 29.94 -32.46
CA ASN X 501 -26.23 29.73 -31.55
C ASN X 501 -25.66 29.31 -30.20
N PRO X 502 -25.98 30.06 -29.15
CA PRO X 502 -25.39 29.78 -27.84
C PRO X 502 -25.86 28.47 -27.22
N LYS X 503 -26.93 27.89 -27.74
CA LYS X 503 -27.49 26.69 -27.13
C LYS X 503 -27.02 25.43 -27.84
N THR X 504 -25.85 25.47 -28.43
CA THR X 504 -25.31 24.32 -29.13
C THR X 504 -23.87 24.12 -28.70
N ASP X 505 -23.36 22.90 -28.85
CA ASP X 505 -22.00 22.62 -28.45
C ASP X 505 -21.04 22.76 -29.61
N LEU X 506 -21.50 23.38 -30.69
CA LEU X 506 -20.61 23.63 -31.82
C LEU X 506 -19.70 24.76 -31.46
N PHE X 507 -18.42 24.48 -31.28
CA PHE X 507 -17.46 25.50 -30.90
C PHE X 507 -17.93 26.28 -29.68
N LEU X 508 -17.95 25.62 -28.53
CA LEU X 508 -18.35 26.30 -27.30
C LEU X 508 -17.46 27.49 -27.03
N LYS X 509 -17.99 28.49 -26.34
CA LYS X 509 -17.21 29.68 -26.06
C LYS X 509 -16.08 29.38 -25.11
N ILE X 510 -14.92 29.96 -25.36
CA ILE X 510 -13.75 29.70 -24.53
C ILE X 510 -13.31 30.96 -23.80
N GLY X 511 -12.64 30.78 -22.67
CA GLY X 511 -12.17 31.91 -21.90
C GLY X 511 -10.86 31.62 -21.22
N PRO X 512 -10.38 32.54 -20.39
CA PRO X 512 -9.08 32.37 -19.73
C PRO X 512 -8.97 31.02 -19.03
N GLY X 513 -10.06 30.54 -18.45
CA GLY X 513 -10.03 29.29 -17.72
C GLY X 513 -9.69 28.10 -18.59
N ASP X 514 -10.14 28.12 -19.83
CA ASP X 514 -9.87 27.03 -20.76
C ASP X 514 -8.41 26.99 -21.15
N PHE X 515 -7.77 28.15 -21.18
CA PHE X 515 -6.36 28.22 -21.54
C PHE X 515 -5.53 27.33 -20.65
N LEU X 516 -5.69 27.48 -19.34
CA LEU X 516 -4.88 26.73 -18.40
C LEU X 516 -5.11 25.23 -18.50
N VAL X 517 -6.37 24.81 -18.56
CA VAL X 517 -6.64 23.38 -18.56
C VAL X 517 -6.05 22.74 -19.80
N HIS X 518 -6.07 23.46 -20.92
CA HIS X 518 -5.53 22.92 -22.15
C HIS X 518 -4.04 22.71 -22.02
N HIS X 519 -3.37 23.61 -21.34
CA HIS X 519 -1.93 23.46 -21.16
C HIS X 519 -1.63 22.32 -20.19
N ALA X 520 -2.55 22.02 -19.29
CA ALA X 520 -2.37 20.88 -18.41
C ALA X 520 -2.50 19.59 -19.19
N ILE X 521 -3.47 19.54 -20.09
CA ILE X 521 -3.64 18.36 -20.92
C ILE X 521 -2.39 18.16 -21.75
N ALA X 522 -1.80 19.25 -22.19
CA ALA X 522 -0.57 19.16 -22.97
C ALA X 522 0.51 18.50 -22.15
N LEU X 523 0.62 18.88 -20.89
CA LEU X 523 1.63 18.30 -20.02
C LEU X 523 1.42 16.80 -19.95
N GLY X 524 0.18 16.38 -19.80
CA GLY X 524 -0.10 14.97 -19.67
C GLY X 524 0.35 14.19 -20.87
N LEU X 525 -0.01 14.68 -22.06
CA LEU X 525 0.34 13.96 -23.27
C LEU X 525 1.84 13.88 -23.40
N HIS X 526 2.53 14.98 -23.15
CA HIS X 526 3.97 14.99 -23.31
C HIS X 526 4.66 14.06 -22.33
N VAL X 527 4.26 14.08 -21.06
CA VAL X 527 4.91 13.24 -20.06
C VAL X 527 4.60 11.77 -20.26
N THR X 528 3.36 11.45 -20.61
CA THR X 528 3.01 10.08 -20.90
C THR X 528 3.83 9.60 -22.07
N ALA X 529 3.95 10.43 -23.08
CA ALA X 529 4.74 10.07 -24.25
C ALA X 529 6.20 9.85 -23.90
N LEU X 530 6.75 10.69 -23.03
CA LEU X 530 8.15 10.55 -22.67
C LEU X 530 8.39 9.17 -22.11
N ILE X 531 7.56 8.75 -21.17
CA ILE X 531 7.75 7.46 -20.55
C ILE X 531 7.69 6.37 -21.60
N LEU X 532 6.64 6.39 -22.42
CA LEU X 532 6.47 5.35 -23.42
C LEU X 532 7.57 5.36 -24.47
N VAL X 533 7.93 6.54 -24.97
CA VAL X 533 8.97 6.63 -26.00
C VAL X 533 10.32 6.17 -25.46
N LYS X 534 10.65 6.59 -24.26
CA LYS X 534 11.91 6.19 -23.67
C LYS X 534 11.95 4.68 -23.54
N GLY X 535 10.84 4.10 -23.11
CA GLY X 535 10.78 2.67 -22.95
C GLY X 535 11.08 1.97 -24.25
N ALA X 536 10.50 2.47 -25.33
CA ALA X 536 10.71 1.85 -26.64
C ALA X 536 12.15 1.98 -27.10
N LEU X 537 12.71 3.19 -27.03
CA LEU X 537 14.06 3.40 -27.52
C LEU X 537 15.09 2.72 -26.63
N ASP X 538 14.89 2.76 -25.32
CA ASP X 538 15.83 2.14 -24.40
C ASP X 538 15.39 0.74 -24.03
N ALA X 539 14.85 0.00 -24.99
CA ALA X 539 14.37 -1.34 -24.73
C ALA X 539 15.38 -2.36 -25.16
N ARG X 540 16.24 -1.98 -26.09
CA ARG X 540 17.24 -2.91 -26.60
C ARG X 540 18.56 -2.72 -25.89
N GLY X 541 18.62 -1.74 -25.00
CA GLY X 541 19.85 -1.50 -24.26
C GLY X 541 20.01 -0.11 -23.69
N SER X 542 20.85 0.02 -22.67
CA SER X 542 21.08 1.30 -22.04
C SER X 542 22.49 1.29 -21.47
N LYS X 543 22.92 2.39 -20.87
CA LYS X 543 24.24 2.40 -20.24
C LYS X 543 24.26 1.52 -18.99
N LEU X 544 23.16 1.49 -18.25
CA LEU X 544 23.10 0.65 -17.07
C LEU X 544 23.08 -0.82 -17.45
N MET X 545 22.30 -1.17 -18.46
CA MET X 545 22.25 -2.55 -18.92
C MET X 545 22.41 -2.59 -20.43
N PRO X 546 23.66 -2.60 -20.90
CA PRO X 546 23.91 -2.61 -22.35
C PRO X 546 23.46 -3.89 -23.04
N ASP X 547 23.05 -4.90 -22.29
CA ASP X 547 22.61 -6.17 -22.88
C ASP X 547 21.15 -6.46 -22.60
N LYS X 548 20.34 -5.43 -22.46
CA LYS X 548 18.94 -5.61 -22.12
C LYS X 548 18.20 -6.48 -23.13
N LYS X 549 18.57 -6.41 -24.39
CA LYS X 549 17.85 -7.15 -25.42
C LYS X 549 17.88 -8.65 -25.18
N ASP X 550 18.89 -9.14 -24.48
CA ASP X 550 19.02 -10.58 -24.26
C ASP X 550 18.17 -11.07 -23.10
N PHE X 551 17.52 -10.16 -22.39
CA PHE X 551 16.69 -10.54 -21.26
C PHE X 551 15.21 -10.48 -21.60
N GLY X 552 14.84 -9.66 -22.57
CA GLY X 552 13.45 -9.61 -23.00
C GLY X 552 12.70 -8.33 -22.76
N TYR X 553 11.40 -8.35 -23.02
CA TYR X 553 10.56 -7.18 -22.81
C TYR X 553 10.27 -6.99 -21.33
N SER X 554 10.07 -8.09 -20.61
CA SER X 554 9.73 -8.00 -19.20
C SER X 554 10.57 -8.88 -18.33
N PHE X 555 11.32 -8.28 -17.41
CA PHE X 555 12.11 -9.04 -16.48
C PHE X 555 12.05 -8.31 -15.16
N PRO X 556 12.25 -9.01 -14.05
CA PRO X 556 12.08 -8.33 -12.77
C PRO X 556 13.02 -7.16 -12.59
N CYS X 557 14.32 -7.40 -12.74
CA CYS X 557 15.31 -6.36 -12.55
C CYS X 557 16.62 -6.94 -13.01
N ASP X 558 17.72 -6.31 -12.64
CA ASP X 558 19.03 -6.89 -12.97
C ASP X 558 19.89 -6.99 -11.74
N GLY X 559 19.30 -6.86 -10.58
CA GLY X 559 20.06 -7.03 -9.35
C GLY X 559 20.23 -5.77 -8.56
N PRO X 560 20.71 -5.91 -7.32
CA PRO X 560 20.91 -4.75 -6.45
C PRO X 560 22.23 -4.06 -6.71
N GLY X 561 22.97 -4.49 -7.73
CA GLY X 561 24.27 -3.93 -7.99
C GLY X 561 24.30 -2.79 -8.99
N ARG X 562 25.49 -2.34 -9.34
CA ARG X 562 25.63 -1.22 -10.27
C ARG X 562 24.70 -0.09 -9.87
N GLY X 563 24.40 0.01 -8.58
CA GLY X 563 23.57 1.08 -8.09
C GLY X 563 22.14 0.72 -7.82
N GLY X 564 21.67 -0.38 -8.39
CA GLY X 564 20.28 -0.76 -8.23
C GLY X 564 19.58 -0.67 -9.55
N THR X 565 18.96 -1.74 -9.98
CA THR X 565 18.32 -1.76 -11.28
C THR X 565 16.86 -2.16 -11.22
N CYS X 566 16.09 -1.48 -10.39
CA CYS X 566 14.66 -1.76 -10.29
C CYS X 566 13.91 -1.07 -11.41
N ASP X 567 12.87 -1.72 -11.92
CA ASP X 567 12.06 -1.13 -12.98
C ASP X 567 12.90 -0.68 -14.18
N ILE X 568 13.79 -1.53 -14.64
CA ILE X 568 14.67 -1.17 -15.75
C ILE X 568 14.21 -1.77 -17.07
N SER X 569 13.26 -2.70 -17.02
CA SER X 569 12.76 -3.32 -18.24
C SER X 569 11.81 -2.41 -18.98
N ALA X 570 11.53 -2.73 -20.24
CA ALA X 570 10.61 -1.91 -21.02
C ALA X 570 9.17 -2.07 -20.55
N TRP X 571 8.83 -3.25 -20.06
CA TRP X 571 7.49 -3.49 -19.57
C TRP X 571 7.17 -2.51 -18.48
N ASP X 572 8.18 -2.15 -17.69
CA ASP X 572 7.98 -1.23 -16.59
C ASP X 572 7.60 0.16 -17.09
N ALA X 573 8.03 0.52 -18.29
CA ALA X 573 7.64 1.80 -18.85
C ALA X 573 6.15 1.81 -19.07
N PHE X 574 5.59 0.72 -19.58
CA PHE X 574 4.16 0.62 -19.76
C PHE X 574 3.51 0.75 -18.40
N TYR X 575 4.07 0.06 -17.43
CA TYR X 575 3.53 0.11 -16.08
C TYR X 575 3.47 1.53 -15.55
N LEU X 576 4.55 2.28 -15.72
CA LEU X 576 4.60 3.64 -15.24
C LEU X 576 3.73 4.59 -16.04
N ALA X 577 3.65 4.37 -17.34
CA ALA X 577 2.87 5.25 -18.20
C ALA X 577 1.38 5.11 -17.99
N MET X 578 0.94 3.94 -17.56
CA MET X 578 -0.48 3.73 -17.33
C MET X 578 -1.02 4.74 -16.33
N PHE X 579 -0.27 4.99 -15.28
CA PHE X 579 -0.72 5.93 -14.26
C PHE X 579 -0.90 7.31 -14.86
N TRP X 580 0.07 7.75 -15.63
CA TRP X 580 -0.01 9.07 -16.26
C TRP X 580 -1.14 9.13 -17.27
N MET X 581 -1.38 8.03 -17.98
CA MET X 581 -2.47 8.01 -18.94
C MET X 581 -3.77 8.26 -18.23
N LEU X 582 -3.96 7.59 -17.11
CA LEU X 582 -5.19 7.75 -16.37
C LEU X 582 -5.32 9.19 -15.89
N ASN X 583 -4.23 9.75 -15.39
CA ASN X 583 -4.27 11.12 -14.89
C ASN X 583 -4.67 12.09 -15.98
N THR X 584 -4.05 12.00 -17.14
CA THR X 584 -4.34 12.93 -18.21
C THR X 584 -5.79 12.78 -18.67
N ILE X 585 -6.24 11.54 -18.85
CA ILE X 585 -7.60 11.32 -19.30
C ILE X 585 -8.55 11.85 -18.25
N GLY X 586 -8.17 11.70 -16.99
CA GLY X 586 -9.00 12.22 -15.92
C GLY X 586 -9.16 13.71 -16.04
N TRP X 587 -8.05 14.42 -16.26
CA TRP X 587 -8.12 15.86 -16.42
C TRP X 587 -9.03 16.21 -17.59
N VAL X 588 -8.87 15.53 -18.70
CA VAL X 588 -9.69 15.82 -19.88
C VAL X 588 -11.15 15.62 -19.57
N THR X 589 -11.49 14.50 -18.95
CA THR X 589 -12.88 14.21 -18.66
C THR X 589 -13.47 15.16 -17.64
N PHE X 590 -12.70 15.51 -16.62
CA PHE X 590 -13.18 16.46 -15.62
C PHE X 590 -13.53 17.77 -16.29
N TYR X 591 -12.68 18.23 -17.19
CA TYR X 591 -12.91 19.50 -17.86
C TYR X 591 -14.22 19.47 -18.63
N TRP X 592 -14.43 18.42 -19.41
CA TRP X 592 -15.64 18.34 -20.20
C TRP X 592 -16.85 18.35 -19.30
N HIS X 593 -16.82 17.53 -18.25
CA HIS X 593 -17.98 17.43 -17.40
C HIS X 593 -18.31 18.74 -16.72
N TRP X 594 -17.33 19.36 -16.05
CA TRP X 594 -17.63 20.58 -15.31
C TRP X 594 -18.13 21.67 -16.24
N LYS X 595 -17.49 21.82 -17.39
CA LYS X 595 -17.89 22.88 -18.29
C LYS X 595 -19.33 22.67 -18.68
N HIS X 596 -19.65 21.44 -19.09
CA HIS X 596 -21.00 21.15 -19.53
C HIS X 596 -21.98 21.25 -18.37
N MET X 597 -21.57 20.82 -17.19
CA MET X 597 -22.47 20.85 -16.05
C MET X 597 -22.94 22.25 -15.79
N THR X 598 -22.02 23.20 -15.80
CA THR X 598 -22.37 24.58 -15.55
C THR X 598 -23.26 25.12 -16.66
N ILE X 599 -22.94 24.77 -17.90
CA ILE X 599 -23.77 25.20 -19.01
C ILE X 599 -25.17 24.66 -18.88
N TRP X 600 -25.31 23.37 -18.61
CA TRP X 600 -26.63 22.76 -18.47
C TRP X 600 -27.38 23.40 -17.33
N GLY X 601 -26.67 23.69 -16.25
CA GLY X 601 -27.31 24.28 -15.08
C GLY X 601 -27.72 25.71 -15.27
N GLY X 602 -27.20 26.37 -16.30
CA GLY X 602 -27.57 27.74 -16.59
C GLY X 602 -26.65 28.77 -15.96
N ASN X 603 -25.54 28.33 -15.39
CA ASN X 603 -24.60 29.25 -14.78
C ASN X 603 -23.20 29.03 -15.34
N PRO X 604 -23.00 29.42 -16.60
CA PRO X 604 -21.68 29.21 -17.22
C PRO X 604 -20.61 30.00 -16.48
N GLY X 605 -20.99 31.04 -15.78
CA GLY X 605 -20.03 31.87 -15.08
C GLY X 605 -19.20 31.17 -14.02
N GLN X 606 -19.78 30.17 -13.36
CA GLN X 606 -19.08 29.49 -12.29
C GLN X 606 -17.77 28.89 -12.78
N PHE X 607 -17.80 28.23 -13.92
CA PHE X 607 -16.59 27.66 -14.49
C PHE X 607 -15.68 28.80 -14.92
N ASP X 608 -16.25 29.79 -15.58
CA ASP X 608 -15.43 30.87 -16.10
C ASP X 608 -14.58 31.53 -15.03
N GLU X 609 -15.10 31.64 -13.81
CA GLU X 609 -14.36 32.34 -12.76
C GLU X 609 -13.63 31.42 -11.80
N SER X 610 -14.20 30.25 -11.51
CA SER X 610 -13.59 29.37 -10.52
C SER X 610 -12.61 28.37 -11.10
N SER X 611 -12.54 28.28 -12.42
CA SER X 611 -11.67 27.30 -13.06
C SER X 611 -10.25 27.81 -13.11
N ASN X 612 -10.05 29.06 -12.75
CA ASN X 612 -8.72 29.66 -12.82
C ASN X 612 -7.81 29.16 -11.72
N TYR X 613 -8.37 28.78 -10.57
CA TYR X 613 -7.57 28.27 -9.47
C TYR X 613 -7.99 26.87 -9.06
N ILE X 614 -7.13 26.13 -8.37
CA ILE X 614 -7.44 24.73 -8.02
C ILE X 614 -8.59 24.54 -7.03
N MET X 615 -8.69 25.40 -6.04
CA MET X 615 -9.73 25.23 -5.02
C MET X 615 -11.09 25.20 -5.68
N GLY X 616 -11.26 25.95 -6.77
CA GLY X 616 -12.54 25.99 -7.42
C GLY X 616 -12.94 24.63 -7.88
N TRP X 617 -12.02 23.91 -8.50
CA TRP X 617 -12.31 22.57 -8.99
C TRP X 617 -12.73 21.67 -7.86
N LEU X 618 -12.06 21.75 -6.74
CA LEU X 618 -12.35 20.88 -5.61
C LEU X 618 -13.67 21.23 -4.95
N ARG X 619 -13.93 22.51 -4.76
CA ARG X 619 -15.13 22.92 -4.04
C ARG X 619 -16.36 23.07 -4.92
N ASP X 620 -16.21 23.72 -6.06
CA ASP X 620 -17.37 23.98 -6.91
C ASP X 620 -17.68 22.87 -7.89
N TYR X 621 -16.82 21.86 -7.95
CA TYR X 621 -17.07 20.74 -8.83
C TYR X 621 -17.17 19.43 -8.09
N LEU X 622 -16.07 18.97 -7.52
CA LEU X 622 -16.08 17.67 -6.85
C LEU X 622 -16.92 17.66 -5.59
N TRP X 623 -16.82 18.69 -4.76
CA TRP X 623 -17.56 18.74 -3.52
C TRP X 623 -19.04 19.03 -3.74
N LEU X 624 -19.33 20.04 -4.54
CA LEU X 624 -20.71 20.43 -4.76
C LEU X 624 -21.53 19.38 -5.48
N ASN X 625 -20.97 18.75 -6.49
CA ASN X 625 -21.73 17.81 -7.29
C ASN X 625 -21.71 16.38 -6.75
N SER X 626 -21.14 16.20 -5.57
CA SER X 626 -21.10 14.87 -4.97
C SER X 626 -22.26 14.66 -4.01
N SER X 627 -23.03 15.71 -3.76
CA SER X 627 -24.12 15.61 -2.79
C SER X 627 -25.20 14.58 -3.16
N PRO X 628 -25.64 14.57 -4.43
CA PRO X 628 -26.61 13.54 -4.80
C PRO X 628 -26.07 12.14 -4.62
N LEU X 629 -24.82 11.91 -5.01
CA LEU X 629 -24.24 10.57 -4.93
C LEU X 629 -24.11 10.06 -3.51
N ILE X 630 -23.53 10.86 -2.62
CA ILE X 630 -23.28 10.41 -1.26
C ILE X 630 -24.57 10.22 -0.47
N ASN X 631 -25.68 10.66 -1.01
CA ASN X 631 -26.96 10.50 -0.33
C ASN X 631 -27.84 9.46 -1.02
N GLY X 632 -27.23 8.56 -1.78
CA GLY X 632 -28.00 7.51 -2.42
C GLY X 632 -28.66 6.71 -1.32
N TYR X 633 -27.91 6.39 -0.28
CA TYR X 633 -28.49 5.70 0.85
C TYR X 633 -28.05 6.41 2.11
N ASN X 634 -29.00 6.78 2.96
CA ASN X 634 -28.69 7.51 4.17
C ASN X 634 -29.41 6.88 5.34
N PRO X 635 -29.16 7.37 6.55
CA PRO X 635 -29.83 6.84 7.74
C PRO X 635 -31.33 7.00 7.68
N PHE X 636 -31.85 7.64 6.64
CA PHE X 636 -33.28 7.89 6.55
C PHE X 636 -33.96 7.21 5.37
N GLY X 637 -33.19 6.51 4.54
CA GLY X 637 -33.76 5.83 3.39
C GLY X 637 -32.83 5.59 2.23
N MET X 638 -33.39 5.36 1.05
CA MET X 638 -32.59 5.09 -0.12
C MET X 638 -33.32 5.45 -1.40
N ASN X 639 -32.59 5.61 -2.49
CA ASN X 639 -33.22 5.90 -3.77
C ASN X 639 -32.54 5.13 -4.88
N ASN X 640 -32.96 5.33 -6.12
CA ASN X 640 -32.41 4.58 -7.24
C ASN X 640 -30.92 4.83 -7.46
N LEU X 641 -30.37 5.82 -6.79
CA LEU X 641 -28.95 6.12 -6.93
C LEU X 641 -28.12 5.34 -5.92
N SER X 642 -28.77 4.44 -5.19
CA SER X 642 -28.06 3.66 -4.20
C SER X 642 -26.98 2.79 -4.84
N VAL X 643 -27.30 2.15 -5.96
CA VAL X 643 -26.32 1.29 -6.61
C VAL X 643 -25.11 2.11 -7.01
N TRP X 644 -25.35 3.32 -7.50
CA TRP X 644 -24.26 4.17 -7.92
C TRP X 644 -23.48 4.62 -6.71
N SER X 645 -24.16 4.97 -5.63
CA SER X 645 -23.45 5.33 -4.40
C SER X 645 -22.54 4.22 -3.92
N TRP X 646 -23.06 3.00 -3.83
CA TRP X 646 -22.27 1.87 -3.35
C TRP X 646 -21.05 1.64 -4.21
N MET X 647 -21.21 1.72 -5.52
CA MET X 647 -20.10 1.51 -6.44
C MET X 647 -19.00 2.53 -6.24
N PHE X 648 -19.38 3.75 -5.92
CA PHE X 648 -18.41 4.82 -5.69
C PHE X 648 -17.47 4.42 -4.57
N LEU X 649 -18.02 3.97 -3.46
CA LEU X 649 -17.20 3.54 -2.34
C LEU X 649 -16.42 2.29 -2.70
N PHE X 650 -17.04 1.39 -3.43
CA PHE X 650 -16.39 0.16 -3.85
C PHE X 650 -15.13 0.49 -4.63
N GLY X 651 -15.20 1.49 -5.50
CA GLY X 651 -14.06 1.88 -6.29
C GLY X 651 -12.91 2.34 -5.43
N HIS X 652 -13.20 3.15 -4.42
CA HIS X 652 -12.16 3.63 -3.54
C HIS X 652 -11.43 2.47 -2.91
N LEU X 653 -12.16 1.44 -2.51
CA LEU X 653 -11.54 0.29 -1.88
C LEU X 653 -10.56 -0.39 -2.81
N ILE X 654 -10.98 -0.67 -4.03
CA ILE X 654 -10.11 -1.37 -4.95
C ILE X 654 -8.87 -0.54 -5.22
N TRP X 655 -9.05 0.75 -5.41
CA TRP X 655 -7.93 1.63 -5.69
C TRP X 655 -6.89 1.56 -4.59
N ALA X 656 -7.34 1.71 -3.35
CA ALA X 656 -6.42 1.68 -2.22
C ALA X 656 -5.79 0.31 -2.05
N THR X 657 -6.56 -0.74 -2.28
CA THR X 657 -6.03 -2.08 -2.14
C THR X 657 -4.86 -2.23 -3.08
N GLY X 658 -4.95 -1.59 -4.23
CA GLY X 658 -3.87 -1.64 -5.19
C GLY X 658 -2.59 -1.13 -4.60
N PHE X 659 -2.68 -0.09 -3.78
CA PHE X 659 -1.49 0.50 -3.18
C PHE X 659 -0.66 -0.55 -2.47
N MET X 660 -1.32 -1.52 -1.84
CA MET X 660 -0.60 -2.54 -1.08
C MET X 660 0.41 -3.25 -1.94
N PHE X 661 -0.01 -3.64 -3.14
CA PHE X 661 0.87 -4.34 -4.04
C PHE X 661 1.95 -3.43 -4.60
N LEU X 662 1.62 -2.17 -4.79
CA LEU X 662 2.59 -1.23 -5.36
C LEU X 662 3.70 -0.80 -4.39
N ILE X 663 3.36 -0.60 -3.12
CA ILE X 663 4.36 -0.13 -2.16
C ILE X 663 5.06 -1.26 -1.43
N SER X 664 4.32 -2.32 -1.08
CA SER X 664 4.93 -3.47 -0.42
C SER X 664 5.50 -4.43 -1.45
N TRP X 665 6.71 -4.91 -1.23
CA TRP X 665 7.34 -5.80 -2.21
C TRP X 665 7.43 -7.24 -1.72
N ARG X 666 7.95 -8.15 -2.53
CA ARG X 666 7.92 -9.59 -2.18
C ARG X 666 8.60 -10.09 -0.92
N GLY X 667 9.82 -9.66 -0.64
CA GLY X 667 10.53 -10.21 0.50
C GLY X 667 9.69 -10.37 1.75
N TYR X 668 9.02 -9.30 2.17
CA TYR X 668 8.23 -9.35 3.39
C TYR X 668 7.21 -10.45 3.33
N TRP X 669 6.45 -10.50 2.24
CA TRP X 669 5.38 -11.47 2.15
C TRP X 669 5.86 -12.91 2.10
N GLN X 670 6.97 -13.16 1.42
CA GLN X 670 7.46 -14.51 1.30
C GLN X 670 7.76 -15.06 2.67
N GLU X 671 8.42 -14.27 3.50
CA GLU X 671 8.77 -14.74 4.83
C GLU X 671 7.53 -15.05 5.64
N LEU X 672 6.52 -14.20 5.53
CA LEU X 672 5.28 -14.42 6.26
C LEU X 672 4.59 -15.70 5.82
N ILE X 673 4.56 -15.94 4.51
CA ILE X 673 3.92 -17.15 4.00
C ILE X 673 4.62 -18.38 4.54
N GLU X 674 5.93 -18.31 4.70
CA GLU X 674 6.67 -19.44 5.23
C GLU X 674 6.15 -19.83 6.60
N THR X 675 5.89 -18.84 7.45
CA THR X 675 5.39 -19.13 8.78
C THR X 675 4.04 -19.82 8.71
N LEU X 676 3.20 -19.39 7.78
CA LEU X 676 1.88 -20.00 7.64
C LEU X 676 1.98 -21.46 7.23
N VAL X 677 2.94 -21.77 6.38
CA VAL X 677 3.15 -23.16 5.98
C VAL X 677 3.48 -23.99 7.20
N TRP X 678 4.35 -23.46 8.05
CA TRP X 678 4.74 -24.20 9.24
C TRP X 678 3.51 -24.52 10.05
N ALA X 679 2.65 -23.53 10.24
CA ALA X 679 1.47 -23.74 11.05
C ALA X 679 0.60 -24.85 10.53
N HIS X 680 0.30 -24.83 9.23
CA HIS X 680 -0.62 -25.83 8.70
C HIS X 680 -0.06 -27.22 8.87
N GLU X 681 1.24 -27.36 8.72
CA GLU X 681 1.86 -28.68 8.83
C GLU X 681 1.93 -29.14 10.27
N ARG X 682 1.82 -28.22 11.21
CA ARG X 682 1.96 -28.58 12.61
C ARG X 682 0.64 -28.59 13.38
N THR X 683 -0.43 -28.16 12.74
CA THR X 683 -1.74 -28.14 13.40
C THR X 683 -2.49 -29.43 13.16
N PRO X 684 -2.83 -30.15 14.24
CA PRO X 684 -3.52 -31.42 14.08
C PRO X 684 -4.86 -31.26 13.36
N LEU X 685 -5.38 -32.33 12.78
CA LEU X 685 -6.65 -32.29 12.04
C LEU X 685 -6.50 -31.65 10.66
N ALA X 686 -6.00 -30.43 10.60
CA ALA X 686 -5.76 -29.81 9.30
C ALA X 686 -4.59 -30.48 8.60
N ASN X 687 -3.71 -31.11 9.37
CA ASN X 687 -2.59 -31.81 8.78
C ASN X 687 -3.08 -32.84 7.79
N LEU X 688 -4.29 -33.35 8.00
CA LEU X 688 -4.84 -34.35 7.11
C LEU X 688 -4.89 -33.86 5.67
N ILE X 689 -5.21 -32.59 5.49
CA ILE X 689 -5.28 -32.02 4.16
C ILE X 689 -3.98 -31.31 3.83
N ARG X 690 -3.49 -31.48 2.61
CA ARG X 690 -2.24 -30.83 2.22
C ARG X 690 -2.30 -30.35 0.77
N TRP X 691 -1.45 -29.38 0.44
CA TRP X 691 -1.43 -28.82 -0.90
C TRP X 691 -0.63 -29.65 -1.87
N ARG X 692 -0.88 -29.46 -3.16
CA ARG X 692 -0.11 -30.15 -4.17
C ARG X 692 0.72 -29.14 -4.93
N ASP X 693 0.51 -27.86 -4.65
CA ASP X 693 1.29 -26.81 -5.28
C ASP X 693 1.87 -25.95 -4.18
N LYS X 694 3.18 -25.97 -4.00
CA LYS X 694 3.78 -25.24 -2.90
C LYS X 694 3.35 -23.79 -2.87
N PRO X 695 2.84 -23.34 -1.71
CA PRO X 695 2.40 -21.95 -1.58
C PRO X 695 3.56 -20.99 -1.55
N VAL X 696 3.61 -20.04 -2.48
CA VAL X 696 4.69 -19.07 -2.54
C VAL X 696 4.14 -17.67 -2.79
N ALA X 697 4.93 -16.65 -2.54
CA ALA X 697 4.49 -15.27 -2.75
C ALA X 697 4.46 -14.88 -4.22
N LEU X 698 3.66 -13.88 -4.57
CA LEU X 698 3.57 -13.43 -5.95
C LEU X 698 4.89 -12.85 -6.41
N SER X 699 5.18 -12.94 -7.69
CA SER X 699 6.45 -12.47 -8.22
C SER X 699 6.52 -10.96 -8.30
N ILE X 700 7.70 -10.43 -8.61
CA ILE X 700 7.86 -8.98 -8.67
C ILE X 700 6.97 -8.36 -9.74
N VAL X 701 7.09 -8.84 -10.96
CA VAL X 701 6.29 -8.31 -12.05
C VAL X 701 4.80 -8.58 -11.84
N GLN X 702 4.48 -9.75 -11.30
CA GLN X 702 3.08 -10.09 -11.09
C GLN X 702 2.44 -9.09 -10.18
N ALA X 703 3.12 -8.74 -9.10
CA ALA X 703 2.55 -7.80 -8.15
C ALA X 703 2.34 -6.46 -8.82
N ARG X 704 3.27 -6.04 -9.66
CA ARG X 704 3.11 -4.79 -10.38
C ARG X 704 1.86 -4.82 -11.22
N LEU X 705 1.64 -5.91 -11.94
CA LEU X 705 0.45 -6.02 -12.78
C LEU X 705 -0.80 -6.02 -11.93
N VAL X 706 -0.81 -6.81 -10.87
CA VAL X 706 -2.00 -6.91 -10.03
C VAL X 706 -2.32 -5.54 -9.47
N GLY X 707 -1.30 -4.84 -9.01
CA GLY X 707 -1.52 -3.52 -8.44
C GLY X 707 -2.05 -2.53 -9.44
N LEU X 708 -1.50 -2.53 -10.64
CA LEU X 708 -1.95 -1.61 -11.68
C LEU X 708 -3.40 -1.89 -12.01
N VAL X 709 -3.78 -3.16 -12.07
CA VAL X 709 -5.15 -3.51 -12.38
C VAL X 709 -6.09 -3.02 -11.28
N HIS X 710 -5.74 -3.23 -10.03
CA HIS X 710 -6.57 -2.75 -8.93
C HIS X 710 -6.70 -1.25 -8.98
N PHE X 711 -5.59 -0.55 -9.24
CA PHE X 711 -5.61 0.90 -9.31
C PHE X 711 -6.49 1.34 -10.44
N SER X 712 -6.35 0.71 -11.60
CA SER X 712 -7.14 1.11 -12.76
C SER X 712 -8.62 0.85 -12.60
N VAL X 713 -8.98 -0.33 -12.13
CA VAL X 713 -10.39 -0.67 -12.00
C VAL X 713 -11.07 0.29 -11.03
N GLY X 714 -10.44 0.56 -9.91
CA GLY X 714 -11.00 1.48 -8.95
C GLY X 714 -11.13 2.86 -9.53
N TYR X 715 -10.12 3.29 -10.27
CA TYR X 715 -10.14 4.60 -10.88
C TYR X 715 -11.36 4.76 -11.76
N ILE X 716 -11.53 3.85 -12.70
CA ILE X 716 -12.65 3.93 -13.63
C ILE X 716 -13.99 3.82 -12.91
N LEU X 717 -14.12 2.84 -12.02
CA LEU X 717 -15.40 2.62 -11.37
C LEU X 717 -15.85 3.84 -10.57
N THR X 718 -14.95 4.44 -9.81
CA THR X 718 -15.35 5.55 -8.96
C THR X 718 -15.85 6.72 -9.81
N TYR X 719 -15.15 7.04 -10.89
CA TYR X 719 -15.56 8.16 -11.71
C TYR X 719 -16.84 7.84 -12.45
N ALA X 720 -17.01 6.59 -12.83
CA ALA X 720 -18.22 6.19 -13.54
C ALA X 720 -19.44 6.47 -12.71
N ALA X 721 -19.37 6.18 -11.41
CA ALA X 721 -20.49 6.45 -10.53
C ALA X 721 -20.73 7.95 -10.42
N PHE X 722 -19.68 8.71 -10.25
CA PHE X 722 -19.83 10.15 -10.09
C PHE X 722 -20.44 10.80 -11.32
N VAL X 723 -19.88 10.52 -12.48
CA VAL X 723 -20.36 11.16 -13.69
C VAL X 723 -21.83 10.84 -13.95
N ILE X 724 -22.26 9.66 -13.55
CA ILE X 724 -23.63 9.25 -13.79
C ILE X 724 -24.58 9.77 -12.72
N ALA X 725 -24.26 9.49 -11.47
CA ALA X 725 -25.14 9.91 -10.38
C ALA X 725 -25.25 11.43 -10.27
N SER X 726 -24.14 12.12 -10.44
CA SER X 726 -24.16 13.58 -10.33
C SER X 726 -25.00 14.21 -11.42
N THR X 727 -24.82 13.76 -12.65
CA THR X 727 -25.57 14.33 -13.76
C THR X 727 -27.04 13.96 -13.67
N SER X 728 -27.32 12.68 -13.43
CA SER X 728 -28.69 12.22 -13.35
C SER X 728 -29.39 12.77 -12.14
N GLY X 729 -28.72 12.79 -11.00
CA GLY X 729 -29.33 13.27 -9.78
C GLY X 729 -29.71 14.73 -9.82
N LYS X 730 -29.04 15.51 -10.65
CA LYS X 730 -29.30 16.94 -10.70
C LYS X 730 -30.18 17.34 -11.86
N PHE X 731 -29.89 16.82 -13.04
CA PHE X 731 -30.64 17.24 -14.22
C PHE X 731 -31.68 16.23 -14.70
N ALA X 732 -31.68 15.05 -14.11
CA ALA X 732 -32.64 14.03 -14.50
C ALA X 732 -33.53 13.62 -13.34
N SER Y 1 18.22 -25.04 -13.83
CA SER Y 1 17.32 -23.92 -13.61
C SER Y 1 17.82 -22.66 -14.29
N HIS Y 2 18.47 -21.77 -13.55
CA HIS Y 2 18.98 -20.54 -14.12
C HIS Y 2 20.23 -20.79 -14.94
N THR Y 3 20.60 -19.84 -15.79
CA THR Y 3 21.77 -20.02 -16.64
C THR Y 3 22.86 -19.01 -16.32
N VAL Y 4 24.04 -19.49 -16.00
CA VAL Y 4 25.16 -18.60 -15.72
C VAL Y 4 26.24 -18.81 -16.75
N LYS Y 5 26.67 -17.73 -17.40
CA LYS Y 5 27.68 -17.85 -18.44
C LYS Y 5 28.87 -16.97 -18.13
N ILE Y 6 30.07 -17.44 -18.43
CA ILE Y 6 31.28 -16.66 -18.19
C ILE Y 6 31.88 -16.25 -19.52
N TYR Y 7 32.37 -15.03 -19.61
CA TYR Y 7 32.89 -14.53 -20.88
C TYR Y 7 34.41 -14.37 -20.86
N ASP Y 8 35.02 -14.19 -22.03
CA ASP Y 8 36.48 -14.13 -22.11
C ASP Y 8 37.10 -12.94 -21.39
N THR Y 9 36.29 -12.00 -20.96
CA THR Y 9 36.82 -10.81 -20.31
C THR Y 9 37.19 -11.06 -18.85
N CYS Y 10 37.05 -12.30 -18.40
CA CYS Y 10 37.36 -12.63 -17.01
C CYS Y 10 38.82 -12.40 -16.69
N ILE Y 11 39.12 -12.04 -15.44
CA ILE Y 11 40.49 -11.77 -15.04
C ILE Y 11 40.94 -12.67 -13.90
N GLY Y 12 40.12 -13.65 -13.55
CA GLY Y 12 40.46 -14.57 -12.48
C GLY Y 12 40.64 -13.94 -11.12
N CYS Y 13 39.77 -13.00 -10.78
CA CYS Y 13 39.86 -12.33 -9.48
C CYS Y 13 39.29 -13.20 -8.38
N THR Y 14 38.56 -14.25 -8.76
CA THR Y 14 38.00 -15.20 -7.78
C THR Y 14 36.92 -14.58 -6.92
N GLN Y 15 36.60 -13.32 -7.13
CA GLN Y 15 35.63 -12.65 -6.28
C GLN Y 15 34.24 -13.27 -6.41
N CYS Y 16 33.88 -13.65 -7.62
CA CYS Y 16 32.56 -14.24 -7.85
C CYS Y 16 32.38 -15.55 -7.10
N VAL Y 17 33.37 -16.43 -7.18
CA VAL Y 17 33.25 -17.73 -6.54
C VAL Y 17 33.28 -17.60 -5.03
N ARG Y 18 33.73 -16.45 -4.54
CA ARG Y 18 33.81 -16.23 -3.11
C ARG Y 18 32.53 -15.58 -2.61
N ALA Y 19 31.62 -15.27 -3.50
CA ALA Y 19 30.40 -14.58 -3.11
C ALA Y 19 29.16 -15.45 -3.26
N CYS Y 20 29.26 -16.52 -4.04
CA CYS Y 20 28.09 -17.36 -4.28
C CYS Y 20 27.63 -17.94 -2.97
N PRO Y 21 26.33 -17.86 -2.71
CA PRO Y 21 25.78 -18.38 -1.46
C PRO Y 21 25.49 -19.87 -1.54
N THR Y 22 25.67 -20.48 -2.71
CA THR Y 22 25.34 -21.89 -2.88
C THR Y 22 26.38 -22.69 -3.67
N ASP Y 23 27.63 -22.24 -3.68
CA ASP Y 23 28.70 -22.97 -4.36
C ASP Y 23 28.32 -23.43 -5.76
N VAL Y 24 28.05 -22.50 -6.65
CA VAL Y 24 27.72 -22.84 -8.02
C VAL Y 24 28.92 -22.56 -8.92
N LEU Y 25 29.84 -21.73 -8.44
CA LEU Y 25 30.97 -21.34 -9.29
C LEU Y 25 32.30 -21.89 -8.81
N GLU Y 26 33.22 -22.15 -9.74
CA GLU Y 26 34.53 -22.66 -9.39
C GLU Y 26 35.61 -21.97 -10.19
N MET Y 27 36.85 -22.04 -9.73
CA MET Y 27 37.95 -21.45 -10.48
C MET Y 27 38.74 -22.52 -11.19
N VAL Y 28 38.74 -22.48 -12.52
CA VAL Y 28 39.43 -23.51 -13.29
C VAL Y 28 40.63 -22.95 -14.04
N PRO Y 29 41.63 -23.79 -14.30
CA PRO Y 29 42.85 -23.34 -14.98
C PRO Y 29 42.57 -22.77 -16.37
N TRP Y 30 43.29 -21.74 -16.78
CA TRP Y 30 43.07 -21.11 -18.07
C TRP Y 30 44.31 -20.33 -18.47
N ASP Y 31 44.44 -19.98 -19.75
CA ASP Y 31 45.64 -19.31 -20.21
C ASP Y 31 45.36 -17.96 -20.86
N GLY Y 32 44.10 -17.56 -20.94
CA GLY Y 32 43.75 -16.32 -21.60
C GLY Y 32 44.00 -15.08 -20.77
N CYS Y 33 44.28 -15.26 -19.49
CA CYS Y 33 44.49 -14.12 -18.62
C CYS Y 33 45.81 -14.25 -17.88
N LYS Y 34 46.29 -13.14 -17.32
CA LYS Y 34 47.54 -13.16 -16.59
C LYS Y 34 47.45 -14.07 -15.38
N SER Y 35 46.30 -14.05 -14.70
CA SER Y 35 46.13 -14.85 -13.50
C SER Y 35 46.20 -16.33 -13.79
N GLY Y 36 45.92 -16.71 -15.02
CA GLY Y 36 45.94 -18.11 -15.40
C GLY Y 36 44.78 -18.89 -14.84
N GLN Y 37 43.66 -18.20 -14.62
CA GLN Y 37 42.48 -18.87 -14.10
C GLN Y 37 41.20 -18.26 -14.63
N ILE Y 38 40.16 -19.07 -14.79
CA ILE Y 38 38.88 -18.56 -15.24
C ILE Y 38 37.79 -19.18 -14.39
N ALA Y 39 36.62 -18.56 -14.37
CA ALA Y 39 35.54 -19.08 -13.55
C ALA Y 39 34.64 -20.00 -14.33
N SER Y 40 34.05 -20.98 -13.66
CA SER Y 40 33.15 -21.91 -14.33
C SER Y 40 31.90 -22.05 -13.50
N SER Y 41 30.82 -22.51 -14.12
CA SER Y 41 29.58 -22.72 -13.40
C SER Y 41 29.17 -24.17 -13.51
N PRO Y 42 29.86 -25.05 -12.78
CA PRO Y 42 29.57 -26.49 -12.88
C PRO Y 42 28.23 -26.88 -12.29
N ARG Y 43 27.78 -26.20 -11.24
CA ARG Y 43 26.55 -26.61 -10.57
C ARG Y 43 25.47 -25.55 -10.60
N VAL Y 44 24.96 -25.24 -11.78
CA VAL Y 44 23.93 -24.22 -11.90
C VAL Y 44 22.59 -24.68 -11.36
N GLU Y 45 22.49 -25.96 -11.04
CA GLU Y 45 21.24 -26.50 -10.52
C GLU Y 45 20.98 -25.98 -9.11
N ASP Y 46 21.96 -25.31 -8.53
CA ASP Y 46 21.82 -24.77 -7.19
C ASP Y 46 21.80 -23.25 -7.16
N CYS Y 47 21.75 -22.62 -8.33
CA CYS Y 47 21.71 -21.16 -8.39
C CYS Y 47 20.36 -20.66 -7.94
N VAL Y 48 20.35 -19.70 -7.04
CA VAL Y 48 19.10 -19.15 -6.55
C VAL Y 48 18.74 -17.86 -7.27
N GLY Y 49 19.67 -17.33 -8.05
CA GLY Y 49 19.42 -16.10 -8.78
C GLY Y 49 19.72 -14.83 -8.03
N CYS Y 50 20.55 -14.93 -6.99
CA CYS Y 50 20.87 -13.76 -6.16
C CYS Y 50 21.58 -12.66 -6.92
N LYS Y 51 22.42 -13.03 -7.88
CA LYS Y 51 23.18 -12.04 -8.65
C LYS Y 51 24.25 -11.37 -7.80
N ARG Y 52 24.63 -11.99 -6.70
CA ARG Y 52 25.72 -11.44 -5.88
C ARG Y 52 26.99 -11.55 -6.68
N CYS Y 53 27.12 -12.61 -7.46
CA CYS Y 53 28.30 -12.81 -8.28
C CYS Y 53 28.50 -11.64 -9.22
N GLU Y 54 27.44 -11.23 -9.89
CA GLU Y 54 27.54 -10.13 -10.84
C GLU Y 54 27.97 -8.86 -10.12
N THR Y 55 27.46 -8.67 -8.91
CA THR Y 55 27.79 -7.46 -8.15
C THR Y 55 29.26 -7.43 -7.80
N ALA Y 56 29.91 -8.58 -7.79
CA ALA Y 56 31.32 -8.64 -7.39
C ALA Y 56 32.29 -8.52 -8.55
N CYS Y 57 31.82 -8.71 -9.78
CA CYS Y 57 32.71 -8.68 -10.93
C CYS Y 57 33.29 -7.29 -11.13
N PRO Y 58 34.58 -7.22 -11.42
CA PRO Y 58 35.24 -5.92 -11.60
C PRO Y 58 35.34 -5.48 -13.05
N THR Y 59 34.96 -6.32 -13.99
CA THR Y 59 35.12 -5.98 -15.41
C THR Y 59 34.14 -4.91 -15.85
N ASP Y 60 34.48 -4.16 -16.89
CA ASP Y 60 33.62 -3.07 -17.33
C ASP Y 60 32.23 -3.58 -17.37
N PHE Y 61 31.98 -4.58 -18.20
CA PHE Y 61 30.67 -5.19 -18.14
C PHE Y 61 30.84 -6.61 -17.60
N LEU Y 62 29.93 -7.01 -16.74
CA LEU Y 62 30.04 -8.32 -16.11
C LEU Y 62 30.59 -9.40 -17.01
N SER Y 63 31.59 -10.12 -16.53
CA SER Y 63 32.10 -11.24 -17.29
C SER Y 63 31.28 -12.44 -16.90
N VAL Y 64 30.54 -12.33 -15.81
CA VAL Y 64 29.66 -13.40 -15.38
C VAL Y 64 28.24 -12.89 -15.44
N ARG Y 65 27.41 -13.53 -16.27
CA ARG Y 65 26.05 -13.08 -16.43
C ARG Y 65 25.08 -14.16 -16.00
N VAL Y 66 24.10 -13.80 -15.18
CA VAL Y 66 23.12 -14.75 -14.74
C VAL Y 66 21.78 -14.45 -15.42
N TYR Y 67 21.28 -15.40 -16.19
CA TYR Y 67 19.99 -15.21 -16.85
C TYR Y 67 18.96 -16.07 -16.15
N LEU Y 68 18.00 -15.44 -15.49
CA LEU Y 68 17.01 -16.19 -14.74
C LEU Y 68 16.13 -17.01 -15.67
N GLY Y 69 15.72 -18.20 -15.22
CA GLY Y 69 14.92 -19.06 -16.08
C GLY Y 69 13.96 -19.96 -15.34
N ALA Y 70 13.89 -21.23 -15.75
CA ALA Y 70 12.97 -22.17 -15.12
C ALA Y 70 13.20 -22.24 -13.62
N GLU Y 71 12.12 -22.36 -12.87
CA GLU Y 71 12.25 -22.35 -11.42
C GLU Y 71 11.97 -23.69 -10.77
N THR Y 72 12.83 -24.10 -9.85
CA THR Y 72 12.66 -25.35 -9.15
C THR Y 72 12.67 -25.06 -7.66
N THR Y 73 12.48 -26.09 -6.84
CA THR Y 73 12.46 -25.90 -5.41
C THR Y 73 13.77 -25.28 -4.97
N ARG Y 74 14.87 -25.76 -5.54
CA ARG Y 74 16.18 -25.24 -5.17
C ARG Y 74 16.34 -23.79 -5.58
N SER Y 75 15.93 -23.46 -6.80
CA SER Y 75 16.08 -22.10 -7.29
C SER Y 75 15.16 -21.12 -6.59
N LEU Y 76 14.04 -21.60 -6.09
CA LEU Y 76 13.09 -20.73 -5.42
C LEU Y 76 13.40 -20.64 -3.94
N GLY Y 77 14.50 -21.25 -3.52
CA GLY Y 77 14.89 -21.20 -2.13
C GLY Y 77 13.80 -21.61 -1.18
N LEU Y 78 13.15 -22.73 -1.44
CA LEU Y 78 12.06 -23.19 -0.58
C LEU Y 78 12.53 -24.25 0.39
N ALA Y 79 12.53 -23.91 1.68
CA ALA Y 79 12.94 -24.87 2.70
C ALA Y 79 11.77 -25.74 3.09
N TYR Y 80 10.59 -25.38 2.61
CA TYR Y 80 9.40 -26.16 2.91
C TYR Y 80 8.95 -26.91 1.69
#